data_2Q4R
#
_entry.id   2Q4R
#
_cell.length_a   70.622
_cell.length_b   70.622
_cell.length_c   100.150
_cell.angle_alpha   90.000
_cell.angle_beta   90.000
_cell.angle_gamma   120.000
#
_symmetry.space_group_name_H-M   'P 32 2 1'
#
loop_
_entity.id
_entity.type
_entity.pdbx_description
1 polymer 'Phosphomannomutase 2'
2 non-polymer 1,2-ETHANEDIOL
3 non-polymer GLYCINE
4 water water
#
_entity_poly.entity_id   1
_entity_poly.type   'polypeptide(L)'
_entity_poly.pdbx_seq_one_letter_code
;SAAPGPALCLFDVDGTLTAPRQKITKE(MSE)DDFLQKLRQKIKIGVVGGSDFEKVQEQLGNDVVEKYDYVFPENGLVAY
KDGKLLCRQNIQSHLGEALIQDLINYCLSYIAKIKLPKKRGTFIEFRNG(MSE)LNVSPIGRSCSQEERIEFYELDKKEN
IRQKFVADLRKEFAGKGLTFSIGGQISFDVFPDGWDKRYCLRHVENDGYKTIYFFGDKT(MSE)PGGNDHEIFTDPRT
(MSE)GYSVTAPEDTRRICELLFS
;
_entity_poly.pdbx_strand_id   A
#
loop_
_chem_comp.id
_chem_comp.type
_chem_comp.name
_chem_comp.formula
EDO non-polymer 1,2-ETHANEDIOL 'C2 H6 O2'
#
# COMPACT_ATOMS: atom_id res chain seq x y z
N PRO A 4 18.00 -10.10 -19.06
CA PRO A 4 18.34 -9.28 -20.25
C PRO A 4 18.65 -7.82 -19.91
N GLY A 5 19.79 -7.33 -20.39
CA GLY A 5 20.19 -5.95 -20.14
C GLY A 5 20.10 -5.53 -18.69
N PRO A 6 20.14 -4.22 -18.40
CA PRO A 6 20.06 -3.72 -17.02
C PRO A 6 18.72 -4.13 -16.41
N ALA A 7 18.75 -4.62 -15.16
CA ALA A 7 17.52 -5.06 -14.51
C ALA A 7 17.40 -4.57 -13.06
N LEU A 8 16.17 -4.58 -12.56
CA LEU A 8 15.87 -4.17 -11.20
C LEU A 8 14.97 -5.18 -10.51
N CYS A 9 15.20 -5.38 -9.22
CA CYS A 9 14.38 -6.27 -8.42
C CYS A 9 13.68 -5.43 -7.39
N LEU A 10 12.35 -5.46 -7.39
CA LEU A 10 11.58 -4.71 -6.40
C LEU A 10 10.90 -5.70 -5.48
N PHE A 11 11.04 -5.48 -4.18
CA PHE A 11 10.45 -6.38 -3.21
C PHE A 11 9.43 -5.70 -2.32
N ASP A 12 8.36 -6.42 -1.99
CA ASP A 12 7.37 -5.89 -1.06
C ASP A 12 8.09 -6.10 0.29
N VAL A 13 7.88 -5.23 1.26
CA VAL A 13 8.58 -5.38 2.53
C VAL A 13 8.15 -6.50 3.50
N ASP A 14 7.12 -6.25 4.31
CA ASP A 14 6.68 -7.26 5.27
C ASP A 14 6.19 -8.53 4.58
N GLY A 15 6.75 -9.66 4.98
CA GLY A 15 6.37 -10.94 4.39
C GLY A 15 7.34 -11.48 3.36
N THR A 16 7.82 -10.60 2.47
CA THR A 16 8.75 -10.99 1.41
C THR A 16 10.22 -10.94 1.82
N LEU A 17 10.58 -9.89 2.55
CA LEU A 17 11.97 -9.72 3.02
C LEU A 17 12.13 -10.03 4.49
N THR A 18 11.02 -10.21 5.19
CA THR A 18 11.06 -10.52 6.62
C THR A 18 9.92 -11.43 7.03
N ALA A 19 10.05 -11.97 8.24
CA ALA A 19 9.02 -12.81 8.83
C ALA A 19 7.97 -11.78 9.24
N PRO A 20 6.68 -12.13 9.15
CA PRO A 20 5.62 -11.17 9.53
C PRO A 20 5.88 -10.56 10.89
N ARG A 21 5.82 -9.24 10.94
CA ARG A 21 6.04 -8.48 12.18
C ARG A 21 7.43 -8.66 12.77
N GLN A 22 8.46 -8.61 11.93
CA GLN A 22 9.82 -8.79 12.41
C GLN A 22 10.87 -8.13 11.52
N LYS A 23 12.04 -7.85 12.08
CA LYS A 23 13.13 -7.24 11.33
C LYS A 23 13.84 -8.28 10.45
N ILE A 24 14.43 -7.83 9.34
CA ILE A 24 15.12 -8.74 8.42
C ILE A 24 16.26 -9.51 9.07
N THR A 25 16.56 -10.67 8.50
CA THR A 25 17.62 -11.55 8.96
C THR A 25 19.01 -11.17 8.46
N LYS A 26 20.05 -11.53 9.22
CA LYS A 26 21.42 -11.24 8.84
C LYS A 26 21.69 -11.97 7.54
N GLU A 27 21.36 -13.26 7.54
CA GLU A 27 21.53 -14.10 6.36
C GLU A 27 20.81 -13.45 5.17
N MSE A 28 19.55 -13.06 5.36
CA MSE A 28 18.78 -12.43 4.29
C MSE A 28 19.49 -11.16 3.84
O MSE A 28 19.77 -10.97 2.66
CB MSE A 28 17.36 -12.10 4.78
CG MSE A 28 16.47 -11.44 3.74
SE MSE A 28 16.16 -12.54 2.19
CE MSE A 28 14.60 -11.66 1.47
N ASP A 29 19.78 -10.29 4.81
CA ASP A 29 20.44 -9.02 4.51
C ASP A 29 21.74 -9.23 3.71
N ASP A 30 22.60 -10.12 4.17
CA ASP A 30 23.84 -10.39 3.47
C ASP A 30 23.54 -10.94 2.07
N PHE A 31 22.42 -11.65 1.94
CA PHE A 31 22.04 -12.21 0.65
C PHE A 31 21.70 -11.09 -0.35
N LEU A 32 20.88 -10.15 0.11
CA LEU A 32 20.47 -9.04 -0.73
C LEU A 32 21.62 -8.14 -1.15
N GLN A 33 22.53 -7.83 -0.22
CA GLN A 33 23.66 -6.97 -0.58
C GLN A 33 24.53 -7.71 -1.58
N LYS A 34 24.57 -9.02 -1.45
CA LYS A 34 25.34 -9.83 -2.37
C LYS A 34 24.67 -9.81 -3.74
N LEU A 35 23.33 -9.93 -3.75
CA LEU A 35 22.56 -9.90 -4.99
C LEU A 35 22.68 -8.53 -5.67
N ARG A 36 22.64 -7.49 -4.85
CA ARG A 36 22.74 -6.11 -5.33
C ARG A 36 24.05 -5.86 -6.08
N GLN A 37 25.05 -6.72 -5.86
CA GLN A 37 26.33 -6.57 -6.53
C GLN A 37 26.15 -6.56 -8.04
N LYS A 38 25.34 -7.49 -8.56
CA LYS A 38 25.13 -7.57 -10.00
C LYS A 38 23.87 -6.85 -10.47
N ILE A 39 22.75 -7.13 -9.81
CA ILE A 39 21.47 -6.52 -10.17
C ILE A 39 21.04 -5.55 -9.07
N LYS A 40 20.46 -4.42 -9.45
CA LYS A 40 20.02 -3.42 -8.48
C LYS A 40 18.79 -3.92 -7.73
N ILE A 41 18.50 -3.32 -6.58
CA ILE A 41 17.34 -3.74 -5.81
C ILE A 41 16.56 -2.57 -5.25
N GLY A 42 15.29 -2.85 -4.92
CA GLY A 42 14.43 -1.83 -4.37
C GLY A 42 13.37 -2.48 -3.52
N VAL A 43 12.73 -1.70 -2.65
CA VAL A 43 11.67 -2.22 -1.78
C VAL A 43 10.48 -1.27 -1.80
N VAL A 44 9.28 -1.85 -1.73
CA VAL A 44 8.06 -1.08 -1.69
C VAL A 44 7.12 -1.73 -0.66
N GLY A 45 6.28 -0.91 -0.04
CA GLY A 45 5.35 -1.41 0.95
C GLY A 45 4.39 -0.29 1.31
N GLY A 46 3.26 -0.66 1.89
CA GLY A 46 2.27 0.34 2.28
C GLY A 46 2.62 1.09 3.56
N SER A 47 3.58 0.56 4.32
CA SER A 47 3.98 1.17 5.57
C SER A 47 4.87 2.39 5.40
N ASP A 48 5.23 3.01 6.53
CA ASP A 48 6.09 4.18 6.52
C ASP A 48 7.56 3.82 6.68
N PHE A 49 8.41 4.76 6.32
CA PHE A 49 9.86 4.61 6.37
C PHE A 49 10.34 4.13 7.74
N GLU A 50 9.77 4.72 8.79
CA GLU A 50 10.10 4.37 10.15
C GLU A 50 9.80 2.88 10.35
N LYS A 51 8.64 2.44 9.87
CA LYS A 51 8.26 1.03 9.98
C LYS A 51 9.22 0.20 9.15
N VAL A 52 9.58 0.71 7.98
CA VAL A 52 10.49 0.01 7.10
C VAL A 52 11.85 -0.11 7.80
N GLN A 53 12.27 0.98 8.45
CA GLN A 53 13.52 0.96 9.18
C GLN A 53 13.53 -0.16 10.22
N GLU A 54 12.41 -0.32 10.92
CA GLU A 54 12.30 -1.37 11.94
C GLU A 54 12.55 -2.74 11.32
N GLN A 55 11.97 -2.97 10.14
CA GLN A 55 12.11 -4.25 9.46
C GLN A 55 13.46 -4.48 8.78
N LEU A 56 13.88 -3.54 7.95
CA LEU A 56 15.11 -3.69 7.20
C LEU A 56 16.35 -2.95 7.75
N GLY A 57 16.19 -2.24 8.87
CA GLY A 57 17.31 -1.51 9.44
C GLY A 57 17.20 -0.01 9.21
N ASN A 58 17.77 0.79 10.10
CA ASN A 58 17.71 2.25 10.00
C ASN A 58 18.48 2.84 8.82
N ASP A 59 19.42 2.07 8.30
CA ASP A 59 20.23 2.52 7.17
C ASP A 59 19.65 1.98 5.86
N VAL A 60 18.38 1.59 5.92
CA VAL A 60 17.71 1.02 4.75
C VAL A 60 17.98 1.74 3.41
N VAL A 61 18.02 3.07 3.40
CA VAL A 61 18.28 3.79 2.13
C VAL A 61 19.67 3.52 1.56
N GLU A 62 20.54 2.88 2.34
CA GLU A 62 21.89 2.55 1.87
C GLU A 62 21.97 1.09 1.41
N LYS A 63 21.06 0.27 1.89
CA LYS A 63 21.04 -1.16 1.55
C LYS A 63 20.29 -1.47 0.26
N TYR A 64 19.39 -0.57 -0.13
CA TYR A 64 18.61 -0.80 -1.34
C TYR A 64 18.78 0.37 -2.28
N ASP A 65 18.77 0.10 -3.59
CA ASP A 65 18.91 1.17 -4.54
C ASP A 65 17.67 2.04 -4.61
N TYR A 66 16.52 1.45 -4.30
CA TYR A 66 15.26 2.18 -4.29
C TYR A 66 14.51 1.76 -3.02
N VAL A 67 13.82 2.72 -2.40
CA VAL A 67 13.06 2.44 -1.19
C VAL A 67 11.73 3.13 -1.39
N PHE A 68 10.64 2.37 -1.34
CA PHE A 68 9.32 2.94 -1.59
C PHE A 68 8.24 2.70 -0.54
N PRO A 69 8.31 3.42 0.59
CA PRO A 69 7.31 3.28 1.64
C PRO A 69 6.04 3.95 1.14
N GLU A 70 4.90 3.64 1.76
CA GLU A 70 3.65 4.23 1.32
C GLU A 70 3.49 4.06 -0.19
N ASN A 71 3.83 2.86 -0.67
CA ASN A 71 3.72 2.50 -2.07
C ASN A 71 4.33 3.53 -3.01
N GLY A 72 5.57 3.92 -2.74
CA GLY A 72 6.24 4.88 -3.59
C GLY A 72 5.84 6.32 -3.37
N LEU A 73 4.82 6.57 -2.54
CA LEU A 73 4.38 7.94 -2.23
C LEU A 73 5.55 8.61 -1.51
N VAL A 74 6.51 7.77 -1.13
CA VAL A 74 7.74 8.17 -0.49
C VAL A 74 8.76 7.33 -1.27
N ALA A 75 9.62 8.01 -1.99
CA ALA A 75 10.62 7.33 -2.78
C ALA A 75 12.06 7.71 -2.43
N TYR A 76 12.93 6.72 -2.54
CA TYR A 76 14.35 6.89 -2.27
C TYR A 76 15.15 6.14 -3.32
N LYS A 77 16.26 6.76 -3.73
CA LYS A 77 17.16 6.20 -4.71
C LYS A 77 18.56 6.72 -4.41
N ASP A 78 19.47 5.81 -4.10
CA ASP A 78 20.86 6.17 -3.81
C ASP A 78 20.96 6.95 -2.50
N GLY A 79 19.84 7.07 -1.78
CA GLY A 79 19.85 7.77 -0.51
C GLY A 79 19.22 9.16 -0.48
N LYS A 80 18.76 9.64 -1.62
CA LYS A 80 18.15 10.97 -1.68
C LYS A 80 16.63 10.95 -1.75
N LEU A 81 16.01 11.79 -0.93
CA LEU A 81 14.56 11.91 -0.91
C LEU A 81 14.13 12.39 -2.28
N LEU A 82 13.67 11.46 -3.10
CA LEU A 82 13.23 11.76 -4.45
C LEU A 82 12.12 12.82 -4.45
N CYS A 83 11.05 12.55 -3.73
CA CYS A 83 9.91 13.48 -3.70
C CYS A 83 8.80 12.98 -2.78
N ARG A 84 7.78 13.80 -2.62
CA ARG A 84 6.63 13.45 -1.81
C ARG A 84 5.39 13.66 -2.65
N GLN A 85 4.24 13.27 -2.11
CA GLN A 85 2.98 13.41 -2.80
C GLN A 85 1.86 13.00 -1.85
N ASN A 86 0.85 13.85 -1.71
CA ASN A 86 -0.26 13.50 -0.84
C ASN A 86 -1.58 13.70 -1.57
N ILE A 87 -2.63 13.06 -1.05
CA ILE A 87 -3.95 13.10 -1.65
C ILE A 87 -4.54 14.49 -1.86
N GLN A 88 -4.23 15.43 -0.99
CA GLN A 88 -4.77 16.77 -1.16
C GLN A 88 -4.02 17.59 -2.21
N SER A 89 -2.75 17.26 -2.42
CA SER A 89 -1.98 17.99 -3.44
C SER A 89 -2.36 17.46 -4.82
N HIS A 90 -2.36 16.14 -4.95
CA HIS A 90 -2.72 15.53 -6.22
C HIS A 90 -4.17 15.81 -6.58
N LEU A 91 -5.07 15.57 -5.64
CA LEU A 91 -6.50 15.78 -5.87
C LEU A 91 -6.94 17.21 -5.64
N GLY A 92 -6.22 17.94 -4.79
CA GLY A 92 -6.59 19.32 -4.51
C GLY A 92 -7.55 19.42 -3.33
N GLU A 93 -7.26 20.37 -2.44
CA GLU A 93 -8.06 20.62 -1.23
C GLU A 93 -9.57 20.60 -1.47
N ALA A 94 -10.07 21.52 -2.28
CA ALA A 94 -11.49 21.59 -2.55
C ALA A 94 -12.04 20.22 -2.97
N LEU A 95 -11.19 19.37 -3.51
CA LEU A 95 -11.62 18.03 -3.92
C LEU A 95 -11.66 17.15 -2.67
N ILE A 96 -10.73 17.37 -1.76
CA ILE A 96 -10.68 16.62 -0.52
C ILE A 96 -11.91 16.94 0.32
N GLN A 97 -12.22 18.22 0.45
CA GLN A 97 -13.36 18.67 1.23
C GLN A 97 -14.70 18.25 0.65
N ASP A 98 -14.75 18.02 -0.65
CA ASP A 98 -16.00 17.60 -1.27
C ASP A 98 -16.28 16.16 -0.83
N LEU A 99 -15.23 15.34 -0.87
CA LEU A 99 -15.34 13.94 -0.46
C LEU A 99 -15.58 13.86 1.05
N ILE A 100 -14.83 14.65 1.81
CA ILE A 100 -14.96 14.67 3.26
C ILE A 100 -16.37 15.10 3.65
N ASN A 101 -16.76 16.29 3.20
CA ASN A 101 -18.09 16.83 3.48
C ASN A 101 -19.17 15.78 3.25
N TYR A 102 -19.20 15.25 2.03
CA TYR A 102 -20.19 14.23 1.67
C TYR A 102 -20.20 13.05 2.65
N CYS A 103 -19.05 12.42 2.87
CA CYS A 103 -18.98 11.28 3.76
C CYS A 103 -19.45 11.60 5.17
N LEU A 104 -19.15 12.81 5.65
CA LEU A 104 -19.57 13.23 6.98
C LEU A 104 -21.08 13.28 7.11
N SER A 105 -21.73 13.97 6.17
CA SER A 105 -23.19 14.10 6.19
C SER A 105 -23.89 12.79 5.87
N TYR A 106 -23.24 11.96 5.05
CA TYR A 106 -23.82 10.67 4.68
C TYR A 106 -23.77 9.74 5.89
N ILE A 107 -22.62 9.74 6.57
CA ILE A 107 -22.41 8.88 7.72
C ILE A 107 -23.33 9.19 8.91
N ALA A 108 -23.62 10.47 9.09
CA ALA A 108 -24.48 10.89 10.19
C ALA A 108 -25.88 10.33 10.01
N LYS A 109 -26.19 9.87 8.81
CA LYS A 109 -27.49 9.32 8.52
C LYS A 109 -27.47 7.80 8.44
N ILE A 110 -26.91 7.16 9.48
CA ILE A 110 -26.83 5.71 9.53
C ILE A 110 -26.92 5.21 10.97
N LYS A 111 -28.13 4.82 11.40
CA LYS A 111 -28.32 4.32 12.75
C LYS A 111 -27.62 2.98 12.94
N LEU A 112 -26.83 2.89 13.98
CA LEU A 112 -26.08 1.67 14.28
C LEU A 112 -26.17 1.35 15.76
N PRO A 113 -25.72 0.15 16.15
CA PRO A 113 -25.77 -0.23 17.57
C PRO A 113 -24.71 0.51 18.39
N LYS A 114 -23.68 1.01 17.73
CA LYS A 114 -22.61 1.74 18.41
C LYS A 114 -21.84 2.70 17.52
N LYS A 115 -21.44 3.82 18.11
CA LYS A 115 -20.64 4.83 17.42
C LYS A 115 -19.65 5.42 18.43
N ARG A 116 -18.41 5.59 17.98
CA ARG A 116 -17.36 6.10 18.83
C ARG A 116 -16.67 7.31 18.18
N GLY A 117 -15.58 7.08 17.46
CA GLY A 117 -14.90 8.19 16.83
C GLY A 117 -14.10 7.83 15.59
N THR A 118 -13.40 8.83 15.05
CA THR A 118 -12.59 8.66 13.87
C THR A 118 -13.40 8.04 12.73
N PHE A 119 -14.50 8.68 12.41
CA PHE A 119 -15.39 8.25 11.34
C PHE A 119 -14.69 8.51 10.01
N ILE A 120 -13.67 9.35 10.08
CA ILE A 120 -12.87 9.69 8.91
C ILE A 120 -11.42 9.84 9.35
N GLU A 121 -10.57 9.01 8.76
CA GLU A 121 -9.14 9.02 9.05
C GLU A 121 -8.51 9.57 7.78
N PHE A 122 -7.46 10.38 7.94
CA PHE A 122 -6.79 10.98 6.80
C PHE A 122 -5.36 10.49 6.63
N ARG A 123 -5.11 9.73 5.57
CA ARG A 123 -3.78 9.23 5.29
C ARG A 123 -3.24 10.07 4.15
N ASN A 124 -1.92 10.12 4.02
CA ASN A 124 -1.31 10.92 2.96
C ASN A 124 -1.97 10.62 1.60
N GLY A 125 -1.89 9.37 1.17
CA GLY A 125 -2.46 8.98 -0.11
C GLY A 125 -3.72 8.12 -0.08
N MSE A 126 -4.55 8.29 0.95
CA MSE A 126 -5.79 7.53 1.04
C MSE A 126 -6.67 7.97 2.21
O MSE A 126 -6.18 8.24 3.32
CB MSE A 126 -5.52 6.01 1.12
CG MSE A 126 -5.00 5.48 2.47
SE MSE A 126 -5.14 3.53 2.74
CE MSE A 126 -6.43 3.54 4.20
N LEU A 127 -7.97 8.08 1.94
CA LEU A 127 -8.94 8.45 2.96
C LEU A 127 -9.64 7.22 3.56
N ASN A 128 -9.25 6.82 4.77
CA ASN A 128 -9.88 5.68 5.42
C ASN A 128 -11.15 6.17 6.11
N VAL A 129 -12.28 5.87 5.49
CA VAL A 129 -13.60 6.27 5.97
C VAL A 129 -14.13 5.25 6.95
N SER A 130 -15.45 5.23 7.08
CA SER A 130 -16.21 4.31 7.93
C SER A 130 -17.43 4.93 8.56
N PRO A 131 -18.62 4.43 8.18
CA PRO A 131 -19.90 4.92 8.70
C PRO A 131 -19.96 4.79 10.23
N ILE A 132 -19.15 3.91 10.78
CA ILE A 132 -19.14 3.67 12.23
C ILE A 132 -18.03 4.39 13.03
N GLY A 133 -16.88 4.59 12.42
CA GLY A 133 -15.78 5.26 13.11
C GLY A 133 -14.45 4.59 12.84
N ARG A 134 -13.69 4.31 13.91
CA ARG A 134 -12.39 3.65 13.75
C ARG A 134 -11.77 3.21 15.06
N SER A 135 -12.11 3.90 16.15
CA SER A 135 -11.56 3.54 17.44
C SER A 135 -12.43 2.53 18.17
N CYS A 136 -13.43 1.97 17.48
CA CYS A 136 -14.31 0.97 18.07
C CYS A 136 -13.48 -0.05 18.85
N SER A 137 -14.05 -0.60 19.91
CA SER A 137 -13.37 -1.58 20.74
C SER A 137 -13.18 -2.94 20.05
N GLN A 138 -12.85 -3.93 20.88
CA GLN A 138 -12.66 -5.29 20.41
C GLN A 138 -14.04 -5.84 20.14
N GLU A 139 -14.90 -5.78 21.15
CA GLU A 139 -16.26 -6.29 21.04
C GLU A 139 -17.08 -5.44 20.09
N GLU A 140 -16.81 -4.14 20.08
CA GLU A 140 -17.53 -3.21 19.20
C GLU A 140 -17.26 -3.53 17.75
N ARG A 141 -16.00 -3.79 17.44
CA ARG A 141 -15.60 -4.11 16.09
C ARG A 141 -16.27 -5.38 15.57
N ILE A 142 -16.21 -6.45 16.36
CA ILE A 142 -16.81 -7.71 15.94
C ILE A 142 -18.31 -7.55 15.77
N GLU A 143 -18.93 -6.87 16.74
CA GLU A 143 -20.35 -6.59 16.70
C GLU A 143 -20.68 -5.97 15.36
N PHE A 144 -20.14 -4.78 15.11
CA PHE A 144 -20.41 -4.12 13.85
C PHE A 144 -20.07 -4.99 12.66
N TYR A 145 -19.01 -5.79 12.77
CA TYR A 145 -18.63 -6.63 11.65
C TYR A 145 -19.70 -7.66 11.33
N GLU A 146 -20.18 -8.36 12.35
CA GLU A 146 -21.20 -9.38 12.12
C GLU A 146 -22.45 -8.70 11.61
N LEU A 147 -22.66 -7.46 12.07
CA LEU A 147 -23.81 -6.69 11.65
C LEU A 147 -23.71 -6.28 10.19
N ASP A 148 -22.50 -5.93 9.76
CA ASP A 148 -22.30 -5.51 8.38
C ASP A 148 -22.29 -6.71 7.44
N LYS A 149 -22.30 -7.91 8.02
CA LYS A 149 -22.32 -9.15 7.24
C LYS A 149 -23.57 -9.20 6.36
N LYS A 150 -24.73 -9.16 7.01
CA LYS A 150 -26.00 -9.22 6.30
C LYS A 150 -26.44 -7.85 5.79
N GLU A 151 -26.03 -6.81 6.51
CA GLU A 151 -26.40 -5.45 6.15
C GLU A 151 -25.62 -4.86 4.99
N ASN A 152 -24.34 -5.18 4.89
CA ASN A 152 -23.50 -4.66 3.82
C ASN A 152 -23.58 -3.13 3.71
N ILE A 153 -23.58 -2.48 4.87
CA ILE A 153 -23.64 -1.02 4.95
C ILE A 153 -22.55 -0.36 4.14
N ARG A 154 -21.35 -0.93 4.20
CA ARG A 154 -20.21 -0.39 3.48
C ARG A 154 -20.38 -0.41 1.95
N GLN A 155 -20.79 -1.54 1.39
CA GLN A 155 -20.97 -1.60 -0.07
C GLN A 155 -22.06 -0.63 -0.50
N LYS A 156 -23.02 -0.39 0.39
CA LYS A 156 -24.11 0.54 0.10
C LYS A 156 -23.61 1.96 -0.07
N PHE A 157 -22.60 2.33 0.72
CA PHE A 157 -22.04 3.69 0.65
C PHE A 157 -20.94 3.75 -0.42
N VAL A 158 -20.11 2.71 -0.48
CA VAL A 158 -19.02 2.67 -1.46
C VAL A 158 -19.53 2.62 -2.88
N ALA A 159 -20.86 2.59 -3.03
CA ALA A 159 -21.48 2.56 -4.35
C ALA A 159 -22.03 3.95 -4.70
N ASP A 160 -22.67 4.59 -3.72
CA ASP A 160 -23.22 5.91 -3.93
C ASP A 160 -22.13 6.93 -4.17
N LEU A 161 -20.99 6.72 -3.50
CA LEU A 161 -19.83 7.59 -3.60
C LEU A 161 -19.30 7.52 -5.01
N ARG A 162 -19.24 6.30 -5.53
CA ARG A 162 -18.76 6.04 -6.87
C ARG A 162 -19.63 6.84 -7.84
N LYS A 163 -20.87 7.13 -7.44
CA LYS A 163 -21.80 7.87 -8.28
C LYS A 163 -21.59 9.38 -8.18
N GLU A 164 -21.92 9.94 -7.03
CA GLU A 164 -21.78 11.38 -6.81
C GLU A 164 -20.39 11.90 -7.15
N PHE A 165 -19.43 10.98 -7.26
CA PHE A 165 -18.04 11.34 -7.54
C PHE A 165 -17.50 10.58 -8.74
N ALA A 166 -18.42 10.03 -9.53
CA ALA A 166 -18.05 9.29 -10.71
C ALA A 166 -17.23 10.17 -11.65
N GLY A 167 -15.99 9.77 -11.94
CA GLY A 167 -15.16 10.56 -12.83
C GLY A 167 -14.07 11.39 -12.19
N LYS A 168 -13.88 11.26 -10.88
CA LYS A 168 -12.83 12.03 -10.22
C LYS A 168 -11.53 11.25 -10.08
N GLY A 169 -11.41 10.18 -10.85
CA GLY A 169 -10.22 9.35 -10.82
C GLY A 169 -9.98 8.77 -9.45
N LEU A 170 -11.08 8.40 -8.79
CA LEU A 170 -11.03 7.83 -7.46
C LEU A 170 -11.38 6.35 -7.46
N THR A 171 -10.62 5.57 -6.69
CA THR A 171 -10.86 4.15 -6.56
C THR A 171 -11.25 3.89 -5.11
N PHE A 172 -12.24 3.02 -4.92
CA PHE A 172 -12.70 2.68 -3.58
C PHE A 172 -12.23 1.28 -3.19
N SER A 173 -12.33 0.97 -1.90
CA SER A 173 -11.89 -0.35 -1.46
C SER A 173 -12.37 -0.69 -0.07
N ILE A 174 -13.19 -1.72 0.00
CA ILE A 174 -13.73 -2.18 1.26
C ILE A 174 -12.82 -3.28 1.80
N GLY A 175 -12.30 -3.08 3.01
CA GLY A 175 -11.43 -4.06 3.60
C GLY A 175 -11.62 -4.15 5.11
N GLY A 176 -11.17 -5.25 5.70
CA GLY A 176 -11.31 -5.41 7.14
C GLY A 176 -12.74 -5.51 7.60
N GLN A 177 -12.99 -5.14 8.86
CA GLN A 177 -14.34 -5.26 9.41
C GLN A 177 -15.12 -3.97 9.63
N ILE A 178 -14.44 -2.82 9.63
CA ILE A 178 -15.11 -1.55 9.88
C ILE A 178 -14.87 -0.37 8.92
N SER A 179 -13.72 -0.34 8.26
CA SER A 179 -13.41 0.77 7.37
C SER A 179 -13.18 0.39 5.93
N PHE A 180 -13.20 1.40 5.08
CA PHE A 180 -12.95 1.23 3.66
C PHE A 180 -12.13 2.40 3.14
N ASP A 181 -11.07 2.09 2.39
CA ASP A 181 -10.17 3.11 1.87
C ASP A 181 -10.63 3.77 0.56
N VAL A 182 -10.24 5.03 0.42
CA VAL A 182 -10.55 5.82 -0.77
C VAL A 182 -9.20 6.37 -1.21
N PHE A 183 -8.98 6.44 -2.52
CA PHE A 183 -7.71 6.93 -3.03
C PHE A 183 -7.69 7.11 -4.55
N PRO A 184 -6.81 7.99 -5.05
CA PRO A 184 -6.68 8.25 -6.49
C PRO A 184 -6.32 6.99 -7.25
N ASP A 185 -6.73 6.94 -8.51
CA ASP A 185 -6.48 5.78 -9.37
C ASP A 185 -5.00 5.45 -9.50
N GLY A 186 -4.71 4.16 -9.33
CA GLY A 186 -3.35 3.68 -9.45
C GLY A 186 -2.48 3.87 -8.21
N TRP A 187 -3.03 4.46 -7.16
CA TRP A 187 -2.26 4.70 -5.96
C TRP A 187 -2.10 3.48 -5.05
N ASP A 188 -1.72 2.36 -5.66
CA ASP A 188 -1.46 1.13 -4.94
C ASP A 188 0.05 0.95 -5.14
N LYS A 189 0.58 -0.25 -4.91
CA LYS A 189 2.03 -0.44 -5.10
C LYS A 189 2.51 -0.09 -6.52
N ARG A 190 1.61 -0.12 -7.49
CA ARG A 190 2.01 0.22 -8.87
C ARG A 190 2.55 1.64 -8.97
N TYR A 191 2.19 2.48 -8.01
CA TYR A 191 2.62 3.88 -7.98
C TYR A 191 4.15 4.05 -8.02
N CYS A 192 4.87 3.16 -7.34
CA CYS A 192 6.32 3.24 -7.31
C CYS A 192 6.97 2.98 -8.68
N LEU A 193 6.33 2.15 -9.49
CA LEU A 193 6.86 1.81 -10.82
C LEU A 193 7.29 3.05 -11.60
N ARG A 194 6.66 4.18 -11.29
CA ARG A 194 6.96 5.43 -11.98
C ARG A 194 8.35 5.95 -11.65
N HIS A 195 9.00 5.35 -10.66
CA HIS A 195 10.34 5.76 -10.27
C HIS A 195 11.36 4.78 -10.83
N VAL A 196 10.88 3.79 -11.57
CA VAL A 196 11.79 2.80 -12.11
C VAL A 196 11.72 2.55 -13.62
N GLU A 197 10.70 3.09 -14.28
CA GLU A 197 10.54 2.89 -15.72
C GLU A 197 11.32 3.86 -16.61
N ASN A 198 12.23 4.62 -16.02
CA ASN A 198 12.98 5.57 -16.81
C ASN A 198 14.49 5.53 -16.54
N ASP A 199 14.96 4.49 -15.85
CA ASP A 199 16.38 4.37 -15.55
C ASP A 199 17.09 3.34 -16.42
N GLY A 200 16.41 2.92 -17.50
CA GLY A 200 16.99 1.96 -18.42
C GLY A 200 16.94 0.49 -18.08
N TYR A 201 15.88 0.03 -17.42
CA TYR A 201 15.79 -1.38 -17.06
C TYR A 201 15.01 -2.15 -18.14
N LYS A 202 15.63 -3.21 -18.66
CA LYS A 202 14.98 -4.02 -19.67
C LYS A 202 13.98 -4.94 -18.98
N THR A 203 14.29 -5.29 -17.73
CA THR A 203 13.42 -6.15 -16.95
C THR A 203 13.23 -5.60 -15.53
N ILE A 204 11.99 -5.62 -15.05
CA ILE A 204 11.71 -5.15 -13.71
C ILE A 204 10.94 -6.24 -12.98
N TYR A 205 11.65 -6.90 -12.06
CA TYR A 205 11.07 -7.97 -11.28
C TYR A 205 10.34 -7.42 -10.06
N PHE A 206 9.32 -8.15 -9.61
CA PHE A 206 8.58 -7.77 -8.41
C PHE A 206 8.41 -9.03 -7.60
N PHE A 207 8.66 -8.91 -6.30
CA PHE A 207 8.54 -10.03 -5.39
C PHE A 207 7.65 -9.58 -4.24
N GLY A 208 6.51 -10.25 -4.06
CA GLY A 208 5.60 -9.89 -3.00
C GLY A 208 4.33 -10.72 -3.01
N ASP A 209 3.24 -10.11 -2.55
CA ASP A 209 1.95 -10.79 -2.53
C ASP A 209 1.30 -10.50 -3.88
N LYS A 210 0.90 -11.56 -4.58
CA LYS A 210 0.26 -11.41 -5.88
C LYS A 210 -1.25 -11.33 -5.77
N THR A 211 -1.77 -11.66 -4.58
CA THR A 211 -3.20 -11.65 -4.34
C THR A 211 -3.53 -11.12 -2.94
N MSE A 212 -4.50 -10.22 -2.87
CA MSE A 212 -4.92 -9.65 -1.60
C MSE A 212 -5.77 -10.63 -0.80
O MSE A 212 -6.13 -10.39 0.35
CB MSE A 212 -5.72 -8.37 -1.85
CG MSE A 212 -4.91 -7.26 -2.51
SE MSE A 212 -6.03 -5.75 -3.02
CE MSE A 212 -6.43 -5.08 -1.26
N ASN A 216 -7.73 -10.35 -3.63
CA ASN A 216 -8.19 -10.52 -5.00
C ASN A 216 -7.05 -10.58 -6.01
N ASP A 217 -6.28 -9.49 -6.10
CA ASP A 217 -5.18 -9.43 -7.07
C ASP A 217 -4.31 -8.18 -6.92
N HIS A 218 -3.03 -8.37 -6.58
CA HIS A 218 -2.12 -7.23 -6.44
C HIS A 218 -1.75 -6.71 -7.83
N GLU A 219 -2.16 -5.49 -8.12
CA GLU A 219 -1.93 -4.87 -9.41
C GLU A 219 -0.49 -4.77 -9.86
N ILE A 220 0.43 -4.44 -8.95
CA ILE A 220 1.82 -4.32 -9.34
C ILE A 220 2.32 -5.65 -9.86
N PHE A 221 1.76 -6.72 -9.33
CA PHE A 221 2.16 -8.06 -9.74
C PHE A 221 1.70 -8.37 -11.17
N THR A 222 0.66 -7.69 -11.62
CA THR A 222 0.13 -7.92 -12.96
C THR A 222 0.49 -6.86 -13.98
N ASP A 223 0.74 -5.65 -13.50
CA ASP A 223 1.11 -4.55 -14.37
C ASP A 223 2.09 -5.07 -15.42
N PRO A 224 1.89 -4.68 -16.70
CA PRO A 224 2.74 -5.09 -17.82
C PRO A 224 4.23 -4.83 -17.71
N ARG A 225 4.62 -3.86 -16.88
CA ARG A 225 6.03 -3.52 -16.73
C ARG A 225 6.82 -4.48 -15.84
N THR A 226 6.12 -5.27 -15.03
CA THR A 226 6.81 -6.17 -14.12
C THR A 226 6.80 -7.66 -14.48
N MSE A 227 7.76 -8.40 -13.97
CA MSE A 227 7.84 -9.84 -14.13
C MSE A 227 7.52 -10.32 -12.73
O MSE A 227 8.41 -10.40 -11.87
CB MSE A 227 9.24 -10.31 -14.53
CG MSE A 227 9.73 -9.85 -15.89
SE MSE A 227 8.69 -10.57 -17.36
CE MSE A 227 7.59 -9.00 -17.68
N GLY A 228 6.24 -10.59 -12.48
CA GLY A 228 5.79 -11.01 -11.17
C GLY A 228 6.29 -12.34 -10.65
N TYR A 229 6.66 -12.32 -9.38
CA TYR A 229 7.15 -13.50 -8.70
C TYR A 229 6.69 -13.46 -7.25
N SER A 230 5.52 -14.04 -6.99
CA SER A 230 4.96 -14.04 -5.63
C SER A 230 5.65 -15.09 -4.77
N VAL A 231 6.12 -14.67 -3.60
CA VAL A 231 6.78 -15.58 -2.68
C VAL A 231 5.97 -15.76 -1.42
N THR A 232 6.22 -16.84 -0.69
CA THR A 232 5.48 -17.13 0.53
C THR A 232 6.18 -16.67 1.81
N ALA A 233 7.43 -16.23 1.68
CA ALA A 233 8.23 -15.76 2.81
C ALA A 233 9.65 -15.40 2.33
N PRO A 234 10.49 -14.86 3.21
CA PRO A 234 11.85 -14.48 2.81
C PRO A 234 12.71 -15.61 2.25
N GLU A 235 12.49 -16.83 2.73
CA GLU A 235 13.25 -17.98 2.27
C GLU A 235 12.93 -18.29 0.80
N ASP A 236 11.70 -17.95 0.40
CA ASP A 236 11.27 -18.17 -0.97
C ASP A 236 11.88 -17.09 -1.86
N THR A 237 11.86 -15.86 -1.36
CA THR A 237 12.44 -14.75 -2.10
C THR A 237 13.87 -15.09 -2.50
N ARG A 238 14.59 -15.77 -1.62
CA ARG A 238 15.97 -16.16 -1.88
C ARG A 238 16.06 -17.34 -2.84
N ARG A 239 15.21 -18.34 -2.66
CA ARG A 239 15.21 -19.50 -3.53
C ARG A 239 14.99 -19.06 -4.97
N ILE A 240 14.00 -18.20 -5.17
CA ILE A 240 13.69 -17.69 -6.51
C ILE A 240 14.80 -16.78 -7.03
N CYS A 241 15.29 -15.89 -6.17
CA CYS A 241 16.36 -15.00 -6.60
C CYS A 241 17.60 -15.81 -6.95
N GLU A 242 17.81 -16.91 -6.24
CA GLU A 242 18.95 -17.78 -6.48
C GLU A 242 18.71 -18.49 -7.81
N LEU A 243 17.49 -18.95 -8.00
CA LEU A 243 17.10 -19.64 -9.21
C LEU A 243 17.23 -18.72 -10.42
N LEU A 244 16.71 -17.50 -10.28
CA LEU A 244 16.74 -16.53 -11.37
C LEU A 244 18.13 -15.97 -11.60
N PHE A 245 18.67 -15.31 -10.57
CA PHE A 245 19.99 -14.69 -10.67
C PHE A 245 21.05 -15.57 -10.04
N SER A 246 22.31 -15.22 -10.24
CA SER A 246 23.43 -15.98 -9.69
C SER A 246 23.13 -17.48 -9.60
C1 EDO B . -28.20 7.06 2.99
O1 EDO B . -28.56 8.44 2.82
C2 EDO B . -27.81 6.82 4.45
O2 EDO B . -28.68 5.84 5.02
N GLY C . 10.84 -3.45 -19.45
CA GLY C . 10.68 -2.71 -18.19
C GLY C . 9.79 -1.49 -18.33
O GLY C . 8.59 -1.55 -18.06
N GLY D . 3.48 -7.91 -14.30
CA GLY D . 3.87 -9.27 -13.98
C GLY D . 3.67 -10.21 -15.13
O GLY D . 2.93 -9.90 -16.07
N GLY E . -26.90 11.32 1.38
CA GLY E . -25.80 11.58 2.30
C GLY E . -25.06 12.87 2.01
O GLY E . -25.47 13.95 2.43
N PRO A 4 16.95 -9.53 -20.47
CA PRO A 4 17.61 -8.57 -21.38
C PRO A 4 17.88 -7.21 -20.74
N GLY A 5 18.85 -6.48 -21.29
CA GLY A 5 19.20 -5.17 -20.78
C GLY A 5 19.38 -5.12 -19.27
N PRO A 6 19.59 -3.93 -18.68
CA PRO A 6 19.77 -3.81 -17.23
C PRO A 6 18.51 -4.30 -16.51
N ALA A 7 18.64 -4.65 -15.23
CA ALA A 7 17.48 -5.14 -14.49
C ALA A 7 17.38 -4.65 -13.05
N LEU A 8 16.16 -4.71 -12.52
CA LEU A 8 15.87 -4.30 -11.16
C LEU A 8 14.95 -5.32 -10.49
N CYS A 9 15.25 -5.68 -9.26
CA CYS A 9 14.42 -6.61 -8.52
C CYS A 9 13.74 -5.82 -7.41
N LEU A 10 12.44 -5.60 -7.51
CA LEU A 10 11.71 -4.88 -6.47
C LEU A 10 11.05 -5.85 -5.53
N PHE A 11 11.07 -5.53 -4.23
CA PHE A 11 10.48 -6.42 -3.25
C PHE A 11 9.47 -5.74 -2.36
N ASP A 12 8.40 -6.47 -1.99
CA ASP A 12 7.42 -5.93 -1.07
C ASP A 12 8.13 -6.14 0.28
N VAL A 13 7.87 -5.30 1.27
CA VAL A 13 8.58 -5.46 2.55
C VAL A 13 8.15 -6.58 3.50
N ASP A 14 7.13 -6.34 4.32
CA ASP A 14 6.69 -7.34 5.29
C ASP A 14 6.25 -8.65 4.63
N GLY A 15 6.84 -9.76 5.06
CA GLY A 15 6.50 -11.05 4.50
C GLY A 15 7.42 -11.56 3.40
N THR A 16 7.92 -10.66 2.57
CA THR A 16 8.80 -11.00 1.45
C THR A 16 10.28 -11.06 1.81
N LEU A 17 10.74 -10.06 2.54
CA LEU A 17 12.15 -10.00 2.97
C LEU A 17 12.30 -10.31 4.45
N THR A 18 11.18 -10.39 5.16
CA THR A 18 11.21 -10.68 6.58
C THR A 18 10.03 -11.54 7.01
N ALA A 19 10.09 -12.00 8.25
CA ALA A 19 9.03 -12.78 8.86
C ALA A 19 8.01 -11.70 9.24
N PRO A 20 6.72 -12.00 9.15
CA PRO A 20 5.69 -11.01 9.50
C PRO A 20 5.99 -10.32 10.83
N ARG A 21 5.69 -9.03 10.90
CA ARG A 21 5.91 -8.24 12.11
C ARG A 21 7.30 -8.41 12.72
N GLN A 22 8.34 -8.35 11.88
CA GLN A 22 9.69 -8.52 12.39
C GLN A 22 10.74 -7.89 11.47
N LYS A 23 11.85 -7.42 12.06
CA LYS A 23 12.92 -6.81 11.29
C LYS A 23 13.64 -7.89 10.47
N ILE A 24 14.28 -7.48 9.37
CA ILE A 24 14.98 -8.43 8.51
C ILE A 24 16.15 -9.14 9.21
N THR A 25 16.49 -10.31 8.68
CA THR A 25 17.58 -11.14 9.19
C THR A 25 18.95 -10.78 8.60
N LYS A 26 20.01 -11.04 9.37
CA LYS A 26 21.38 -10.76 8.93
C LYS A 26 21.61 -11.61 7.69
N GLU A 27 21.20 -12.87 7.77
CA GLU A 27 21.33 -13.83 6.68
C GLU A 27 20.66 -13.28 5.41
N MSE A 28 19.40 -12.86 5.51
CA MSE A 28 18.69 -12.32 4.37
C MSE A 28 19.42 -11.07 3.88
O MSE A 28 19.65 -10.90 2.68
CB MSE A 28 17.25 -11.95 4.77
CG MSE A 28 16.41 -11.38 3.63
SE MSE A 28 16.23 -12.61 2.15
CE MSE A 28 14.71 -11.83 1.28
N ASP A 29 19.79 -10.20 4.82
CA ASP A 29 20.49 -8.97 4.47
C ASP A 29 21.78 -9.25 3.68
N ASP A 30 22.62 -10.13 4.21
CA ASP A 30 23.87 -10.47 3.53
C ASP A 30 23.56 -11.03 2.13
N PHE A 31 22.44 -11.76 2.02
CA PHE A 31 22.05 -12.33 0.74
C PHE A 31 21.74 -11.22 -0.26
N LEU A 32 20.91 -10.27 0.17
CA LEU A 32 20.52 -9.18 -0.70
C LEU A 32 21.70 -8.33 -1.14
N GLN A 33 22.52 -7.86 -0.19
CA GLN A 33 23.67 -7.04 -0.57
C GLN A 33 24.53 -7.80 -1.56
N LYS A 34 24.57 -9.11 -1.42
CA LYS A 34 25.34 -9.94 -2.32
C LYS A 34 24.65 -9.91 -3.69
N LEU A 35 23.34 -10.11 -3.71
CA LEU A 35 22.56 -10.09 -4.95
C LEU A 35 22.67 -8.76 -5.66
N ARG A 36 22.63 -7.69 -4.89
CA ARG A 36 22.71 -6.32 -5.39
C ARG A 36 24.00 -6.07 -6.18
N GLN A 37 24.96 -6.99 -6.06
CA GLN A 37 26.22 -6.83 -6.77
C GLN A 37 26.02 -6.83 -8.28
N LYS A 38 25.10 -7.65 -8.77
CA LYS A 38 24.87 -7.73 -10.21
C LYS A 38 23.51 -7.22 -10.69
N ILE A 39 22.66 -6.82 -9.76
CA ILE A 39 21.34 -6.32 -10.13
C ILE A 39 20.86 -5.30 -9.10
N LYS A 40 20.23 -4.24 -9.58
CA LYS A 40 19.71 -3.19 -8.71
C LYS A 40 18.54 -3.72 -7.89
N ILE A 41 18.31 -3.13 -6.72
CA ILE A 41 17.22 -3.56 -5.87
C ILE A 41 16.44 -2.40 -5.28
N GLY A 42 15.20 -2.67 -4.89
CA GLY A 42 14.35 -1.64 -4.29
C GLY A 42 13.24 -2.25 -3.46
N VAL A 43 12.59 -1.43 -2.62
CA VAL A 43 11.49 -1.90 -1.79
C VAL A 43 10.32 -0.92 -1.83
N VAL A 44 9.11 -1.47 -1.69
CA VAL A 44 7.89 -0.68 -1.68
C VAL A 44 6.95 -1.25 -0.62
N GLY A 45 6.14 -0.38 -0.03
CA GLY A 45 5.20 -0.82 0.99
C GLY A 45 4.15 0.23 1.27
N GLY A 46 3.05 -0.20 1.90
CA GLY A 46 1.97 0.73 2.21
C GLY A 46 2.18 1.56 3.46
N SER A 47 3.13 1.20 4.31
CA SER A 47 3.37 1.94 5.54
C SER A 47 4.33 3.11 5.36
N ASP A 48 4.44 3.93 6.40
CA ASP A 48 5.34 5.07 6.35
C ASP A 48 6.79 4.62 6.53
N PHE A 49 7.72 5.54 6.29
CA PHE A 49 9.15 5.27 6.39
C PHE A 49 9.64 4.76 7.73
N GLU A 50 9.19 5.37 8.82
CA GLU A 50 9.61 4.95 10.15
C GLU A 50 9.37 3.45 10.31
N LYS A 51 8.25 2.98 9.77
CA LYS A 51 7.89 1.57 9.86
C LYS A 51 8.83 0.70 9.05
N VAL A 52 9.24 1.19 7.89
CA VAL A 52 10.14 0.42 7.05
C VAL A 52 11.51 0.30 7.72
N GLN A 53 11.96 1.37 8.36
CA GLN A 53 13.24 1.33 9.05
C GLN A 53 13.25 0.23 10.11
N GLU A 54 12.15 0.09 10.83
CA GLU A 54 12.04 -0.94 11.87
C GLU A 54 12.25 -2.33 11.29
N GLN A 55 11.65 -2.57 10.13
CA GLN A 55 11.74 -3.88 9.49
C GLN A 55 13.06 -4.14 8.78
N LEU A 56 13.58 -3.16 8.05
CA LEU A 56 14.81 -3.36 7.30
C LEU A 56 16.04 -2.66 7.86
N GLY A 57 15.89 -1.90 8.94
CA GLY A 57 17.01 -1.19 9.52
C GLY A 57 16.92 0.31 9.28
N ASN A 58 17.64 1.08 10.08
CA ASN A 58 17.62 2.54 9.96
C ASN A 58 18.41 3.04 8.76
N ASP A 59 19.34 2.22 8.29
CA ASP A 59 20.16 2.59 7.15
C ASP A 59 19.56 2.05 5.85
N VAL A 60 18.24 1.80 5.88
CA VAL A 60 17.54 1.26 4.72
C VAL A 60 17.93 1.87 3.36
N VAL A 61 17.99 3.20 3.25
CA VAL A 61 18.35 3.82 1.98
C VAL A 61 19.73 3.44 1.45
N GLU A 62 20.59 2.90 2.30
CA GLU A 62 21.93 2.50 1.87
C GLU A 62 21.98 1.04 1.40
N LYS A 63 21.06 0.22 1.90
CA LYS A 63 21.03 -1.19 1.53
C LYS A 63 20.25 -1.47 0.24
N TYR A 64 19.40 -0.54 -0.16
CA TYR A 64 18.61 -0.74 -1.38
C TYR A 64 18.77 0.45 -2.30
N ASP A 65 18.71 0.21 -3.60
CA ASP A 65 18.85 1.31 -4.54
C ASP A 65 17.60 2.18 -4.60
N TYR A 66 16.45 1.57 -4.30
CA TYR A 66 15.19 2.30 -4.28
C TYR A 66 14.43 1.90 -3.02
N VAL A 67 13.72 2.86 -2.43
CA VAL A 67 12.95 2.59 -1.21
C VAL A 67 11.65 3.37 -1.37
N PHE A 68 10.53 2.68 -1.32
CA PHE A 68 9.25 3.33 -1.51
C PHE A 68 8.19 3.05 -0.45
N PRO A 69 8.16 3.89 0.59
CA PRO A 69 7.19 3.75 1.67
C PRO A 69 5.88 4.33 1.14
N GLU A 70 4.76 3.94 1.74
CA GLU A 70 3.47 4.45 1.30
C GLU A 70 3.29 4.30 -0.21
N ASN A 71 3.57 3.09 -0.69
CA ASN A 71 3.43 2.75 -2.11
C ASN A 71 4.13 3.69 -3.07
N GLY A 72 5.20 4.34 -2.59
CA GLY A 72 5.95 5.25 -3.43
C GLY A 72 5.50 6.70 -3.40
N LEU A 73 4.42 7.01 -2.68
CA LEU A 73 3.97 8.40 -2.59
C LEU A 73 5.14 9.19 -2.01
N VAL A 74 5.86 8.51 -1.11
CA VAL A 74 7.06 9.06 -0.51
C VAL A 74 8.12 8.31 -1.30
N ALA A 75 9.04 9.03 -1.92
CA ALA A 75 10.06 8.38 -2.70
C ALA A 75 11.45 8.85 -2.36
N TYR A 76 12.37 7.89 -2.33
CA TYR A 76 13.77 8.15 -2.06
C TYR A 76 14.55 7.39 -3.11
N LYS A 77 15.48 8.08 -3.74
CA LYS A 77 16.33 7.51 -4.78
C LYS A 77 17.77 7.78 -4.38
N ASP A 78 18.62 6.77 -4.49
CA ASP A 78 20.02 6.91 -4.13
C ASP A 78 20.20 7.73 -2.86
N GLY A 79 19.46 7.37 -1.82
CA GLY A 79 19.56 8.06 -0.55
C GLY A 79 18.94 9.44 -0.50
N LYS A 80 18.72 10.04 -1.67
CA LYS A 80 18.14 11.37 -1.72
C LYS A 80 16.65 11.30 -2.01
N LEU A 81 15.88 12.05 -1.23
CA LEU A 81 14.45 12.11 -1.39
C LEU A 81 14.13 12.46 -2.83
N LEU A 82 13.13 11.78 -3.39
CA LEU A 82 12.70 12.02 -4.76
C LEU A 82 11.37 12.76 -4.72
N CYS A 83 10.35 12.13 -4.15
CA CYS A 83 9.04 12.77 -4.06
C CYS A 83 8.33 12.54 -2.73
N ARG A 84 7.46 13.48 -2.39
CA ARG A 84 6.65 13.41 -1.17
C ARG A 84 5.25 13.78 -1.59
N GLN A 85 4.63 12.88 -2.35
CA GLN A 85 3.29 13.09 -2.85
C GLN A 85 2.27 12.64 -1.82
N ASN A 86 1.20 13.40 -1.68
CA ASN A 86 0.14 13.06 -0.76
C ASN A 86 -1.19 13.34 -1.46
N ILE A 87 -2.24 12.69 -0.99
CA ILE A 87 -3.57 12.82 -1.57
C ILE A 87 -4.03 14.26 -1.69
N GLN A 88 -3.74 15.07 -0.68
CA GLN A 88 -4.17 16.48 -0.73
C GLN A 88 -3.49 17.23 -1.88
N SER A 89 -2.22 16.94 -2.13
CA SER A 89 -1.48 17.59 -3.21
C SER A 89 -2.06 17.21 -4.56
N HIS A 90 -2.09 15.91 -4.85
CA HIS A 90 -2.59 15.42 -6.11
C HIS A 90 -4.05 15.76 -6.40
N LEU A 91 -4.94 15.39 -5.49
CA LEU A 91 -6.37 15.65 -5.68
C LEU A 91 -6.76 17.08 -5.41
N GLY A 92 -5.93 17.81 -4.68
CA GLY A 92 -6.24 19.19 -4.37
C GLY A 92 -7.30 19.36 -3.29
N GLU A 93 -7.02 20.27 -2.36
CA GLU A 93 -7.90 20.59 -1.24
C GLU A 93 -9.40 20.51 -1.51
N ALA A 94 -9.93 21.51 -2.21
CA ALA A 94 -11.36 21.54 -2.52
C ALA A 94 -11.91 20.18 -2.91
N LEU A 95 -11.09 19.35 -3.55
CA LEU A 95 -11.54 18.01 -3.93
C LEU A 95 -11.62 17.15 -2.67
N ILE A 96 -10.64 17.29 -1.79
CA ILE A 96 -10.61 16.54 -0.54
C ILE A 96 -11.85 16.90 0.28
N GLN A 97 -12.13 18.20 0.39
CA GLN A 97 -13.27 18.67 1.16
C GLN A 97 -14.61 18.26 0.58
N ASP A 98 -14.67 18.05 -0.73
CA ASP A 98 -15.91 17.62 -1.35
C ASP A 98 -16.22 16.19 -0.91
N LEU A 99 -15.17 15.36 -0.83
CA LEU A 99 -15.32 13.97 -0.38
C LEU A 99 -15.66 13.94 1.10
N ILE A 100 -14.88 14.66 1.89
CA ILE A 100 -15.11 14.72 3.33
C ILE A 100 -16.52 15.24 3.57
N ASN A 101 -16.80 16.43 3.06
CA ASN A 101 -18.10 17.07 3.19
C ASN A 101 -19.23 16.05 3.05
N TYR A 102 -19.27 15.39 1.90
CA TYR A 102 -20.28 14.38 1.61
C TYR A 102 -20.28 13.19 2.57
N CYS A 103 -19.12 12.56 2.77
CA CYS A 103 -19.03 11.40 3.65
C CYS A 103 -19.46 11.68 5.08
N LEU A 104 -19.19 12.89 5.57
CA LEU A 104 -19.56 13.26 6.93
C LEU A 104 -21.08 13.29 7.11
N SER A 105 -21.76 13.98 6.22
CA SER A 105 -23.22 14.08 6.28
C SER A 105 -23.90 12.76 5.96
N TYR A 106 -23.15 11.83 5.38
CA TYR A 106 -23.68 10.52 5.04
C TYR A 106 -23.63 9.61 6.26
N ILE A 107 -22.50 9.62 6.95
CA ILE A 107 -22.31 8.78 8.14
C ILE A 107 -23.28 9.13 9.26
N ALA A 108 -23.58 10.42 9.38
CA ALA A 108 -24.49 10.90 10.43
C ALA A 108 -25.87 10.33 10.20
N LYS A 109 -26.20 10.05 8.94
CA LYS A 109 -27.51 9.51 8.60
C LYS A 109 -27.51 7.99 8.49
N ILE A 110 -26.96 7.32 9.51
CA ILE A 110 -26.92 5.86 9.52
C ILE A 110 -26.99 5.32 10.95
N LYS A 111 -28.20 5.00 11.40
CA LYS A 111 -28.38 4.46 12.75
C LYS A 111 -27.63 3.14 12.84
N LEU A 112 -26.91 2.96 13.94
CA LEU A 112 -26.14 1.73 14.15
C LEU A 112 -26.17 1.36 15.62
N PRO A 113 -25.73 0.14 15.96
CA PRO A 113 -25.72 -0.28 17.37
C PRO A 113 -24.70 0.47 18.23
N LYS A 114 -23.71 1.09 17.59
CA LYS A 114 -22.68 1.86 18.31
C LYS A 114 -21.90 2.80 17.42
N LYS A 115 -21.34 3.85 18.04
CA LYS A 115 -20.50 4.83 17.36
C LYS A 115 -19.51 5.41 18.36
N ARG A 116 -18.26 5.59 17.91
CA ARG A 116 -17.22 6.11 18.78
C ARG A 116 -16.50 7.33 18.19
N GLY A 117 -15.32 7.11 17.61
CA GLY A 117 -14.56 8.22 17.05
C GLY A 117 -13.61 7.81 15.94
N THR A 118 -13.12 8.79 15.19
CA THR A 118 -12.22 8.55 14.08
C THR A 118 -13.04 7.87 12.98
N PHE A 119 -14.09 8.57 12.55
CA PHE A 119 -15.00 8.12 11.50
C PHE A 119 -14.37 8.35 10.14
N ILE A 120 -13.37 9.23 10.13
CA ILE A 120 -12.63 9.55 8.93
C ILE A 120 -11.17 9.72 9.32
N GLU A 121 -10.31 8.87 8.77
CA GLU A 121 -8.89 8.94 9.07
C GLU A 121 -8.21 9.40 7.79
N PHE A 122 -7.52 10.53 7.88
CA PHE A 122 -6.84 11.11 6.72
C PHE A 122 -5.42 10.53 6.63
N ARG A 123 -5.09 9.99 5.47
CA ARG A 123 -3.78 9.41 5.24
C ARG A 123 -3.16 10.08 4.04
N ASN A 124 -1.83 10.10 3.97
CA ASN A 124 -1.17 10.72 2.83
C ASN A 124 -1.66 10.12 1.52
N GLY A 125 -2.07 8.86 1.56
CA GLY A 125 -2.54 8.22 0.33
C GLY A 125 -4.01 7.90 0.19
N MSE A 126 -4.82 8.16 1.22
CA MSE A 126 -6.24 7.82 1.14
C MSE A 126 -7.05 8.30 2.34
O MSE A 126 -6.49 8.67 3.38
CB MSE A 126 -6.39 6.30 1.11
CG MSE A 126 -6.11 5.63 2.46
SE MSE A 126 -5.46 3.80 2.35
CE MSE A 126 -3.69 4.14 1.60
N LEU A 127 -8.36 8.29 2.17
CA LEU A 127 -9.28 8.65 3.24
C LEU A 127 -9.90 7.33 3.72
N ASN A 128 -9.59 6.90 4.94
CA ASN A 128 -10.17 5.68 5.46
C ASN A 128 -11.43 6.07 6.22
N VAL A 129 -12.57 5.56 5.75
CA VAL A 129 -13.87 5.86 6.33
C VAL A 129 -14.41 4.65 7.11
N SER A 130 -14.97 4.91 8.28
CA SER A 130 -15.52 3.86 9.14
C SER A 130 -16.82 4.34 9.78
N PRO A 131 -17.96 3.69 9.46
CA PRO A 131 -19.24 4.10 10.04
C PRO A 131 -19.33 4.05 11.56
N ILE A 132 -18.67 3.08 12.17
CA ILE A 132 -18.70 2.95 13.63
C ILE A 132 -17.64 3.85 14.28
N GLY A 133 -16.49 3.97 13.62
CA GLY A 133 -15.40 4.76 14.16
C GLY A 133 -14.27 3.80 14.48
N ARG A 134 -13.08 4.09 13.96
CA ARG A 134 -11.93 3.22 14.17
C ARG A 134 -11.46 3.07 15.62
N SER A 135 -11.97 3.88 16.53
CA SER A 135 -11.53 3.77 17.93
C SER A 135 -12.43 2.83 18.74
N CYS A 136 -13.42 2.24 18.08
CA CYS A 136 -14.33 1.31 18.74
C CYS A 136 -13.54 0.13 19.28
N SER A 137 -14.07 -0.53 20.30
CA SER A 137 -13.41 -1.69 20.91
C SER A 137 -13.57 -2.92 20.02
N GLN A 138 -12.79 -3.95 20.32
CA GLN A 138 -12.84 -5.19 19.57
C GLN A 138 -14.27 -5.75 19.59
N GLU A 139 -14.93 -5.65 20.73
CA GLU A 139 -16.28 -6.16 20.85
C GLU A 139 -17.22 -5.35 19.99
N GLU A 140 -16.95 -4.05 19.91
CA GLU A 140 -17.76 -3.14 19.12
C GLU A 140 -17.60 -3.47 17.64
N ARG A 141 -16.36 -3.73 17.25
CA ARG A 141 -16.06 -4.07 15.87
C ARG A 141 -16.81 -5.35 15.45
N ILE A 142 -16.96 -6.29 16.38
CA ILE A 142 -17.66 -7.55 16.10
C ILE A 142 -19.13 -7.24 15.79
N GLU A 143 -19.79 -6.59 16.74
CA GLU A 143 -21.20 -6.23 16.60
C GLU A 143 -21.43 -5.44 15.31
N PHE A 144 -20.50 -4.55 14.97
CA PHE A 144 -20.67 -3.79 13.74
C PHE A 144 -20.57 -4.70 12.54
N TYR A 145 -19.53 -5.53 12.53
CA TYR A 145 -19.30 -6.43 11.42
C TYR A 145 -20.49 -7.35 11.19
N GLU A 146 -21.04 -7.91 12.26
CA GLU A 146 -22.18 -8.81 12.09
C GLU A 146 -23.31 -8.05 11.40
N LEU A 147 -23.49 -6.79 11.76
CA LEU A 147 -24.52 -5.99 11.14
C LEU A 147 -24.18 -5.74 9.68
N ASP A 148 -22.92 -5.37 9.43
CA ASP A 148 -22.46 -5.08 8.08
C ASP A 148 -22.80 -6.22 7.12
N LYS A 149 -22.73 -7.46 7.60
CA LYS A 149 -23.05 -8.60 6.75
C LYS A 149 -24.55 -8.68 6.50
N LYS A 150 -25.34 -8.68 7.58
CA LYS A 150 -26.79 -8.76 7.47
C LYS A 150 -27.40 -7.46 6.97
N GLU A 151 -26.55 -6.51 6.61
CA GLU A 151 -27.06 -5.22 6.14
C GLU A 151 -26.34 -4.58 4.95
N ASN A 152 -25.10 -4.98 4.69
CA ASN A 152 -24.34 -4.41 3.59
C ASN A 152 -24.11 -2.91 3.82
N ILE A 153 -23.58 -2.58 4.99
CA ILE A 153 -23.31 -1.20 5.40
C ILE A 153 -22.28 -0.50 4.50
N ARG A 154 -21.01 -0.89 4.67
CA ARG A 154 -19.90 -0.34 3.91
C ARG A 154 -20.10 -0.52 2.41
N GLN A 155 -20.80 -1.58 2.04
CA GLN A 155 -21.06 -1.90 0.65
C GLN A 155 -21.90 -0.83 -0.03
N LYS A 156 -23.06 -0.54 0.54
CA LYS A 156 -23.96 0.45 0.00
C LYS A 156 -23.43 1.86 0.23
N PHE A 157 -22.75 2.07 1.35
CA PHE A 157 -22.16 3.39 1.64
C PHE A 157 -21.41 3.76 0.37
N VAL A 158 -20.47 2.90 -0.03
CA VAL A 158 -19.65 3.09 -1.22
C VAL A 158 -20.49 3.27 -2.47
N ALA A 159 -21.62 2.59 -2.52
CA ALA A 159 -22.50 2.70 -3.68
C ALA A 159 -22.77 4.16 -4.00
N ASP A 160 -23.20 4.90 -2.99
CA ASP A 160 -23.50 6.30 -3.18
C ASP A 160 -22.24 7.07 -3.57
N LEU A 161 -21.17 6.88 -2.81
CA LEU A 161 -19.90 7.55 -3.08
C LEU A 161 -19.48 7.40 -4.52
N ARG A 162 -19.39 6.15 -4.97
CA ARG A 162 -18.99 5.82 -6.31
C ARG A 162 -19.88 6.57 -7.32
N LYS A 163 -21.16 6.64 -7.00
CA LYS A 163 -22.12 7.31 -7.86
C LYS A 163 -22.03 8.83 -7.69
N GLU A 164 -22.22 9.28 -6.45
CA GLU A 164 -22.18 10.70 -6.11
C GLU A 164 -20.93 11.40 -6.63
N PHE A 165 -19.82 10.67 -6.66
CA PHE A 165 -18.55 11.22 -7.10
C PHE A 165 -18.05 10.67 -8.43
N ALA A 166 -18.97 10.51 -9.37
CA ALA A 166 -18.61 10.01 -10.69
C ALA A 166 -17.75 11.07 -11.40
N GLY A 167 -16.92 10.63 -12.34
CA GLY A 167 -16.07 11.55 -13.06
C GLY A 167 -14.99 12.21 -12.20
N LYS A 168 -15.12 12.06 -10.88
CA LYS A 168 -14.17 12.64 -9.95
C LYS A 168 -12.86 11.88 -9.85
N GLY A 169 -12.67 10.88 -10.71
CA GLY A 169 -11.43 10.12 -10.70
C GLY A 169 -11.02 9.57 -9.35
N LEU A 170 -11.62 8.46 -8.95
CA LEU A 170 -11.31 7.88 -7.66
C LEU A 170 -11.64 6.39 -7.61
N THR A 171 -10.95 5.69 -6.74
CA THR A 171 -11.20 4.27 -6.54
C THR A 171 -11.84 4.20 -5.16
N PHE A 172 -12.64 3.17 -4.95
CA PHE A 172 -13.31 2.98 -3.67
C PHE A 172 -13.13 1.53 -3.31
N SER A 173 -12.36 1.28 -2.26
CA SER A 173 -12.11 -0.09 -1.85
C SER A 173 -12.59 -0.42 -0.44
N ILE A 174 -13.33 -1.52 -0.33
CA ILE A 174 -13.85 -1.97 0.96
C ILE A 174 -12.94 -3.08 1.48
N GLY A 175 -12.60 -3.01 2.75
CA GLY A 175 -11.75 -4.04 3.34
C GLY A 175 -11.98 -4.17 4.83
N GLY A 176 -11.46 -5.24 5.42
CA GLY A 176 -11.61 -5.44 6.84
C GLY A 176 -13.03 -5.53 7.34
N GLN A 177 -13.23 -5.23 8.62
CA GLN A 177 -14.56 -5.34 9.23
C GLN A 177 -15.29 -4.04 9.55
N ILE A 178 -14.58 -2.92 9.59
CA ILE A 178 -15.21 -1.65 9.94
C ILE A 178 -15.01 -0.42 9.05
N SER A 179 -14.12 -0.48 8.06
CA SER A 179 -13.88 0.67 7.22
C SER A 179 -13.66 0.36 5.75
N PHE A 180 -13.55 1.43 4.96
CA PHE A 180 -13.26 1.32 3.54
C PHE A 180 -12.40 2.51 3.11
N ASP A 181 -11.55 2.30 2.12
CA ASP A 181 -10.66 3.37 1.65
C ASP A 181 -11.14 4.08 0.40
N VAL A 182 -10.68 5.31 0.24
CA VAL A 182 -11.00 6.16 -0.92
C VAL A 182 -9.66 6.80 -1.27
N PHE A 183 -9.15 6.50 -2.46
CA PHE A 183 -7.87 7.03 -2.90
C PHE A 183 -7.82 7.26 -4.41
N PRO A 184 -6.86 8.07 -4.87
CA PRO A 184 -6.72 8.37 -6.30
C PRO A 184 -6.45 7.10 -7.10
N ASP A 185 -7.03 7.02 -8.30
CA ASP A 185 -6.86 5.86 -9.15
C ASP A 185 -5.38 5.57 -9.41
N GLY A 186 -5.01 4.32 -9.20
CA GLY A 186 -3.63 3.91 -9.42
C GLY A 186 -2.69 4.20 -8.27
N TRP A 187 -3.22 4.38 -7.05
CA TRP A 187 -2.35 4.67 -5.92
C TRP A 187 -2.08 3.47 -5.01
N ASP A 188 -1.78 2.33 -5.63
CA ASP A 188 -1.44 1.11 -4.91
C ASP A 188 0.06 0.99 -5.14
N LYS A 189 0.63 -0.20 -4.96
CA LYS A 189 2.08 -0.35 -5.16
C LYS A 189 2.55 0.01 -6.59
N ARG A 190 1.63 0.03 -7.55
CA ARG A 190 2.01 0.39 -8.92
C ARG A 190 2.55 1.81 -9.01
N TYR A 191 2.12 2.67 -8.08
CA TYR A 191 2.53 4.07 -8.05
C TYR A 191 4.05 4.26 -8.07
N CYS A 192 4.78 3.38 -7.39
CA CYS A 192 6.23 3.48 -7.33
C CYS A 192 6.91 3.23 -8.67
N LEU A 193 6.30 2.38 -9.50
CA LEU A 193 6.87 2.04 -10.81
C LEU A 193 7.25 3.28 -11.60
N ARG A 194 6.58 4.39 -11.32
CA ARG A 194 6.85 5.63 -12.02
C ARG A 194 8.21 6.20 -11.67
N HIS A 195 8.88 5.60 -10.69
CA HIS A 195 10.20 6.06 -10.28
C HIS A 195 11.27 5.11 -10.83
N VAL A 196 10.84 4.07 -11.53
CA VAL A 196 11.80 3.12 -12.07
C VAL A 196 11.79 2.88 -13.57
N GLU A 197 10.69 3.21 -14.23
CA GLU A 197 10.55 2.99 -15.67
C GLU A 197 11.33 3.94 -16.56
N ASN A 198 12.21 4.73 -15.99
CA ASN A 198 12.97 5.67 -16.79
C ASN A 198 14.47 5.64 -16.51
N ASP A 199 14.94 4.61 -15.84
CA ASP A 199 16.36 4.49 -15.53
C ASP A 199 17.07 3.44 -16.37
N GLY A 200 16.42 3.05 -17.46
CA GLY A 200 17.01 2.09 -18.38
C GLY A 200 16.85 0.60 -18.10
N TYR A 201 15.85 0.20 -17.33
CA TYR A 201 15.68 -1.21 -17.04
C TYR A 201 14.87 -1.90 -18.12
N LYS A 202 15.39 -3.01 -18.62
CA LYS A 202 14.69 -3.77 -19.67
C LYS A 202 13.75 -4.76 -19.01
N THR A 203 14.12 -5.21 -17.82
CA THR A 203 13.32 -6.15 -17.07
C THR A 203 13.17 -5.68 -15.63
N ILE A 204 11.93 -5.53 -15.17
CA ILE A 204 11.70 -5.12 -13.80
C ILE A 204 10.93 -6.21 -13.07
N TYR A 205 11.60 -6.83 -12.10
CA TYR A 205 11.01 -7.90 -11.32
C TYR A 205 10.32 -7.36 -10.09
N PHE A 206 9.30 -8.08 -9.64
CA PHE A 206 8.57 -7.73 -8.43
C PHE A 206 8.40 -9.00 -7.65
N PHE A 207 8.77 -8.95 -6.37
CA PHE A 207 8.65 -10.09 -5.49
C PHE A 207 7.74 -9.68 -4.34
N GLY A 208 6.57 -10.29 -4.29
CA GLY A 208 5.62 -9.97 -3.24
C GLY A 208 4.37 -10.83 -3.33
N ASP A 209 3.22 -10.22 -3.09
CA ASP A 209 1.94 -10.93 -3.17
C ASP A 209 1.33 -10.74 -4.55
N LYS A 210 0.04 -11.02 -4.65
CA LYS A 210 -0.68 -10.89 -5.91
C LYS A 210 -2.18 -11.05 -5.70
N THR A 211 -2.64 -10.68 -4.51
CA THR A 211 -4.07 -10.79 -4.17
C THR A 211 -4.38 -9.96 -2.92
N MSE A 212 -5.52 -9.27 -2.93
CA MSE A 212 -5.93 -8.44 -1.79
C MSE A 212 -6.51 -9.29 -0.66
O MSE A 212 -7.01 -8.76 0.34
CB MSE A 212 -6.95 -7.40 -2.24
CG MSE A 212 -7.25 -6.32 -1.19
SE MSE A 212 -8.68 -5.13 -1.72
CE MSE A 212 -10.07 -5.78 -0.56
N ASN A 216 -8.11 -10.32 -3.56
CA ASN A 216 -8.46 -10.46 -4.97
C ASN A 216 -7.24 -10.48 -5.88
N ASP A 217 -6.58 -9.33 -6.03
CA ASP A 217 -5.40 -9.25 -6.90
C ASP A 217 -4.57 -7.99 -6.65
N HIS A 218 -3.25 -8.12 -6.71
CA HIS A 218 -2.36 -6.98 -6.51
C HIS A 218 -1.79 -6.56 -7.87
N GLU A 219 -2.19 -5.36 -8.29
CA GLU A 219 -1.80 -4.78 -9.57
C GLU A 219 -0.34 -4.85 -9.97
N ILE A 220 0.55 -4.39 -9.11
CA ILE A 220 1.97 -4.38 -9.45
C ILE A 220 2.45 -5.74 -9.95
N PHE A 221 1.79 -6.79 -9.48
CA PHE A 221 2.16 -8.14 -9.88
C PHE A 221 1.71 -8.44 -11.32
N THR A 222 0.78 -7.63 -11.83
CA THR A 222 0.25 -7.85 -13.19
C THR A 222 0.75 -6.86 -14.22
N ASP A 223 0.92 -5.61 -13.83
CA ASP A 223 1.38 -4.54 -14.71
C ASP A 223 2.44 -5.12 -15.65
N PRO A 224 2.14 -5.20 -16.96
CA PRO A 224 3.07 -5.75 -17.96
C PRO A 224 4.51 -5.27 -17.82
N ARG A 225 4.71 -4.19 -17.05
CA ARG A 225 6.05 -3.63 -16.85
C ARG A 225 6.91 -4.49 -15.92
N THR A 226 6.28 -5.41 -15.20
CA THR A 226 6.99 -6.25 -14.25
C THR A 226 6.96 -7.75 -14.55
N MSE A 227 7.95 -8.49 -14.04
CA MSE A 227 7.97 -9.95 -14.17
C MSE A 227 7.67 -10.38 -12.74
O MSE A 227 8.56 -10.38 -11.89
CB MSE A 227 9.35 -10.49 -14.59
CG MSE A 227 9.42 -11.09 -16.00
SE MSE A 227 8.30 -12.66 -16.31
CE MSE A 227 6.57 -11.81 -16.30
N GLY A 228 6.40 -10.69 -12.48
CA GLY A 228 5.99 -11.07 -11.15
C GLY A 228 6.37 -12.45 -10.66
N TYR A 229 6.68 -12.50 -9.37
CA TYR A 229 7.06 -13.75 -8.72
C TYR A 229 6.54 -13.68 -7.28
N SER A 230 5.43 -14.37 -7.03
CA SER A 230 4.86 -14.37 -5.69
C SER A 230 5.71 -15.21 -4.77
N VAL A 231 6.07 -14.66 -3.61
CA VAL A 231 6.90 -15.37 -2.67
C VAL A 231 6.11 -15.83 -1.44
N THR A 232 6.57 -16.92 -0.82
CA THR A 232 5.92 -17.46 0.35
C THR A 232 6.69 -17.23 1.65
N ALA A 233 7.99 -16.95 1.52
CA ALA A 233 8.87 -16.72 2.67
C ALA A 233 10.28 -16.30 2.21
N PRO A 234 11.02 -15.58 3.07
CA PRO A 234 12.37 -15.15 2.71
C PRO A 234 13.22 -16.30 2.19
N GLU A 235 13.01 -17.48 2.76
CA GLU A 235 13.73 -18.67 2.35
C GLU A 235 13.36 -18.94 0.89
N ASP A 236 12.07 -18.81 0.60
CA ASP A 236 11.57 -19.03 -0.76
C ASP A 236 12.05 -17.94 -1.70
N THR A 237 11.96 -16.69 -1.23
CA THR A 237 12.39 -15.54 -2.00
C THR A 237 13.84 -15.72 -2.44
N ARG A 238 14.66 -16.31 -1.57
CA ARG A 238 16.05 -16.53 -1.88
C ARG A 238 16.16 -17.69 -2.85
N ARG A 239 15.23 -18.62 -2.75
CA ARG A 239 15.22 -19.77 -3.64
C ARG A 239 15.07 -19.29 -5.08
N ILE A 240 14.03 -18.51 -5.33
CA ILE A 240 13.78 -18.00 -6.67
C ILE A 240 14.92 -17.08 -7.13
N CYS A 241 15.41 -16.23 -6.23
CA CYS A 241 16.50 -15.34 -6.59
C CYS A 241 17.74 -16.14 -6.98
N GLU A 242 17.97 -17.22 -6.25
CA GLU A 242 19.10 -18.08 -6.51
C GLU A 242 18.91 -18.80 -7.85
N LEU A 243 17.65 -19.06 -8.19
CA LEU A 243 17.30 -19.73 -9.43
C LEU A 243 17.29 -18.78 -10.63
N LEU A 244 16.97 -17.52 -10.37
CA LEU A 244 16.91 -16.51 -11.43
C LEU A 244 18.30 -16.05 -11.82
N PHE A 245 19.15 -15.84 -10.82
CA PHE A 245 20.50 -15.36 -11.07
C PHE A 245 21.55 -16.44 -10.83
N SER A 246 22.67 -16.34 -11.54
CA SER A 246 23.73 -17.32 -11.40
C SER A 246 23.11 -18.71 -11.44
C1 EDO B . -28.06 7.00 3.00
O1 EDO B . -28.51 8.34 2.77
C2 EDO B . -27.75 6.80 4.47
O2 EDO B . -28.66 5.84 5.03
N GLY C . 10.81 -3.42 -19.45
CA GLY C . 10.69 -2.68 -18.20
C GLY C . 9.71 -1.52 -18.28
O GLY C . 8.51 -1.69 -18.09
N GLY D . 3.51 -7.64 -14.51
CA GLY D . 3.82 -8.95 -13.99
C GLY D . 3.62 -10.04 -15.03
O GLY D . 2.84 -9.86 -15.96
N GLY E . -26.78 11.26 1.53
CA GLY E . -25.64 11.53 2.39
C GLY E . -24.96 12.86 2.07
O GLY E . -25.44 13.92 2.44
N PRO A 4 18.34 -9.83 -19.04
CA PRO A 4 18.71 -8.98 -20.20
C PRO A 4 19.20 -7.59 -19.78
N GLY A 5 20.42 -7.24 -20.21
CA GLY A 5 20.99 -5.95 -19.89
C GLY A 5 20.70 -5.44 -18.48
N PRO A 6 20.32 -4.17 -18.32
CA PRO A 6 20.01 -3.58 -17.00
C PRO A 6 18.74 -4.18 -16.39
N ALA A 7 18.52 -3.92 -15.10
CA ALA A 7 17.33 -4.44 -14.42
C ALA A 7 17.12 -3.83 -13.03
N LEU A 8 15.88 -3.85 -12.56
CA LEU A 8 15.52 -3.29 -11.25
C LEU A 8 14.57 -4.19 -10.47
N CYS A 9 15.00 -4.62 -9.29
CA CYS A 9 14.20 -5.47 -8.42
C CYS A 9 13.43 -4.66 -7.38
N LEU A 10 12.15 -4.97 -7.25
CA LEU A 10 11.31 -4.31 -6.27
C LEU A 10 10.70 -5.40 -5.43
N PHE A 11 11.06 -5.39 -4.15
CA PHE A 11 10.56 -6.41 -3.23
C PHE A 11 9.49 -5.82 -2.32
N ASP A 12 8.56 -6.67 -1.90
CA ASP A 12 7.54 -6.25 -0.96
C ASP A 12 8.25 -6.44 0.39
N VAL A 13 7.82 -5.73 1.44
CA VAL A 13 8.51 -5.85 2.73
C VAL A 13 8.17 -7.04 3.64
N ASP A 14 7.20 -6.86 4.53
CA ASP A 14 6.81 -7.90 5.47
C ASP A 14 6.46 -9.23 4.79
N GLY A 15 6.97 -10.33 5.33
CA GLY A 15 6.71 -11.64 4.76
C GLY A 15 7.60 -11.96 3.58
N THR A 16 7.91 -10.95 2.78
CA THR A 16 8.75 -11.12 1.59
C THR A 16 10.23 -11.03 1.91
N LEU A 17 10.60 -9.97 2.63
CA LEU A 17 11.99 -9.76 3.03
C LEU A 17 12.21 -10.08 4.50
N THR A 18 11.11 -10.27 5.23
CA THR A 18 11.18 -10.60 6.65
C THR A 18 10.08 -11.56 7.04
N ALA A 19 10.28 -12.23 8.17
CA ALA A 19 9.27 -13.13 8.70
C ALA A 19 8.25 -12.17 9.32
N PRO A 20 6.98 -12.57 9.39
CA PRO A 20 5.95 -11.69 9.97
C PRO A 20 6.40 -11.02 11.26
N ARG A 21 6.10 -9.73 11.34
CA ARG A 21 6.44 -8.89 12.50
C ARG A 21 7.87 -9.03 13.01
N GLN A 22 8.77 -9.51 12.17
CA GLN A 22 10.17 -9.65 12.57
C GLN A 22 11.05 -8.77 11.69
N LYS A 23 12.08 -8.20 12.29
CA LYS A 23 12.99 -7.32 11.56
C LYS A 23 13.74 -8.15 10.51
N ILE A 24 14.19 -7.48 9.44
CA ILE A 24 14.93 -8.16 8.38
C ILE A 24 16.12 -8.88 9.02
N THR A 25 16.44 -10.05 8.48
CA THR A 25 17.54 -10.86 9.00
C THR A 25 18.91 -10.53 8.38
N LYS A 26 19.98 -10.67 9.18
CA LYS A 26 21.33 -10.40 8.69
C LYS A 26 21.57 -11.26 7.47
N GLU A 27 21.16 -12.52 7.58
CA GLU A 27 21.29 -13.49 6.49
C GLU A 27 20.57 -12.95 5.25
N MSE A 28 19.41 -12.33 5.47
CA MSE A 28 18.62 -11.75 4.40
C MSE A 28 19.20 -10.42 3.93
O MSE A 28 19.25 -10.14 2.72
CB MSE A 28 17.18 -11.51 4.86
CG MSE A 28 16.42 -10.48 4.04
SE MSE A 28 16.16 -10.93 2.16
CE MSE A 28 14.46 -11.79 2.36
N ASP A 29 19.64 -9.60 4.87
CA ASP A 29 20.19 -8.29 4.53
C ASP A 29 21.46 -8.36 3.68
N ASP A 30 22.39 -9.24 4.07
CA ASP A 30 23.63 -9.39 3.33
C ASP A 30 23.28 -9.91 1.94
N PHE A 31 22.19 -10.66 1.86
CA PHE A 31 21.74 -11.20 0.59
C PHE A 31 21.50 -10.06 -0.40
N LEU A 32 20.56 -9.18 -0.06
CA LEU A 32 20.20 -8.06 -0.90
C LEU A 32 21.37 -7.14 -1.27
N GLN A 33 22.24 -6.84 -0.32
CA GLN A 33 23.38 -5.98 -0.62
C GLN A 33 24.25 -6.62 -1.70
N LYS A 34 24.44 -7.93 -1.59
CA LYS A 34 25.22 -8.66 -2.58
C LYS A 34 24.51 -8.62 -3.93
N LEU A 35 23.21 -8.95 -3.92
CA LEU A 35 22.41 -8.94 -5.14
C LEU A 35 22.44 -7.53 -5.72
N ARG A 36 22.51 -6.55 -4.84
CA ARG A 36 22.53 -5.16 -5.27
C ARG A 36 23.77 -4.84 -6.12
N GLN A 37 24.50 -5.86 -6.54
CA GLN A 37 25.68 -5.66 -7.37
C GLN A 37 25.29 -5.40 -8.82
N LYS A 38 24.87 -6.47 -9.49
CA LYS A 38 24.49 -6.42 -10.90
C LYS A 38 23.20 -5.64 -11.15
N ILE A 39 22.19 -5.90 -10.34
CA ILE A 39 20.90 -5.24 -10.50
C ILE A 39 20.52 -4.32 -9.34
N LYS A 40 19.84 -3.23 -9.67
CA LYS A 40 19.37 -2.26 -8.69
C LYS A 40 18.18 -2.83 -7.92
N ILE A 41 18.00 -2.38 -6.67
CA ILE A 41 16.89 -2.85 -5.85
C ILE A 41 16.09 -1.72 -5.20
N GLY A 42 14.82 -1.99 -4.91
CA GLY A 42 13.98 -0.99 -4.28
C GLY A 42 12.88 -1.61 -3.43
N VAL A 43 12.23 -0.81 -2.60
CA VAL A 43 11.14 -1.30 -1.76
C VAL A 43 9.94 -0.38 -1.79
N VAL A 44 8.75 -0.96 -1.67
CA VAL A 44 7.51 -0.21 -1.68
C VAL A 44 6.59 -0.73 -0.58
N GLY A 45 5.82 0.18 0.00
CA GLY A 45 4.91 -0.22 1.06
C GLY A 45 3.80 0.78 1.35
N GLY A 46 2.73 0.26 1.95
CA GLY A 46 1.61 1.11 2.29
C GLY A 46 1.82 1.88 3.58
N SER A 47 2.85 1.53 4.34
CA SER A 47 3.11 2.23 5.60
C SER A 47 4.06 3.39 5.40
N ASP A 48 4.28 4.16 6.45
CA ASP A 48 5.21 5.28 6.36
C ASP A 48 6.63 4.76 6.58
N PHE A 49 7.59 5.65 6.39
CA PHE A 49 9.02 5.35 6.52
C PHE A 49 9.46 4.75 7.87
N GLU A 50 8.84 5.20 8.96
CA GLU A 50 9.20 4.70 10.29
C GLU A 50 9.18 3.18 10.37
N LYS A 51 8.12 2.57 9.84
CA LYS A 51 7.98 1.13 9.88
C LYS A 51 9.07 0.46 9.05
N VAL A 52 9.25 0.92 7.82
CA VAL A 52 10.26 0.33 6.95
C VAL A 52 11.60 0.24 7.67
N GLN A 53 12.02 1.33 8.30
CA GLN A 53 13.27 1.32 9.04
C GLN A 53 13.26 0.23 10.11
N GLU A 54 12.15 0.12 10.82
CA GLU A 54 12.01 -0.90 11.87
C GLU A 54 12.22 -2.30 11.30
N GLN A 55 11.64 -2.55 10.14
CA GLN A 55 11.74 -3.87 9.52
C GLN A 55 13.06 -4.12 8.81
N LEU A 56 13.56 -3.15 8.06
CA LEU A 56 14.79 -3.34 7.31
C LEU A 56 16.02 -2.63 7.87
N GLY A 57 15.88 -1.95 9.00
CA GLY A 57 17.02 -1.24 9.58
C GLY A 57 16.95 0.25 9.30
N ASN A 58 17.58 1.05 10.16
CA ASN A 58 17.58 2.50 10.01
C ASN A 58 18.37 3.01 8.82
N ASP A 59 19.29 2.19 8.33
CA ASP A 59 20.10 2.58 7.18
C ASP A 59 19.50 2.07 5.87
N VAL A 60 18.18 1.88 5.87
CA VAL A 60 17.48 1.37 4.69
C VAL A 60 17.81 2.10 3.38
N VAL A 61 17.79 3.43 3.37
CA VAL A 61 18.08 4.17 2.14
C VAL A 61 19.49 3.97 1.59
N GLU A 62 20.36 3.37 2.39
CA GLU A 62 21.73 3.11 1.95
C GLU A 62 21.83 1.65 1.49
N LYS A 63 20.88 0.84 1.92
CA LYS A 63 20.85 -0.58 1.58
C LYS A 63 20.10 -0.86 0.27
N TYR A 64 19.22 0.06 -0.12
CA TYR A 64 18.45 -0.12 -1.34
C TYR A 64 18.58 1.10 -2.25
N ASP A 65 18.55 0.86 -3.55
CA ASP A 65 18.66 1.94 -4.52
C ASP A 65 17.35 2.73 -4.57
N TYR A 66 16.26 2.09 -4.18
CA TYR A 66 14.97 2.75 -4.17
C TYR A 66 14.20 2.36 -2.91
N VAL A 67 13.43 3.29 -2.38
CA VAL A 67 12.63 3.07 -1.18
C VAL A 67 11.36 3.89 -1.39
N PHE A 68 10.21 3.23 -1.37
CA PHE A 68 8.95 3.91 -1.63
C PHE A 68 7.88 3.69 -0.58
N PRO A 69 7.94 4.47 0.50
CA PRO A 69 6.94 4.35 1.58
C PRO A 69 5.59 4.80 1.05
N GLU A 70 4.52 4.42 1.74
CA GLU A 70 3.17 4.77 1.33
C GLU A 70 2.95 4.61 -0.17
N ASN A 71 3.17 3.39 -0.64
CA ASN A 71 3.00 3.02 -2.04
C ASN A 71 3.89 3.78 -3.00
N GLY A 72 4.62 4.76 -2.49
CA GLY A 72 5.52 5.53 -3.34
C GLY A 72 5.28 7.02 -3.35
N LEU A 73 4.20 7.47 -2.71
CA LEU A 73 3.90 8.91 -2.66
C LEU A 73 5.12 9.59 -2.06
N VAL A 74 5.89 8.80 -1.32
CA VAL A 74 7.13 9.24 -0.71
C VAL A 74 8.15 8.32 -1.37
N ALA A 75 9.29 8.87 -1.77
CA ALA A 75 10.29 8.06 -2.44
C ALA A 75 11.71 8.48 -2.08
N TYR A 76 12.63 7.55 -2.33
CA TYR A 76 14.05 7.76 -2.11
C TYR A 76 14.71 7.06 -3.28
N LYS A 77 15.72 7.73 -3.85
CA LYS A 77 16.47 7.19 -4.98
C LYS A 77 17.94 7.37 -4.65
N ASP A 78 18.68 6.28 -4.71
CA ASP A 78 20.11 6.33 -4.40
C ASP A 78 20.28 7.07 -3.06
N GLY A 79 19.78 6.45 -1.99
CA GLY A 79 19.88 7.06 -0.67
C GLY A 79 19.48 8.52 -0.56
N LYS A 80 18.83 9.04 -1.59
CA LYS A 80 18.40 10.43 -1.60
C LYS A 80 16.90 10.60 -1.71
N LEU A 81 16.32 11.42 -0.83
CA LEU A 81 14.88 11.67 -0.85
C LEU A 81 14.50 12.18 -2.22
N LEU A 82 13.49 11.57 -2.83
CA LEU A 82 13.05 11.95 -4.17
C LEU A 82 11.69 12.67 -4.19
N CYS A 83 10.64 12.00 -3.71
CA CYS A 83 9.32 12.62 -3.73
C CYS A 83 8.51 12.46 -2.45
N ARG A 84 7.51 13.33 -2.33
CA ARG A 84 6.60 13.35 -1.19
C ARG A 84 5.31 13.99 -1.66
N GLN A 85 4.34 13.17 -2.03
CA GLN A 85 3.06 13.67 -2.51
C GLN A 85 1.92 13.16 -1.63
N ASN A 86 0.88 13.97 -1.48
CA ASN A 86 -0.26 13.56 -0.70
C ASN A 86 -1.54 13.71 -1.53
N ILE A 87 -2.67 13.34 -0.93
CA ILE A 87 -3.94 13.36 -1.62
C ILE A 87 -4.61 14.72 -1.84
N GLN A 88 -4.48 15.64 -0.88
CA GLN A 88 -5.09 16.95 -1.05
C GLN A 88 -4.45 17.74 -2.18
N SER A 89 -3.16 17.50 -2.44
CA SER A 89 -2.49 18.21 -3.51
C SER A 89 -2.88 17.64 -4.87
N HIS A 90 -2.94 16.31 -4.95
CA HIS A 90 -3.31 15.67 -6.20
C HIS A 90 -4.76 15.98 -6.58
N LEU A 91 -5.67 15.82 -5.61
CA LEU A 91 -7.09 16.05 -5.85
C LEU A 91 -7.54 17.49 -5.62
N GLY A 92 -6.72 18.27 -4.92
CA GLY A 92 -7.09 19.64 -4.64
C GLY A 92 -7.92 19.69 -3.37
N GLU A 93 -7.79 20.78 -2.62
CA GLU A 93 -8.51 20.97 -1.36
C GLU A 93 -10.03 20.95 -1.48
N ALA A 94 -10.56 21.47 -2.57
CA ALA A 94 -12.02 21.50 -2.76
C ALA A 94 -12.59 20.09 -2.85
N LEU A 95 -11.99 19.25 -3.69
CA LEU A 95 -12.46 17.88 -3.85
C LEU A 95 -12.32 17.14 -2.51
N ILE A 96 -11.17 17.29 -1.88
CA ILE A 96 -10.91 16.68 -0.59
C ILE A 96 -12.08 16.95 0.35
N GLN A 97 -12.41 18.23 0.51
CA GLN A 97 -13.51 18.63 1.38
C GLN A 97 -14.86 18.12 0.91
N ASP A 98 -15.07 18.10 -0.40
CA ASP A 98 -16.34 17.61 -0.93
C ASP A 98 -16.53 16.15 -0.53
N LEU A 99 -15.46 15.36 -0.68
CA LEU A 99 -15.49 13.95 -0.33
C LEU A 99 -15.65 13.80 1.18
N ILE A 100 -14.90 14.62 1.93
CA ILE A 100 -14.97 14.57 3.38
C ILE A 100 -16.36 14.95 3.86
N ASN A 101 -16.85 16.10 3.41
CA ASN A 101 -18.18 16.58 3.79
C ASN A 101 -19.25 15.53 3.52
N TYR A 102 -19.20 14.93 2.33
CA TYR A 102 -20.19 13.91 1.97
C TYR A 102 -20.14 12.74 2.95
N CYS A 103 -18.97 12.15 3.13
CA CYS A 103 -18.86 11.02 4.05
C CYS A 103 -19.35 11.38 5.44
N LEU A 104 -19.06 12.60 5.89
CA LEU A 104 -19.49 13.06 7.21
C LEU A 104 -21.02 13.08 7.34
N SER A 105 -21.68 13.77 6.42
CA SER A 105 -23.14 13.87 6.42
C SER A 105 -23.81 12.54 6.16
N TYR A 106 -23.13 11.63 5.46
CA TYR A 106 -23.68 10.32 5.15
C TYR A 106 -23.66 9.46 6.40
N ILE A 107 -22.52 9.47 7.10
CA ILE A 107 -22.35 8.68 8.31
C ILE A 107 -23.31 9.09 9.42
N ALA A 108 -23.58 10.40 9.50
CA ALA A 108 -24.47 10.93 10.53
C ALA A 108 -25.89 10.40 10.33
N LYS A 109 -26.27 10.18 9.07
CA LYS A 109 -27.61 9.69 8.76
C LYS A 109 -27.73 8.17 8.82
N ILE A 110 -26.62 7.46 8.67
CA ILE A 110 -26.65 5.99 8.72
C ILE A 110 -27.11 5.52 10.09
N LYS A 111 -28.22 4.79 10.11
CA LYS A 111 -28.70 4.28 11.38
C LYS A 111 -27.83 3.11 11.80
N LEU A 112 -27.39 3.10 13.05
CA LEU A 112 -26.53 2.04 13.54
C LEU A 112 -26.70 1.86 15.05
N PRO A 113 -26.32 0.68 15.57
CA PRO A 113 -26.43 0.40 17.00
C PRO A 113 -25.46 1.19 17.88
N LYS A 114 -24.31 1.53 17.31
CA LYS A 114 -23.31 2.32 18.03
C LYS A 114 -22.40 3.11 17.09
N LYS A 115 -21.90 4.25 17.57
CA LYS A 115 -20.99 5.10 16.81
C LYS A 115 -19.96 5.62 17.80
N ARG A 116 -18.69 5.63 17.40
CA ARG A 116 -17.61 6.05 18.29
C ARG A 116 -16.80 7.26 17.80
N GLY A 117 -15.56 7.04 17.39
CA GLY A 117 -14.74 8.14 16.93
C GLY A 117 -13.79 7.76 15.81
N THR A 118 -13.23 8.79 15.16
CA THR A 118 -12.32 8.57 14.04
C THR A 118 -13.10 7.89 12.93
N PHE A 119 -14.16 8.58 12.49
CA PHE A 119 -15.04 8.12 11.41
C PHE A 119 -14.36 8.34 10.08
N ILE A 120 -13.37 9.23 10.09
CA ILE A 120 -12.61 9.54 8.90
C ILE A 120 -11.15 9.72 9.32
N GLU A 121 -10.29 8.87 8.78
CA GLU A 121 -8.87 8.94 9.07
C GLU A 121 -8.19 9.41 7.78
N PHE A 122 -7.53 10.55 7.88
CA PHE A 122 -6.84 11.13 6.72
C PHE A 122 -5.43 10.56 6.62
N ARG A 123 -5.10 10.05 5.44
CA ARG A 123 -3.79 9.48 5.18
C ARG A 123 -3.24 10.15 3.93
N ASN A 124 -1.93 10.25 3.80
CA ASN A 124 -1.34 10.88 2.64
C ASN A 124 -1.90 10.33 1.33
N GLY A 125 -2.33 9.07 1.35
CA GLY A 125 -2.87 8.46 0.14
C GLY A 125 -4.33 8.06 0.14
N MSE A 126 -5.10 8.40 1.17
CA MSE A 126 -6.51 8.01 1.19
C MSE A 126 -7.32 8.58 2.35
O MSE A 126 -6.80 9.21 3.27
CB MSE A 126 -6.61 6.48 1.26
CG MSE A 126 -6.36 5.92 2.66
SE MSE A 126 -5.70 4.10 2.67
CE MSE A 126 -3.79 4.44 2.52
N LEU A 127 -8.62 8.35 2.28
CA LEU A 127 -9.56 8.76 3.31
C LEU A 127 -10.22 7.49 3.83
N ASN A 128 -9.59 6.84 4.81
CA ASN A 128 -10.18 5.63 5.39
C ASN A 128 -11.44 6.07 6.13
N VAL A 129 -12.57 5.52 5.71
CA VAL A 129 -13.87 5.85 6.30
C VAL A 129 -14.45 4.65 7.07
N SER A 130 -14.93 4.91 8.28
CA SER A 130 -15.50 3.86 9.12
C SER A 130 -16.81 4.35 9.76
N PRO A 131 -17.93 3.68 9.45
CA PRO A 131 -19.22 4.10 10.01
C PRO A 131 -19.32 4.05 11.54
N ILE A 132 -18.68 3.07 12.15
CA ILE A 132 -18.70 2.94 13.60
C ILE A 132 -17.65 3.84 14.25
N GLY A 133 -16.50 3.95 13.61
CA GLY A 133 -15.40 4.74 14.15
C GLY A 133 -14.26 3.78 14.48
N ARG A 134 -13.07 4.08 13.96
CA ARG A 134 -11.91 3.22 14.19
C ARG A 134 -11.45 3.05 15.64
N SER A 135 -11.99 3.84 16.56
CA SER A 135 -11.56 3.71 17.96
C SER A 135 -12.50 2.84 18.77
N CYS A 136 -13.47 2.22 18.10
CA CYS A 136 -14.43 1.35 18.77
C CYS A 136 -13.71 0.08 19.24
N SER A 137 -14.41 -0.74 20.02
CA SER A 137 -13.85 -1.99 20.53
C SER A 137 -14.17 -3.13 19.57
N GLN A 138 -13.32 -4.16 19.55
CA GLN A 138 -13.55 -5.30 18.67
C GLN A 138 -14.98 -5.80 18.79
N GLU A 139 -15.47 -5.84 20.03
CA GLU A 139 -16.83 -6.31 20.27
C GLU A 139 -17.79 -5.49 19.42
N GLU A 140 -17.74 -4.18 19.60
CA GLU A 140 -18.61 -3.27 18.87
C GLU A 140 -18.40 -3.43 17.37
N ARG A 141 -17.16 -3.66 16.97
CA ARG A 141 -16.81 -3.85 15.58
C ARG A 141 -17.46 -5.11 15.02
N ILE A 142 -17.47 -6.19 15.81
CA ILE A 142 -18.09 -7.43 15.39
C ILE A 142 -19.53 -7.19 14.95
N GLU A 143 -20.29 -6.52 15.81
CA GLU A 143 -21.68 -6.22 15.52
C GLU A 143 -21.88 -5.50 14.18
N PHE A 144 -21.11 -4.44 13.93
CA PHE A 144 -21.24 -3.71 12.67
C PHE A 144 -21.00 -4.63 11.51
N TYR A 145 -20.08 -5.56 11.69
CA TYR A 145 -19.79 -6.49 10.63
C TYR A 145 -21.00 -7.39 10.35
N GLU A 146 -21.63 -7.92 11.40
CA GLU A 146 -22.81 -8.77 11.20
C GLU A 146 -23.91 -7.91 10.62
N LEU A 147 -24.04 -6.70 11.15
CA LEU A 147 -25.06 -5.78 10.69
C LEU A 147 -24.82 -5.44 9.23
N ASP A 148 -23.58 -5.08 8.93
CA ASP A 148 -23.17 -4.71 7.59
C ASP A 148 -23.37 -5.88 6.64
N LYS A 149 -23.04 -7.08 7.11
CA LYS A 149 -23.22 -8.28 6.29
C LYS A 149 -24.68 -8.47 5.94
N LYS A 150 -25.56 -8.26 6.92
CA LYS A 150 -26.99 -8.42 6.74
C LYS A 150 -27.67 -7.16 6.21
N GLU A 151 -26.95 -6.05 6.21
CA GLU A 151 -27.53 -4.80 5.75
C GLU A 151 -26.84 -4.13 4.56
N ASN A 152 -25.65 -4.59 4.21
CA ASN A 152 -24.89 -4.01 3.09
C ASN A 152 -24.68 -2.52 3.29
N ILE A 153 -24.31 -2.13 4.50
CA ILE A 153 -24.09 -0.73 4.85
C ILE A 153 -22.94 -0.13 4.04
N ARG A 154 -21.76 -0.72 4.20
CA ARG A 154 -20.57 -0.25 3.51
C ARG A 154 -20.65 -0.33 1.99
N GLN A 155 -20.84 -1.53 1.45
CA GLN A 155 -20.92 -1.69 0.00
C GLN A 155 -21.85 -0.66 -0.64
N LYS A 156 -22.95 -0.34 0.03
CA LYS A 156 -23.89 0.64 -0.48
C LYS A 156 -23.39 2.05 -0.17
N PHE A 157 -22.79 2.23 1.00
CA PHE A 157 -22.23 3.54 1.38
C PHE A 157 -21.40 3.91 0.14
N VAL A 158 -20.48 3.02 -0.20
CA VAL A 158 -19.57 3.18 -1.33
C VAL A 158 -20.29 3.34 -2.66
N ALA A 159 -21.33 2.55 -2.88
CA ALA A 159 -22.07 2.63 -4.13
C ALA A 159 -22.51 4.07 -4.41
N ASP A 160 -23.08 4.71 -3.39
CA ASP A 160 -23.55 6.07 -3.55
C ASP A 160 -22.38 7.01 -3.83
N LEU A 161 -21.25 6.74 -3.19
CA LEU A 161 -20.04 7.53 -3.35
C LEU A 161 -19.48 7.42 -4.76
N ARG A 162 -19.31 6.18 -5.19
CA ARG A 162 -18.80 5.90 -6.52
C ARG A 162 -19.61 6.68 -7.56
N LYS A 163 -20.90 6.85 -7.27
CA LYS A 163 -21.81 7.57 -8.16
C LYS A 163 -21.66 9.07 -7.94
N GLU A 164 -21.79 9.49 -6.69
CA GLU A 164 -21.70 10.90 -6.33
C GLU A 164 -20.43 11.55 -6.88
N PHE A 165 -19.36 10.77 -6.97
CA PHE A 165 -18.06 11.26 -7.43
C PHE A 165 -17.54 10.55 -8.67
N ALA A 166 -18.47 10.04 -9.48
CA ALA A 166 -18.09 9.35 -10.70
C ALA A 166 -17.29 10.33 -11.58
N GLY A 167 -16.11 9.91 -12.02
CA GLY A 167 -15.31 10.77 -12.87
C GLY A 167 -14.18 11.56 -12.22
N LYS A 168 -13.96 11.36 -10.92
CA LYS A 168 -12.89 12.08 -10.25
C LYS A 168 -11.61 11.27 -10.12
N GLY A 169 -11.61 10.09 -10.74
CA GLY A 169 -10.45 9.22 -10.71
C GLY A 169 -10.17 8.68 -9.32
N LEU A 170 -11.22 8.20 -8.67
CA LEU A 170 -11.12 7.65 -7.34
C LEU A 170 -11.41 6.15 -7.36
N THR A 171 -10.86 5.44 -6.38
CA THR A 171 -11.05 4.01 -6.26
C THR A 171 -11.32 3.68 -4.79
N PHE A 172 -12.13 2.66 -4.55
CA PHE A 172 -12.47 2.24 -3.20
C PHE A 172 -11.87 0.89 -2.86
N SER A 173 -11.68 0.63 -1.57
CA SER A 173 -11.10 -0.62 -1.11
C SER A 173 -11.66 -1.02 0.24
N ILE A 174 -12.06 -2.28 0.37
CA ILE A 174 -12.61 -2.82 1.60
C ILE A 174 -11.72 -3.96 2.06
N GLY A 175 -10.83 -3.67 2.99
CA GLY A 175 -9.93 -4.70 3.48
C GLY A 175 -10.08 -4.92 4.97
N GLY A 176 -11.31 -4.88 5.45
CA GLY A 176 -11.56 -5.07 6.87
C GLY A 176 -13.02 -5.30 7.24
N GLN A 177 -13.34 -5.07 8.50
CA GLN A 177 -14.71 -5.29 8.99
C GLN A 177 -15.45 -4.01 9.36
N ILE A 178 -14.75 -2.89 9.47
CA ILE A 178 -15.38 -1.63 9.87
C ILE A 178 -15.15 -0.39 9.00
N SER A 179 -14.29 -0.47 7.99
CA SER A 179 -14.02 0.70 7.16
C SER A 179 -13.67 0.38 5.73
N PHE A 180 -13.73 1.41 4.89
CA PHE A 180 -13.37 1.30 3.49
C PHE A 180 -12.42 2.44 3.16
N ASP A 181 -11.80 2.39 1.97
CA ASP A 181 -10.85 3.43 1.57
C ASP A 181 -11.27 4.14 0.29
N VAL A 182 -10.82 5.38 0.17
CA VAL A 182 -11.07 6.22 -1.00
C VAL A 182 -9.72 6.80 -1.38
N PHE A 183 -9.30 6.59 -2.62
CA PHE A 183 -8.01 7.07 -3.09
C PHE A 183 -7.97 7.27 -4.60
N PRO A 184 -6.95 7.99 -5.10
CA PRO A 184 -6.80 8.26 -6.54
C PRO A 184 -6.36 7.00 -7.30
N ASP A 185 -6.73 6.94 -8.58
CA ASP A 185 -6.40 5.81 -9.43
C ASP A 185 -4.90 5.57 -9.55
N GLY A 186 -4.53 4.30 -9.48
CA GLY A 186 -3.13 3.92 -9.60
C GLY A 186 -2.41 3.97 -8.27
N TRP A 187 -2.95 4.73 -7.32
CA TRP A 187 -2.35 4.87 -6.00
C TRP A 187 -2.48 3.59 -5.18
N ASP A 188 -1.63 2.62 -5.50
CA ASP A 188 -1.59 1.34 -4.82
C ASP A 188 -0.17 0.83 -5.04
N LYS A 189 0.08 -0.44 -4.74
CA LYS A 189 1.43 -0.99 -4.92
C LYS A 189 2.13 -0.52 -6.21
N ARG A 190 1.40 -0.43 -7.32
CA ARG A 190 1.96 -0.01 -8.63
C ARG A 190 2.54 1.41 -8.74
N TYR A 191 2.21 2.27 -7.79
CA TYR A 191 2.67 3.67 -7.81
C TYR A 191 4.19 3.87 -7.93
N CYS A 192 4.96 3.06 -7.23
CA CYS A 192 6.43 3.16 -7.24
C CYS A 192 7.12 2.96 -8.59
N LEU A 193 6.35 2.87 -9.67
CA LEU A 193 6.93 2.63 -10.98
C LEU A 193 7.26 3.90 -11.75
N ARG A 194 6.36 4.87 -11.71
CA ARG A 194 6.54 6.12 -12.42
C ARG A 194 7.93 6.72 -12.23
N HIS A 195 8.50 6.55 -11.05
CA HIS A 195 9.83 7.10 -10.79
C HIS A 195 10.98 6.13 -10.94
N VAL A 196 10.74 5.00 -11.59
CA VAL A 196 11.80 4.02 -11.78
C VAL A 196 11.84 3.47 -13.21
N GLU A 197 10.74 3.62 -13.93
CA GLU A 197 10.62 3.11 -15.29
C GLU A 197 11.35 3.92 -16.36
N ASN A 198 12.04 4.98 -15.95
CA ASN A 198 12.77 5.80 -16.90
C ASN A 198 14.27 5.71 -16.68
N ASP A 199 14.71 4.63 -16.03
CA ASP A 199 16.13 4.44 -15.76
C ASP A 199 16.76 3.39 -16.68
N GLY A 200 16.01 2.98 -17.70
CA GLY A 200 16.51 2.01 -18.66
C GLY A 200 16.51 0.54 -18.31
N TYR A 201 15.59 0.09 -17.45
CA TYR A 201 15.58 -1.32 -17.09
C TYR A 201 14.87 -2.14 -18.15
N LYS A 202 15.56 -3.17 -18.65
CA LYS A 202 14.97 -4.04 -19.67
C LYS A 202 13.98 -4.96 -18.97
N THR A 203 14.26 -5.27 -17.71
CA THR A 203 13.38 -6.13 -16.93
C THR A 203 13.20 -5.58 -15.52
N ILE A 204 11.96 -5.55 -15.05
CA ILE A 204 11.67 -5.08 -13.71
C ILE A 204 10.92 -6.16 -12.97
N TYR A 205 11.63 -6.83 -12.07
CA TYR A 205 11.06 -7.90 -11.29
C TYR A 205 10.34 -7.36 -10.06
N PHE A 206 9.32 -8.09 -9.62
CA PHE A 206 8.57 -7.73 -8.42
C PHE A 206 8.39 -9.00 -7.63
N PHE A 207 8.71 -8.94 -6.35
CA PHE A 207 8.58 -10.08 -5.47
C PHE A 207 7.68 -9.65 -4.32
N GLY A 208 6.56 -10.35 -4.15
CA GLY A 208 5.63 -10.01 -3.09
C GLY A 208 4.38 -10.86 -3.09
N ASP A 209 3.29 -10.28 -2.62
CA ASP A 209 2.00 -10.98 -2.58
C ASP A 209 1.20 -10.59 -3.82
N LYS A 210 0.82 -11.58 -4.60
CA LYS A 210 0.04 -11.34 -5.81
C LYS A 210 -1.45 -11.31 -5.49
N THR A 211 -1.78 -11.70 -4.26
CA THR A 211 -3.17 -11.73 -3.80
C THR A 211 -3.32 -11.06 -2.44
N MSE A 212 -4.14 -10.01 -2.38
CA MSE A 212 -4.38 -9.29 -1.14
C MSE A 212 -4.94 -10.20 -0.05
O MSE A 212 -5.76 -9.77 0.78
CB MSE A 212 -5.36 -8.14 -1.39
CG MSE A 212 -4.84 -7.05 -2.32
SE MSE A 212 -6.20 -5.75 -2.74
CE MSE A 212 -6.38 -4.92 -1.01
N ASN A 216 -6.92 -10.65 -2.03
CA ASN A 216 -7.63 -10.49 -3.30
C ASN A 216 -6.68 -10.55 -4.48
N ASP A 217 -5.84 -9.53 -4.63
CA ASP A 217 -4.90 -9.47 -5.75
C ASP A 217 -4.16 -8.13 -5.81
N HIS A 218 -2.82 -8.17 -5.90
CA HIS A 218 -2.03 -6.94 -5.98
C HIS A 218 -1.75 -6.63 -7.45
N GLU A 219 -2.07 -5.42 -7.84
CA GLU A 219 -1.90 -4.98 -9.23
C GLU A 219 -0.48 -4.83 -9.76
N ILE A 220 0.47 -4.50 -8.89
CA ILE A 220 1.83 -4.33 -9.36
C ILE A 220 2.36 -5.66 -9.89
N PHE A 221 1.75 -6.73 -9.41
CA PHE A 221 2.15 -8.07 -9.82
C PHE A 221 1.70 -8.36 -11.25
N THR A 222 0.76 -7.57 -11.76
CA THR A 222 0.23 -7.79 -13.12
C THR A 222 0.67 -6.78 -14.16
N ASP A 223 0.92 -5.54 -13.73
CA ASP A 223 1.35 -4.49 -14.63
C ASP A 223 2.35 -5.07 -15.63
N PRO A 224 2.05 -4.98 -16.93
CA PRO A 224 2.95 -5.53 -17.97
C PRO A 224 4.40 -5.09 -17.83
N ARG A 225 4.62 -4.03 -17.06
CA ARG A 225 5.97 -3.50 -16.84
C ARG A 225 6.78 -4.39 -15.90
N THR A 226 6.09 -5.17 -15.08
CA THR A 226 6.77 -6.03 -14.12
C THR A 226 6.75 -7.51 -14.51
N MSE A 227 7.73 -8.25 -14.00
CA MSE A 227 7.83 -9.68 -14.19
C MSE A 227 7.61 -10.19 -12.77
O MSE A 227 8.54 -10.20 -11.95
CB MSE A 227 9.22 -10.06 -14.71
CG MSE A 227 9.63 -9.33 -16.00
SE MSE A 227 8.94 -10.16 -17.63
CE MSE A 227 10.40 -11.35 -17.97
N GLY A 228 6.37 -10.56 -12.48
CA GLY A 228 6.01 -11.01 -11.14
C GLY A 228 6.42 -12.38 -10.67
N TYR A 229 6.73 -12.43 -9.37
CA TYR A 229 7.12 -13.65 -8.70
C TYR A 229 6.64 -13.56 -7.26
N SER A 230 5.48 -14.16 -6.98
CA SER A 230 4.93 -14.11 -5.63
C SER A 230 5.62 -15.16 -4.75
N VAL A 231 6.11 -14.72 -3.61
CA VAL A 231 6.79 -15.62 -2.69
C VAL A 231 5.98 -15.86 -1.42
N THR A 232 6.30 -16.93 -0.70
CA THR A 232 5.56 -17.27 0.51
C THR A 232 6.26 -16.87 1.81
N ALA A 233 7.49 -16.34 1.69
CA ALA A 233 8.30 -15.92 2.84
C ALA A 233 9.70 -15.54 2.35
N PRO A 234 10.56 -15.02 3.26
CA PRO A 234 11.91 -14.64 2.85
C PRO A 234 12.75 -15.76 2.25
N GLU A 235 12.53 -16.98 2.72
CA GLU A 235 13.28 -18.14 2.23
C GLU A 235 13.02 -18.31 0.73
N ASP A 236 11.83 -17.89 0.29
CA ASP A 236 11.46 -17.99 -1.11
C ASP A 236 12.00 -16.81 -1.90
N THR A 237 11.80 -15.61 -1.37
CA THR A 237 12.30 -14.42 -2.06
C THR A 237 13.75 -14.67 -2.49
N ARG A 238 14.55 -15.22 -1.59
CA ARG A 238 15.95 -15.51 -1.90
C ARG A 238 16.10 -16.70 -2.85
N ARG A 239 15.37 -17.77 -2.58
CA ARG A 239 15.41 -18.98 -3.41
C ARG A 239 15.18 -18.69 -4.89
N ILE A 240 14.15 -17.90 -5.18
CA ILE A 240 13.85 -17.57 -6.57
C ILE A 240 14.87 -16.60 -7.16
N CYS A 241 15.45 -15.76 -6.31
CA CYS A 241 16.46 -14.82 -6.78
C CYS A 241 17.66 -15.56 -7.34
N GLU A 242 17.94 -16.74 -6.80
CA GLU A 242 19.06 -17.54 -7.27
C GLU A 242 18.73 -18.25 -8.59
N LEU A 243 17.45 -18.53 -8.80
CA LEU A 243 16.99 -19.20 -10.00
C LEU A 243 16.47 -18.16 -10.99
N LEU A 244 16.99 -16.95 -10.87
CA LEU A 244 16.57 -15.86 -11.73
C LEU A 244 17.72 -14.89 -12.02
N PHE A 245 18.79 -14.99 -11.25
CA PHE A 245 19.92 -14.10 -11.45
C PHE A 245 21.25 -14.86 -11.39
N SER A 246 22.23 -14.30 -10.69
CA SER A 246 23.53 -14.94 -10.55
C SER A 246 24.18 -15.28 -11.89
C1 EDO B . -28.09 7.07 3.19
O1 EDO B . -28.55 8.39 2.87
C2 EDO B . -27.91 6.94 4.70
O2 EDO B . -28.69 5.84 5.18
N GLY C . 10.82 -3.39 -19.46
CA GLY C . 10.68 -2.68 -18.20
C GLY C . 9.71 -1.52 -18.28
O GLY C . 8.50 -1.69 -18.10
N GLY D . 3.40 -7.73 -14.39
CA GLY D . 3.83 -9.05 -13.97
C GLY D . 3.65 -10.08 -15.06
O GLY D . 2.87 -9.85 -16.00
N GLY E . -26.77 11.26 1.55
CA GLY E . -25.62 11.52 2.38
C GLY E . -24.95 12.85 2.08
O GLY E . -25.45 13.92 2.45
N PRO A 4 15.30 -9.74 -18.24
CA PRO A 4 16.75 -9.58 -17.99
C PRO A 4 17.23 -8.17 -18.31
N GLY A 5 18.53 -8.03 -18.49
CA GLY A 5 19.12 -6.73 -18.80
C GLY A 5 18.94 -5.68 -17.71
N PRO A 6 19.61 -4.52 -17.84
CA PRO A 6 19.53 -3.41 -16.87
C PRO A 6 18.12 -3.26 -16.32
N ALA A 7 17.86 -3.93 -15.20
CA ALA A 7 16.54 -3.92 -14.61
C ALA A 7 16.44 -3.24 -13.24
N LEU A 8 15.56 -3.76 -12.39
CA LEU A 8 15.34 -3.20 -11.06
C LEU A 8 14.42 -4.10 -10.24
N CYS A 9 14.98 -4.80 -9.27
CA CYS A 9 14.21 -5.66 -8.40
C CYS A 9 13.47 -4.77 -7.41
N LEU A 10 12.16 -4.93 -7.37
CA LEU A 10 11.33 -4.14 -6.48
C LEU A 10 10.61 -5.12 -5.57
N PHE A 11 10.85 -5.03 -4.27
CA PHE A 11 10.23 -5.94 -3.31
C PHE A 11 9.21 -5.29 -2.38
N ASP A 12 8.26 -6.10 -1.89
CA ASP A 12 7.28 -5.61 -0.92
C ASP A 12 8.09 -5.66 0.38
N VAL A 13 7.47 -5.74 1.55
CA VAL A 13 8.27 -5.79 2.78
C VAL A 13 8.02 -6.98 3.72
N ASP A 14 7.00 -6.89 4.55
CA ASP A 14 6.68 -7.95 5.51
C ASP A 14 6.46 -9.30 4.83
N GLY A 15 7.06 -10.35 5.40
CA GLY A 15 6.92 -11.68 4.82
C GLY A 15 7.66 -11.85 3.50
N THR A 16 8.06 -10.72 2.91
CA THR A 16 8.77 -10.69 1.63
C THR A 16 10.22 -11.14 1.76
N LEU A 17 11.00 -10.42 2.56
CA LEU A 17 12.40 -10.73 2.79
C LEU A 17 12.63 -10.96 4.29
N THR A 18 11.55 -10.86 5.05
CA THR A 18 11.58 -11.03 6.50
C THR A 18 10.36 -11.78 7.00
N ALA A 19 10.37 -12.09 8.30
CA ALA A 19 9.25 -12.75 8.95
C ALA A 19 8.24 -11.64 9.31
N PRO A 20 6.93 -11.94 9.24
CA PRO A 20 5.92 -10.92 9.56
C PRO A 20 6.22 -10.16 10.85
N ARG A 21 5.73 -8.93 10.94
CA ARG A 21 5.92 -8.09 12.13
C ARG A 21 7.30 -8.26 12.75
N GLN A 22 8.34 -8.30 11.92
CA GLN A 22 9.69 -8.46 12.43
C GLN A 22 10.75 -7.85 11.53
N LYS A 23 11.86 -7.40 12.13
CA LYS A 23 12.95 -6.80 11.38
C LYS A 23 13.66 -7.88 10.54
N ILE A 24 14.29 -7.45 9.44
CA ILE A 24 15.01 -8.35 8.55
C ILE A 24 16.16 -9.03 9.26
N THR A 25 16.51 -10.22 8.79
CA THR A 25 17.60 -11.02 9.36
C THR A 25 18.95 -10.72 8.70
N LYS A 26 20.03 -10.89 9.47
CA LYS A 26 21.39 -10.67 8.99
C LYS A 26 21.56 -11.59 7.77
N GLU A 27 21.05 -12.81 7.91
CA GLU A 27 21.11 -13.81 6.85
C GLU A 27 20.50 -13.27 5.55
N MSE A 28 19.32 -12.67 5.65
CA MSE A 28 18.69 -12.12 4.46
C MSE A 28 19.48 -10.93 3.94
O MSE A 28 19.85 -10.87 2.76
CB MSE A 28 17.26 -11.69 4.75
CG MSE A 28 16.56 -11.03 3.57
SE MSE A 28 16.79 -11.99 1.90
CE MSE A 28 15.14 -12.97 1.94
N ASP A 29 19.76 -9.99 4.83
CA ASP A 29 20.51 -8.79 4.45
C ASP A 29 21.79 -9.16 3.70
N ASP A 30 22.59 -10.05 4.29
CA ASP A 30 23.82 -10.49 3.65
C ASP A 30 23.49 -11.06 2.26
N PHE A 31 22.47 -11.91 2.18
CA PHE A 31 22.09 -12.49 0.89
C PHE A 31 21.79 -11.38 -0.12
N LEU A 32 20.96 -10.43 0.27
CA LEU A 32 20.61 -9.35 -0.62
C LEU A 32 21.83 -8.59 -1.12
N GLN A 33 22.55 -7.90 -0.22
CA GLN A 33 23.72 -7.15 -0.64
C GLN A 33 24.56 -7.97 -1.59
N LYS A 34 24.56 -9.28 -1.41
CA LYS A 34 25.31 -10.16 -2.29
C LYS A 34 24.63 -10.16 -3.67
N LEU A 35 23.35 -10.54 -3.71
CA LEU A 35 22.58 -10.59 -4.96
C LEU A 35 22.68 -9.29 -5.76
N ARG A 36 22.63 -8.18 -5.04
CA ARG A 36 22.69 -6.86 -5.64
C ARG A 36 23.89 -6.71 -6.58
N GLN A 37 24.96 -7.42 -6.29
CA GLN A 37 26.15 -7.34 -7.13
C GLN A 37 25.78 -7.50 -8.60
N LYS A 38 24.76 -8.32 -8.86
CA LYS A 38 24.32 -8.57 -10.21
C LYS A 38 23.32 -7.53 -10.73
N ILE A 39 22.45 -7.04 -9.86
CA ILE A 39 21.45 -6.07 -10.27
C ILE A 39 20.98 -5.18 -9.11
N LYS A 40 20.38 -4.05 -9.47
CA LYS A 40 19.86 -3.09 -8.51
C LYS A 40 18.69 -3.66 -7.71
N ILE A 41 18.31 -2.99 -6.63
CA ILE A 41 17.18 -3.44 -5.81
C ILE A 41 16.38 -2.27 -5.25
N GLY A 42 15.14 -2.55 -4.87
CA GLY A 42 14.29 -1.53 -4.30
C GLY A 42 13.18 -2.14 -3.46
N VAL A 43 12.54 -1.34 -2.61
CA VAL A 43 11.45 -1.84 -1.78
C VAL A 43 10.24 -0.91 -1.80
N VAL A 44 9.06 -1.51 -1.69
CA VAL A 44 7.81 -0.75 -1.66
C VAL A 44 6.91 -1.34 -0.56
N GLY A 45 6.08 -0.47 0.00
CA GLY A 45 5.17 -0.92 1.04
C GLY A 45 4.13 0.15 1.31
N GLY A 46 3.01 -0.28 1.90
CA GLY A 46 1.95 0.66 2.22
C GLY A 46 2.22 1.46 3.48
N SER A 47 3.24 1.06 4.24
CA SER A 47 3.56 1.76 5.48
C SER A 47 4.63 2.82 5.36
N ASP A 48 4.96 3.44 6.49
CA ASP A 48 5.97 4.50 6.51
C ASP A 48 7.41 4.01 6.63
N PHE A 49 8.32 4.93 6.29
CA PHE A 49 9.76 4.72 6.30
C PHE A 49 10.29 4.19 7.63
N GLU A 50 9.79 4.78 8.71
CA GLU A 50 10.19 4.39 10.05
C GLU A 50 9.74 2.95 10.29
N LYS A 51 8.55 2.61 9.79
CA LYS A 51 8.02 1.26 9.93
C LYS A 51 8.86 0.34 9.06
N VAL A 52 9.51 0.91 8.06
CA VAL A 52 10.35 0.13 7.16
C VAL A 52 11.72 0.03 7.82
N GLN A 53 12.16 1.11 8.45
CA GLN A 53 13.43 1.11 9.14
C GLN A 53 13.41 0.01 10.20
N GLU A 54 12.30 -0.11 10.90
CA GLU A 54 12.16 -1.15 11.92
C GLU A 54 12.35 -2.53 11.31
N GLN A 55 11.77 -2.73 10.13
CA GLN A 55 11.85 -4.02 9.47
C GLN A 55 13.18 -4.27 8.75
N LEU A 56 13.68 -3.29 8.02
CA LEU A 56 14.91 -3.48 7.27
C LEU A 56 16.16 -2.77 7.82
N GLY A 57 15.99 -2.01 8.90
CA GLY A 57 17.13 -1.29 9.47
C GLY A 57 17.00 0.21 9.25
N ASN A 58 17.74 0.99 10.04
CA ASN A 58 17.69 2.45 9.93
C ASN A 58 18.47 2.99 8.75
N ASP A 59 19.41 2.18 8.26
CA ASP A 59 20.24 2.57 7.13
C ASP A 59 19.66 2.00 5.84
N VAL A 60 18.37 1.64 5.89
CA VAL A 60 17.70 1.05 4.73
C VAL A 60 18.01 1.71 3.38
N VAL A 61 18.07 3.04 3.32
CA VAL A 61 18.37 3.70 2.04
C VAL A 61 19.74 3.34 1.45
N GLU A 62 20.64 2.83 2.28
CA GLU A 62 21.97 2.45 1.82
C GLU A 62 22.02 0.98 1.35
N LYS A 63 21.09 0.17 1.83
CA LYS A 63 21.05 -1.24 1.46
C LYS A 63 20.26 -1.51 0.17
N TYR A 64 19.44 -0.55 -0.24
CA TYR A 64 18.64 -0.72 -1.45
C TYR A 64 18.81 0.47 -2.37
N ASP A 65 18.56 0.26 -3.67
CA ASP A 65 18.69 1.35 -4.62
C ASP A 65 17.48 2.27 -4.60
N TYR A 66 16.31 1.72 -4.28
CA TYR A 66 15.08 2.51 -4.20
C TYR A 66 14.33 2.09 -2.94
N VAL A 67 13.60 3.03 -2.34
CA VAL A 67 12.82 2.75 -1.14
C VAL A 67 11.50 3.45 -1.35
N PHE A 68 10.41 2.67 -1.35
CA PHE A 68 9.09 3.23 -1.60
C PHE A 68 8.04 2.95 -0.55
N PRO A 69 8.02 3.76 0.52
CA PRO A 69 7.03 3.59 1.59
C PRO A 69 5.76 4.30 1.14
N GLU A 70 4.64 3.98 1.78
CA GLU A 70 3.37 4.59 1.43
C GLU A 70 3.10 4.51 -0.08
N ASN A 71 3.45 3.37 -0.67
CA ASN A 71 3.24 3.14 -2.09
C ASN A 71 3.93 4.21 -2.95
N GLY A 72 5.26 4.30 -2.81
CA GLY A 72 6.02 5.27 -3.58
C GLY A 72 5.62 6.71 -3.35
N LEU A 73 4.57 6.94 -2.56
CA LEU A 73 4.14 8.31 -2.25
C LEU A 73 5.31 8.97 -1.51
N VAL A 74 6.29 8.13 -1.20
CA VAL A 74 7.53 8.49 -0.55
C VAL A 74 8.56 7.63 -1.29
N ALA A 75 9.52 8.29 -1.92
CA ALA A 75 10.53 7.59 -2.67
C ALA A 75 11.95 8.05 -2.34
N TYR A 76 12.88 7.11 -2.41
CA TYR A 76 14.28 7.38 -2.18
C TYR A 76 15.07 6.57 -3.19
N LYS A 77 16.24 7.09 -3.55
CA LYS A 77 17.12 6.43 -4.50
C LYS A 77 18.55 6.87 -4.24
N ASP A 78 19.42 5.90 -3.97
CA ASP A 78 20.82 6.16 -3.70
C ASP A 78 20.99 6.94 -2.40
N GLY A 79 19.89 7.12 -1.66
CA GLY A 79 19.97 7.83 -0.40
C GLY A 79 19.42 9.25 -0.41
N LYS A 80 18.64 9.59 -1.43
CA LYS A 80 18.07 10.92 -1.52
C LYS A 80 16.56 10.91 -1.73
N LEU A 81 15.88 11.83 -1.05
CA LEU A 81 14.43 11.96 -1.16
C LEU A 81 14.12 12.31 -2.59
N LEU A 82 13.07 11.71 -3.14
CA LEU A 82 12.66 11.98 -4.50
C LEU A 82 11.31 12.70 -4.51
N CYS A 83 10.32 12.11 -3.87
CA CYS A 83 8.98 12.71 -3.83
C CYS A 83 8.26 12.57 -2.49
N ARG A 84 7.24 13.41 -2.32
CA ARG A 84 6.38 13.40 -1.15
C ARG A 84 4.99 13.74 -1.65
N GLN A 85 4.41 12.80 -2.37
CA GLN A 85 3.07 12.97 -2.92
C GLN A 85 2.05 13.10 -1.80
N ASN A 86 1.03 13.90 -2.04
CA ASN A 86 -0.02 14.13 -1.05
C ASN A 86 -1.33 13.94 -1.80
N ILE A 87 -2.45 14.03 -1.08
CA ILE A 87 -3.74 13.82 -1.73
C ILE A 87 -4.64 15.06 -1.88
N GLN A 88 -4.76 15.85 -0.82
CA GLN A 88 -5.57 17.06 -0.87
C GLN A 88 -5.12 17.95 -2.02
N SER A 89 -3.84 17.87 -2.36
CA SER A 89 -3.32 18.67 -3.45
C SER A 89 -3.77 18.06 -4.76
N HIS A 90 -3.82 16.73 -4.82
CA HIS A 90 -4.22 16.05 -6.04
C HIS A 90 -5.70 16.15 -6.35
N LEU A 91 -6.51 16.34 -5.31
CA LEU A 91 -7.96 16.43 -5.51
C LEU A 91 -8.50 17.84 -5.50
N GLY A 92 -7.87 18.72 -4.73
CA GLY A 92 -8.33 20.09 -4.65
C GLY A 92 -9.29 20.21 -3.48
N GLU A 93 -9.10 21.26 -2.69
CA GLU A 93 -9.89 21.51 -1.49
C GLU A 93 -11.40 21.44 -1.60
N ALA A 94 -11.96 21.88 -2.72
CA ALA A 94 -13.40 21.83 -2.87
C ALA A 94 -13.91 20.38 -2.80
N LEU A 95 -13.32 19.49 -3.60
CA LEU A 95 -13.73 18.08 -3.62
C LEU A 95 -13.51 17.42 -2.26
N ILE A 96 -12.27 17.45 -1.78
CA ILE A 96 -11.93 16.87 -0.49
C ILE A 96 -13.01 17.13 0.57
N GLN A 97 -13.47 18.36 0.67
CA GLN A 97 -14.47 18.72 1.66
C GLN A 97 -15.85 18.21 1.27
N ASP A 98 -16.12 18.17 -0.03
CA ASP A 98 -17.39 17.64 -0.49
C ASP A 98 -17.50 16.19 0.00
N LEU A 99 -16.40 15.45 -0.10
CA LEU A 99 -16.37 14.06 0.35
C LEU A 99 -16.66 13.97 1.85
N ILE A 100 -15.94 14.79 2.63
CA ILE A 100 -16.07 14.84 4.08
C ILE A 100 -17.50 15.14 4.51
N ASN A 101 -18.00 16.31 4.10
CA ASN A 101 -19.35 16.70 4.44
C ASN A 101 -20.32 15.55 4.14
N TYR A 102 -20.34 15.10 2.88
CA TYR A 102 -21.23 14.00 2.47
C TYR A 102 -21.18 12.79 3.41
N CYS A 103 -19.98 12.31 3.71
CA CYS A 103 -19.82 11.16 4.58
C CYS A 103 -20.22 11.41 6.03
N LEU A 104 -19.83 12.55 6.58
CA LEU A 104 -20.18 12.88 7.95
C LEU A 104 -21.70 12.80 8.11
N SER A 105 -22.41 13.50 7.23
CA SER A 105 -23.86 13.50 7.27
C SER A 105 -24.47 12.13 6.97
N TYR A 106 -23.84 11.39 6.06
CA TYR A 106 -24.29 10.05 5.67
C TYR A 106 -24.11 9.17 6.90
N ILE A 107 -22.89 9.12 7.41
CA ILE A 107 -22.57 8.34 8.60
C ILE A 107 -23.55 8.74 9.70
N ALA A 108 -23.95 10.00 9.66
CA ALA A 108 -24.88 10.54 10.63
C ALA A 108 -26.23 9.83 10.48
N LYS A 109 -26.56 9.43 9.26
CA LYS A 109 -27.83 8.76 9.00
C LYS A 109 -27.80 7.24 9.14
N ILE A 110 -26.60 6.65 9.22
CA ILE A 110 -26.50 5.21 9.36
C ILE A 110 -26.87 4.79 10.78
N LYS A 111 -27.91 3.98 10.93
CA LYS A 111 -28.31 3.54 12.26
C LYS A 111 -27.50 2.35 12.73
N LEU A 112 -26.77 2.55 13.82
CA LEU A 112 -25.92 1.51 14.36
C LEU A 112 -26.13 1.29 15.85
N PRO A 113 -25.72 0.11 16.34
CA PRO A 113 -25.85 -0.17 17.77
C PRO A 113 -24.80 0.61 18.55
N LYS A 114 -23.78 1.10 17.83
CA LYS A 114 -22.71 1.88 18.46
C LYS A 114 -21.96 2.79 17.50
N LYS A 115 -21.48 3.91 18.05
CA LYS A 115 -20.69 4.89 17.29
C LYS A 115 -19.69 5.49 18.27
N ARG A 116 -18.45 5.67 17.83
CA ARG A 116 -17.43 6.19 18.71
C ARG A 116 -16.60 7.36 18.12
N GLY A 117 -15.40 7.07 17.63
CA GLY A 117 -14.58 8.15 17.09
C GLY A 117 -13.62 7.75 15.98
N THR A 118 -13.14 8.75 15.24
CA THR A 118 -12.25 8.54 14.10
C THR A 118 -13.06 7.87 12.99
N PHE A 119 -14.09 8.57 12.56
CA PHE A 119 -14.99 8.13 11.49
C PHE A 119 -14.35 8.34 10.14
N ILE A 120 -13.36 9.22 10.13
CA ILE A 120 -12.60 9.53 8.93
C ILE A 120 -11.16 9.71 9.33
N GLU A 121 -10.29 8.86 8.77
CA GLU A 121 -8.87 8.93 9.06
C GLU A 121 -8.20 9.40 7.77
N PHE A 122 -7.52 10.53 7.85
CA PHE A 122 -6.84 11.11 6.71
C PHE A 122 -5.42 10.55 6.59
N ARG A 123 -5.09 10.04 5.41
CA ARG A 123 -3.77 9.47 5.15
C ARG A 123 -3.21 10.15 3.91
N ASN A 124 -1.89 10.20 3.80
CA ASN A 124 -1.27 10.85 2.65
C ASN A 124 -1.84 10.40 1.30
N GLY A 125 -2.06 9.09 1.14
CA GLY A 125 -2.59 8.57 -0.10
C GLY A 125 -4.01 8.01 -0.08
N MSE A 126 -4.80 8.35 0.93
CA MSE A 126 -6.17 7.83 1.00
C MSE A 126 -6.94 8.34 2.21
O MSE A 126 -6.37 8.76 3.22
CB MSE A 126 -6.17 6.30 1.05
CG MSE A 126 -6.13 5.73 2.49
SE MSE A 126 -5.47 3.89 2.59
CE MSE A 126 -3.57 4.28 2.85
N LEU A 127 -8.26 8.27 2.08
CA LEU A 127 -9.16 8.62 3.16
C LEU A 127 -9.71 7.28 3.63
N ASN A 128 -9.73 7.03 4.95
CA ASN A 128 -10.27 5.78 5.46
C ASN A 128 -11.52 6.11 6.25
N VAL A 129 -12.65 5.65 5.74
CA VAL A 129 -13.95 5.88 6.37
C VAL A 129 -14.42 4.66 7.15
N SER A 130 -15.00 4.90 8.33
CA SER A 130 -15.49 3.83 9.18
C SER A 130 -16.78 4.29 9.86
N PRO A 131 -17.92 3.66 9.53
CA PRO A 131 -19.20 4.05 10.14
C PRO A 131 -19.27 3.99 11.66
N ILE A 132 -18.59 3.03 12.27
CA ILE A 132 -18.60 2.89 13.72
C ILE A 132 -17.54 3.78 14.38
N GLY A 133 -16.35 3.82 13.78
CA GLY A 133 -15.25 4.59 14.32
C GLY A 133 -14.12 3.62 14.64
N ARG A 134 -12.93 3.92 14.13
CA ARG A 134 -11.77 3.05 14.32
C ARG A 134 -11.34 2.82 15.78
N SER A 135 -11.09 3.90 16.50
CA SER A 135 -10.65 3.82 17.91
C SER A 135 -11.48 2.82 18.70
N CYS A 136 -12.60 2.42 18.12
CA CYS A 136 -13.50 1.49 18.76
C CYS A 136 -12.94 0.10 19.09
N SER A 137 -13.63 -0.59 20.00
CA SER A 137 -13.25 -1.94 20.45
C SER A 137 -13.71 -3.05 19.51
N GLN A 138 -13.00 -4.19 19.56
CA GLN A 138 -13.34 -5.33 18.72
C GLN A 138 -14.76 -5.85 18.93
N GLU A 139 -15.16 -5.97 20.20
CA GLU A 139 -16.49 -6.48 20.51
C GLU A 139 -17.53 -5.62 19.79
N GLU A 140 -17.46 -4.31 20.00
CA GLU A 140 -18.39 -3.39 19.35
C GLU A 140 -18.18 -3.48 17.84
N ARG A 141 -16.93 -3.69 17.46
CA ARG A 141 -16.57 -3.80 16.06
C ARG A 141 -17.20 -5.04 15.40
N ILE A 142 -17.13 -6.19 16.08
CA ILE A 142 -17.72 -7.42 15.55
C ILE A 142 -19.21 -7.24 15.32
N GLU A 143 -19.87 -6.53 16.23
CA GLU A 143 -21.30 -6.27 16.13
C GLU A 143 -21.62 -5.50 14.85
N PHE A 144 -20.73 -4.57 14.48
CA PHE A 144 -20.93 -3.79 13.26
C PHE A 144 -20.84 -4.65 12.03
N TYR A 145 -19.81 -5.49 11.99
CA TYR A 145 -19.60 -6.35 10.83
C TYR A 145 -20.78 -7.28 10.54
N GLU A 146 -21.31 -7.95 11.56
CA GLU A 146 -22.45 -8.85 11.32
C GLU A 146 -23.62 -8.00 10.84
N LEU A 147 -23.75 -6.79 11.38
CA LEU A 147 -24.83 -5.91 10.97
C LEU A 147 -24.65 -5.54 9.51
N ASP A 148 -23.40 -5.22 9.15
CA ASP A 148 -23.05 -4.85 7.80
C ASP A 148 -23.22 -6.05 6.89
N LYS A 149 -22.95 -7.24 7.43
CA LYS A 149 -23.11 -8.48 6.68
C LYS A 149 -24.57 -8.61 6.28
N LYS A 150 -25.46 -8.30 7.22
CA LYS A 150 -26.90 -8.39 6.99
C LYS A 150 -27.47 -7.27 6.14
N GLU A 151 -27.15 -6.03 6.49
CA GLU A 151 -27.68 -4.88 5.77
C GLU A 151 -26.80 -4.29 4.67
N ASN A 152 -25.55 -4.72 4.60
CA ASN A 152 -24.62 -4.21 3.60
C ASN A 152 -24.50 -2.69 3.69
N ILE A 153 -24.22 -2.21 4.90
CA ILE A 153 -24.07 -0.78 5.17
C ILE A 153 -23.05 -0.16 4.23
N ARG A 154 -21.84 -0.72 4.26
CA ARG A 154 -20.73 -0.23 3.46
C ARG A 154 -20.89 -0.27 1.94
N GLN A 155 -21.09 -1.45 1.35
CA GLN A 155 -21.23 -1.53 -0.10
C GLN A 155 -22.25 -0.52 -0.61
N LYS A 156 -23.27 -0.27 0.20
CA LYS A 156 -24.30 0.69 -0.16
C LYS A 156 -23.71 2.08 -0.26
N PHE A 157 -22.76 2.38 0.62
CA PHE A 157 -22.11 3.70 0.62
C PHE A 157 -20.98 3.73 -0.42
N VAL A 158 -20.16 2.69 -0.45
CA VAL A 158 -19.06 2.62 -1.40
C VAL A 158 -19.58 2.66 -2.82
N ALA A 159 -20.89 2.48 -2.95
CA ALA A 159 -21.55 2.50 -4.26
C ALA A 159 -22.14 3.89 -4.47
N ASP A 160 -22.74 4.45 -3.41
CA ASP A 160 -23.34 5.78 -3.50
C ASP A 160 -22.27 6.82 -3.81
N LEU A 161 -21.10 6.64 -3.20
CA LEU A 161 -19.97 7.55 -3.39
C LEU A 161 -19.45 7.44 -4.80
N ARG A 162 -19.30 6.19 -5.24
CA ARG A 162 -18.81 5.90 -6.57
C ARG A 162 -19.67 6.66 -7.57
N LYS A 163 -20.96 6.79 -7.24
CA LYS A 163 -21.89 7.51 -8.10
C LYS A 163 -21.78 9.01 -7.87
N GLU A 164 -21.99 9.42 -6.63
CA GLU A 164 -21.93 10.83 -6.26
C GLU A 164 -20.65 11.48 -6.77
N PHE A 165 -19.58 10.70 -6.85
CA PHE A 165 -18.28 11.19 -7.28
C PHE A 165 -17.78 10.57 -8.58
N ALA A 166 -18.69 10.35 -9.51
CA ALA A 166 -18.33 9.78 -10.79
C ALA A 166 -17.50 10.84 -11.52
N GLY A 167 -16.57 10.41 -12.36
CA GLY A 167 -15.74 11.36 -13.09
C GLY A 167 -14.69 12.05 -12.23
N LYS A 168 -14.82 11.91 -10.91
CA LYS A 168 -13.89 12.53 -9.97
C LYS A 168 -12.53 11.84 -9.93
N GLY A 169 -12.44 10.67 -10.55
CA GLY A 169 -11.17 9.96 -10.59
C GLY A 169 -10.84 9.25 -9.29
N LEU A 170 -11.86 8.89 -8.53
CA LEU A 170 -11.65 8.20 -7.27
C LEU A 170 -11.85 6.70 -7.39
N THR A 171 -11.36 6.00 -6.38
CA THR A 171 -11.48 4.56 -6.30
C THR A 171 -11.91 4.26 -4.87
N PHE A 172 -13.03 3.58 -4.75
CA PHE A 172 -13.56 3.23 -3.44
C PHE A 172 -13.36 1.76 -3.21
N SER A 173 -12.59 1.44 -2.19
CA SER A 173 -12.29 0.05 -1.88
C SER A 173 -12.69 -0.35 -0.47
N ILE A 174 -13.55 -1.34 -0.36
CA ILE A 174 -13.99 -1.83 0.94
C ILE A 174 -12.91 -2.78 1.44
N GLY A 175 -13.11 -3.35 2.62
CA GLY A 175 -12.15 -4.26 3.18
C GLY A 175 -12.30 -4.33 4.69
N GLY A 176 -11.77 -5.38 5.29
CA GLY A 176 -11.87 -5.52 6.73
C GLY A 176 -13.28 -5.56 7.28
N GLN A 177 -13.39 -5.27 8.58
CA GLN A 177 -14.68 -5.32 9.26
C GLN A 177 -15.40 -4.01 9.53
N ILE A 178 -14.66 -2.89 9.57
CA ILE A 178 -15.27 -1.60 9.89
C ILE A 178 -15.07 -0.39 8.97
N SER A 179 -14.11 -0.43 8.06
CA SER A 179 -13.86 0.73 7.19
C SER A 179 -13.77 0.42 5.73
N PHE A 180 -13.45 1.45 4.95
CA PHE A 180 -13.25 1.36 3.52
C PHE A 180 -12.41 2.54 3.02
N ASP A 181 -11.37 2.24 2.24
CA ASP A 181 -10.48 3.27 1.72
C ASP A 181 -11.00 3.99 0.47
N VAL A 182 -10.54 5.23 0.31
CA VAL A 182 -10.88 6.07 -0.83
C VAL A 182 -9.56 6.68 -1.25
N PHE A 183 -9.18 6.47 -2.50
CA PHE A 183 -7.92 6.99 -3.01
C PHE A 183 -7.95 7.18 -4.52
N PRO A 184 -7.12 8.09 -5.04
CA PRO A 184 -7.07 8.38 -6.48
C PRO A 184 -6.64 7.12 -7.25
N ASP A 185 -7.13 7.01 -8.49
CA ASP A 185 -6.81 5.86 -9.32
C ASP A 185 -5.32 5.59 -9.43
N GLY A 186 -4.96 4.31 -9.28
CA GLY A 186 -3.57 3.91 -9.37
C GLY A 186 -2.75 4.17 -8.12
N TRP A 187 -3.37 4.74 -7.09
CA TRP A 187 -2.63 5.02 -5.87
C TRP A 187 -2.39 3.80 -4.96
N ASP A 188 -2.17 2.64 -5.58
CA ASP A 188 -1.87 1.42 -4.87
C ASP A 188 -0.36 1.24 -5.03
N LYS A 189 0.17 0.05 -4.73
CA LYS A 189 1.62 -0.14 -4.89
C LYS A 189 2.11 0.26 -6.28
N ARG A 190 1.17 0.38 -7.23
CA ARG A 190 1.54 0.78 -8.58
C ARG A 190 1.90 2.26 -8.64
N TYR A 191 1.40 3.04 -7.70
CA TYR A 191 1.71 4.47 -7.70
C TYR A 191 3.18 4.73 -7.97
N CYS A 192 4.05 3.99 -7.28
CA CYS A 192 5.49 4.16 -7.41
C CYS A 192 5.95 4.35 -8.86
N LEU A 193 5.58 3.39 -9.71
CA LEU A 193 5.95 3.40 -11.10
C LEU A 193 6.37 4.76 -11.65
N ARG A 194 5.55 5.78 -11.42
CA ARG A 194 5.85 7.12 -11.89
C ARG A 194 7.27 7.59 -11.51
N HIS A 195 7.83 7.05 -10.42
CA HIS A 195 9.17 7.46 -9.99
C HIS A 195 10.32 6.69 -10.62
N VAL A 196 10.01 5.62 -11.37
CA VAL A 196 11.08 4.84 -11.97
C VAL A 196 10.96 4.62 -13.48
N GLU A 197 9.79 4.91 -14.04
CA GLU A 197 9.59 4.69 -15.46
C GLU A 197 10.37 5.61 -16.40
N ASN A 198 11.62 5.92 -16.03
CA ASN A 198 12.48 6.79 -16.84
C ASN A 198 13.96 6.56 -16.60
N ASP A 199 14.30 5.58 -15.76
CA ASP A 199 15.70 5.31 -15.47
C ASP A 199 16.30 4.21 -16.34
N GLY A 200 15.81 4.12 -17.56
CA GLY A 200 16.30 3.14 -18.52
C GLY A 200 16.40 1.70 -18.08
N TYR A 201 15.29 1.11 -17.61
CA TYR A 201 15.29 -0.28 -17.18
C TYR A 201 14.69 -1.20 -18.24
N LYS A 202 15.40 -2.26 -18.59
CA LYS A 202 14.88 -3.17 -19.61
C LYS A 202 13.87 -4.11 -19.01
N THR A 203 13.70 -4.04 -17.69
CA THR A 203 12.76 -4.92 -16.99
C THR A 203 12.62 -4.47 -15.53
N ILE A 204 11.45 -4.71 -14.94
CA ILE A 204 11.24 -4.32 -13.56
C ILE A 204 10.58 -5.45 -12.81
N TYR A 205 11.41 -6.28 -12.18
CA TYR A 205 10.92 -7.43 -11.43
C TYR A 205 10.25 -7.02 -10.13
N PHE A 206 9.26 -7.81 -9.72
CA PHE A 206 8.55 -7.58 -8.47
C PHE A 206 8.41 -8.91 -7.76
N PHE A 207 8.79 -8.93 -6.49
CA PHE A 207 8.71 -10.14 -5.69
C PHE A 207 7.74 -9.89 -4.55
N GLY A 208 6.77 -10.79 -4.41
CA GLY A 208 5.76 -10.65 -3.38
C GLY A 208 4.65 -11.66 -3.56
N ASP A 209 3.41 -11.20 -3.42
CA ASP A 209 2.23 -12.05 -3.59
C ASP A 209 1.32 -11.41 -4.63
N LYS A 210 0.71 -12.23 -5.48
CA LYS A 210 -0.18 -11.74 -6.51
C LYS A 210 -1.59 -11.51 -5.98
N THR A 211 -1.82 -11.93 -4.74
CA THR A 211 -3.13 -11.78 -4.10
C THR A 211 -3.05 -10.92 -2.85
N MSE A 212 -4.14 -10.23 -2.54
CA MSE A 212 -4.23 -9.36 -1.38
C MSE A 212 -4.79 -10.10 -0.18
O MSE A 212 -5.90 -9.81 0.30
CB MSE A 212 -5.11 -8.14 -1.70
CG MSE A 212 -4.61 -7.31 -2.87
SE MSE A 212 -5.76 -5.80 -3.26
CE MSE A 212 -5.08 -4.55 -1.97
N ASN A 216 -7.00 -10.53 -2.97
CA ASN A 216 -7.93 -10.52 -4.10
C ASN A 216 -7.15 -10.24 -5.38
N ASP A 217 -6.29 -9.22 -5.36
CA ASP A 217 -5.49 -8.87 -6.53
C ASP A 217 -4.55 -7.68 -6.31
N HIS A 218 -3.24 -7.94 -6.32
CA HIS A 218 -2.25 -6.87 -6.16
C HIS A 218 -1.86 -6.41 -7.56
N GLU A 219 -2.33 -5.23 -7.92
CA GLU A 219 -2.09 -4.64 -9.22
C GLU A 219 -0.63 -4.64 -9.66
N ILE A 220 0.27 -4.25 -8.76
CA ILE A 220 1.68 -4.21 -9.11
C ILE A 220 2.14 -5.56 -9.62
N PHE A 221 1.70 -6.62 -8.96
CA PHE A 221 2.07 -7.97 -9.36
C PHE A 221 1.54 -8.23 -10.76
N THR A 222 0.26 -7.97 -10.95
CA THR A 222 -0.38 -8.18 -12.25
C THR A 222 -0.40 -6.91 -13.09
N ASP A 223 0.79 -6.31 -13.26
CA ASP A 223 0.90 -5.09 -14.04
C ASP A 223 1.79 -5.34 -15.26
N PRO A 224 1.29 -5.01 -16.46
CA PRO A 224 2.02 -5.19 -17.71
C PRO A 224 3.25 -4.32 -17.88
N ARG A 225 3.85 -3.91 -16.76
CA ARG A 225 5.05 -3.08 -16.80
C ARG A 225 6.11 -3.75 -15.96
N THR A 226 5.73 -4.86 -15.32
CA THR A 226 6.64 -5.59 -14.45
C THR A 226 6.57 -7.10 -14.63
N MSE A 227 7.59 -7.79 -14.13
CA MSE A 227 7.65 -9.24 -14.14
C MSE A 227 7.41 -9.63 -12.68
O MSE A 227 8.06 -9.09 -11.79
CB MSE A 227 9.02 -9.73 -14.60
CG MSE A 227 9.30 -9.49 -16.07
SE MSE A 227 8.08 -10.49 -17.19
CE MSE A 227 6.89 -9.02 -17.63
N GLY A 228 6.48 -10.55 -12.45
CA GLY A 228 6.18 -10.93 -11.08
C GLY A 228 6.44 -12.36 -10.67
N TYR A 229 6.82 -12.53 -9.41
CA TYR A 229 7.09 -13.84 -8.85
C TYR A 229 6.50 -13.86 -7.44
N SER A 230 5.70 -14.90 -7.16
CA SER A 230 5.07 -15.00 -5.85
C SER A 230 6.02 -15.67 -4.86
N VAL A 231 6.14 -15.08 -3.67
CA VAL A 231 7.01 -15.63 -2.64
C VAL A 231 6.18 -15.91 -1.38
N THR A 232 6.48 -17.03 -0.73
CA THR A 232 5.75 -17.41 0.47
C THR A 232 6.50 -17.16 1.78
N ALA A 233 7.70 -16.61 1.68
CA ALA A 233 8.57 -16.31 2.83
C ALA A 233 9.97 -15.92 2.34
N PRO A 234 10.84 -15.44 3.25
CA PRO A 234 12.20 -15.06 2.84
C PRO A 234 12.95 -16.23 2.23
N GLU A 235 12.68 -17.43 2.74
CA GLU A 235 13.31 -18.64 2.24
C GLU A 235 13.07 -18.73 0.75
N ASP A 236 11.84 -18.38 0.33
CA ASP A 236 11.45 -18.42 -1.07
C ASP A 236 12.02 -17.26 -1.89
N THR A 237 11.89 -16.05 -1.37
CA THR A 237 12.41 -14.89 -2.08
C THR A 237 13.85 -15.14 -2.49
N ARG A 238 14.62 -15.78 -1.62
CA ARG A 238 16.02 -16.09 -1.90
C ARG A 238 16.13 -17.25 -2.88
N ARG A 239 15.29 -18.25 -2.70
CA ARG A 239 15.30 -19.42 -3.57
C ARG A 239 15.09 -19.01 -5.03
N ILE A 240 14.07 -18.20 -5.28
CA ILE A 240 13.80 -17.75 -6.64
C ILE A 240 14.89 -16.82 -7.16
N CYS A 241 15.43 -15.98 -6.29
CA CYS A 241 16.50 -15.08 -6.71
C CYS A 241 17.73 -15.89 -7.11
N GLU A 242 17.99 -16.95 -6.36
CA GLU A 242 19.13 -17.82 -6.63
C GLU A 242 18.91 -18.53 -7.97
N LEU A 243 17.68 -18.47 -8.45
CA LEU A 243 17.29 -19.10 -9.71
C LEU A 243 17.31 -18.08 -10.85
N LEU A 244 16.67 -16.96 -10.63
CA LEU A 244 16.59 -15.91 -11.64
C LEU A 244 17.93 -15.21 -11.83
N PHE A 245 18.84 -15.40 -10.89
CA PHE A 245 20.14 -14.76 -10.95
C PHE A 245 21.26 -15.74 -10.65
N SER A 246 22.46 -15.45 -11.15
CA SER A 246 23.60 -16.32 -10.94
C SER A 246 23.26 -17.77 -11.31
C1 EDO B . -28.23 7.09 3.19
O1 EDO B . -28.59 8.44 2.90
C2 EDO B . -27.94 6.93 4.68
O2 EDO B . -28.71 5.84 5.20
N GLY C . 10.81 -3.44 -19.45
CA GLY C . 10.69 -2.67 -18.23
C GLY C . 9.68 -1.53 -18.32
O GLY C . 8.49 -1.72 -18.11
N GLY D . 3.43 -7.81 -13.98
CA GLY D . 3.82 -9.20 -13.84
C GLY D . 3.59 -9.98 -15.11
O GLY D . 2.85 -9.53 -15.99
N GLY E . -26.81 11.28 1.56
CA GLY E . -25.73 11.53 2.50
C GLY E . -25.19 12.95 2.42
O GLY E . -25.86 13.91 2.82
N PRO A 4 17.93 -10.11 -19.06
CA PRO A 4 18.26 -9.30 -20.25
C PRO A 4 18.53 -7.84 -19.93
N GLY A 5 19.65 -7.31 -20.44
CA GLY A 5 20.01 -5.92 -20.20
C GLY A 5 19.97 -5.51 -18.74
N PRO A 6 20.04 -4.20 -18.45
CA PRO A 6 19.99 -3.71 -17.06
C PRO A 6 18.68 -4.11 -16.42
N ALA A 7 18.72 -4.57 -15.17
CA ALA A 7 17.50 -5.00 -14.48
C ALA A 7 17.37 -4.49 -13.05
N LEU A 8 16.13 -4.45 -12.57
CA LEU A 8 15.83 -4.00 -11.21
C LEU A 8 14.95 -5.02 -10.52
N CYS A 9 15.14 -5.15 -9.21
CA CYS A 9 14.35 -6.07 -8.40
C CYS A 9 13.62 -5.23 -7.36
N LEU A 10 12.30 -5.35 -7.34
CA LEU A 10 11.50 -4.60 -6.37
C LEU A 10 10.81 -5.59 -5.46
N PHE A 11 10.88 -5.34 -4.17
CA PHE A 11 10.27 -6.26 -3.21
C PHE A 11 9.27 -5.55 -2.32
N ASP A 12 8.15 -6.21 -2.02
CA ASP A 12 7.18 -5.64 -1.11
C ASP A 12 7.91 -5.74 0.22
N VAL A 13 7.86 -4.70 1.04
CA VAL A 13 8.58 -4.75 2.31
C VAL A 13 8.16 -5.85 3.29
N ASP A 14 7.10 -5.63 4.07
CA ASP A 14 6.67 -6.65 5.04
C ASP A 14 6.02 -7.82 4.31
N GLY A 15 6.62 -9.01 4.44
CA GLY A 15 6.09 -10.18 3.79
C GLY A 15 7.11 -10.83 2.88
N THR A 16 7.55 -10.10 1.86
CA THR A 16 8.54 -10.63 0.92
C THR A 16 9.92 -10.69 1.57
N LEU A 17 10.26 -9.64 2.29
CA LEU A 17 11.56 -9.57 2.96
C LEU A 17 11.51 -10.05 4.40
N THR A 18 10.69 -9.39 5.21
CA THR A 18 10.57 -9.72 6.62
C THR A 18 9.61 -10.85 6.93
N ALA A 19 10.01 -11.68 7.90
CA ALA A 19 9.16 -12.76 8.37
C ALA A 19 8.10 -12.00 9.17
N PRO A 20 6.99 -12.66 9.50
CA PRO A 20 5.94 -11.97 10.26
C PRO A 20 6.46 -11.17 11.44
N ARG A 21 6.12 -9.89 11.46
CA ARG A 21 6.50 -8.95 12.50
C ARG A 21 7.94 -9.03 12.98
N GLN A 22 8.83 -9.59 12.16
CA GLN A 22 10.22 -9.68 12.54
C GLN A 22 11.12 -8.85 11.62
N LYS A 23 12.31 -8.50 12.11
CA LYS A 23 13.24 -7.70 11.33
C LYS A 23 14.03 -8.62 10.39
N ILE A 24 14.55 -8.07 9.30
CA ILE A 24 15.32 -8.84 8.34
C ILE A 24 16.53 -9.45 9.04
N THR A 25 16.90 -10.66 8.63
CA THR A 25 18.05 -11.35 9.20
C THR A 25 19.38 -10.92 8.61
N LYS A 26 20.47 -11.34 9.25
CA LYS A 26 21.81 -11.02 8.78
C LYS A 26 21.93 -11.59 7.38
N GLU A 27 21.69 -12.89 7.29
CA GLU A 27 21.73 -13.64 6.04
C GLU A 27 20.98 -12.89 4.94
N MSE A 28 19.71 -12.60 5.21
CA MSE A 28 18.86 -11.90 4.25
C MSE A 28 19.26 -10.45 4.00
O MSE A 28 19.18 -9.97 2.86
CB MSE A 28 17.40 -11.95 4.73
CG MSE A 28 16.42 -11.25 3.80
SE MSE A 28 16.49 -11.91 2.00
CE MSE A 28 14.62 -11.74 1.55
N ASP A 29 19.69 -9.76 5.04
CA ASP A 29 20.07 -8.36 4.91
C ASP A 29 21.34 -8.15 4.08
N ASP A 30 22.22 -9.14 4.09
CA ASP A 30 23.45 -9.05 3.32
C ASP A 30 23.12 -9.55 1.92
N PHE A 31 22.13 -10.42 1.84
CA PHE A 31 21.67 -10.95 0.56
C PHE A 31 21.43 -9.78 -0.38
N LEU A 32 20.43 -8.97 -0.06
CA LEU A 32 20.08 -7.81 -0.86
C LEU A 32 21.26 -6.94 -1.28
N GLN A 33 22.06 -6.48 -0.34
CA GLN A 33 23.20 -5.64 -0.69
C GLN A 33 24.08 -6.35 -1.70
N LYS A 34 24.33 -7.64 -1.48
CA LYS A 34 25.13 -8.41 -2.43
C LYS A 34 24.44 -8.41 -3.78
N LEU A 35 23.12 -8.64 -3.78
CA LEU A 35 22.34 -8.64 -5.02
C LEU A 35 22.47 -7.26 -5.64
N ARG A 36 22.50 -6.24 -4.80
CA ARG A 36 22.64 -4.89 -5.28
C ARG A 36 23.92 -4.78 -6.09
N GLN A 37 24.96 -5.52 -5.69
CA GLN A 37 26.20 -5.46 -6.43
C GLN A 37 26.05 -6.05 -7.83
N LYS A 38 24.97 -6.80 -8.06
CA LYS A 38 24.77 -7.38 -9.39
C LYS A 38 23.38 -7.18 -9.94
N ILE A 39 22.79 -6.03 -9.63
CA ILE A 39 21.44 -5.69 -10.09
C ILE A 39 20.90 -4.62 -9.14
N LYS A 40 19.95 -3.82 -9.62
CA LYS A 40 19.36 -2.78 -8.80
C LYS A 40 18.17 -3.28 -7.98
N ILE A 41 17.96 -2.68 -6.80
CA ILE A 41 16.86 -3.07 -5.91
C ILE A 41 16.10 -1.89 -5.33
N GLY A 42 14.86 -2.12 -4.91
CA GLY A 42 14.05 -1.07 -4.31
C GLY A 42 12.94 -1.65 -3.45
N VAL A 43 12.30 -0.81 -2.63
CA VAL A 43 11.20 -1.30 -1.78
C VAL A 43 10.00 -0.37 -1.80
N VAL A 44 8.81 -0.97 -1.70
CA VAL A 44 7.56 -0.23 -1.70
C VAL A 44 6.65 -0.77 -0.61
N GLY A 45 5.85 0.12 -0.03
CA GLY A 45 4.93 -0.30 1.02
C GLY A 45 3.82 0.69 1.31
N GLY A 46 2.77 0.17 1.94
CA GLY A 46 1.64 0.99 2.30
C GLY A 46 1.90 1.77 3.59
N SER A 47 2.89 1.33 4.36
CA SER A 47 3.20 2.01 5.62
C SER A 47 4.07 3.23 5.37
N ASP A 48 4.26 4.03 6.42
CA ASP A 48 5.10 5.21 6.31
C ASP A 48 6.55 4.80 6.51
N PHE A 49 7.45 5.75 6.27
CA PHE A 49 8.89 5.56 6.40
C PHE A 49 9.33 4.95 7.73
N GLU A 50 8.65 5.34 8.81
CA GLU A 50 9.01 4.84 10.13
C GLU A 50 9.03 3.32 10.25
N LYS A 51 7.99 2.67 9.75
CA LYS A 51 7.91 1.21 9.83
C LYS A 51 9.01 0.56 9.01
N VAL A 52 9.10 0.94 7.74
CA VAL A 52 10.11 0.37 6.86
C VAL A 52 11.47 0.32 7.58
N GLN A 53 11.82 1.41 8.26
CA GLN A 53 13.06 1.46 9.00
C GLN A 53 13.08 0.41 10.09
N GLU A 54 12.02 0.39 10.89
CA GLU A 54 11.91 -0.57 11.97
C GLU A 54 12.11 -2.01 11.48
N GLN A 55 11.71 -2.29 10.23
CA GLN A 55 11.84 -3.62 9.69
C GLN A 55 13.08 -3.80 8.82
N LEU A 56 13.47 -2.74 8.12
CA LEU A 56 14.61 -2.82 7.23
C LEU A 56 15.91 -2.17 7.72
N GLY A 57 15.81 -1.03 8.39
CA GLY A 57 17.01 -0.36 8.89
C GLY A 57 16.93 1.15 8.78
N ASN A 58 17.07 1.83 9.92
CA ASN A 58 17.02 3.28 9.97
C ASN A 58 17.75 3.96 8.82
N ASP A 59 18.70 3.26 8.23
CA ASP A 59 19.48 3.80 7.11
C ASP A 59 19.04 3.19 5.77
N VAL A 60 17.76 2.82 5.69
CA VAL A 60 17.20 2.19 4.49
C VAL A 60 17.55 2.89 3.17
N VAL A 61 17.50 4.21 3.13
CA VAL A 61 17.80 4.93 1.90
C VAL A 61 19.20 4.61 1.38
N GLU A 62 20.11 4.33 2.29
CA GLU A 62 21.50 4.00 1.93
C GLU A 62 21.58 2.55 1.50
N LYS A 63 20.57 1.78 1.92
CA LYS A 63 20.46 0.36 1.61
C LYS A 63 19.80 0.11 0.25
N TYR A 64 18.88 0.99 -0.14
CA TYR A 64 18.17 0.84 -1.42
C TYR A 64 18.29 2.08 -2.31
N ASP A 65 17.93 1.93 -3.57
CA ASP A 65 18.01 3.04 -4.51
C ASP A 65 16.70 3.81 -4.51
N TYR A 66 15.61 3.11 -4.21
CA TYR A 66 14.30 3.72 -4.18
C TYR A 66 13.56 3.35 -2.91
N VAL A 67 12.81 4.29 -2.36
CA VAL A 67 12.02 4.03 -1.17
C VAL A 67 10.72 4.77 -1.41
N PHE A 68 9.62 4.04 -1.43
CA PHE A 68 8.31 4.64 -1.68
C PHE A 68 7.25 4.32 -0.63
N PRO A 69 7.32 5.00 0.52
CA PRO A 69 6.36 4.79 1.60
C PRO A 69 4.98 5.28 1.20
N GLU A 70 3.94 4.71 1.81
CA GLU A 70 2.57 5.11 1.51
C GLU A 70 2.30 5.00 0.01
N ASN A 71 2.65 3.84 -0.54
CA ASN A 71 2.45 3.56 -1.95
C ASN A 71 3.31 4.45 -2.84
N GLY A 72 4.19 5.21 -2.23
CA GLY A 72 5.06 6.06 -3.01
C GLY A 72 4.61 7.51 -3.02
N LEU A 73 3.75 7.87 -2.09
CA LEU A 73 3.31 9.26 -2.01
C LEU A 73 4.52 9.98 -1.45
N VAL A 74 5.43 9.19 -0.89
CA VAL A 74 6.70 9.67 -0.37
C VAL A 74 7.67 8.84 -1.18
N ALA A 75 8.82 9.40 -1.53
CA ALA A 75 9.81 8.66 -2.31
C ALA A 75 11.23 9.02 -1.88
N TYR A 76 12.18 8.22 -2.36
CA TYR A 76 13.59 8.42 -2.07
C TYR A 76 14.42 7.64 -3.08
N LYS A 77 15.39 8.32 -3.68
CA LYS A 77 16.27 7.72 -4.67
C LYS A 77 17.71 7.99 -4.25
N ASP A 78 18.56 6.98 -4.40
CA ASP A 78 19.96 7.10 -4.02
C ASP A 78 20.18 7.94 -2.77
N GLY A 79 19.40 7.65 -1.73
CA GLY A 79 19.53 8.35 -0.46
C GLY A 79 18.81 9.67 -0.40
N LYS A 80 18.62 10.31 -1.54
CA LYS A 80 17.97 11.60 -1.59
C LYS A 80 16.49 11.44 -1.95
N LEU A 81 15.66 12.19 -1.25
CA LEU A 81 14.23 12.17 -1.47
C LEU A 81 13.98 12.30 -2.97
N LEU A 82 13.42 11.25 -3.56
CA LEU A 82 13.14 11.23 -4.99
C LEU A 82 11.83 11.92 -5.35
N CYS A 83 10.95 12.10 -4.37
CA CYS A 83 9.66 12.75 -4.59
C CYS A 83 8.72 12.59 -3.39
N ARG A 84 7.82 13.55 -3.22
CA ARG A 84 6.84 13.50 -2.15
C ARG A 84 5.51 14.04 -2.67
N GLN A 85 4.41 13.56 -2.09
CA GLN A 85 3.07 13.99 -2.50
C GLN A 85 1.98 13.39 -1.62
N ASN A 86 0.87 14.11 -1.47
CA ASN A 86 -0.25 13.62 -0.70
C ASN A 86 -1.52 13.71 -1.54
N ILE A 87 -2.64 13.32 -0.95
CA ILE A 87 -3.91 13.28 -1.66
C ILE A 87 -4.61 14.63 -1.94
N GLN A 88 -4.56 15.55 -0.99
CA GLN A 88 -5.20 16.84 -1.20
C GLN A 88 -4.53 17.69 -2.29
N SER A 89 -3.23 17.51 -2.47
CA SER A 89 -2.54 18.28 -3.50
C SER A 89 -2.92 17.75 -4.87
N HIS A 90 -2.93 16.42 -5.02
CA HIS A 90 -3.28 15.82 -6.29
C HIS A 90 -4.75 16.06 -6.65
N LEU A 91 -5.63 15.86 -5.68
CA LEU A 91 -7.07 16.03 -5.90
C LEU A 91 -7.58 17.45 -5.66
N GLY A 92 -6.72 18.30 -5.10
CA GLY A 92 -7.15 19.66 -4.82
C GLY A 92 -7.91 19.67 -3.51
N GLU A 93 -7.84 20.78 -2.79
CA GLU A 93 -8.51 20.92 -1.49
C GLU A 93 -10.02 21.14 -1.53
N ALA A 94 -10.59 21.30 -2.73
CA ALA A 94 -12.02 21.51 -2.83
C ALA A 94 -12.72 20.15 -2.87
N LEU A 95 -12.20 19.24 -3.68
CA LEU A 95 -12.76 17.90 -3.79
C LEU A 95 -12.59 17.18 -2.45
N ILE A 96 -11.40 17.27 -1.89
CA ILE A 96 -11.09 16.67 -0.60
C ILE A 96 -12.23 16.93 0.40
N GLN A 97 -12.58 18.20 0.59
CA GLN A 97 -13.63 18.56 1.51
C GLN A 97 -15.01 18.13 1.05
N ASP A 98 -15.24 18.10 -0.26
CA ASP A 98 -16.53 17.67 -0.77
C ASP A 98 -16.72 16.19 -0.41
N LEU A 99 -15.63 15.42 -0.53
CA LEU A 99 -15.65 13.99 -0.20
C LEU A 99 -15.79 13.82 1.31
N ILE A 100 -15.06 14.63 2.06
CA ILE A 100 -15.10 14.56 3.52
C ILE A 100 -16.48 14.90 4.02
N ASN A 101 -17.03 16.03 3.56
CA ASN A 101 -18.35 16.47 3.99
C ASN A 101 -19.43 15.43 3.70
N TYR A 102 -19.41 14.84 2.50
CA TYR A 102 -20.39 13.83 2.15
C TYR A 102 -20.32 12.66 3.13
N CYS A 103 -19.13 12.09 3.32
CA CYS A 103 -18.99 10.97 4.23
C CYS A 103 -19.48 11.31 5.64
N LEU A 104 -19.13 12.51 6.12
CA LEU A 104 -19.55 12.93 7.46
C LEU A 104 -21.07 12.88 7.60
N SER A 105 -21.77 13.49 6.65
CA SER A 105 -23.23 13.52 6.65
C SER A 105 -23.81 12.11 6.55
N TYR A 106 -23.29 11.31 5.61
CA TYR A 106 -23.75 9.94 5.40
C TYR A 106 -23.77 9.18 6.73
N ILE A 107 -22.62 9.17 7.39
CA ILE A 107 -22.47 8.48 8.67
C ILE A 107 -23.48 8.90 9.73
N ALA A 108 -23.75 10.19 9.81
CA ALA A 108 -24.70 10.71 10.79
C ALA A 108 -26.07 10.06 10.66
N LYS A 109 -26.41 9.64 9.43
CA LYS A 109 -27.70 9.02 9.17
C LYS A 109 -27.72 7.49 9.26
N ILE A 110 -26.56 6.86 9.48
CA ILE A 110 -26.51 5.41 9.59
C ILE A 110 -26.80 4.95 11.01
N LYS A 111 -27.96 4.33 11.22
CA LYS A 111 -28.33 3.85 12.56
C LYS A 111 -27.55 2.60 12.93
N LEU A 112 -26.76 2.71 13.99
CA LEU A 112 -25.95 1.59 14.44
C LEU A 112 -26.11 1.32 15.92
N PRO A 113 -25.64 0.15 16.38
CA PRO A 113 -25.74 -0.19 17.80
C PRO A 113 -24.63 0.51 18.58
N LYS A 114 -23.57 0.91 17.88
CA LYS A 114 -22.46 1.61 18.51
C LYS A 114 -21.73 2.58 17.60
N LYS A 115 -21.44 3.77 18.12
CA LYS A 115 -20.69 4.80 17.40
C LYS A 115 -19.67 5.39 18.37
N ARG A 116 -18.46 5.61 17.86
CA ARG A 116 -17.39 6.12 18.70
C ARG A 116 -16.64 7.31 18.09
N GLY A 117 -15.43 7.08 17.58
CA GLY A 117 -14.68 8.17 17.00
C GLY A 117 -13.75 7.78 15.86
N THR A 118 -13.19 8.79 15.19
CA THR A 118 -12.30 8.57 14.06
C THR A 118 -13.11 7.90 12.95
N PHE A 119 -14.17 8.59 12.54
CA PHE A 119 -15.06 8.15 11.48
C PHE A 119 -14.44 8.39 10.12
N ILE A 120 -13.41 9.24 10.12
CA ILE A 120 -12.69 9.56 8.91
C ILE A 120 -11.22 9.72 9.30
N GLU A 121 -10.37 8.84 8.75
CA GLU A 121 -8.95 8.90 9.03
C GLU A 121 -8.26 9.36 7.76
N PHE A 122 -7.89 10.63 7.75
CA PHE A 122 -7.21 11.23 6.61
C PHE A 122 -5.77 10.78 6.66
N ARG A 123 -5.33 10.10 5.61
CA ARG A 123 -3.98 9.58 5.51
C ARG A 123 -3.42 10.20 4.22
N ASN A 124 -2.10 10.25 4.08
CA ASN A 124 -1.51 10.84 2.89
C ASN A 124 -2.05 10.26 1.58
N GLY A 125 -2.53 9.02 1.64
CA GLY A 125 -3.06 8.40 0.43
C GLY A 125 -4.53 8.10 0.38
N MSE A 126 -5.33 8.51 1.36
CA MSE A 126 -6.74 8.20 1.30
C MSE A 126 -7.61 8.85 2.39
O MSE A 126 -7.15 9.73 3.14
CB MSE A 126 -6.89 6.68 1.35
CG MSE A 126 -6.73 6.15 2.77
SE MSE A 126 -5.81 4.44 2.96
CE MSE A 126 -3.93 5.05 2.77
N LEU A 127 -8.86 8.45 2.43
CA LEU A 127 -9.81 8.90 3.41
C LEU A 127 -10.46 7.63 3.94
N ASN A 128 -9.70 6.85 4.71
CA ASN A 128 -10.25 5.63 5.27
C ASN A 128 -11.49 6.06 6.06
N VAL A 129 -12.64 5.53 5.67
CA VAL A 129 -13.91 5.84 6.30
C VAL A 129 -14.42 4.65 7.11
N SER A 130 -15.02 4.93 8.25
CA SER A 130 -15.56 3.88 9.12
C SER A 130 -16.86 4.36 9.75
N PRO A 131 -17.99 3.71 9.42
CA PRO A 131 -19.27 4.13 9.99
C PRO A 131 -19.37 4.08 11.52
N ILE A 132 -18.70 3.10 12.14
CA ILE A 132 -18.73 2.97 13.58
C ILE A 132 -17.66 3.86 14.22
N GLY A 133 -16.52 3.99 13.54
CA GLY A 133 -15.41 4.77 14.07
C GLY A 133 -14.29 3.80 14.43
N ARG A 134 -13.11 4.04 13.90
CA ARG A 134 -11.96 3.16 14.15
C ARG A 134 -11.52 3.09 15.61
N SER A 135 -12.14 3.88 16.48
CA SER A 135 -11.74 3.87 17.88
C SER A 135 -12.43 2.76 18.68
N CYS A 136 -13.57 2.28 18.19
CA CYS A 136 -14.32 1.21 18.86
C CYS A 136 -13.39 0.06 19.29
N SER A 137 -13.76 -0.63 20.35
CA SER A 137 -12.97 -1.76 20.84
C SER A 137 -13.20 -3.03 20.02
N GLN A 138 -12.49 -4.08 20.39
CA GLN A 138 -12.58 -5.36 19.69
C GLN A 138 -14.02 -5.89 19.66
N GLU A 139 -14.69 -5.84 20.81
CA GLU A 139 -16.06 -6.35 20.89
C GLU A 139 -17.01 -5.55 20.01
N GLU A 140 -16.85 -4.24 20.04
CA GLU A 140 -17.69 -3.35 19.25
C GLU A 140 -17.46 -3.57 17.77
N ARG A 141 -16.21 -3.83 17.42
CA ARG A 141 -15.86 -4.07 16.04
C ARG A 141 -16.53 -5.37 15.54
N ILE A 142 -16.60 -6.37 16.40
CA ILE A 142 -17.23 -7.64 16.04
C ILE A 142 -18.73 -7.42 15.80
N GLU A 143 -19.36 -6.73 16.75
CA GLU A 143 -20.78 -6.43 16.66
C GLU A 143 -21.07 -5.75 15.33
N PHE A 144 -20.32 -4.69 15.03
CA PHE A 144 -20.53 -4.00 13.78
C PHE A 144 -20.19 -4.91 12.61
N TYR A 145 -19.15 -5.71 12.77
CA TYR A 145 -18.77 -6.58 11.68
C TYR A 145 -19.83 -7.63 11.38
N GLU A 146 -20.45 -8.18 12.43
CA GLU A 146 -21.47 -9.20 12.21
C GLU A 146 -22.68 -8.53 11.58
N LEU A 147 -22.90 -7.26 11.94
CA LEU A 147 -24.01 -6.50 11.39
C LEU A 147 -23.70 -6.15 9.94
N ASP A 148 -22.44 -5.79 9.68
CA ASP A 148 -22.02 -5.41 8.34
C ASP A 148 -22.04 -6.60 7.39
N LYS A 149 -21.61 -7.76 7.87
CA LYS A 149 -21.60 -8.97 7.03
C LYS A 149 -23.03 -9.32 6.65
N LYS A 150 -23.98 -8.94 7.52
CA LYS A 150 -25.38 -9.23 7.29
C LYS A 150 -26.06 -8.09 6.54
N GLU A 151 -25.78 -6.86 6.97
CA GLU A 151 -26.38 -5.67 6.39
C GLU A 151 -25.68 -5.06 5.17
N ASN A 152 -24.40 -5.36 4.99
CA ASN A 152 -23.64 -4.81 3.86
C ASN A 152 -23.51 -3.29 3.97
N ILE A 153 -23.16 -2.83 5.18
CA ILE A 153 -23.01 -1.39 5.47
C ILE A 153 -22.01 -0.69 4.56
N ARG A 154 -20.74 -1.06 4.71
CA ARG A 154 -19.65 -0.48 3.93
C ARG A 154 -19.86 -0.63 2.43
N GLN A 155 -20.49 -1.74 2.04
CA GLN A 155 -20.77 -2.03 0.63
C GLN A 155 -21.64 -0.94 0.01
N LYS A 156 -22.78 -0.69 0.64
CA LYS A 156 -23.74 0.31 0.20
C LYS A 156 -23.16 1.72 0.26
N PHE A 157 -22.21 1.94 1.17
CA PHE A 157 -21.57 3.25 1.33
C PHE A 157 -20.67 3.44 0.10
N VAL A 158 -19.80 2.47 -0.15
CA VAL A 158 -18.88 2.54 -1.28
C VAL A 158 -19.62 2.60 -2.60
N ALA A 159 -20.88 2.16 -2.59
CA ALA A 159 -21.69 2.18 -3.80
C ALA A 159 -22.27 3.58 -4.01
N ASP A 160 -22.94 4.10 -2.98
CA ASP A 160 -23.57 5.40 -3.05
C ASP A 160 -22.55 6.51 -3.32
N LEU A 161 -21.34 6.33 -2.79
CA LEU A 161 -20.26 7.28 -2.98
C LEU A 161 -19.79 7.27 -4.42
N ARG A 162 -19.54 6.06 -4.92
CA ARG A 162 -19.07 5.86 -6.28
C ARG A 162 -19.93 6.63 -7.28
N LYS A 163 -21.23 6.65 -7.02
CA LYS A 163 -22.16 7.35 -7.90
C LYS A 163 -22.04 8.86 -7.69
N GLU A 164 -22.14 9.29 -6.44
CA GLU A 164 -22.07 10.70 -6.09
C GLU A 164 -20.81 11.39 -6.63
N PHE A 165 -19.72 10.65 -6.68
CA PHE A 165 -18.45 11.19 -7.15
C PHE A 165 -17.94 10.62 -8.45
N ALA A 166 -18.86 10.40 -9.39
CA ALA A 166 -18.49 9.87 -10.70
C ALA A 166 -17.68 10.95 -11.42
N GLY A 167 -16.82 10.53 -12.34
CA GLY A 167 -16.00 11.48 -13.09
C GLY A 167 -14.90 12.16 -12.28
N LYS A 168 -14.97 12.06 -10.95
CA LYS A 168 -13.97 12.67 -10.09
C LYS A 168 -12.73 11.82 -9.87
N GLY A 169 -12.54 10.82 -10.71
CA GLY A 169 -11.36 9.97 -10.60
C GLY A 169 -11.00 9.46 -9.22
N LEU A 170 -11.58 8.34 -8.83
CA LEU A 170 -11.30 7.76 -7.53
C LEU A 170 -11.59 6.27 -7.51
N THR A 171 -10.76 5.54 -6.77
CA THR A 171 -10.93 4.10 -6.62
C THR A 171 -11.33 3.87 -5.17
N PHE A 172 -12.12 2.83 -4.93
CA PHE A 172 -12.56 2.51 -3.58
C PHE A 172 -12.07 1.13 -3.18
N SER A 173 -12.14 0.84 -1.88
CA SER A 173 -11.68 -0.45 -1.42
C SER A 173 -12.19 -0.78 -0.02
N ILE A 174 -12.94 -1.87 0.07
CA ILE A 174 -13.49 -2.32 1.33
C ILE A 174 -12.57 -3.39 1.92
N GLY A 175 -12.07 -3.14 3.12
CA GLY A 175 -11.21 -4.10 3.77
C GLY A 175 -11.41 -4.12 5.28
N GLY A 176 -10.94 -5.18 5.92
CA GLY A 176 -11.08 -5.28 7.36
C GLY A 176 -12.53 -5.45 7.77
N GLN A 177 -12.86 -5.05 9.01
CA GLN A 177 -14.22 -5.24 9.50
C GLN A 177 -15.05 -3.98 9.73
N ILE A 178 -14.42 -2.80 9.71
CA ILE A 178 -15.16 -1.57 9.98
C ILE A 178 -14.97 -0.35 9.05
N SER A 179 -14.02 -0.41 8.13
CA SER A 179 -13.76 0.73 7.26
C SER A 179 -13.65 0.41 5.79
N PHE A 180 -13.40 1.45 5.01
CA PHE A 180 -13.18 1.34 3.57
C PHE A 180 -12.37 2.54 3.08
N ASP A 181 -11.38 2.27 2.21
CA ASP A 181 -10.52 3.33 1.69
C ASP A 181 -11.05 4.03 0.45
N VAL A 182 -10.67 5.30 0.31
CA VAL A 182 -11.04 6.14 -0.83
C VAL A 182 -9.73 6.81 -1.23
N PHE A 183 -9.24 6.49 -2.41
CA PHE A 183 -7.98 7.04 -2.90
C PHE A 183 -8.02 7.30 -4.39
N PRO A 184 -7.18 8.23 -4.86
CA PRO A 184 -7.16 8.54 -6.30
C PRO A 184 -6.83 7.28 -7.09
N ASP A 185 -7.48 7.13 -8.24
CA ASP A 185 -7.25 5.96 -9.08
C ASP A 185 -5.76 5.74 -9.28
N GLY A 186 -5.34 4.48 -9.17
CA GLY A 186 -3.94 4.15 -9.35
C GLY A 186 -3.02 4.50 -8.18
N TRP A 187 -3.60 4.80 -7.02
CA TRP A 187 -2.77 5.13 -5.88
C TRP A 187 -2.38 3.94 -5.00
N ASP A 188 -2.35 2.76 -5.62
CA ASP A 188 -1.93 1.56 -4.93
C ASP A 188 -0.42 1.55 -5.20
N LYS A 189 0.28 0.46 -4.89
CA LYS A 189 1.72 0.44 -5.12
C LYS A 189 2.10 0.87 -6.55
N ARG A 190 1.10 0.93 -7.43
CA ARG A 190 1.37 1.35 -8.80
C ARG A 190 1.69 2.84 -8.88
N TYR A 191 1.22 3.63 -7.92
CA TYR A 191 1.52 5.05 -7.98
C TYR A 191 3.03 5.22 -8.11
N CYS A 192 3.73 4.24 -7.57
CA CYS A 192 5.19 4.21 -7.55
C CYS A 192 5.85 4.27 -8.93
N LEU A 193 5.97 3.11 -9.55
CA LEU A 193 6.61 2.91 -10.85
C LEU A 193 7.03 4.14 -11.63
N ARG A 194 6.11 5.08 -11.81
CA ARG A 194 6.41 6.30 -12.55
C ARG A 194 7.85 6.80 -12.35
N HIS A 195 8.35 6.70 -11.11
CA HIS A 195 9.69 7.17 -10.81
C HIS A 195 10.83 6.17 -11.02
N VAL A 196 10.53 5.05 -11.67
CA VAL A 196 11.56 4.06 -11.90
C VAL A 196 11.55 3.49 -13.32
N GLU A 197 10.40 3.61 -13.99
CA GLU A 197 10.24 3.08 -15.34
C GLU A 197 10.87 3.96 -16.42
N ASN A 198 10.61 5.26 -16.34
CA ASN A 198 11.14 6.19 -17.31
C ASN A 198 12.62 6.44 -17.05
N ASP A 199 13.34 5.37 -16.71
CA ASP A 199 14.76 5.50 -16.43
C ASP A 199 15.68 4.71 -17.35
N GLY A 200 15.72 3.38 -17.20
CA GLY A 200 16.59 2.61 -18.08
C GLY A 200 16.63 1.10 -17.94
N TYR A 201 15.83 0.53 -17.04
CA TYR A 201 15.84 -0.92 -16.86
C TYR A 201 15.09 -1.64 -17.98
N LYS A 202 15.66 -2.71 -18.49
CA LYS A 202 15.04 -3.49 -19.55
C LYS A 202 13.98 -4.36 -18.90
N THR A 203 14.22 -4.74 -17.65
CA THR A 203 13.28 -5.58 -16.92
C THR A 203 13.11 -5.10 -15.47
N ILE A 204 11.89 -5.24 -14.96
CA ILE A 204 11.61 -4.84 -13.59
C ILE A 204 10.83 -5.94 -12.91
N TYR A 205 11.52 -6.68 -12.06
CA TYR A 205 10.91 -7.78 -11.33
C TYR A 205 10.26 -7.28 -10.04
N PHE A 206 9.21 -7.98 -9.64
CA PHE A 206 8.49 -7.67 -8.40
C PHE A 206 8.36 -8.97 -7.67
N PHE A 207 8.74 -8.97 -6.40
CA PHE A 207 8.65 -10.17 -5.58
C PHE A 207 7.69 -9.90 -4.43
N GLY A 208 6.72 -10.81 -4.27
CA GLY A 208 5.74 -10.66 -3.22
C GLY A 208 4.59 -11.64 -3.40
N ASP A 209 3.37 -11.18 -3.09
CA ASP A 209 2.17 -11.99 -3.24
C ASP A 209 1.32 -11.37 -4.34
N LYS A 210 0.74 -12.20 -5.19
CA LYS A 210 -0.10 -11.70 -6.27
C LYS A 210 -1.53 -11.47 -5.77
N THR A 211 -1.79 -11.87 -4.54
CA THR A 211 -3.10 -11.72 -3.93
C THR A 211 -3.03 -10.90 -2.64
N MSE A 212 -4.07 -10.11 -2.39
CA MSE A 212 -4.15 -9.28 -1.20
C MSE A 212 -4.63 -10.07 0.02
O MSE A 212 -5.57 -9.68 0.71
CB MSE A 212 -5.12 -8.11 -1.43
CG MSE A 212 -4.68 -7.12 -2.51
SE MSE A 212 -6.03 -5.80 -2.86
CE MSE A 212 -5.98 -4.84 -1.19
N ASN A 216 -6.90 -10.42 -1.77
CA ASN A 216 -7.61 -10.39 -3.03
C ASN A 216 -6.65 -10.47 -4.23
N ASP A 217 -5.86 -9.41 -4.42
CA ASP A 217 -4.91 -9.37 -5.54
C ASP A 217 -4.21 -8.01 -5.64
N HIS A 218 -2.88 -8.02 -5.72
CA HIS A 218 -2.11 -6.78 -5.84
C HIS A 218 -1.84 -6.51 -7.31
N GLU A 219 -2.18 -5.30 -7.75
CA GLU A 219 -2.03 -4.91 -9.14
C GLU A 219 -0.59 -4.77 -9.64
N ILE A 220 0.33 -4.41 -8.76
CA ILE A 220 1.71 -4.27 -9.19
C ILE A 220 2.20 -5.60 -9.71
N PHE A 221 1.74 -6.67 -9.09
CA PHE A 221 2.14 -8.01 -9.50
C PHE A 221 1.69 -8.26 -10.94
N THR A 222 0.56 -7.66 -11.32
CA THR A 222 0.02 -7.85 -12.66
C THR A 222 0.02 -6.57 -13.48
N ASP A 223 1.21 -5.99 -13.67
CA ASP A 223 1.33 -4.77 -14.45
C ASP A 223 2.27 -5.03 -15.62
N PRO A 224 1.98 -4.44 -16.79
CA PRO A 224 2.82 -4.65 -17.98
C PRO A 224 4.27 -4.24 -17.79
N ARG A 225 4.51 -3.20 -16.99
CA ARG A 225 5.87 -2.73 -16.74
C ARG A 225 6.64 -3.74 -15.90
N THR A 226 5.92 -4.49 -15.07
CA THR A 226 6.55 -5.45 -14.17
C THR A 226 6.48 -6.92 -14.53
N MSE A 227 7.43 -7.67 -13.98
CA MSE A 227 7.52 -9.11 -14.11
C MSE A 227 7.35 -9.56 -12.65
O MSE A 227 8.24 -9.39 -11.83
CB MSE A 227 8.91 -9.51 -14.62
CG MSE A 227 9.17 -9.20 -16.08
SE MSE A 227 8.01 -10.24 -17.23
CE MSE A 227 6.74 -8.84 -17.66
N GLY A 228 6.17 -10.11 -12.35
CA GLY A 228 5.89 -10.53 -10.99
C GLY A 228 6.17 -11.98 -10.64
N TYR A 229 6.70 -12.16 -9.43
CA TYR A 229 7.00 -13.48 -8.90
C TYR A 229 6.47 -13.56 -7.48
N SER A 230 5.61 -14.53 -7.20
CA SER A 230 5.05 -14.66 -5.86
C SER A 230 5.91 -15.53 -4.96
N VAL A 231 6.10 -15.08 -3.73
CA VAL A 231 6.91 -15.82 -2.77
C VAL A 231 6.14 -16.07 -1.48
N THR A 232 6.51 -17.13 -0.76
CA THR A 232 5.82 -17.49 0.48
C THR A 232 6.58 -17.15 1.75
N ALA A 233 7.81 -16.64 1.62
CA ALA A 233 8.66 -16.30 2.76
C ALA A 233 10.09 -15.98 2.28
N PRO A 234 10.93 -15.39 3.16
CA PRO A 234 12.30 -15.06 2.76
C PRO A 234 13.04 -16.26 2.19
N GLU A 235 12.70 -17.44 2.71
CA GLU A 235 13.31 -18.68 2.24
C GLU A 235 13.14 -18.77 0.74
N ASP A 236 11.97 -18.36 0.25
CA ASP A 236 11.65 -18.37 -1.17
C ASP A 236 12.09 -17.11 -1.90
N THR A 237 11.85 -15.95 -1.30
CA THR A 237 12.28 -14.71 -1.94
C THR A 237 13.73 -14.85 -2.41
N ARG A 238 14.59 -15.30 -1.50
CA ARG A 238 15.99 -15.48 -1.83
C ARG A 238 16.20 -16.59 -2.85
N ARG A 239 15.50 -17.71 -2.64
CA ARG A 239 15.61 -18.86 -3.53
C ARG A 239 15.34 -18.47 -4.99
N ILE A 240 14.25 -17.76 -5.22
CA ILE A 240 13.90 -17.32 -6.57
C ILE A 240 14.77 -16.14 -6.98
N CYS A 241 15.04 -15.25 -6.04
CA CYS A 241 15.87 -14.09 -6.35
C CYS A 241 17.30 -14.51 -6.67
N GLU A 242 17.63 -15.78 -6.39
CA GLU A 242 18.97 -16.27 -6.67
C GLU A 242 18.96 -17.21 -7.86
N LEU A 243 17.78 -17.75 -8.15
CA LEU A 243 17.60 -18.68 -9.26
C LEU A 243 17.45 -17.92 -10.56
N LEU A 244 17.06 -16.65 -10.47
CA LEU A 244 16.86 -15.82 -11.64
C LEU A 244 18.12 -15.04 -12.02
N PHE A 245 19.09 -14.99 -11.11
CA PHE A 245 20.30 -14.24 -11.38
C PHE A 245 21.57 -15.02 -11.05
N SER A 246 21.97 -15.87 -11.98
CA SER A 246 23.15 -16.73 -11.83
C SER A 246 23.03 -17.55 -10.56
C1 EDO B . -27.86 7.04 3.14
O1 EDO B . -28.47 8.31 2.92
C2 EDO B . -27.64 6.83 4.64
O2 EDO B . -28.59 5.88 5.13
N GLY C . 10.60 -3.50 -19.47
CA GLY C . 10.64 -2.72 -18.24
C GLY C . 9.80 -1.45 -18.30
O GLY C . 8.68 -1.42 -17.80
N GLY D . 3.35 -7.67 -14.10
CA GLY D . 3.88 -9.02 -13.92
C GLY D . 3.57 -9.91 -15.09
O GLY D . 2.76 -9.53 -15.95
N GLY E . -26.78 11.26 1.55
CA GLY E . -25.65 11.54 2.42
C GLY E . -24.97 12.87 2.11
O GLY E . -25.48 13.93 2.47
N PRO A 4 22.72 -9.35 -15.41
CA PRO A 4 23.91 -8.59 -15.83
C PRO A 4 23.58 -7.32 -16.61
N GLY A 5 22.37 -7.26 -17.17
CA GLY A 5 21.98 -6.09 -17.94
C GLY A 5 21.29 -5.02 -17.11
N PRO A 6 20.83 -3.92 -17.75
CA PRO A 6 20.15 -2.82 -17.06
C PRO A 6 18.82 -3.28 -16.48
N ALA A 7 18.68 -3.31 -15.15
CA ALA A 7 17.42 -3.75 -14.55
C ALA A 7 17.21 -3.38 -13.07
N LEU A 8 15.95 -3.17 -12.71
CA LEU A 8 15.55 -2.83 -11.35
C LEU A 8 14.71 -3.94 -10.73
N CYS A 9 15.03 -4.31 -9.49
CA CYS A 9 14.31 -5.35 -8.79
C CYS A 9 13.64 -4.80 -7.55
N LEU A 10 12.31 -4.90 -7.51
CA LEU A 10 11.52 -4.41 -6.38
C LEU A 10 11.00 -5.55 -5.55
N PHE A 11 11.11 -5.43 -4.24
CA PHE A 11 10.65 -6.47 -3.32
C PHE A 11 9.53 -5.97 -2.42
N ASP A 12 8.71 -6.90 -1.94
CA ASP A 12 7.65 -6.59 -0.99
C ASP A 12 8.39 -6.77 0.33
N VAL A 13 7.97 -6.07 1.39
CA VAL A 13 8.67 -6.19 2.67
C VAL A 13 8.30 -7.32 3.64
N ASP A 14 7.33 -7.09 4.51
CA ASP A 14 6.91 -8.08 5.49
C ASP A 14 6.58 -9.44 4.87
N GLY A 15 7.19 -10.49 5.41
CA GLY A 15 6.97 -11.83 4.88
C GLY A 15 7.78 -12.18 3.65
N THR A 16 8.16 -11.17 2.87
CA THR A 16 8.93 -11.35 1.64
C THR A 16 10.44 -11.42 1.85
N LEU A 17 10.98 -10.44 2.59
CA LEU A 17 12.40 -10.39 2.91
C LEU A 17 12.60 -10.69 4.39
N THR A 18 11.50 -10.65 5.14
CA THR A 18 11.54 -10.92 6.58
C THR A 18 10.38 -11.80 6.99
N ALA A 19 10.46 -12.34 8.21
CA ALA A 19 9.39 -13.15 8.76
C ALA A 19 8.38 -12.14 9.33
N PRO A 20 7.08 -12.46 9.30
CA PRO A 20 6.04 -11.55 9.81
C PRO A 20 6.40 -10.92 11.14
N ARG A 21 6.14 -9.62 11.24
CA ARG A 21 6.40 -8.83 12.44
C ARG A 21 7.83 -8.97 12.97
N GLN A 22 8.74 -9.41 12.12
CA GLN A 22 10.13 -9.55 12.52
C GLN A 22 11.04 -8.69 11.63
N LYS A 23 12.15 -8.24 12.18
CA LYS A 23 13.10 -7.42 11.43
C LYS A 23 13.85 -8.32 10.45
N ILE A 24 14.35 -7.72 9.37
CA ILE A 24 15.10 -8.46 8.36
C ILE A 24 16.26 -9.20 9.00
N THR A 25 16.56 -10.39 8.48
CA THR A 25 17.64 -11.23 8.98
C THR A 25 19.03 -10.83 8.44
N LYS A 26 20.05 -11.00 9.27
CA LYS A 26 21.42 -10.68 8.89
C LYS A 26 21.70 -11.51 7.64
N GLU A 27 21.31 -12.78 7.71
CA GLU A 27 21.46 -13.72 6.61
C GLU A 27 20.75 -13.19 5.36
N MSE A 28 19.52 -12.69 5.51
CA MSE A 28 18.76 -12.17 4.40
C MSE A 28 19.33 -10.82 3.94
O MSE A 28 19.36 -10.53 2.74
CB MSE A 28 17.28 -11.99 4.79
CG MSE A 28 16.38 -11.50 3.65
SE MSE A 28 16.43 -12.68 2.11
CE MSE A 28 14.82 -12.10 1.22
N ASP A 29 19.77 -10.02 4.89
CA ASP A 29 20.33 -8.71 4.55
C ASP A 29 21.61 -8.83 3.72
N ASP A 30 22.52 -9.72 4.14
CA ASP A 30 23.76 -9.92 3.41
C ASP A 30 23.39 -10.44 2.02
N PHE A 31 22.26 -11.13 1.93
CA PHE A 31 21.79 -11.68 0.67
C PHE A 31 21.55 -10.58 -0.35
N LEU A 32 20.66 -9.65 -0.01
CA LEU A 32 20.31 -8.55 -0.90
C LEU A 32 21.50 -7.67 -1.28
N GLN A 33 22.49 -7.57 -0.40
CA GLN A 33 23.66 -6.76 -0.70
C GLN A 33 24.56 -7.52 -1.66
N LYS A 34 24.55 -8.84 -1.52
CA LYS A 34 25.36 -9.68 -2.38
C LYS A 34 24.83 -9.71 -3.81
N LEU A 35 23.51 -9.92 -3.96
CA LEU A 35 22.92 -9.96 -5.30
C LEU A 35 22.82 -8.58 -5.91
N ARG A 36 22.84 -7.55 -5.07
CA ARG A 36 22.76 -6.16 -5.52
C ARG A 36 23.95 -5.81 -6.41
N GLN A 37 24.80 -6.79 -6.70
CA GLN A 37 25.97 -6.56 -7.55
C GLN A 37 25.63 -6.82 -9.00
N LYS A 38 24.63 -7.66 -9.23
CA LYS A 38 24.21 -7.99 -10.58
C LYS A 38 23.02 -7.17 -11.04
N ILE A 39 22.34 -6.52 -10.10
CA ILE A 39 21.17 -5.71 -10.46
C ILE A 39 20.72 -4.79 -9.34
N LYS A 40 20.13 -3.67 -9.72
CA LYS A 40 19.61 -2.68 -8.78
C LYS A 40 18.43 -3.26 -7.99
N ILE A 41 18.26 -2.80 -6.76
CA ILE A 41 17.15 -3.28 -5.92
C ILE A 41 16.38 -2.13 -5.30
N GLY A 42 15.11 -2.39 -4.97
CA GLY A 42 14.27 -1.37 -4.36
C GLY A 42 13.20 -2.00 -3.50
N VAL A 43 12.55 -1.21 -2.64
CA VAL A 43 11.50 -1.73 -1.78
C VAL A 43 10.26 -0.84 -1.80
N VAL A 44 9.10 -1.48 -1.73
CA VAL A 44 7.83 -0.79 -1.68
C VAL A 44 6.93 -1.47 -0.65
N GLY A 45 6.10 -0.67 -0.01
CA GLY A 45 5.18 -1.19 0.99
C GLY A 45 4.19 -0.11 1.34
N GLY A 46 3.06 -0.49 1.91
CA GLY A 46 2.06 0.50 2.27
C GLY A 46 2.42 1.21 3.57
N SER A 47 3.32 0.62 4.34
CA SER A 47 3.76 1.17 5.62
C SER A 47 4.70 2.36 5.45
N ASP A 48 4.96 3.07 6.56
CA ASP A 48 5.85 4.23 6.52
C ASP A 48 7.32 3.88 6.74
N PHE A 49 8.16 4.89 6.58
CA PHE A 49 9.61 4.78 6.70
C PHE A 49 10.14 4.20 8.01
N GLU A 50 9.62 4.69 9.13
CA GLU A 50 10.02 4.20 10.44
C GLU A 50 9.79 2.69 10.44
N LYS A 51 8.59 2.31 10.06
CA LYS A 51 8.21 0.90 9.99
C LYS A 51 9.21 0.17 9.13
N VAL A 52 9.46 0.69 7.94
CA VAL A 52 10.41 0.06 7.03
C VAL A 52 11.76 0.00 7.73
N GLN A 53 12.16 1.09 8.35
CA GLN A 53 13.42 1.11 9.08
C GLN A 53 13.43 0.02 10.15
N GLU A 54 12.31 -0.13 10.84
CA GLU A 54 12.19 -1.16 11.88
C GLU A 54 12.39 -2.56 11.30
N GLN A 55 11.78 -2.80 10.14
CA GLN A 55 11.86 -4.10 9.51
C GLN A 55 13.19 -4.37 8.81
N LEU A 56 13.68 -3.39 8.06
CA LEU A 56 14.92 -3.56 7.31
C LEU A 56 16.16 -2.83 7.86
N GLY A 57 15.99 -2.07 8.94
CA GLY A 57 17.12 -1.35 9.50
C GLY A 57 17.00 0.16 9.28
N ASN A 58 17.71 0.94 10.09
CA ASN A 58 17.65 2.40 9.98
C ASN A 58 18.43 2.95 8.80
N ASP A 59 19.35 2.15 8.28
CA ASP A 59 20.16 2.56 7.14
C ASP A 59 19.56 2.04 5.84
N VAL A 60 18.25 1.79 5.86
CA VAL A 60 17.55 1.26 4.69
C VAL A 60 17.93 1.88 3.35
N VAL A 61 17.97 3.21 3.25
CA VAL A 61 18.32 3.86 1.97
C VAL A 61 19.69 3.49 1.43
N GLU A 62 20.60 3.04 2.29
CA GLU A 62 21.93 2.65 1.85
C GLU A 62 21.97 1.19 1.38
N LYS A 63 21.02 0.40 1.85
CA LYS A 63 20.95 -1.01 1.47
C LYS A 63 20.16 -1.26 0.19
N TYR A 64 19.37 -0.28 -0.23
CA TYR A 64 18.58 -0.44 -1.45
C TYR A 64 18.76 0.76 -2.36
N ASP A 65 18.40 0.60 -3.64
CA ASP A 65 18.53 1.70 -4.58
C ASP A 65 17.31 2.61 -4.59
N TYR A 66 16.15 2.05 -4.26
CA TYR A 66 14.91 2.83 -4.21
C TYR A 66 14.15 2.43 -2.96
N VAL A 67 13.41 3.37 -2.38
CA VAL A 67 12.60 3.13 -1.19
C VAL A 67 11.32 3.91 -1.41
N PHE A 68 10.18 3.22 -1.42
CA PHE A 68 8.91 3.87 -1.67
C PHE A 68 7.86 3.66 -0.60
N PRO A 69 7.95 4.43 0.49
CA PRO A 69 6.98 4.32 1.58
C PRO A 69 5.61 4.76 1.06
N GLU A 70 4.55 4.34 1.75
CA GLU A 70 3.20 4.70 1.36
C GLU A 70 2.98 4.54 -0.13
N ASN A 71 3.21 3.33 -0.62
CA ASN A 71 3.03 2.98 -2.02
C ASN A 71 3.91 3.75 -2.99
N GLY A 72 4.58 4.78 -2.49
CA GLY A 72 5.46 5.57 -3.35
C GLY A 72 5.21 7.05 -3.39
N LEU A 73 4.17 7.52 -2.68
CA LEU A 73 3.87 8.95 -2.65
C LEU A 73 5.08 9.65 -2.02
N VAL A 74 5.91 8.85 -1.37
CA VAL A 74 7.14 9.28 -0.75
C VAL A 74 8.15 8.36 -1.42
N ALA A 75 9.31 8.90 -1.79
CA ALA A 75 10.29 8.06 -2.46
C ALA A 75 11.72 8.58 -2.33
N TYR A 76 12.64 7.65 -2.17
CA TYR A 76 14.06 7.97 -2.10
C TYR A 76 14.70 7.23 -3.27
N LYS A 77 15.71 7.84 -3.86
CA LYS A 77 16.43 7.26 -4.99
C LYS A 77 17.92 7.33 -4.73
N ASP A 78 18.61 6.21 -4.94
CA ASP A 78 20.05 6.16 -4.72
C ASP A 78 20.32 6.81 -3.36
N GLY A 79 19.86 6.15 -2.30
CA GLY A 79 20.04 6.66 -0.95
C GLY A 79 19.61 8.11 -0.72
N LYS A 80 19.16 8.77 -1.77
CA LYS A 80 18.75 10.17 -1.69
C LYS A 80 17.23 10.39 -1.78
N LEU A 81 16.66 11.03 -0.75
CA LEU A 81 15.23 11.29 -0.74
C LEU A 81 14.84 12.09 -1.96
N LEU A 82 13.75 11.68 -2.61
CA LEU A 82 13.29 12.35 -3.82
C LEU A 82 12.16 13.35 -3.64
N CYS A 83 10.92 12.86 -3.77
CA CYS A 83 9.75 13.70 -3.68
C CYS A 83 8.63 13.11 -2.81
N ARG A 84 7.62 13.92 -2.55
CA ARG A 84 6.47 13.50 -1.77
C ARG A 84 5.24 13.78 -2.61
N GLN A 85 4.07 13.50 -2.06
CA GLN A 85 2.81 13.72 -2.74
C GLN A 85 1.67 13.30 -1.84
N ASN A 86 0.62 14.12 -1.74
CA ASN A 86 -0.52 13.77 -0.93
C ASN A 86 -1.84 13.95 -1.68
N ILE A 87 -2.92 13.45 -1.07
CA ILE A 87 -4.24 13.48 -1.67
C ILE A 87 -4.91 14.85 -1.85
N GLN A 88 -4.69 15.77 -0.91
CA GLN A 88 -5.30 17.09 -1.03
C GLN A 88 -4.64 17.89 -2.16
N SER A 89 -3.37 17.62 -2.42
CA SER A 89 -2.67 18.33 -3.48
C SER A 89 -3.07 17.76 -4.84
N HIS A 90 -3.07 16.44 -4.95
CA HIS A 90 -3.43 15.80 -6.20
C HIS A 90 -4.88 16.08 -6.59
N LEU A 91 -5.79 15.95 -5.62
CA LEU A 91 -7.21 16.18 -5.85
C LEU A 91 -7.69 17.59 -5.59
N GLY A 92 -6.83 18.40 -4.97
CA GLY A 92 -7.22 19.76 -4.67
C GLY A 92 -7.99 19.78 -3.37
N GLU A 93 -7.87 20.86 -2.61
CA GLU A 93 -8.55 21.01 -1.32
C GLU A 93 -10.08 21.00 -1.41
N ALA A 94 -10.62 21.47 -2.53
CA ALA A 94 -12.08 21.51 -2.69
C ALA A 94 -12.66 20.10 -2.80
N LEU A 95 -12.08 19.27 -3.66
CA LEU A 95 -12.57 17.90 -3.82
C LEU A 95 -12.44 17.16 -2.49
N ILE A 96 -11.26 17.29 -1.87
CA ILE A 96 -11.00 16.67 -0.58
C ILE A 96 -12.15 16.94 0.38
N GLN A 97 -12.48 18.21 0.56
CA GLN A 97 -13.56 18.60 1.46
C GLN A 97 -14.93 18.15 0.97
N ASP A 98 -15.11 18.08 -0.34
CA ASP A 98 -16.38 17.63 -0.88
C ASP A 98 -16.59 16.16 -0.49
N LEU A 99 -15.51 15.38 -0.61
CA LEU A 99 -15.53 13.96 -0.26
C LEU A 99 -15.70 13.81 1.25
N ILE A 100 -14.96 14.62 1.99
CA ILE A 100 -15.02 14.57 3.45
C ILE A 100 -16.41 14.94 3.93
N ASN A 101 -16.92 16.08 3.47
CA ASN A 101 -18.24 16.55 3.86
C ASN A 101 -19.32 15.50 3.58
N TYR A 102 -19.28 14.90 2.39
CA TYR A 102 -20.26 13.88 2.03
C TYR A 102 -20.21 12.72 3.01
N CYS A 103 -19.03 12.14 3.21
CA CYS A 103 -18.91 11.01 4.12
C CYS A 103 -19.40 11.37 5.53
N LEU A 104 -19.08 12.57 5.99
CA LEU A 104 -19.50 13.02 7.31
C LEU A 104 -21.03 12.97 7.47
N SER A 105 -21.72 13.66 6.57
CA SER A 105 -23.18 13.70 6.60
C SER A 105 -23.75 12.30 6.39
N TYR A 106 -23.12 11.53 5.51
CA TYR A 106 -23.56 10.18 5.20
C TYR A 106 -23.59 9.35 6.48
N ILE A 107 -22.46 9.32 7.17
CA ILE A 107 -22.32 8.57 8.41
C ILE A 107 -23.33 8.97 9.48
N ALA A 108 -23.65 10.27 9.50
CA ALA A 108 -24.61 10.78 10.46
C ALA A 108 -26.00 10.23 10.22
N LYS A 109 -26.27 9.81 8.99
CA LYS A 109 -27.58 9.27 8.64
C LYS A 109 -27.64 7.75 8.56
N ILE A 110 -26.67 7.08 9.17
CA ILE A 110 -26.64 5.62 9.17
C ILE A 110 -27.08 5.10 10.53
N LYS A 111 -28.15 4.32 10.57
CA LYS A 111 -28.61 3.78 11.84
C LYS A 111 -27.62 2.68 12.25
N LEU A 112 -27.18 2.73 13.51
CA LEU A 112 -26.22 1.74 13.99
C LEU A 112 -26.35 1.46 15.48
N PRO A 113 -25.86 0.29 15.92
CA PRO A 113 -25.92 -0.09 17.34
C PRO A 113 -24.91 0.66 18.21
N LYS A 114 -23.92 1.28 17.57
CA LYS A 114 -22.90 2.06 18.29
C LYS A 114 -22.05 2.94 17.38
N LYS A 115 -21.43 3.95 17.98
CA LYS A 115 -20.55 4.89 17.28
C LYS A 115 -19.53 5.44 18.28
N ARG A 116 -18.30 5.59 17.82
CA ARG A 116 -17.23 6.09 18.69
C ARG A 116 -16.49 7.31 18.13
N GLY A 117 -15.29 7.09 17.60
CA GLY A 117 -14.52 8.20 17.05
C GLY A 117 -13.58 7.79 15.94
N THR A 118 -13.07 8.78 15.20
CA THR A 118 -12.18 8.53 14.07
C THR A 118 -13.01 7.86 12.98
N PHE A 119 -14.06 8.57 12.56
CA PHE A 119 -14.98 8.12 11.52
C PHE A 119 -14.35 8.35 10.15
N ILE A 120 -13.35 9.22 10.13
CA ILE A 120 -12.63 9.53 8.93
C ILE A 120 -11.16 9.72 9.33
N GLU A 121 -10.30 8.86 8.78
CA GLU A 121 -8.88 8.93 9.06
C GLU A 121 -8.22 9.41 7.78
N PHE A 122 -7.51 10.53 7.88
CA PHE A 122 -6.84 11.12 6.73
C PHE A 122 -5.42 10.55 6.62
N ARG A 123 -5.10 10.03 5.44
CA ARG A 123 -3.78 9.47 5.18
C ARG A 123 -3.23 10.14 3.94
N ASN A 124 -1.91 10.23 3.84
CA ASN A 124 -1.30 10.87 2.68
C ASN A 124 -1.84 10.34 1.36
N GLY A 125 -2.18 9.05 1.32
CA GLY A 125 -2.70 8.47 0.10
C GLY A 125 -4.15 8.01 0.08
N MSE A 126 -4.92 8.28 1.12
CA MSE A 126 -6.31 7.84 1.16
C MSE A 126 -7.11 8.36 2.34
O MSE A 126 -6.55 8.78 3.36
CB MSE A 126 -6.37 6.32 1.19
CG MSE A 126 -6.09 5.73 2.58
SE MSE A 126 -5.47 3.88 2.53
CE MSE A 126 -3.67 4.19 1.84
N LEU A 127 -8.42 8.30 2.20
CA LEU A 127 -9.36 8.68 3.26
C LEU A 127 -9.98 7.38 3.75
N ASN A 128 -9.56 6.88 4.91
CA ASN A 128 -10.15 5.66 5.45
C ASN A 128 -11.40 6.05 6.21
N VAL A 129 -12.54 5.55 5.75
CA VAL A 129 -13.83 5.85 6.34
C VAL A 129 -14.35 4.65 7.15
N SER A 130 -15.00 4.92 8.27
CA SER A 130 -15.53 3.87 9.14
C SER A 130 -16.83 4.34 9.79
N PRO A 131 -17.96 3.69 9.46
CA PRO A 131 -19.25 4.11 10.03
C PRO A 131 -19.34 4.05 11.56
N ILE A 132 -18.68 3.08 12.17
CA ILE A 132 -18.70 2.95 13.63
C ILE A 132 -17.64 3.85 14.28
N GLY A 133 -16.50 3.99 13.62
CA GLY A 133 -15.40 4.78 14.15
C GLY A 133 -14.27 3.81 14.47
N ARG A 134 -13.08 4.10 13.97
CA ARG A 134 -11.93 3.23 14.19
C ARG A 134 -11.46 3.09 15.64
N SER A 135 -11.98 3.91 16.55
CA SER A 135 -11.55 3.80 17.95
C SER A 135 -12.44 2.86 18.74
N CYS A 136 -13.40 2.24 18.06
CA CYS A 136 -14.32 1.30 18.71
C CYS A 136 -13.50 0.17 19.36
N SER A 137 -14.10 -0.52 20.30
CA SER A 137 -13.43 -1.63 20.98
C SER A 137 -13.50 -2.89 20.12
N GLN A 138 -12.74 -3.90 20.52
CA GLN A 138 -12.73 -5.16 19.80
C GLN A 138 -14.13 -5.75 19.75
N GLU A 139 -14.86 -5.62 20.85
CA GLU A 139 -16.21 -6.15 20.92
C GLU A 139 -17.15 -5.34 20.03
N GLU A 140 -16.96 -4.02 20.02
CA GLU A 140 -17.77 -3.14 19.21
C GLU A 140 -17.59 -3.49 17.75
N ARG A 141 -16.35 -3.77 17.38
CA ARG A 141 -16.04 -4.12 16.01
C ARG A 141 -16.75 -5.42 15.59
N ILE A 142 -17.01 -6.30 16.56
CA ILE A 142 -17.69 -7.56 16.28
C ILE A 142 -19.13 -7.28 15.83
N GLU A 143 -19.88 -6.59 16.68
CA GLU A 143 -21.27 -6.24 16.41
C GLU A 143 -21.46 -5.54 15.06
N PHE A 144 -20.62 -4.57 14.75
CA PHE A 144 -20.75 -3.88 13.47
C PHE A 144 -20.36 -4.84 12.35
N TYR A 145 -19.36 -5.66 12.61
CA TYR A 145 -18.94 -6.57 11.58
C TYR A 145 -20.05 -7.54 11.21
N GLU A 146 -20.79 -8.02 12.21
CA GLU A 146 -21.87 -8.96 11.91
C GLU A 146 -23.00 -8.20 11.21
N LEU A 147 -23.30 -7.00 11.69
CA LEU A 147 -24.35 -6.21 11.06
C LEU A 147 -23.93 -5.92 9.62
N ASP A 148 -22.66 -5.61 9.43
CA ASP A 148 -22.14 -5.30 8.12
C ASP A 148 -22.27 -6.47 7.14
N LYS A 149 -21.71 -7.62 7.50
CA LYS A 149 -21.79 -8.80 6.64
C LYS A 149 -23.21 -9.31 6.50
N LYS A 150 -24.14 -8.63 7.17
CA LYS A 150 -25.54 -9.01 7.14
C LYS A 150 -26.34 -7.93 6.41
N GLU A 151 -26.02 -6.67 6.72
CA GLU A 151 -26.70 -5.54 6.13
C GLU A 151 -25.98 -4.85 4.99
N ASN A 152 -24.72 -5.21 4.76
CA ASN A 152 -23.93 -4.59 3.71
C ASN A 152 -23.78 -3.07 3.91
N ILE A 153 -23.30 -2.70 5.10
CA ILE A 153 -23.11 -1.30 5.46
C ILE A 153 -22.08 -0.63 4.56
N ARG A 154 -20.83 -1.07 4.68
CA ARG A 154 -19.71 -0.53 3.92
C ARG A 154 -19.93 -0.67 2.41
N GLN A 155 -20.60 -1.74 1.98
CA GLN A 155 -20.86 -1.97 0.57
C GLN A 155 -21.79 -0.90 0.00
N LYS A 156 -22.85 -0.61 0.74
CA LYS A 156 -23.83 0.40 0.33
C LYS A 156 -23.18 1.78 0.30
N PHE A 157 -22.24 2.00 1.21
CA PHE A 157 -21.51 3.28 1.31
C PHE A 157 -20.63 3.44 0.06
N VAL A 158 -19.77 2.46 -0.18
CA VAL A 158 -18.87 2.50 -1.32
C VAL A 158 -19.62 2.58 -2.64
N ALA A 159 -20.88 2.14 -2.62
CA ALA A 159 -21.69 2.19 -3.83
C ALA A 159 -22.27 3.59 -4.04
N ASP A 160 -22.93 4.12 -3.01
CA ASP A 160 -23.54 5.44 -3.10
C ASP A 160 -22.52 6.53 -3.37
N LEU A 161 -21.32 6.34 -2.85
CA LEU A 161 -20.22 7.29 -3.03
C LEU A 161 -19.74 7.25 -4.47
N ARG A 162 -19.44 6.03 -4.91
CA ARG A 162 -18.93 5.79 -6.26
C ARG A 162 -19.75 6.55 -7.29
N LYS A 163 -21.05 6.63 -7.06
CA LYS A 163 -21.94 7.34 -7.97
C LYS A 163 -21.79 8.85 -7.79
N GLU A 164 -21.88 9.30 -6.54
CA GLU A 164 -21.77 10.71 -6.20
C GLU A 164 -20.52 11.37 -6.79
N PHE A 165 -19.43 10.61 -6.83
CA PHE A 165 -18.16 11.13 -7.31
C PHE A 165 -17.63 10.49 -8.59
N ALA A 166 -18.55 10.13 -9.47
CA ALA A 166 -18.16 9.52 -10.74
C ALA A 166 -17.40 10.58 -11.53
N GLY A 167 -16.33 10.18 -12.21
CA GLY A 167 -15.56 11.13 -12.99
C GLY A 167 -14.45 11.88 -12.27
N LYS A 168 -14.30 11.65 -10.97
CA LYS A 168 -13.28 12.34 -10.20
C LYS A 168 -11.96 11.57 -10.10
N GLY A 169 -11.93 10.39 -10.71
CA GLY A 169 -10.73 9.58 -10.70
C GLY A 169 -10.41 8.97 -9.35
N LEU A 170 -11.45 8.50 -8.68
CA LEU A 170 -11.30 7.88 -7.37
C LEU A 170 -11.57 6.39 -7.41
N THR A 171 -10.83 5.64 -6.59
CA THR A 171 -11.01 4.21 -6.50
C THR A 171 -11.36 3.92 -5.04
N PHE A 172 -12.32 3.01 -4.84
CA PHE A 172 -12.75 2.65 -3.50
C PHE A 172 -12.27 1.26 -3.13
N SER A 173 -12.31 0.94 -1.86
CA SER A 173 -11.85 -0.37 -1.43
C SER A 173 -12.32 -0.73 -0.03
N ILE A 174 -13.12 -1.79 0.05
CA ILE A 174 -13.64 -2.26 1.31
C ILE A 174 -12.71 -3.36 1.84
N GLY A 175 -12.22 -3.17 3.06
CA GLY A 175 -11.34 -4.16 3.64
C GLY A 175 -11.43 -4.21 5.15
N GLY A 176 -10.87 -5.25 5.75
CA GLY A 176 -10.90 -5.37 7.20
C GLY A 176 -12.31 -5.51 7.74
N GLN A 177 -12.52 -5.12 8.99
CA GLN A 177 -13.84 -5.28 9.60
C GLN A 177 -14.73 -4.06 9.78
N ILE A 178 -14.18 -2.86 9.82
CA ILE A 178 -15.00 -1.67 10.03
C ILE A 178 -14.79 -0.44 9.15
N SER A 179 -13.94 -0.54 8.13
CA SER A 179 -13.69 0.63 7.29
C SER A 179 -13.39 0.32 5.84
N PHE A 180 -13.46 1.37 5.01
CA PHE A 180 -13.14 1.26 3.60
C PHE A 180 -12.28 2.46 3.19
N ASP A 181 -11.47 2.27 2.14
CA ASP A 181 -10.58 3.35 1.68
C ASP A 181 -11.09 4.06 0.43
N VAL A 182 -10.65 5.30 0.28
CA VAL A 182 -10.99 6.15 -0.87
C VAL A 182 -9.66 6.79 -1.25
N PHE A 183 -9.19 6.49 -2.46
CA PHE A 183 -7.92 7.03 -2.92
C PHE A 183 -7.93 7.26 -4.43
N PRO A 184 -7.04 8.15 -4.91
CA PRO A 184 -6.97 8.45 -6.35
C PRO A 184 -6.64 7.18 -7.14
N ASP A 185 -7.22 7.07 -8.34
CA ASP A 185 -6.98 5.91 -9.18
C ASP A 185 -5.49 5.65 -9.35
N GLY A 186 -5.10 4.39 -9.18
CA GLY A 186 -3.71 4.01 -9.35
C GLY A 186 -2.79 4.36 -8.21
N TRP A 187 -3.34 4.65 -7.02
CA TRP A 187 -2.48 5.00 -5.90
C TRP A 187 -2.11 3.80 -5.02
N ASP A 188 -2.17 2.61 -5.60
CA ASP A 188 -1.78 1.39 -4.90
C ASP A 188 -0.25 1.36 -5.07
N LYS A 189 0.36 0.18 -5.05
CA LYS A 189 1.81 0.12 -5.20
C LYS A 189 2.33 0.43 -6.62
N ARG A 190 1.44 0.43 -7.60
CA ARG A 190 1.86 0.74 -8.97
C ARG A 190 2.40 2.16 -9.08
N TYR A 191 1.91 3.05 -8.21
CA TYR A 191 2.32 4.45 -8.19
C TYR A 191 3.85 4.66 -8.19
N CYS A 192 4.57 3.74 -7.56
CA CYS A 192 6.02 3.86 -7.45
C CYS A 192 6.78 3.60 -8.76
N LEU A 193 6.16 2.86 -9.68
CA LEU A 193 6.80 2.51 -10.93
C LEU A 193 7.19 3.73 -11.75
N ARG A 194 6.49 4.83 -11.53
CA ARG A 194 6.77 6.05 -12.26
C ARG A 194 8.17 6.54 -11.94
N HIS A 195 8.58 6.42 -10.69
CA HIS A 195 9.91 6.88 -10.29
C HIS A 195 11.02 5.98 -10.83
N VAL A 196 10.65 4.88 -11.49
CA VAL A 196 11.66 3.97 -12.01
C VAL A 196 11.56 3.62 -13.50
N GLU A 197 10.34 3.62 -14.03
CA GLU A 197 10.08 3.25 -15.41
C GLU A 197 10.96 3.91 -16.48
N ASN A 198 11.19 5.21 -16.35
CA ASN A 198 12.00 5.94 -17.32
C ASN A 198 13.46 5.92 -16.93
N ASP A 199 13.97 4.73 -16.61
CA ASP A 199 15.36 4.62 -16.19
C ASP A 199 16.13 3.53 -16.92
N GLY A 200 15.57 3.06 -18.03
CA GLY A 200 16.23 2.05 -18.84
C GLY A 200 16.09 0.58 -18.53
N TYR A 201 15.77 0.25 -17.29
CA TYR A 201 15.65 -1.15 -16.89
C TYR A 201 15.07 -2.04 -17.98
N LYS A 202 15.88 -2.99 -18.43
CA LYS A 202 15.49 -3.93 -19.47
C LYS A 202 14.34 -4.71 -18.89
N THR A 203 14.46 -5.06 -17.60
CA THR A 203 13.41 -5.81 -16.92
C THR A 203 13.21 -5.30 -15.50
N ILE A 204 11.97 -5.39 -15.02
CA ILE A 204 11.66 -4.97 -13.66
C ILE A 204 10.87 -6.07 -12.98
N TYR A 205 11.53 -6.72 -12.04
CA TYR A 205 10.92 -7.81 -11.30
C TYR A 205 10.26 -7.30 -10.03
N PHE A 206 9.17 -7.94 -9.64
CA PHE A 206 8.46 -7.60 -8.42
C PHE A 206 8.29 -8.89 -7.66
N PHE A 207 8.59 -8.87 -6.37
CA PHE A 207 8.47 -10.05 -5.53
C PHE A 207 7.50 -9.72 -4.40
N GLY A 208 6.53 -10.61 -4.19
CA GLY A 208 5.55 -10.41 -3.15
C GLY A 208 4.43 -11.45 -3.19
N ASP A 209 3.32 -11.15 -2.51
CA ASP A 209 2.15 -12.04 -2.49
C ASP A 209 1.07 -11.50 -3.42
N LYS A 210 1.12 -11.93 -4.68
CA LYS A 210 0.18 -11.51 -5.71
C LYS A 210 -1.26 -11.37 -5.24
N THR A 211 -1.62 -12.11 -4.19
CA THR A 211 -2.97 -12.07 -3.65
C THR A 211 -3.00 -11.23 -2.37
N MSE A 212 -4.19 -10.80 -1.99
CA MSE A 212 -4.40 -9.99 -0.79
C MSE A 212 -5.51 -10.58 0.09
O MSE A 212 -5.94 -9.96 1.06
CB MSE A 212 -4.78 -8.57 -1.20
CG MSE A 212 -3.71 -7.87 -2.03
SE MSE A 212 -4.42 -6.54 -3.23
CE MSE A 212 -5.22 -5.36 -1.94
N ASN A 216 -8.18 -8.04 -3.75
CA ASN A 216 -7.64 -9.39 -3.65
C ASN A 216 -6.38 -9.46 -4.50
N ASP A 217 -6.51 -9.08 -5.77
CA ASP A 217 -5.39 -9.08 -6.70
C ASP A 217 -4.54 -7.83 -6.52
N HIS A 218 -3.22 -7.99 -6.44
CA HIS A 218 -2.34 -6.84 -6.28
C HIS A 218 -1.88 -6.42 -7.67
N GLU A 219 -2.34 -5.26 -8.08
CA GLU A 219 -2.07 -4.69 -9.39
C GLU A 219 -0.61 -4.60 -9.82
N ILE A 220 0.27 -4.24 -8.90
CA ILE A 220 1.67 -4.12 -9.28
C ILE A 220 2.19 -5.49 -9.72
N PHE A 221 1.67 -6.54 -9.09
CA PHE A 221 2.09 -7.88 -9.43
C PHE A 221 1.69 -8.23 -10.85
N THR A 222 0.50 -7.81 -11.25
CA THR A 222 -0.01 -8.12 -12.59
C THR A 222 0.18 -7.00 -13.59
N ASP A 223 0.63 -5.85 -13.11
CA ASP A 223 0.86 -4.69 -13.96
C ASP A 223 1.75 -5.08 -15.13
N PRO A 224 1.54 -4.44 -16.30
CA PRO A 224 2.31 -4.72 -17.51
C PRO A 224 3.82 -4.46 -17.51
N ARG A 225 4.28 -3.51 -16.71
CA ARG A 225 5.70 -3.18 -16.68
C ARG A 225 6.53 -4.12 -15.82
N THR A 226 5.87 -4.97 -15.04
CA THR A 226 6.60 -5.86 -14.15
C THR A 226 6.57 -7.34 -14.48
N MSE A 227 7.55 -8.07 -13.96
CA MSE A 227 7.66 -9.51 -14.09
C MSE A 227 7.48 -9.94 -12.64
O MSE A 227 8.45 -10.02 -11.88
CB MSE A 227 9.04 -9.94 -14.58
CG MSE A 227 9.30 -9.65 -16.05
SE MSE A 227 8.10 -10.65 -17.19
CE MSE A 227 6.91 -9.17 -17.64
N GLY A 228 6.23 -10.18 -12.26
CA GLY A 228 5.92 -10.55 -10.89
C GLY A 228 6.10 -12.01 -10.53
N TYR A 229 6.71 -12.23 -9.37
CA TYR A 229 6.93 -13.57 -8.86
C TYR A 229 6.35 -13.62 -7.45
N SER A 230 5.52 -14.62 -7.17
CA SER A 230 4.91 -14.73 -5.85
C SER A 230 5.87 -15.40 -4.88
N VAL A 231 6.03 -14.80 -3.70
CA VAL A 231 6.93 -15.35 -2.70
C VAL A 231 6.15 -15.81 -1.47
N THR A 232 6.59 -16.90 -0.86
CA THR A 232 5.93 -17.44 0.31
C THR A 232 6.68 -17.14 1.61
N ALA A 233 8.00 -16.97 1.51
CA ALA A 233 8.85 -16.68 2.66
C ALA A 233 10.27 -16.28 2.21
N PRO A 234 11.02 -15.56 3.06
CA PRO A 234 12.38 -15.14 2.70
C PRO A 234 13.21 -16.32 2.19
N GLU A 235 12.99 -17.49 2.78
CA GLU A 235 13.69 -18.70 2.37
C GLU A 235 13.33 -18.97 0.92
N ASP A 236 12.05 -18.84 0.62
CA ASP A 236 11.55 -19.06 -0.74
C ASP A 236 12.04 -17.98 -1.68
N THR A 237 11.95 -16.73 -1.21
CA THR A 237 12.39 -15.58 -2.00
C THR A 237 13.85 -15.79 -2.43
N ARG A 238 14.65 -16.38 -1.55
CA ARG A 238 16.05 -16.62 -1.87
C ARG A 238 16.15 -17.78 -2.84
N ARG A 239 15.22 -18.72 -2.73
CA ARG A 239 15.20 -19.86 -3.62
C ARG A 239 15.07 -19.37 -5.06
N ILE A 240 14.01 -18.61 -5.31
CA ILE A 240 13.78 -18.09 -6.67
C ILE A 240 14.93 -17.21 -7.12
N CYS A 241 15.45 -16.39 -6.20
CA CYS A 241 16.56 -15.51 -6.54
C CYS A 241 17.79 -16.34 -6.91
N GLU A 242 18.00 -17.44 -6.19
CA GLU A 242 19.13 -18.31 -6.44
C GLU A 242 18.94 -18.97 -7.80
N LEU A 243 17.68 -19.09 -8.21
CA LEU A 243 17.33 -19.70 -9.47
C LEU A 243 17.28 -18.68 -10.60
N LEU A 244 17.19 -17.40 -10.24
CA LEU A 244 17.10 -16.34 -11.24
C LEU A 244 18.42 -15.57 -11.42
N PHE A 245 18.91 -14.96 -10.35
CA PHE A 245 20.11 -14.15 -10.42
C PHE A 245 21.41 -14.78 -9.89
N SER A 246 21.63 -14.66 -8.58
CA SER A 246 22.84 -15.21 -7.96
C SER A 246 23.00 -16.72 -8.21
C1 EDO B . -27.78 7.09 3.16
O1 EDO B . -28.47 8.33 2.93
C2 EDO B . -27.62 6.86 4.66
O2 EDO B . -28.58 5.89 5.10
N GLY C . 10.64 -3.56 -19.49
CA GLY C . 10.68 -2.75 -18.28
C GLY C . 9.70 -1.58 -18.30
O GLY C . 8.50 -1.78 -18.14
N GLY D . 3.49 -7.91 -14.07
CA GLY D . 3.81 -9.32 -13.89
C GLY D . 3.62 -10.11 -15.17
O GLY D . 2.92 -9.66 -16.07
N GLY E . -26.78 11.26 1.55
CA GLY E . -25.63 11.53 2.39
C GLY E . -24.96 12.86 2.07
O GLY E . -25.45 13.92 2.45
N PRO A 4 18.42 -9.94 -19.01
CA PRO A 4 18.75 -9.10 -20.19
C PRO A 4 19.22 -7.70 -19.81
N GLY A 5 20.40 -7.32 -20.28
CA GLY A 5 20.96 -6.00 -19.99
C GLY A 5 20.70 -5.49 -18.58
N PRO A 6 20.35 -4.19 -18.42
CA PRO A 6 20.08 -3.62 -17.11
C PRO A 6 18.81 -4.21 -16.49
N ALA A 7 18.70 -4.17 -15.17
CA ALA A 7 17.51 -4.71 -14.51
C ALA A 7 17.35 -4.23 -13.07
N LEU A 8 16.12 -4.28 -12.58
CA LEU A 8 15.81 -3.88 -11.22
C LEU A 8 14.93 -4.91 -10.52
N CYS A 9 15.13 -5.06 -9.22
CA CYS A 9 14.34 -6.00 -8.43
C CYS A 9 13.61 -5.20 -7.37
N LEU A 10 12.28 -5.32 -7.34
CA LEU A 10 11.48 -4.62 -6.35
C LEU A 10 10.84 -5.66 -5.47
N PHE A 11 11.03 -5.54 -4.17
CA PHE A 11 10.49 -6.52 -3.25
C PHE A 11 9.42 -5.94 -2.33
N ASP A 12 8.52 -6.81 -1.87
CA ASP A 12 7.51 -6.39 -0.90
C ASP A 12 8.30 -6.51 0.39
N VAL A 13 7.89 -5.82 1.45
CA VAL A 13 8.64 -5.90 2.70
C VAL A 13 8.26 -7.03 3.67
N ASP A 14 7.23 -6.81 4.49
CA ASP A 14 6.80 -7.80 5.46
C ASP A 14 6.44 -9.14 4.83
N GLY A 15 7.06 -10.21 5.34
CA GLY A 15 6.81 -11.55 4.80
C GLY A 15 7.63 -11.94 3.59
N THR A 16 8.08 -10.96 2.82
CA THR A 16 8.87 -11.20 1.61
C THR A 16 10.38 -11.29 1.85
N LEU A 17 10.92 -10.33 2.59
CA LEU A 17 12.35 -10.32 2.92
C LEU A 17 12.53 -10.62 4.40
N THR A 18 11.42 -10.62 5.14
CA THR A 18 11.45 -10.91 6.57
C THR A 18 10.25 -11.74 6.97
N ALA A 19 10.30 -12.27 8.20
CA ALA A 19 9.20 -13.03 8.76
C ALA A 19 8.24 -11.97 9.32
N PRO A 20 6.92 -12.22 9.25
CA PRO A 20 5.94 -11.26 9.77
C PRO A 20 6.30 -10.74 11.15
N ARG A 21 6.00 -9.47 11.38
CA ARG A 21 6.27 -8.78 12.64
C ARG A 21 7.73 -8.83 13.06
N GLN A 22 8.58 -9.42 12.22
CA GLN A 22 9.99 -9.51 12.51
C GLN A 22 10.77 -8.75 11.45
N LYS A 23 12.01 -8.38 11.76
CA LYS A 23 12.82 -7.65 10.80
C LYS A 23 13.79 -8.60 10.09
N ILE A 24 14.38 -8.16 8.99
CA ILE A 24 15.28 -9.03 8.25
C ILE A 24 16.44 -9.55 9.09
N THR A 25 16.78 -10.81 8.87
CA THR A 25 17.86 -11.48 9.59
C THR A 25 19.21 -11.17 8.91
N LYS A 26 20.30 -11.54 9.58
CA LYS A 26 21.64 -11.30 9.05
C LYS A 26 21.80 -12.02 7.72
N GLU A 27 21.51 -13.31 7.74
CA GLU A 27 21.59 -14.14 6.54
C GLU A 27 20.82 -13.53 5.38
N MSE A 28 19.56 -13.16 5.58
CA MSE A 28 18.79 -12.59 4.47
C MSE A 28 19.25 -11.18 4.11
O MSE A 28 18.60 -10.51 3.31
CB MSE A 28 17.29 -12.58 4.80
CG MSE A 28 16.48 -13.68 4.07
SE MSE A 28 16.84 -13.51 2.16
CE MSE A 28 15.71 -11.91 1.82
N ASP A 29 20.35 -10.75 4.72
CA ASP A 29 20.90 -9.43 4.42
C ASP A 29 22.16 -9.60 3.56
N ASP A 30 23.12 -10.41 4.01
CA ASP A 30 24.31 -10.64 3.19
C ASP A 30 23.85 -11.17 1.83
N PHE A 31 22.57 -11.52 1.74
CA PHE A 31 22.02 -12.04 0.50
C PHE A 31 21.71 -10.89 -0.46
N LEU A 32 20.83 -10.00 -0.03
CA LEU A 32 20.44 -8.87 -0.86
C LEU A 32 21.62 -7.99 -1.24
N GLN A 33 22.61 -7.90 -0.37
CA GLN A 33 23.78 -7.08 -0.70
C GLN A 33 24.62 -7.82 -1.72
N LYS A 34 24.62 -9.14 -1.65
CA LYS A 34 25.36 -9.93 -2.60
C LYS A 34 24.64 -9.89 -3.95
N LEU A 35 23.34 -10.21 -3.96
CA LEU A 35 22.54 -10.19 -5.19
C LEU A 35 22.69 -8.86 -5.91
N ARG A 36 22.63 -7.78 -5.13
CA ARG A 36 22.73 -6.42 -5.64
C ARG A 36 23.99 -6.22 -6.47
N GLN A 37 24.92 -7.16 -6.37
CA GLN A 37 26.17 -7.07 -7.12
C GLN A 37 25.90 -7.04 -8.62
N LYS A 38 24.91 -7.79 -9.07
CA LYS A 38 24.62 -7.83 -10.50
C LYS A 38 23.34 -7.13 -10.94
N ILE A 39 22.62 -6.51 -10.00
CA ILE A 39 21.40 -5.81 -10.35
C ILE A 39 20.87 -4.93 -9.23
N LYS A 40 20.30 -3.80 -9.61
CA LYS A 40 19.72 -2.87 -8.65
C LYS A 40 18.60 -3.56 -7.86
N ILE A 41 18.54 -3.30 -6.56
CA ILE A 41 17.52 -3.91 -5.74
C ILE A 41 16.73 -2.93 -4.89
N GLY A 42 15.43 -2.87 -5.13
CA GLY A 42 14.58 -1.97 -4.37
C GLY A 42 13.54 -2.70 -3.55
N VAL A 43 12.87 -1.96 -2.68
CA VAL A 43 11.80 -2.49 -1.83
C VAL A 43 10.65 -1.48 -1.84
N VAL A 44 9.43 -2.01 -1.76
CA VAL A 44 8.23 -1.19 -1.70
C VAL A 44 7.27 -1.81 -0.67
N GLY A 45 6.43 -0.97 -0.08
CA GLY A 45 5.47 -1.44 0.90
C GLY A 45 4.50 -0.33 1.25
N GLY A 46 3.37 -0.71 1.84
CA GLY A 46 2.36 0.28 2.20
C GLY A 46 2.65 1.04 3.50
N SER A 47 3.60 0.55 4.27
CA SER A 47 3.95 1.17 5.54
C SER A 47 4.87 2.37 5.39
N ASP A 48 5.26 2.95 6.53
CA ASP A 48 6.16 4.09 6.53
C ASP A 48 7.63 3.71 6.71
N PHE A 49 8.48 4.62 6.29
CA PHE A 49 9.93 4.47 6.35
C PHE A 49 10.43 3.98 7.71
N GLU A 50 9.81 4.50 8.76
CA GLU A 50 10.15 4.16 10.13
C GLU A 50 9.79 2.67 10.35
N LYS A 51 8.61 2.27 9.86
CA LYS A 51 8.17 0.88 9.98
C LYS A 51 9.01 0.00 9.08
N VAL A 52 9.71 0.63 8.15
CA VAL A 52 10.56 -0.11 7.22
C VAL A 52 11.93 -0.18 7.87
N GLN A 53 12.33 0.89 8.52
CA GLN A 53 13.60 0.91 9.22
C GLN A 53 13.64 -0.20 10.25
N GLU A 54 12.56 -0.35 11.01
CA GLU A 54 12.50 -1.41 12.02
C GLU A 54 12.51 -2.78 11.35
N GLN A 55 12.03 -2.83 10.11
CA GLN A 55 11.96 -4.08 9.37
C GLN A 55 13.30 -4.47 8.72
N LEU A 56 13.89 -3.55 7.96
CA LEU A 56 15.14 -3.84 7.26
C LEU A 56 16.40 -3.11 7.78
N GLY A 57 16.31 -2.48 8.95
CA GLY A 57 17.46 -1.77 9.51
C GLY A 57 17.47 -0.26 9.25
N ASN A 58 17.83 0.53 10.26
CA ASN A 58 17.89 2.00 10.18
C ASN A 58 18.55 2.60 8.94
N ASP A 59 19.54 1.91 8.39
CA ASP A 59 20.25 2.40 7.22
C ASP A 59 19.65 1.88 5.92
N VAL A 60 18.38 1.50 5.97
CA VAL A 60 17.71 0.94 4.79
C VAL A 60 18.01 1.63 3.46
N VAL A 61 18.07 2.96 3.41
CA VAL A 61 18.35 3.65 2.14
C VAL A 61 19.74 3.34 1.54
N GLU A 62 20.61 2.73 2.33
CA GLU A 62 21.96 2.40 1.85
C GLU A 62 22.05 0.95 1.32
N LYS A 63 21.19 0.09 1.83
CA LYS A 63 21.19 -1.32 1.43
C LYS A 63 20.38 -1.61 0.18
N TYR A 64 19.49 -0.70 -0.19
CA TYR A 64 18.66 -0.89 -1.38
C TYR A 64 18.80 0.29 -2.31
N ASP A 65 18.75 0.04 -3.61
CA ASP A 65 18.88 1.13 -4.57
C ASP A 65 17.65 2.03 -4.60
N TYR A 66 16.49 1.44 -4.31
CA TYR A 66 15.24 2.19 -4.28
C TYR A 66 14.48 1.77 -3.03
N VAL A 67 13.82 2.73 -2.38
CA VAL A 67 13.04 2.47 -1.18
C VAL A 67 11.71 3.16 -1.39
N PHE A 68 10.62 2.40 -1.33
CA PHE A 68 9.31 2.96 -1.59
C PHE A 68 8.25 2.77 -0.51
N PRO A 69 8.30 3.61 0.55
CA PRO A 69 7.31 3.52 1.64
C PRO A 69 6.02 4.14 1.12
N GLU A 70 4.90 3.79 1.74
CA GLU A 70 3.61 4.32 1.31
C GLU A 70 3.43 4.15 -0.20
N ASN A 71 3.72 2.94 -0.67
CA ASN A 71 3.56 2.57 -2.08
C ASN A 71 4.22 3.55 -3.05
N GLY A 72 5.39 4.07 -2.68
CA GLY A 72 6.09 4.99 -3.55
C GLY A 72 5.82 6.46 -3.33
N LEU A 73 4.74 6.81 -2.63
CA LEU A 73 4.45 8.23 -2.36
C LEU A 73 5.73 8.82 -1.76
N VAL A 74 6.43 7.98 -1.01
CA VAL A 74 7.71 8.34 -0.44
C VAL A 74 8.69 7.45 -1.19
N ALA A 75 9.69 8.07 -1.78
CA ALA A 75 10.68 7.33 -2.54
C ALA A 75 12.09 7.84 -2.37
N TYR A 76 13.03 6.91 -2.22
CA TYR A 76 14.44 7.24 -2.11
C TYR A 76 15.07 6.58 -3.34
N LYS A 77 15.99 7.29 -3.98
CA LYS A 77 16.67 6.76 -5.16
C LYS A 77 18.17 6.78 -4.92
N ASP A 78 18.79 5.62 -5.09
CA ASP A 78 20.21 5.45 -4.88
C ASP A 78 20.49 5.55 -3.38
N GLY A 79 19.79 6.46 -2.71
CA GLY A 79 19.95 6.64 -1.29
C GLY A 79 19.49 8.02 -0.82
N LYS A 80 19.09 8.86 -1.78
CA LYS A 80 18.65 10.23 -1.48
C LYS A 80 17.13 10.38 -1.49
N LEU A 81 16.63 11.35 -0.72
CA LEU A 81 15.19 11.61 -0.65
C LEU A 81 14.72 12.05 -2.03
N LEU A 82 14.14 11.11 -2.78
CA LEU A 82 13.66 11.38 -4.15
C LEU A 82 12.43 12.29 -4.26
N CYS A 83 11.25 11.67 -4.21
CA CYS A 83 10.01 12.42 -4.36
C CYS A 83 9.07 12.26 -3.17
N ARG A 84 8.21 13.25 -2.98
CA ARG A 84 7.24 13.24 -1.89
C ARG A 84 5.88 13.63 -2.47
N GLN A 85 4.88 12.78 -2.22
CA GLN A 85 3.54 13.03 -2.71
C GLN A 85 2.49 12.54 -1.72
N ASN A 86 1.43 13.32 -1.58
CA ASN A 86 0.33 12.97 -0.68
C ASN A 86 -0.96 13.23 -1.45
N ILE A 87 -2.05 12.63 -0.96
CA ILE A 87 -3.36 12.75 -1.59
C ILE A 87 -3.84 14.19 -1.71
N GLN A 88 -3.65 14.99 -0.67
CA GLN A 88 -4.09 16.39 -0.72
C GLN A 88 -3.41 17.16 -1.85
N SER A 89 -2.15 16.88 -2.09
CA SER A 89 -1.40 17.56 -3.15
C SER A 89 -1.96 17.20 -4.52
N HIS A 90 -2.05 15.90 -4.78
CA HIS A 90 -2.54 15.41 -6.07
C HIS A 90 -4.00 15.72 -6.34
N LEU A 91 -4.88 15.38 -5.40
CA LEU A 91 -6.31 15.60 -5.58
C LEU A 91 -6.78 16.99 -5.20
N GLY A 92 -5.88 17.81 -4.70
CA GLY A 92 -6.26 19.17 -4.32
C GLY A 92 -7.30 19.27 -3.22
N GLU A 93 -7.04 20.14 -2.25
CA GLU A 93 -7.91 20.38 -1.11
C GLU A 93 -9.38 20.60 -1.48
N ALA A 94 -9.62 21.27 -2.59
CA ALA A 94 -10.99 21.51 -3.03
C ALA A 94 -11.72 20.21 -3.29
N LEU A 95 -10.98 19.18 -3.70
CA LEU A 95 -11.60 17.88 -3.96
C LEU A 95 -11.62 17.11 -2.65
N ILE A 96 -10.56 17.26 -1.86
CA ILE A 96 -10.45 16.60 -0.57
C ILE A 96 -11.67 16.97 0.29
N GLN A 97 -11.90 18.27 0.46
CA GLN A 97 -13.02 18.70 1.29
C GLN A 97 -14.38 18.31 0.72
N ASP A 98 -14.59 18.49 -0.59
CA ASP A 98 -15.88 18.14 -1.19
C ASP A 98 -16.11 16.65 -1.08
N LEU A 99 -15.02 15.90 -1.04
CA LEU A 99 -15.12 14.46 -0.92
C LEU A 99 -15.45 14.21 0.55
N ILE A 100 -14.69 14.88 1.43
CA ILE A 100 -14.84 14.76 2.88
C ILE A 100 -16.25 15.11 3.36
N ASN A 101 -16.69 16.34 3.07
CA ASN A 101 -18.00 16.79 3.48
C ASN A 101 -19.08 15.83 2.98
N TYR A 102 -19.16 15.67 1.67
CA TYR A 102 -20.13 14.76 1.07
C TYR A 102 -20.29 13.56 2.00
N CYS A 103 -19.20 12.81 2.17
CA CYS A 103 -19.22 11.64 3.02
C CYS A 103 -19.66 12.01 4.41
N LEU A 104 -18.94 12.97 5.00
CA LEU A 104 -19.23 13.44 6.34
C LEU A 104 -20.73 13.48 6.62
N SER A 105 -21.49 14.05 5.70
CA SER A 105 -22.95 14.14 5.86
C SER A 105 -23.63 12.85 5.39
N TYR A 106 -23.06 12.20 4.39
CA TYR A 106 -23.66 10.97 3.88
C TYR A 106 -23.76 10.04 5.08
N ILE A 107 -22.61 9.78 5.70
CA ILE A 107 -22.51 8.92 6.87
C ILE A 107 -23.61 9.15 7.89
N ALA A 108 -23.45 10.22 8.66
CA ALA A 108 -24.40 10.60 9.70
C ALA A 108 -25.81 10.08 9.49
N LYS A 109 -26.38 10.33 8.31
CA LYS A 109 -27.73 9.89 8.01
C LYS A 109 -27.91 8.37 7.98
N ILE A 110 -26.89 7.63 8.40
CA ILE A 110 -26.96 6.18 8.44
C ILE A 110 -27.37 5.72 9.82
N LYS A 111 -28.41 4.89 9.89
CA LYS A 111 -28.85 4.39 11.18
C LYS A 111 -27.93 3.25 11.59
N LEU A 112 -27.51 3.24 12.85
CA LEU A 112 -26.62 2.20 13.33
C LEU A 112 -26.79 2.01 14.82
N PRO A 113 -26.42 0.83 15.33
CA PRO A 113 -26.55 0.53 16.76
C PRO A 113 -25.58 1.28 17.67
N LYS A 114 -24.40 1.61 17.14
CA LYS A 114 -23.39 2.32 17.91
C LYS A 114 -22.50 3.20 17.03
N LYS A 115 -21.78 4.13 17.68
CA LYS A 115 -20.85 5.03 17.03
C LYS A 115 -19.84 5.55 18.05
N ARG A 116 -18.58 5.61 17.64
CA ARG A 116 -17.51 6.05 18.52
C ARG A 116 -16.79 7.27 17.94
N GLY A 117 -15.56 7.09 17.48
CA GLY A 117 -14.83 8.22 16.93
C GLY A 117 -13.82 7.83 15.87
N THR A 118 -13.36 8.84 15.12
CA THR A 118 -12.40 8.63 14.05
C THR A 118 -13.10 7.88 12.91
N PHE A 119 -14.11 8.53 12.36
CA PHE A 119 -14.89 8.02 11.25
C PHE A 119 -14.05 8.17 9.98
N ILE A 120 -13.44 9.34 9.86
CA ILE A 120 -12.57 9.62 8.74
C ILE A 120 -11.13 9.67 9.24
N GLU A 121 -10.28 8.85 8.63
CA GLU A 121 -8.88 8.80 8.99
C GLU A 121 -8.10 9.23 7.74
N PHE A 122 -7.63 10.47 7.78
CA PHE A 122 -6.89 11.07 6.68
C PHE A 122 -5.47 10.52 6.63
N ARG A 123 -5.10 9.96 5.48
CA ARG A 123 -3.78 9.40 5.28
C ARG A 123 -3.15 10.08 4.07
N ASN A 124 -1.83 10.07 4.01
CA ASN A 124 -1.14 10.70 2.89
C ASN A 124 -1.66 10.15 1.56
N GLY A 125 -2.11 8.90 1.56
CA GLY A 125 -2.59 8.31 0.32
C GLY A 125 -4.07 7.92 0.24
N MSE A 126 -4.89 8.33 1.19
CA MSE A 126 -6.31 7.96 1.15
C MSE A 126 -7.12 8.49 2.32
O MSE A 126 -6.58 9.01 3.30
CB MSE A 126 -6.45 6.44 1.15
CG MSE A 126 -6.33 5.85 2.57
SE MSE A 126 -5.66 4.03 2.61
CE MSE A 126 -3.76 4.41 2.79
N LEU A 127 -8.43 8.33 2.20
CA LEU A 127 -9.36 8.69 3.26
C LEU A 127 -9.94 7.35 3.71
N ASN A 128 -9.70 6.98 4.96
CA ASN A 128 -10.24 5.72 5.48
C ASN A 128 -11.51 6.10 6.22
N VAL A 129 -12.65 5.59 5.74
CA VAL A 129 -13.95 5.87 6.31
C VAL A 129 -14.53 4.67 7.05
N SER A 130 -14.96 4.90 8.30
CA SER A 130 -15.53 3.83 9.12
C SER A 130 -16.83 4.34 9.77
N PRO A 131 -17.98 3.74 9.39
CA PRO A 131 -19.26 4.17 9.96
C PRO A 131 -19.37 4.09 11.50
N ILE A 132 -18.70 3.11 12.10
CA ILE A 132 -18.74 2.97 13.54
C ILE A 132 -17.68 3.84 14.20
N GLY A 133 -16.56 4.04 13.51
CA GLY A 133 -15.46 4.82 14.06
C GLY A 133 -14.32 3.88 14.41
N ARG A 134 -13.11 4.20 13.95
CA ARG A 134 -11.96 3.35 14.20
C ARG A 134 -11.63 3.14 15.67
N SER A 135 -12.24 3.91 16.57
CA SER A 135 -11.97 3.74 17.99
C SER A 135 -13.09 2.91 18.63
N CYS A 136 -13.69 2.04 17.81
CA CYS A 136 -14.76 1.16 18.25
C CYS A 136 -14.17 -0.08 18.94
N SER A 137 -15.00 -1.08 19.21
CA SER A 137 -14.54 -2.29 19.88
C SER A 137 -14.91 -3.56 19.12
N GLN A 138 -13.97 -4.51 19.10
CA GLN A 138 -14.17 -5.80 18.43
C GLN A 138 -15.66 -6.11 18.43
N GLU A 139 -16.21 -6.26 19.64
CA GLU A 139 -17.62 -6.54 19.82
C GLU A 139 -18.44 -5.57 18.99
N GLU A 140 -18.25 -4.28 19.26
CA GLU A 140 -18.97 -3.24 18.54
C GLU A 140 -18.75 -3.33 17.02
N ARG A 141 -17.54 -3.71 16.60
CA ARG A 141 -17.27 -3.82 15.17
C ARG A 141 -17.84 -5.12 14.60
N ILE A 142 -17.54 -6.25 15.22
CA ILE A 142 -18.09 -7.53 14.73
C ILE A 142 -19.57 -7.29 14.43
N GLU A 143 -20.26 -6.71 15.40
CA GLU A 143 -21.67 -6.40 15.26
C GLU A 143 -21.97 -5.59 13.99
N PHE A 144 -21.21 -4.51 13.76
CA PHE A 144 -21.45 -3.68 12.58
C PHE A 144 -21.30 -4.47 11.31
N TYR A 145 -20.34 -5.38 11.29
CA TYR A 145 -20.13 -6.20 10.12
C TYR A 145 -21.36 -7.04 9.83
N GLU A 146 -21.67 -7.99 10.69
CA GLU A 146 -22.84 -8.84 10.49
C GLU A 146 -24.05 -7.98 10.15
N LEU A 147 -24.02 -6.73 10.60
CA LEU A 147 -25.13 -5.82 10.32
C LEU A 147 -25.02 -5.41 8.87
N ASP A 148 -23.83 -4.95 8.51
CA ASP A 148 -23.52 -4.52 7.15
C ASP A 148 -23.57 -5.76 6.26
N LYS A 149 -23.37 -6.92 6.89
CA LYS A 149 -23.42 -8.19 6.17
C LYS A 149 -24.87 -8.42 5.74
N LYS A 150 -25.79 -8.12 6.65
CA LYS A 150 -27.22 -8.30 6.39
C LYS A 150 -27.84 -7.11 5.64
N GLU A 151 -27.40 -5.90 5.98
CA GLU A 151 -27.94 -4.69 5.37
C GLU A 151 -27.14 -4.12 4.19
N ASN A 152 -25.84 -4.42 4.14
CA ASN A 152 -24.98 -3.91 3.08
C ASN A 152 -24.78 -2.41 3.24
N ILE A 153 -24.52 -1.98 4.47
CA ILE A 153 -24.30 -0.58 4.80
C ILE A 153 -23.35 0.06 3.80
N ARG A 154 -22.09 -0.35 3.86
CA ARG A 154 -21.04 0.16 2.99
C ARG A 154 -21.34 0.12 1.51
N GLN A 155 -21.80 -1.04 1.03
CA GLN A 155 -22.11 -1.24 -0.37
C GLN A 155 -22.80 -0.05 -1.03
N LYS A 156 -23.95 0.34 -0.48
CA LYS A 156 -24.68 1.48 -1.01
C LYS A 156 -23.78 2.71 -0.88
N PHE A 157 -23.38 3.02 0.34
CA PHE A 157 -22.50 4.15 0.63
C PHE A 157 -21.45 4.24 -0.48
N VAL A 158 -20.55 3.27 -0.50
CA VAL A 158 -19.48 3.21 -1.50
C VAL A 158 -20.00 3.31 -2.92
N ALA A 159 -21.15 2.71 -3.19
CA ALA A 159 -21.73 2.76 -4.53
C ALA A 159 -22.30 4.14 -4.82
N ASP A 160 -22.98 4.70 -3.81
CA ASP A 160 -23.58 6.01 -3.96
C ASP A 160 -22.52 7.10 -3.98
N LEU A 161 -21.38 6.83 -3.35
CA LEU A 161 -20.26 7.78 -3.32
C LEU A 161 -19.53 7.64 -4.63
N ARG A 162 -19.46 6.40 -5.11
CA ARG A 162 -18.83 6.09 -6.37
C ARG A 162 -19.79 6.65 -7.43
N LYS A 163 -21.06 6.68 -7.06
CA LYS A 163 -22.13 7.17 -7.90
C LYS A 163 -21.77 8.55 -8.45
N GLU A 164 -22.18 9.60 -7.75
CA GLU A 164 -21.90 10.98 -8.16
C GLU A 164 -20.46 11.19 -8.62
N PHE A 165 -19.51 10.95 -7.71
CA PHE A 165 -18.07 11.11 -7.96
C PHE A 165 -17.52 10.30 -9.11
N ALA A 166 -18.37 9.48 -9.73
CA ALA A 166 -17.94 8.67 -10.85
C ALA A 166 -17.24 9.55 -11.88
N GLY A 167 -15.92 9.60 -11.83
CA GLY A 167 -15.19 10.42 -12.77
C GLY A 167 -14.01 11.20 -12.21
N LYS A 168 -13.90 11.28 -10.89
CA LYS A 168 -12.81 12.02 -10.29
C LYS A 168 -11.52 11.22 -10.17
N GLY A 169 -11.49 10.08 -10.85
CA GLY A 169 -10.31 9.23 -10.83
C GLY A 169 -10.07 8.71 -9.43
N LEU A 170 -11.17 8.34 -8.76
CA LEU A 170 -11.13 7.83 -7.41
C LEU A 170 -11.51 6.35 -7.40
N THR A 171 -10.85 5.60 -6.54
CA THR A 171 -11.14 4.18 -6.39
C THR A 171 -11.70 4.02 -4.98
N PHE A 172 -12.30 2.86 -4.71
CA PHE A 172 -12.88 2.59 -3.41
C PHE A 172 -12.62 1.15 -3.02
N SER A 173 -11.90 0.93 -1.93
CA SER A 173 -11.58 -0.43 -1.49
C SER A 173 -12.08 -0.75 -0.10
N ILE A 174 -12.48 -2.01 0.09
CA ILE A 174 -13.00 -2.48 1.37
C ILE A 174 -11.99 -3.36 2.10
N GLY A 175 -11.35 -2.79 3.11
CA GLY A 175 -10.37 -3.55 3.87
C GLY A 175 -10.93 -3.97 5.21
N GLY A 176 -11.63 -5.09 5.23
CA GLY A 176 -12.18 -5.56 6.49
C GLY A 176 -13.69 -5.51 6.60
N GLN A 177 -14.14 -5.25 7.82
CA GLN A 177 -15.57 -5.24 8.11
C GLN A 177 -16.16 -3.88 8.46
N ILE A 178 -15.33 -2.94 8.88
CA ILE A 178 -15.78 -1.60 9.30
C ILE A 178 -15.48 -0.40 8.41
N SER A 179 -14.25 -0.29 7.92
CA SER A 179 -13.87 0.85 7.10
C SER A 179 -13.47 0.52 5.69
N PHE A 180 -13.77 1.44 4.77
CA PHE A 180 -13.39 1.28 3.38
C PHE A 180 -12.40 2.40 3.06
N ASP A 181 -11.94 2.47 1.82
CA ASP A 181 -10.99 3.50 1.43
C ASP A 181 -11.30 4.21 0.11
N VAL A 182 -10.90 5.47 0.05
CA VAL A 182 -11.10 6.31 -1.13
C VAL A 182 -9.71 6.85 -1.44
N PHE A 183 -9.24 6.64 -2.67
CA PHE A 183 -7.90 7.10 -3.06
C PHE A 183 -7.76 7.30 -4.56
N PRO A 184 -6.66 7.97 -4.99
CA PRO A 184 -6.40 8.24 -6.41
C PRO A 184 -6.12 6.96 -7.19
N ASP A 185 -6.53 6.94 -8.45
CA ASP A 185 -6.34 5.78 -9.32
C ASP A 185 -4.89 5.40 -9.50
N GLY A 186 -4.62 4.10 -9.34
CA GLY A 186 -3.29 3.57 -9.50
C GLY A 186 -2.41 3.75 -8.27
N TRP A 187 -2.94 4.39 -7.24
CA TRP A 187 -2.16 4.63 -6.02
C TRP A 187 -2.04 3.40 -5.12
N ASP A 188 -1.46 2.33 -5.67
CA ASP A 188 -1.21 1.09 -4.96
C ASP A 188 0.28 0.89 -5.22
N LYS A 189 0.81 -0.31 -4.99
CA LYS A 189 2.24 -0.52 -5.24
C LYS A 189 2.66 -0.12 -6.66
N ARG A 190 1.73 -0.19 -7.62
CA ARG A 190 2.06 0.20 -8.99
C ARG A 190 2.64 1.61 -9.06
N TYR A 191 2.28 2.43 -8.08
CA TYR A 191 2.76 3.82 -8.00
C TYR A 191 4.30 3.84 -7.97
N CYS A 192 4.89 2.87 -7.28
CA CYS A 192 6.36 2.74 -7.14
C CYS A 192 7.06 2.55 -8.48
N LEU A 193 6.29 2.17 -9.50
CA LEU A 193 6.86 1.94 -10.82
C LEU A 193 7.19 3.24 -11.54
N ARG A 194 6.45 4.31 -11.23
CA ARG A 194 6.66 5.59 -11.88
C ARG A 194 7.94 6.29 -11.44
N HIS A 195 8.75 5.64 -10.62
CA HIS A 195 10.00 6.24 -10.17
C HIS A 195 11.23 5.56 -10.77
N VAL A 196 11.04 4.36 -11.31
CA VAL A 196 12.15 3.61 -11.87
C VAL A 196 11.97 3.24 -13.35
N GLU A 197 10.83 3.58 -13.92
CA GLU A 197 10.50 3.23 -15.29
C GLU A 197 11.34 3.89 -16.38
N ASN A 198 11.75 5.14 -16.17
CA ASN A 198 12.54 5.86 -17.15
C ASN A 198 14.03 5.61 -16.94
N ASP A 199 14.41 4.34 -17.04
CA ASP A 199 15.80 3.93 -16.85
C ASP A 199 16.17 2.82 -17.84
N GLY A 200 15.15 2.13 -18.35
CA GLY A 200 15.39 1.08 -19.32
C GLY A 200 15.70 -0.30 -18.76
N TYR A 201 14.88 -0.78 -17.85
CA TYR A 201 15.09 -2.10 -17.26
C TYR A 201 14.41 -3.12 -18.15
N LYS A 202 15.22 -3.87 -18.90
CA LYS A 202 14.68 -4.90 -19.79
C LYS A 202 13.72 -5.76 -18.97
N THR A 203 13.82 -5.68 -17.65
CA THR A 203 12.96 -6.43 -16.74
C THR A 203 12.91 -5.72 -15.39
N ILE A 204 11.72 -5.40 -14.91
CA ILE A 204 11.59 -4.75 -13.62
C ILE A 204 10.95 -5.75 -12.67
N TYR A 205 11.76 -6.72 -12.26
CA TYR A 205 11.32 -7.76 -11.36
C TYR A 205 10.54 -7.23 -10.16
N PHE A 206 9.55 -8.01 -9.73
CA PHE A 206 8.75 -7.68 -8.56
C PHE A 206 8.48 -8.97 -7.82
N PHE A 207 8.97 -9.04 -6.58
CA PHE A 207 8.77 -10.22 -5.76
C PHE A 207 7.74 -9.85 -4.70
N GLY A 208 6.56 -10.47 -4.80
CA GLY A 208 5.48 -10.22 -3.87
C GLY A 208 4.48 -11.36 -3.88
N ASP A 209 3.26 -11.08 -4.35
CA ASP A 209 2.19 -12.08 -4.39
C ASP A 209 1.07 -11.61 -5.32
N LYS A 210 0.71 -12.43 -6.31
CA LYS A 210 -0.35 -12.06 -7.23
C LYS A 210 -1.64 -11.71 -6.48
N THR A 211 -2.33 -12.74 -5.99
CA THR A 211 -3.56 -12.57 -5.24
C THR A 211 -3.41 -11.39 -4.28
N MSE A 212 -4.20 -10.35 -4.48
CA MSE A 212 -4.15 -9.16 -3.64
C MSE A 212 -4.46 -9.49 -2.19
O MSE A 212 -3.62 -10.02 -1.47
CB MSE A 212 -5.12 -8.11 -4.17
CG MSE A 212 -4.95 -6.73 -3.55
SE MSE A 212 -5.86 -5.39 -4.60
CE MSE A 212 -7.56 -5.38 -3.67
N ASN A 216 -8.41 -10.32 -4.40
CA ASN A 216 -8.69 -9.62 -5.65
C ASN A 216 -7.60 -9.82 -6.71
N ASP A 217 -6.54 -9.02 -6.63
CA ASP A 217 -5.44 -9.10 -7.59
C ASP A 217 -4.45 -7.95 -7.39
N HIS A 218 -3.30 -8.21 -6.77
CA HIS A 218 -2.31 -7.17 -6.55
C HIS A 218 -1.82 -6.63 -7.89
N GLU A 219 -2.24 -5.41 -8.20
CA GLU A 219 -1.90 -4.74 -9.45
C GLU A 219 -0.45 -4.80 -9.87
N ILE A 220 0.45 -4.33 -9.01
CA ILE A 220 1.86 -4.31 -9.35
C ILE A 220 2.33 -5.66 -9.84
N PHE A 221 1.78 -6.73 -9.26
CA PHE A 221 2.16 -8.07 -9.66
C PHE A 221 1.72 -8.38 -11.08
N THR A 222 0.65 -7.73 -11.53
CA THR A 222 0.12 -7.98 -12.87
C THR A 222 0.35 -6.84 -13.86
N ASP A 223 0.75 -5.69 -13.34
CA ASP A 223 1.00 -4.53 -14.19
C ASP A 223 1.90 -4.95 -15.35
N PRO A 224 1.70 -4.34 -16.52
CA PRO A 224 2.49 -4.67 -17.72
C PRO A 224 3.97 -4.36 -17.63
N ARG A 225 4.34 -3.32 -16.87
CA ARG A 225 5.74 -2.93 -16.74
C ARG A 225 6.56 -3.90 -15.88
N THR A 226 5.87 -4.74 -15.11
CA THR A 226 6.58 -5.64 -14.22
C THR A 226 6.52 -7.12 -14.55
N MSE A 227 7.49 -7.86 -13.99
CA MSE A 227 7.59 -9.31 -14.11
C MSE A 227 7.42 -9.74 -12.65
O MSE A 227 8.30 -9.50 -11.82
CB MSE A 227 8.97 -9.72 -14.63
CG MSE A 227 9.20 -9.46 -16.10
SE MSE A 227 8.00 -10.51 -17.19
CE MSE A 227 6.77 -9.09 -17.67
N GLY A 228 6.29 -10.36 -12.35
CA GLY A 228 6.02 -10.77 -10.99
C GLY A 228 6.31 -12.20 -10.59
N TYR A 229 6.73 -12.35 -9.35
CA TYR A 229 7.04 -13.65 -8.77
C TYR A 229 6.50 -13.64 -7.34
N SER A 230 5.48 -14.46 -7.08
CA SER A 230 4.91 -14.50 -5.74
C SER A 230 5.78 -15.34 -4.83
N VAL A 231 6.09 -14.79 -3.65
CA VAL A 231 6.94 -15.50 -2.70
C VAL A 231 6.16 -15.91 -1.45
N THR A 232 6.59 -17.01 -0.83
CA THR A 232 5.93 -17.51 0.36
C THR A 232 6.71 -17.26 1.65
N ALA A 233 8.01 -17.00 1.52
CA ALA A 233 8.90 -16.74 2.67
C ALA A 233 10.30 -16.31 2.21
N PRO A 234 11.04 -15.58 3.06
CA PRO A 234 12.40 -15.14 2.69
C PRO A 234 13.25 -16.29 2.17
N GLU A 235 13.03 -17.48 2.75
CA GLU A 235 13.76 -18.67 2.33
C GLU A 235 13.39 -18.95 0.88
N ASP A 236 12.10 -18.81 0.58
CA ASP A 236 11.59 -19.04 -0.77
C ASP A 236 12.07 -17.95 -1.71
N THR A 237 12.04 -16.71 -1.23
CA THR A 237 12.48 -15.57 -2.02
C THR A 237 13.92 -15.75 -2.48
N ARG A 238 14.75 -16.34 -1.62
CA ARG A 238 16.14 -16.58 -1.97
C ARG A 238 16.20 -17.71 -2.98
N ARG A 239 15.21 -18.58 -2.92
CA ARG A 239 15.15 -19.70 -3.85
C ARG A 239 14.94 -19.14 -5.25
N ILE A 240 13.91 -18.33 -5.40
CA ILE A 240 13.60 -17.73 -6.69
C ILE A 240 14.62 -16.69 -7.11
N CYS A 241 14.93 -15.75 -6.22
CA CYS A 241 15.92 -14.73 -6.54
C CYS A 241 17.26 -15.38 -6.84
N GLU A 242 17.31 -16.70 -6.71
CA GLU A 242 18.52 -17.46 -6.98
C GLU A 242 18.40 -18.12 -8.35
N LEU A 243 17.23 -18.71 -8.60
CA LEU A 243 16.95 -19.38 -9.86
C LEU A 243 16.51 -18.35 -10.89
N LEU A 244 17.14 -17.17 -10.82
CA LEU A 244 16.82 -16.08 -11.72
C LEU A 244 18.05 -15.20 -11.99
N PHE A 245 19.03 -15.27 -11.08
CA PHE A 245 20.22 -14.45 -11.22
C PHE A 245 21.49 -15.25 -10.95
N SER A 246 21.98 -15.94 -11.97
CA SER A 246 23.18 -16.76 -11.84
C SER A 246 23.09 -17.60 -10.56
C1 EDO B . -28.00 7.03 3.06
O1 EDO B . -28.50 8.35 2.81
C2 EDO B . -27.73 6.85 4.54
O2 EDO B . -28.62 5.87 5.08
N GLY C . 10.60 -3.40 -19.36
CA GLY C . 10.31 -2.72 -18.10
C GLY C . 9.72 -1.33 -18.28
O GLY C . 8.58 -1.07 -17.89
N GLY D . 3.48 -7.82 -14.05
CA GLY D . 3.95 -9.18 -13.93
C GLY D . 3.60 -10.02 -15.14
O GLY D . 2.79 -9.59 -15.95
N GLY E . -27.22 11.42 1.12
CA GLY E . -26.11 11.63 2.04
C GLY E . -25.36 12.93 1.81
O GLY E . -25.65 13.95 2.42
N PRO A 4 15.31 -9.74 -18.22
CA PRO A 4 16.75 -9.57 -17.98
C PRO A 4 17.23 -8.15 -18.30
N GLY A 5 18.54 -8.00 -18.45
CA GLY A 5 19.11 -6.70 -18.78
C GLY A 5 18.94 -5.64 -17.69
N PRO A 6 19.62 -4.48 -17.82
CA PRO A 6 19.56 -3.38 -16.86
C PRO A 6 18.17 -3.21 -16.31
N ALA A 7 17.91 -3.83 -15.15
CA ALA A 7 16.58 -3.79 -14.56
C ALA A 7 16.48 -3.08 -13.21
N LEU A 8 15.46 -3.46 -12.44
CA LEU A 8 15.21 -2.88 -11.12
C LEU A 8 14.28 -3.78 -10.34
N CYS A 9 14.67 -4.11 -9.13
CA CYS A 9 13.87 -4.98 -8.29
C CYS A 9 13.10 -4.24 -7.25
N LEU A 10 11.81 -4.47 -7.27
CA LEU A 10 10.93 -3.86 -6.33
C LEU A 10 10.42 -4.98 -5.46
N PHE A 11 10.80 -4.96 -4.20
CA PHE A 11 10.37 -5.98 -3.24
C PHE A 11 9.32 -5.37 -2.33
N ASP A 12 8.29 -6.14 -1.99
CA ASP A 12 7.28 -5.65 -1.06
C ASP A 12 7.98 -5.80 0.30
N VAL A 13 7.79 -4.86 1.21
CA VAL A 13 8.46 -4.95 2.51
C VAL A 13 8.07 -6.15 3.39
N ASP A 14 7.05 -5.97 4.22
CA ASP A 14 6.62 -7.05 5.10
C ASP A 14 6.06 -8.22 4.31
N GLY A 15 6.53 -9.43 4.61
CA GLY A 15 6.08 -10.60 3.91
C GLY A 15 7.14 -11.10 2.95
N THR A 16 7.50 -10.26 1.98
CA THR A 16 8.50 -10.62 0.99
C THR A 16 9.90 -10.69 1.60
N LEU A 17 10.28 -9.64 2.31
CA LEU A 17 11.59 -9.59 2.95
C LEU A 17 11.56 -10.02 4.40
N THR A 18 10.80 -9.28 5.21
CA THR A 18 10.68 -9.58 6.63
C THR A 18 9.73 -10.73 6.94
N ALA A 19 9.14 -10.60 8.11
CA ALA A 19 8.17 -11.54 8.64
C ALA A 19 7.16 -10.54 9.17
N PRO A 20 5.86 -10.87 9.17
CA PRO A 20 4.85 -9.92 9.67
C PRO A 20 5.41 -8.98 10.73
N ARG A 21 5.43 -7.68 10.39
CA ARG A 21 5.94 -6.64 11.27
C ARG A 21 7.19 -7.01 12.10
N GLN A 22 7.91 -8.02 11.63
CA GLN A 22 9.13 -8.47 12.30
C GLN A 22 10.28 -7.72 11.63
N LYS A 23 11.02 -6.91 12.40
CA LYS A 23 12.14 -6.15 11.84
C LYS A 23 12.98 -7.07 10.95
N ILE A 24 13.46 -6.56 9.82
CA ILE A 24 14.26 -7.35 8.90
C ILE A 24 15.48 -7.95 9.59
N THR A 25 15.90 -9.11 9.10
CA THR A 25 17.04 -9.83 9.66
C THR A 25 18.34 -9.52 8.93
N LYS A 26 19.40 -9.24 9.68
CA LYS A 26 20.70 -8.93 9.09
C LYS A 26 21.08 -9.98 8.06
N GLU A 27 20.37 -11.11 8.10
CA GLU A 27 20.58 -12.21 7.19
C GLU A 27 20.17 -11.81 5.77
N MSE A 28 18.92 -11.39 5.63
CA MSE A 28 18.41 -10.98 4.34
C MSE A 28 19.16 -9.76 3.83
O MSE A 28 19.31 -9.58 2.62
CB MSE A 28 16.92 -10.67 4.44
CG MSE A 28 16.24 -10.52 3.07
SE MSE A 28 16.74 -11.97 1.90
CE MSE A 28 15.22 -13.09 2.16
N ASP A 29 19.62 -8.91 4.75
CA ASP A 29 20.35 -7.72 4.36
C ASP A 29 21.57 -8.15 3.55
N ASP A 30 22.35 -9.06 4.13
CA ASP A 30 23.54 -9.60 3.47
C ASP A 30 23.18 -10.05 2.05
N PHE A 31 21.97 -10.57 1.91
CA PHE A 31 21.52 -11.01 0.60
C PHE A 31 21.33 -9.81 -0.32
N LEU A 32 20.32 -8.99 -0.02
CA LEU A 32 20.03 -7.81 -0.82
C LEU A 32 21.23 -6.94 -1.24
N GLN A 33 22.02 -6.47 -0.29
CA GLN A 33 23.15 -5.63 -0.65
C GLN A 33 24.01 -6.32 -1.71
N LYS A 34 24.33 -7.59 -1.49
CA LYS A 34 25.11 -8.34 -2.48
C LYS A 34 24.41 -8.27 -3.83
N LEU A 35 23.09 -8.36 -3.82
CA LEU A 35 22.29 -8.29 -5.05
C LEU A 35 22.35 -6.86 -5.60
N ARG A 36 22.43 -5.90 -4.69
CA ARG A 36 22.49 -4.49 -5.06
C ARG A 36 23.72 -4.16 -5.89
N GLN A 37 24.44 -5.19 -6.33
CA GLN A 37 25.64 -4.98 -7.15
C GLN A 37 25.32 -4.93 -8.63
N LYS A 38 24.83 -6.05 -9.15
CA LYS A 38 24.51 -6.17 -10.56
C LYS A 38 23.20 -5.48 -10.95
N ILE A 39 22.18 -5.63 -10.11
CA ILE A 39 20.90 -5.00 -10.39
C ILE A 39 20.47 -4.09 -9.26
N LYS A 40 19.76 -3.02 -9.59
CA LYS A 40 19.27 -2.07 -8.61
C LYS A 40 18.06 -2.61 -7.86
N ILE A 41 18.00 -2.37 -6.56
CA ILE A 41 16.88 -2.83 -5.75
C ILE A 41 16.10 -1.69 -5.12
N GLY A 42 14.81 -1.91 -4.91
CA GLY A 42 13.96 -0.89 -4.31
C GLY A 42 12.90 -1.56 -3.45
N VAL A 43 12.25 -0.78 -2.57
CA VAL A 43 11.20 -1.34 -1.73
C VAL A 43 9.95 -0.47 -1.75
N VAL A 44 8.80 -1.13 -1.70
CA VAL A 44 7.53 -0.43 -1.68
C VAL A 44 6.62 -1.07 -0.63
N GLY A 45 5.83 -0.22 0.02
CA GLY A 45 4.92 -0.70 1.03
C GLY A 45 3.87 0.34 1.38
N GLY A 46 2.80 -0.13 2.01
CA GLY A 46 1.75 0.78 2.41
C GLY A 46 2.13 1.49 3.70
N SER A 47 2.95 0.83 4.51
CA SER A 47 3.39 1.41 5.79
C SER A 47 4.27 2.62 5.54
N ASP A 48 4.14 3.64 6.37
CA ASP A 48 4.92 4.85 6.20
C ASP A 48 6.41 4.61 6.48
N PHE A 49 7.20 5.62 6.19
CA PHE A 49 8.66 5.60 6.37
C PHE A 49 9.05 5.12 7.76
N GLU A 50 8.34 5.60 8.77
CA GLU A 50 8.64 5.19 10.14
C GLU A 50 8.69 3.67 10.25
N LYS A 51 7.68 3.01 9.72
CA LYS A 51 7.62 1.56 9.79
C LYS A 51 8.72 0.95 8.94
N VAL A 52 8.79 1.36 7.68
CA VAL A 52 9.83 0.83 6.79
C VAL A 52 11.17 0.90 7.51
N GLN A 53 11.37 1.97 8.27
CA GLN A 53 12.59 2.14 9.03
C GLN A 53 12.61 1.05 10.09
N GLU A 54 11.56 1.00 10.90
CA GLU A 54 11.46 -0.01 11.93
C GLU A 54 11.79 -1.38 11.35
N GLN A 55 11.13 -1.71 10.25
CA GLN A 55 11.32 -3.00 9.60
C GLN A 55 12.64 -3.16 8.85
N LEU A 56 13.03 -2.14 8.10
CA LEU A 56 14.24 -2.24 7.31
C LEU A 56 15.49 -1.56 7.87
N GLY A 57 15.37 -0.95 9.05
CA GLY A 57 16.51 -0.28 9.65
C GLY A 57 16.63 1.17 9.24
N ASN A 58 16.84 2.04 10.23
CA ASN A 58 16.96 3.47 10.00
C ASN A 58 17.87 3.80 8.82
N ASP A 59 18.76 2.88 8.45
CA ASP A 59 19.67 3.10 7.33
C ASP A 59 19.12 2.64 5.97
N VAL A 60 17.80 2.42 5.92
CA VAL A 60 17.16 1.94 4.70
C VAL A 60 17.38 2.81 3.44
N VAL A 61 17.15 4.11 3.54
CA VAL A 61 17.30 4.99 2.38
C VAL A 61 18.68 4.91 1.71
N GLU A 62 19.68 4.44 2.44
CA GLU A 62 21.03 4.33 1.87
C GLU A 62 21.40 2.89 1.58
N LYS A 63 20.45 2.00 1.84
CA LYS A 63 20.60 0.56 1.62
C LYS A 63 19.87 0.19 0.31
N TYR A 64 18.97 1.06 -0.14
CA TYR A 64 18.21 0.84 -1.37
C TYR A 64 18.32 2.02 -2.32
N ASP A 65 18.03 1.79 -3.60
CA ASP A 65 18.12 2.84 -4.61
C ASP A 65 16.79 3.59 -4.72
N TYR A 66 15.76 3.01 -4.13
CA TYR A 66 14.44 3.62 -4.15
C TYR A 66 13.70 3.21 -2.90
N VAL A 67 12.91 4.12 -2.35
CA VAL A 67 12.12 3.84 -1.17
C VAL A 67 10.82 4.58 -1.43
N PHE A 68 9.72 3.83 -1.51
CA PHE A 68 8.42 4.43 -1.80
C PHE A 68 7.40 4.23 -0.70
N PRO A 69 7.56 4.93 0.42
CA PRO A 69 6.62 4.80 1.53
C PRO A 69 5.23 5.21 1.08
N GLU A 70 4.21 4.77 1.81
CA GLU A 70 2.83 5.12 1.48
C GLU A 70 2.54 4.94 -0.01
N ASN A 71 2.84 3.74 -0.51
CA ASN A 71 2.62 3.38 -1.90
C ASN A 71 3.52 4.12 -2.87
N GLY A 72 4.25 5.10 -2.38
CA GLY A 72 5.16 5.84 -3.24
C GLY A 72 4.94 7.34 -3.29
N LEU A 73 3.97 7.83 -2.54
CA LEU A 73 3.70 9.26 -2.50
C LEU A 73 4.93 9.91 -1.86
N VAL A 74 5.73 9.07 -1.21
CA VAL A 74 6.97 9.49 -0.61
C VAL A 74 7.96 8.61 -1.35
N ALA A 75 9.11 9.16 -1.72
CA ALA A 75 10.09 8.36 -2.44
C ALA A 75 11.53 8.76 -2.17
N TYR A 76 12.39 7.75 -2.12
CA TYR A 76 13.82 7.95 -1.92
C TYR A 76 14.48 7.33 -3.13
N LYS A 77 15.48 8.02 -3.65
CA LYS A 77 16.23 7.55 -4.81
C LYS A 77 17.67 7.97 -4.63
N ASP A 78 18.59 7.11 -5.04
CA ASP A 78 19.99 7.44 -4.93
C ASP A 78 20.31 7.91 -3.51
N GLY A 79 19.56 7.38 -2.55
CA GLY A 79 19.77 7.72 -1.15
C GLY A 79 19.16 9.06 -0.77
N LYS A 80 18.75 9.81 -1.79
CA LYS A 80 18.16 11.12 -1.57
C LYS A 80 16.64 11.05 -1.64
N LEU A 81 15.99 11.68 -0.66
CA LEU A 81 14.53 11.71 -0.61
C LEU A 81 14.08 12.55 -1.78
N LEU A 82 12.96 12.16 -2.38
CA LEU A 82 12.42 12.86 -3.53
C LEU A 82 11.08 13.53 -3.22
N CYS A 83 10.36 13.87 -4.27
CA CYS A 83 9.06 14.52 -4.15
C CYS A 83 8.14 13.82 -3.16
N ARG A 84 7.38 14.60 -2.40
CA ARG A 84 6.45 14.06 -1.43
C ARG A 84 5.07 14.39 -1.92
N GLN A 85 4.33 13.35 -2.32
CA GLN A 85 2.99 13.51 -2.84
C GLN A 85 1.94 13.12 -1.81
N ASN A 86 0.77 13.75 -1.89
CA ASN A 86 -0.32 13.44 -0.97
C ASN A 86 -1.66 13.79 -1.60
N ILE A 87 -2.72 13.23 -1.03
CA ILE A 87 -4.08 13.42 -1.53
C ILE A 87 -4.53 14.87 -1.80
N GLN A 88 -4.50 15.71 -0.78
CA GLN A 88 -4.93 17.09 -0.98
C GLN A 88 -4.20 17.72 -2.16
N SER A 89 -2.94 17.34 -2.36
CA SER A 89 -2.16 17.87 -3.47
C SER A 89 -2.94 17.73 -4.76
N HIS A 90 -2.89 16.52 -5.33
CA HIS A 90 -3.58 16.24 -6.59
C HIS A 90 -5.08 16.55 -6.62
N LEU A 91 -5.81 16.11 -5.61
CA LEU A 91 -7.27 16.31 -5.56
C LEU A 91 -7.81 17.72 -5.41
N GLY A 92 -7.17 18.51 -4.55
CA GLY A 92 -7.62 19.88 -4.32
C GLY A 92 -8.47 19.89 -3.06
N GLU A 93 -8.48 21.02 -2.36
CA GLU A 93 -9.24 21.17 -1.11
C GLU A 93 -10.76 21.14 -1.24
N ALA A 94 -11.28 21.73 -2.30
CA ALA A 94 -12.73 21.78 -2.49
C ALA A 94 -13.37 20.40 -2.53
N LEU A 95 -12.82 19.49 -3.33
CA LEU A 95 -13.38 18.15 -3.43
C LEU A 95 -13.32 17.41 -2.09
N ILE A 96 -12.31 17.73 -1.29
CA ILE A 96 -12.14 17.10 0.01
C ILE A 96 -13.36 17.31 0.90
N GLN A 97 -13.74 18.56 1.10
CA GLN A 97 -14.90 18.88 1.95
C GLN A 97 -16.18 18.27 1.40
N ASP A 98 -16.29 18.26 0.08
CA ASP A 98 -17.45 17.65 -0.55
C ASP A 98 -17.44 16.18 -0.16
N LEU A 99 -16.25 15.62 -0.05
CA LEU A 99 -16.05 14.22 0.33
C LEU A 99 -16.42 14.02 1.81
N ILE A 100 -15.89 14.90 2.66
CA ILE A 100 -16.11 14.87 4.11
C ILE A 100 -17.55 15.14 4.52
N ASN A 101 -18.06 16.31 4.15
CA ASN A 101 -19.42 16.69 4.48
C ASN A 101 -20.38 15.52 4.20
N TYR A 102 -20.42 15.07 2.95
CA TYR A 102 -21.31 13.96 2.56
C TYR A 102 -21.22 12.77 3.50
N CYS A 103 -20.00 12.29 3.74
CA CYS A 103 -19.80 11.13 4.60
C CYS A 103 -20.19 11.38 6.06
N LEU A 104 -19.80 12.53 6.60
CA LEU A 104 -20.14 12.84 7.99
C LEU A 104 -21.66 12.76 8.11
N SER A 105 -22.35 13.39 7.16
CA SER A 105 -23.80 13.37 7.14
C SER A 105 -24.34 11.95 6.92
N TYR A 106 -23.72 11.21 6.01
CA TYR A 106 -24.13 9.83 5.70
C TYR A 106 -23.99 9.02 6.97
N ILE A 107 -22.77 8.98 7.50
CA ILE A 107 -22.48 8.25 8.72
C ILE A 107 -23.51 8.66 9.77
N ALA A 108 -23.93 9.91 9.69
CA ALA A 108 -24.91 10.44 10.62
C ALA A 108 -26.24 9.72 10.41
N LYS A 109 -26.48 9.24 9.20
CA LYS A 109 -27.73 8.54 8.88
C LYS A 109 -27.68 7.03 9.13
N ILE A 110 -26.48 6.46 9.14
CA ILE A 110 -26.35 5.01 9.37
C ILE A 110 -26.78 4.69 10.80
N LYS A 111 -27.77 3.79 10.93
CA LYS A 111 -28.25 3.41 12.27
C LYS A 111 -27.44 2.26 12.82
N LEU A 112 -26.78 2.51 13.96
CA LEU A 112 -25.94 1.49 14.56
C LEU A 112 -26.14 1.31 16.05
N PRO A 113 -25.65 0.18 16.60
CA PRO A 113 -25.77 -0.09 18.03
C PRO A 113 -24.64 0.63 18.77
N LYS A 114 -23.59 0.98 18.03
CA LYS A 114 -22.46 1.68 18.63
C LYS A 114 -21.73 2.63 17.69
N LYS A 115 -21.29 3.77 18.23
CA LYS A 115 -20.54 4.77 17.49
C LYS A 115 -19.54 5.40 18.45
N ARG A 116 -18.30 5.58 17.99
CA ARG A 116 -17.26 6.14 18.83
C ARG A 116 -16.54 7.34 18.21
N GLY A 117 -15.38 7.11 17.59
CA GLY A 117 -14.63 8.20 16.99
C GLY A 117 -13.69 7.79 15.88
N THR A 118 -13.13 8.78 15.20
CA THR A 118 -12.22 8.54 14.09
C THR A 118 -13.01 7.85 12.98
N PHE A 119 -14.05 8.55 12.52
CA PHE A 119 -14.94 8.09 11.46
C PHE A 119 -14.30 8.33 10.10
N ILE A 120 -13.30 9.19 10.10
CA ILE A 120 -12.56 9.50 8.90
C ILE A 120 -11.09 9.69 9.30
N GLU A 121 -10.24 8.82 8.79
CA GLU A 121 -8.81 8.90 9.08
C GLU A 121 -8.14 9.34 7.79
N PHE A 122 -7.51 10.51 7.85
CA PHE A 122 -6.83 11.09 6.71
C PHE A 122 -5.40 10.56 6.58
N ARG A 123 -5.06 10.06 5.40
CA ARG A 123 -3.73 9.54 5.12
C ARG A 123 -3.24 10.21 3.84
N ASN A 124 -1.93 10.36 3.71
CA ASN A 124 -1.37 10.99 2.51
C ASN A 124 -1.87 10.29 1.23
N GLY A 125 -2.11 8.98 1.32
CA GLY A 125 -2.55 8.23 0.16
C GLY A 125 -4.02 7.86 0.10
N MSE A 126 -4.73 7.96 1.21
CA MSE A 126 -6.14 7.59 1.22
C MSE A 126 -6.92 8.14 2.40
O MSE A 126 -6.35 8.56 3.41
CB MSE A 126 -6.27 6.06 1.27
CG MSE A 126 -5.91 5.45 2.64
SE MSE A 126 -5.23 3.63 2.53
CE MSE A 126 -3.50 4.03 1.73
N LEU A 127 -8.24 8.12 2.25
CA LEU A 127 -9.15 8.55 3.30
C LEU A 127 -9.76 7.28 3.91
N ASN A 128 -9.63 7.10 5.21
CA ASN A 128 -10.22 5.95 5.88
C ASN A 128 -11.63 6.41 6.19
N VAL A 129 -12.60 5.51 6.05
CA VAL A 129 -14.00 5.85 6.29
C VAL A 129 -14.72 4.71 7.01
N SER A 130 -14.86 4.84 8.33
CA SER A 130 -15.52 3.82 9.15
C SER A 130 -16.82 4.33 9.77
N PRO A 131 -17.95 3.68 9.47
CA PRO A 131 -19.24 4.12 10.02
C PRO A 131 -19.35 4.07 11.55
N ILE A 132 -18.68 3.10 12.16
CA ILE A 132 -18.71 2.97 13.62
C ILE A 132 -17.64 3.85 14.25
N GLY A 133 -16.50 3.98 13.57
CA GLY A 133 -15.39 4.76 14.09
C GLY A 133 -14.28 3.79 14.46
N ARG A 134 -13.08 4.04 13.95
CA ARG A 134 -11.94 3.16 14.22
C ARG A 134 -11.50 3.12 15.68
N SER A 135 -12.12 3.94 16.53
CA SER A 135 -11.74 3.95 17.94
C SER A 135 -12.36 2.82 18.77
N CYS A 136 -13.43 2.22 18.25
CA CYS A 136 -14.12 1.12 18.94
C CYS A 136 -13.15 0.12 19.56
N SER A 137 -13.67 -0.74 20.42
CA SER A 137 -12.86 -1.76 21.07
C SER A 137 -12.95 -3.08 20.29
N GLN A 138 -12.14 -4.05 20.71
CA GLN A 138 -12.12 -5.37 20.09
C GLN A 138 -13.53 -5.94 19.95
N GLU A 139 -14.34 -5.76 20.98
CA GLU A 139 -15.70 -6.25 21.03
C GLU A 139 -16.62 -5.55 20.03
N GLU A 140 -16.78 -4.25 20.22
CA GLU A 140 -17.64 -3.44 19.37
C GLU A 140 -17.18 -3.54 17.93
N ARG A 141 -15.87 -3.63 17.76
CA ARG A 141 -15.30 -3.72 16.44
C ARG A 141 -15.92 -4.91 15.71
N ILE A 142 -15.72 -6.10 16.28
CA ILE A 142 -16.25 -7.33 15.71
C ILE A 142 -17.76 -7.36 15.72
N GLU A 143 -18.34 -6.67 16.70
CA GLU A 143 -19.79 -6.59 16.79
C GLU A 143 -20.26 -6.03 15.47
N PHE A 144 -19.87 -4.80 15.19
CA PHE A 144 -20.27 -4.15 13.96
C PHE A 144 -19.97 -5.02 12.74
N TYR A 145 -18.91 -5.81 12.82
CA TYR A 145 -18.57 -6.63 11.68
C TYR A 145 -19.63 -7.68 11.33
N GLU A 146 -20.07 -8.42 12.34
CA GLU A 146 -21.08 -9.46 12.10
C GLU A 146 -22.32 -8.78 11.53
N LEU A 147 -22.56 -7.56 12.01
CA LEU A 147 -23.70 -6.78 11.55
C LEU A 147 -23.50 -6.38 10.10
N ASP A 148 -22.30 -5.91 9.77
CA ASP A 148 -21.99 -5.49 8.41
C ASP A 148 -22.02 -6.67 7.45
N LYS A 149 -21.82 -7.88 7.98
CA LYS A 149 -21.83 -9.08 7.17
C LYS A 149 -23.23 -9.31 6.60
N LYS A 150 -24.24 -9.22 7.45
CA LYS A 150 -25.61 -9.43 7.03
C LYS A 150 -26.26 -8.15 6.51
N GLU A 151 -25.77 -7.01 6.98
CA GLU A 151 -26.31 -5.72 6.59
C GLU A 151 -25.68 -5.10 5.33
N ASN A 152 -24.39 -5.35 5.13
CA ASN A 152 -23.68 -4.82 3.97
C ASN A 152 -23.55 -3.28 4.05
N ILE A 153 -23.26 -2.79 5.25
CA ILE A 153 -23.12 -1.36 5.51
C ILE A 153 -22.11 -0.67 4.60
N ARG A 154 -20.85 -1.07 4.73
CA ARG A 154 -19.75 -0.51 3.95
C ARG A 154 -20.00 -0.63 2.45
N GLN A 155 -20.35 -1.84 2.02
CA GLN A 155 -20.62 -2.11 0.61
C GLN A 155 -21.58 -1.08 0.05
N LYS A 156 -22.67 -0.84 0.78
CA LYS A 156 -23.70 0.11 0.40
C LYS A 156 -23.23 1.55 0.55
N PHE A 157 -22.35 1.81 1.51
CA PHE A 157 -21.81 3.16 1.73
C PHE A 157 -21.05 3.49 0.44
N VAL A 158 -20.10 2.62 0.08
CA VAL A 158 -19.28 2.79 -1.12
C VAL A 158 -20.13 2.98 -2.34
N ALA A 159 -21.06 2.04 -2.55
CA ALA A 159 -21.93 2.13 -3.71
C ALA A 159 -22.60 3.51 -3.73
N ASP A 160 -23.21 3.87 -2.60
CA ASP A 160 -23.88 5.15 -2.51
C ASP A 160 -22.93 6.28 -2.86
N LEU A 161 -21.68 6.15 -2.40
CA LEU A 161 -20.69 7.15 -2.68
C LEU A 161 -20.32 7.14 -4.15
N ARG A 162 -20.30 5.96 -4.75
CA ARG A 162 -19.95 5.83 -6.17
C ARG A 162 -20.73 6.80 -7.05
N LYS A 163 -22.05 6.72 -6.99
CA LYS A 163 -22.88 7.61 -7.79
C LYS A 163 -22.57 9.08 -7.50
N GLU A 164 -22.38 9.39 -6.22
CA GLU A 164 -22.10 10.76 -5.79
C GLU A 164 -20.84 11.33 -6.42
N PHE A 165 -19.70 10.69 -6.15
CA PHE A 165 -18.42 11.14 -6.67
C PHE A 165 -18.22 10.91 -8.17
N ALA A 166 -19.32 10.92 -8.91
CA ALA A 166 -19.24 10.73 -10.35
C ALA A 166 -18.32 11.79 -10.97
N GLY A 167 -17.45 11.33 -11.88
CA GLY A 167 -16.51 12.20 -12.57
C GLY A 167 -15.31 12.64 -11.76
N LYS A 168 -15.29 12.30 -10.48
CA LYS A 168 -14.20 12.70 -9.60
C LYS A 168 -12.87 11.96 -9.75
N GLY A 169 -12.89 10.78 -10.35
CA GLY A 169 -11.66 10.04 -10.55
C GLY A 169 -11.00 9.49 -9.30
N LEU A 170 -11.50 8.36 -8.82
CA LEU A 170 -10.95 7.74 -7.63
C LEU A 170 -11.52 6.34 -7.47
N THR A 171 -10.71 5.45 -6.92
CA THR A 171 -11.12 4.07 -6.68
C THR A 171 -11.76 4.03 -5.30
N PHE A 172 -12.28 2.86 -4.91
CA PHE A 172 -12.92 2.69 -3.61
C PHE A 172 -12.71 1.24 -3.17
N SER A 173 -12.12 1.04 -2.00
CA SER A 173 -11.87 -0.31 -1.53
C SER A 173 -12.42 -0.58 -0.12
N ILE A 174 -13.06 -1.73 0.03
CA ILE A 174 -13.65 -2.11 1.31
C ILE A 174 -12.77 -3.08 2.09
N GLY A 175 -13.20 -4.34 2.16
CA GLY A 175 -12.45 -5.33 2.91
C GLY A 175 -12.36 -4.90 4.36
N GLY A 176 -11.41 -5.47 5.10
CA GLY A 176 -11.24 -5.10 6.50
C GLY A 176 -12.44 -5.36 7.39
N GLN A 177 -12.34 -4.99 8.66
CA GLN A 177 -13.45 -5.23 9.60
C GLN A 177 -14.45 -4.11 9.82
N ILE A 178 -13.97 -2.86 9.96
CA ILE A 178 -14.89 -1.76 10.23
C ILE A 178 -14.77 -0.49 9.39
N SER A 179 -13.91 -0.50 8.39
CA SER A 179 -13.71 0.68 7.56
C SER A 179 -13.67 0.37 6.08
N PHE A 180 -12.88 1.18 5.39
CA PHE A 180 -12.66 1.09 3.95
C PHE A 180 -12.00 2.38 3.49
N ASP A 181 -11.05 2.29 2.56
CA ASP A 181 -10.35 3.49 2.11
C ASP A 181 -10.67 3.96 0.71
N VAL A 182 -10.62 5.28 0.55
CA VAL A 182 -10.85 5.94 -0.73
C VAL A 182 -9.49 6.42 -1.18
N PHE A 183 -9.35 6.70 -2.47
CA PHE A 183 -8.08 7.16 -3.00
C PHE A 183 -8.21 7.40 -4.49
N PRO A 184 -7.64 8.52 -4.98
CA PRO A 184 -7.75 8.78 -6.42
C PRO A 184 -7.33 7.52 -7.14
N ASP A 185 -7.90 7.28 -8.31
CA ASP A 185 -7.56 6.09 -9.08
C ASP A 185 -6.04 5.94 -9.19
N GLY A 186 -5.59 4.70 -9.33
CA GLY A 186 -4.17 4.44 -9.47
C GLY A 186 -3.34 4.82 -8.26
N TRP A 187 -4.02 5.28 -7.20
CA TRP A 187 -3.31 5.65 -6.00
C TRP A 187 -3.07 4.43 -5.14
N ASP A 188 -2.51 3.40 -5.79
CA ASP A 188 -2.15 2.13 -5.15
C ASP A 188 -0.66 1.95 -5.44
N LYS A 189 -0.02 0.95 -4.85
CA LYS A 189 1.42 0.74 -5.04
C LYS A 189 1.92 1.09 -6.44
N ARG A 190 1.12 0.81 -7.46
CA ARG A 190 1.52 1.13 -8.84
C ARG A 190 1.97 2.58 -8.92
N TYR A 191 1.55 3.41 -7.97
CA TYR A 191 1.93 4.81 -7.98
C TYR A 191 3.45 4.99 -8.06
N CYS A 192 4.18 4.11 -7.39
CA CYS A 192 5.63 4.22 -7.35
C CYS A 192 6.34 4.07 -8.69
N LEU A 193 5.67 3.44 -9.66
CA LEU A 193 6.28 3.24 -10.96
C LEU A 193 6.62 4.54 -11.68
N ARG A 194 5.88 5.59 -11.38
CA ARG A 194 6.13 6.89 -11.99
C ARG A 194 7.52 7.38 -11.65
N HIS A 195 7.96 7.11 -10.42
CA HIS A 195 9.28 7.54 -9.97
C HIS A 195 10.41 6.74 -10.60
N VAL A 196 10.09 5.72 -11.38
CA VAL A 196 11.14 4.91 -11.98
C VAL A 196 11.01 4.67 -13.48
N GLU A 197 9.82 4.93 -14.05
CA GLU A 197 9.63 4.67 -15.47
C GLU A 197 10.37 5.61 -16.42
N ASN A 198 11.63 5.91 -16.09
CA ASN A 198 12.47 6.78 -16.91
C ASN A 198 13.96 6.56 -16.66
N ASP A 199 14.29 5.50 -15.91
CA ASP A 199 15.69 5.23 -15.61
C ASP A 199 16.30 4.12 -16.45
N GLY A 200 15.83 4.03 -17.68
CA GLY A 200 16.34 3.05 -18.62
C GLY A 200 16.39 1.60 -18.18
N TYR A 201 15.33 1.09 -17.56
CA TYR A 201 15.30 -0.30 -17.12
C TYR A 201 14.74 -1.23 -18.18
N LYS A 202 15.51 -2.25 -18.54
CA LYS A 202 15.05 -3.20 -19.55
C LYS A 202 13.98 -4.11 -18.97
N THR A 203 13.80 -4.06 -17.66
CA THR A 203 12.82 -4.90 -16.99
C THR A 203 12.65 -4.45 -15.53
N ILE A 204 11.46 -4.64 -14.98
CA ILE A 204 11.23 -4.25 -13.59
C ILE A 204 10.56 -5.37 -12.84
N TYR A 205 11.38 -6.20 -12.21
CA TYR A 205 10.87 -7.32 -11.44
C TYR A 205 10.23 -6.89 -10.13
N PHE A 206 9.07 -7.46 -9.82
CA PHE A 206 8.37 -7.17 -8.57
C PHE A 206 8.25 -8.48 -7.81
N PHE A 207 8.59 -8.46 -6.53
CA PHE A 207 8.52 -9.66 -5.70
C PHE A 207 7.52 -9.43 -4.57
N GLY A 208 6.57 -10.35 -4.45
CA GLY A 208 5.56 -10.24 -3.42
C GLY A 208 4.53 -11.35 -3.55
N ASP A 209 3.26 -11.00 -3.36
CA ASP A 209 2.18 -11.98 -3.48
C ASP A 209 1.27 -11.62 -4.64
N LYS A 210 0.78 -12.65 -5.33
CA LYS A 210 -0.11 -12.48 -6.47
C LYS A 210 -1.37 -11.69 -6.10
N THR A 211 -1.83 -11.85 -4.87
CA THR A 211 -3.03 -11.17 -4.40
C THR A 211 -2.87 -10.49 -3.05
N MSE A 212 -4.00 -10.07 -2.48
CA MSE A 212 -4.06 -9.41 -1.18
C MSE A 212 -4.37 -10.42 -0.08
O MSE A 212 -5.46 -10.41 0.50
CB MSE A 212 -5.14 -8.32 -1.18
CG MSE A 212 -4.81 -7.09 -2.00
SE MSE A 212 -6.28 -5.83 -2.06
CE MSE A 212 -6.05 -4.97 -0.35
N ASN A 216 -8.33 -8.06 -1.68
CA ASN A 216 -8.88 -8.39 -2.99
C ASN A 216 -7.78 -8.82 -3.95
N ASP A 217 -6.76 -7.98 -4.09
CA ASP A 217 -5.62 -8.25 -4.97
C ASP A 217 -4.79 -6.98 -5.21
N HIS A 218 -3.46 -7.13 -5.25
CA HIS A 218 -2.55 -6.01 -5.49
C HIS A 218 -2.30 -5.89 -6.99
N GLU A 219 -2.80 -4.80 -7.57
CA GLU A 219 -2.67 -4.57 -9.01
C GLU A 219 -1.29 -4.14 -9.52
N ILE A 220 -0.30 -4.08 -8.64
CA ILE A 220 1.03 -3.70 -9.10
C ILE A 220 1.72 -4.98 -9.54
N PHE A 221 1.23 -6.11 -9.03
CA PHE A 221 1.81 -7.39 -9.40
C PHE A 221 1.55 -7.73 -10.87
N THR A 222 0.37 -7.35 -11.37
CA THR A 222 0.01 -7.66 -12.76
C THR A 222 0.21 -6.55 -13.77
N ASP A 223 0.90 -5.48 -13.37
CA ASP A 223 1.16 -4.38 -14.26
C ASP A 223 1.99 -4.90 -15.43
N PRO A 224 1.77 -4.37 -16.64
CA PRO A 224 2.52 -4.82 -17.82
C PRO A 224 3.99 -4.52 -17.74
N ARG A 225 4.34 -3.46 -16.99
CA ARG A 225 5.73 -3.05 -16.83
C ARG A 225 6.51 -3.98 -15.90
N THR A 226 5.80 -4.64 -15.01
CA THR A 226 6.46 -5.53 -14.06
C THR A 226 6.39 -6.98 -14.45
N MSE A 227 7.41 -7.74 -14.06
CA MSE A 227 7.46 -9.17 -14.29
C MSE A 227 7.13 -9.75 -12.93
O MSE A 227 7.52 -10.87 -12.60
CB MSE A 227 8.87 -9.60 -14.72
CG MSE A 227 9.12 -9.56 -16.22
SE MSE A 227 8.08 -10.92 -17.14
CE MSE A 227 9.17 -12.47 -16.83
N GLY A 228 6.40 -8.95 -12.15
CA GLY A 228 5.98 -9.32 -10.81
C GLY A 228 5.91 -10.80 -10.56
N TYR A 229 6.38 -11.22 -9.39
CA TYR A 229 6.40 -12.63 -9.02
C TYR A 229 5.84 -12.85 -7.61
N SER A 230 5.36 -14.07 -7.36
CA SER A 230 4.79 -14.41 -6.05
C SER A 230 5.80 -15.16 -5.17
N VAL A 231 5.89 -14.74 -3.90
CA VAL A 231 6.82 -15.36 -2.95
C VAL A 231 6.11 -15.79 -1.67
N THR A 232 6.65 -16.81 -1.00
CA THR A 232 6.08 -17.31 0.23
C THR A 232 6.92 -16.83 1.43
N ALA A 233 8.04 -17.49 1.67
CA ALA A 233 8.94 -17.15 2.78
C ALA A 233 10.28 -16.57 2.29
N PRO A 234 11.00 -15.83 3.16
CA PRO A 234 12.29 -15.24 2.77
C PRO A 234 13.18 -16.35 2.21
N GLU A 235 13.04 -17.53 2.79
CA GLU A 235 13.79 -18.70 2.36
C GLU A 235 13.42 -18.97 0.90
N ASP A 236 12.14 -18.79 0.59
CA ASP A 236 11.63 -19.00 -0.76
C ASP A 236 12.05 -17.87 -1.69
N THR A 237 11.96 -16.64 -1.18
CA THR A 237 12.34 -15.46 -1.94
C THR A 237 13.80 -15.59 -2.40
N ARG A 238 14.65 -16.05 -1.51
CA ARG A 238 16.05 -16.21 -1.86
C ARG A 238 16.18 -17.32 -2.88
N ARG A 239 15.29 -18.30 -2.79
CA ARG A 239 15.30 -19.41 -3.73
C ARG A 239 15.07 -18.91 -5.16
N ILE A 240 14.06 -18.06 -5.32
CA ILE A 240 13.74 -17.51 -6.63
C ILE A 240 14.74 -16.45 -7.08
N CYS A 241 15.04 -15.51 -6.19
CA CYS A 241 16.00 -14.47 -6.54
C CYS A 241 17.36 -15.07 -6.85
N GLU A 242 17.53 -16.34 -6.49
CA GLU A 242 18.77 -17.07 -6.74
C GLU A 242 18.65 -17.74 -8.09
N LEU A 243 17.43 -18.08 -8.46
CA LEU A 243 17.13 -18.75 -9.71
C LEU A 243 17.16 -17.75 -10.86
N LEU A 244 16.55 -16.59 -10.65
CA LEU A 244 16.50 -15.57 -11.68
C LEU A 244 17.83 -14.85 -11.89
N PHE A 245 18.76 -15.03 -10.95
CA PHE A 245 20.04 -14.36 -11.05
C PHE A 245 21.20 -15.30 -10.76
N SER A 246 22.35 -15.03 -11.38
CA SER A 246 23.54 -15.86 -11.18
C SER A 246 23.27 -17.33 -11.54
C1 EDO B . -28.17 6.99 3.08
O1 EDO B . -28.53 8.37 2.97
C2 EDO B . -27.71 6.70 4.52
O2 EDO B . -28.64 5.83 5.15
N GLY C . 10.63 -3.55 -19.49
CA GLY C . 10.67 -2.71 -18.29
C GLY C . 9.68 -1.56 -18.31
O GLY C . 8.48 -1.77 -18.15
N GLY D . 3.32 -7.81 -13.96
CA GLY D . 3.71 -9.20 -13.79
C GLY D . 3.60 -9.98 -15.10
O GLY D . 2.89 -9.53 -16.00
N GLY E . -26.84 11.28 1.52
CA GLY E . -25.82 11.51 2.54
C GLY E . -25.15 12.87 2.41
O GLY E . -25.73 13.90 2.73
N PRO A 4 17.02 -9.54 -20.47
CA PRO A 4 17.69 -8.57 -21.37
C PRO A 4 17.98 -7.24 -20.70
N GLY A 5 18.92 -6.48 -21.28
CA GLY A 5 19.29 -5.17 -20.75
C GLY A 5 19.46 -5.12 -19.24
N PRO A 6 19.68 -3.92 -18.67
CA PRO A 6 19.84 -3.80 -17.21
C PRO A 6 18.57 -4.24 -16.50
N ALA A 7 18.68 -4.63 -15.23
CA ALA A 7 17.50 -5.09 -14.49
C ALA A 7 17.41 -4.59 -13.06
N LEU A 8 16.18 -4.58 -12.54
CA LEU A 8 15.90 -4.14 -11.18
C LEU A 8 15.00 -5.14 -10.48
N CYS A 9 15.19 -5.28 -9.18
CA CYS A 9 14.37 -6.16 -8.37
C CYS A 9 13.64 -5.31 -7.35
N LEU A 10 12.32 -5.40 -7.33
CA LEU A 10 11.52 -4.64 -6.38
C LEU A 10 10.85 -5.64 -5.48
N PHE A 11 11.02 -5.46 -4.17
CA PHE A 11 10.42 -6.40 -3.22
C PHE A 11 9.40 -5.74 -2.32
N ASP A 12 8.36 -6.48 -1.95
CA ASP A 12 7.38 -5.97 -1.00
C ASP A 12 8.13 -6.16 0.32
N VAL A 13 7.84 -5.36 1.34
CA VAL A 13 8.57 -5.51 2.59
C VAL A 13 8.16 -6.64 3.55
N ASP A 14 7.13 -6.42 4.35
CA ASP A 14 6.69 -7.42 5.32
C ASP A 14 6.28 -8.75 4.67
N GLY A 15 6.89 -9.84 5.15
CA GLY A 15 6.57 -11.15 4.61
C GLY A 15 7.47 -11.64 3.47
N THR A 16 7.95 -10.70 2.65
CA THR A 16 8.81 -11.04 1.51
C THR A 16 10.30 -11.10 1.83
N LEU A 17 10.78 -10.11 2.57
CA LEU A 17 12.19 -10.06 2.96
C LEU A 17 12.36 -10.33 4.46
N THR A 18 11.24 -10.44 5.16
CA THR A 18 11.27 -10.70 6.60
C THR A 18 10.09 -11.54 7.04
N ALA A 19 10.09 -11.85 8.33
CA ALA A 19 9.02 -12.58 8.98
C ALA A 19 8.01 -11.47 9.27
N PRO A 20 6.71 -11.76 9.20
CA PRO A 20 5.70 -10.72 9.47
C PRO A 20 6.01 -9.88 10.71
N ARG A 21 5.57 -8.63 10.71
CA ARG A 21 5.78 -7.74 11.83
C ARG A 21 7.12 -7.94 12.55
N GLN A 22 8.21 -8.04 11.79
CA GLN A 22 9.54 -8.25 12.35
C GLN A 22 10.64 -7.70 11.46
N LYS A 23 11.73 -7.23 12.08
CA LYS A 23 12.87 -6.71 11.32
C LYS A 23 13.57 -7.85 10.56
N ILE A 24 14.23 -7.51 9.46
CA ILE A 24 14.93 -8.53 8.66
C ILE A 24 16.12 -9.15 9.39
N THR A 25 16.46 -10.37 8.97
CA THR A 25 17.57 -11.14 9.54
C THR A 25 18.87 -10.87 8.79
N LYS A 26 20.01 -11.06 9.47
CA LYS A 26 21.32 -10.85 8.86
C LYS A 26 21.44 -11.78 7.67
N GLU A 27 20.89 -12.98 7.81
CA GLU A 27 20.91 -13.98 6.75
C GLU A 27 20.38 -13.40 5.44
N MSE A 28 19.17 -12.84 5.48
CA MSE A 28 18.58 -12.26 4.28
C MSE A 28 19.27 -10.97 3.91
O MSE A 28 19.11 -10.45 2.80
CB MSE A 28 17.07 -12.01 4.49
CG MSE A 28 16.36 -11.62 3.21
SE MSE A 28 16.87 -12.80 1.77
CE MSE A 28 15.12 -13.08 0.99
N ASP A 29 20.06 -10.44 4.83
CA ASP A 29 20.78 -9.20 4.57
C ASP A 29 22.01 -9.49 3.70
N ASP A 30 22.94 -10.29 4.23
CA ASP A 30 24.14 -10.63 3.46
C ASP A 30 23.70 -11.22 2.12
N PHE A 31 22.53 -11.88 2.11
CA PHE A 31 22.01 -12.48 0.89
C PHE A 31 21.74 -11.37 -0.12
N LEU A 32 20.92 -10.41 0.29
CA LEU A 32 20.56 -9.31 -0.59
C LEU A 32 21.77 -8.51 -1.06
N GLN A 33 22.48 -7.86 -0.13
CA GLN A 33 23.64 -7.06 -0.53
C GLN A 33 24.51 -7.80 -1.51
N LYS A 34 24.56 -9.12 -1.39
CA LYS A 34 25.34 -9.93 -2.31
C LYS A 34 24.68 -9.86 -3.69
N LEU A 35 23.36 -10.00 -3.73
CA LEU A 35 22.58 -9.94 -4.98
C LEU A 35 22.71 -8.56 -5.62
N ARG A 36 22.66 -7.52 -4.80
CA ARG A 36 22.75 -6.14 -5.28
C ARG A 36 24.07 -5.88 -6.02
N GLN A 37 25.07 -6.71 -5.75
CA GLN A 37 26.36 -6.54 -6.41
C GLN A 37 26.18 -6.56 -7.93
N LYS A 38 25.33 -7.46 -8.43
CA LYS A 38 25.11 -7.56 -9.87
C LYS A 38 23.86 -6.84 -10.36
N ILE A 39 22.72 -7.16 -9.77
CA ILE A 39 21.45 -6.57 -10.15
C ILE A 39 20.99 -5.53 -9.12
N LYS A 40 20.30 -4.50 -9.58
CA LYS A 40 19.80 -3.44 -8.70
C LYS A 40 18.63 -3.94 -7.87
N ILE A 41 18.41 -3.32 -6.71
CA ILE A 41 17.30 -3.74 -5.86
C ILE A 41 16.53 -2.56 -5.29
N GLY A 42 15.29 -2.84 -4.90
CA GLY A 42 14.44 -1.81 -4.32
C GLY A 42 13.35 -2.44 -3.48
N VAL A 43 12.71 -1.64 -2.63
CA VAL A 43 11.62 -2.13 -1.79
C VAL A 43 10.44 -1.16 -1.82
N VAL A 44 9.23 -1.72 -1.70
CA VAL A 44 8.01 -0.93 -1.67
C VAL A 44 7.07 -1.52 -0.61
N GLY A 45 6.27 -0.65 -0.01
CA GLY A 45 5.33 -1.09 1.01
C GLY A 45 4.30 -0.02 1.26
N GLY A 46 3.17 -0.42 1.86
CA GLY A 46 2.11 0.54 2.14
C GLY A 46 2.30 1.39 3.38
N SER A 47 3.28 1.03 4.22
CA SER A 47 3.53 1.79 5.45
C SER A 47 4.55 2.90 5.31
N ASP A 48 4.78 3.61 6.41
CA ASP A 48 5.74 4.70 6.43
C ASP A 48 7.19 4.24 6.60
N PHE A 49 8.10 5.17 6.38
CA PHE A 49 9.55 4.93 6.46
C PHE A 49 10.02 4.39 7.81
N GLU A 50 9.50 4.98 8.89
CA GLU A 50 9.84 4.56 10.24
C GLU A 50 9.58 3.05 10.36
N LYS A 51 8.42 2.63 9.89
CA LYS A 51 8.05 1.22 9.93
C LYS A 51 9.02 0.41 9.09
N VAL A 52 9.36 0.93 7.93
CA VAL A 52 10.30 0.22 7.05
C VAL A 52 11.65 0.13 7.73
N GLN A 53 12.08 1.21 8.37
CA GLN A 53 13.35 1.20 9.10
C GLN A 53 13.34 0.11 10.15
N GLU A 54 12.23 -0.02 10.86
CA GLU A 54 12.11 -1.05 11.88
C GLU A 54 12.29 -2.44 11.29
N GLN A 55 11.73 -2.66 10.12
CA GLN A 55 11.81 -3.97 9.47
C GLN A 55 13.14 -4.23 8.75
N LEU A 56 13.64 -3.25 8.04
CA LEU A 56 14.87 -3.44 7.28
C LEU A 56 16.12 -2.73 7.83
N GLY A 57 15.96 -1.97 8.91
CA GLY A 57 17.08 -1.26 9.48
C GLY A 57 16.96 0.24 9.29
N ASN A 58 17.72 1.02 10.05
CA ASN A 58 17.68 2.48 9.95
C ASN A 58 18.45 3.01 8.77
N ASP A 59 19.40 2.22 8.28
CA ASP A 59 20.20 2.62 7.14
C ASP A 59 19.60 2.05 5.85
N VAL A 60 18.32 1.70 5.91
CA VAL A 60 17.64 1.12 4.76
C VAL A 60 17.93 1.84 3.44
N VAL A 61 17.97 3.17 3.42
CA VAL A 61 18.26 3.90 2.18
C VAL A 61 19.67 3.69 1.66
N GLU A 62 20.47 2.88 2.36
CA GLU A 62 21.84 2.62 1.92
C GLU A 62 21.98 1.19 1.37
N LYS A 63 21.12 0.29 1.84
CA LYS A 63 21.15 -1.10 1.41
C LYS A 63 20.30 -1.37 0.16
N TYR A 64 19.45 -0.43 -0.20
CA TYR A 64 18.61 -0.61 -1.38
C TYR A 64 18.76 0.59 -2.31
N ASP A 65 18.69 0.35 -3.60
CA ASP A 65 18.81 1.44 -4.56
C ASP A 65 17.54 2.28 -4.60
N TYR A 66 16.42 1.65 -4.28
CA TYR A 66 15.13 2.34 -4.26
C TYR A 66 14.37 1.91 -3.00
N VAL A 67 13.67 2.86 -2.37
CA VAL A 67 12.90 2.58 -1.17
C VAL A 67 11.57 3.29 -1.38
N PHE A 68 10.48 2.53 -1.36
CA PHE A 68 9.17 3.11 -1.61
C PHE A 68 8.08 2.83 -0.60
N PRO A 69 8.01 3.63 0.48
CA PRO A 69 7.01 3.49 1.53
C PRO A 69 5.76 4.27 1.12
N GLU A 70 4.63 3.98 1.77
CA GLU A 70 3.38 4.66 1.46
C GLU A 70 3.05 4.61 -0.02
N ASN A 71 3.40 3.49 -0.66
CA ASN A 71 3.13 3.31 -2.08
C ASN A 71 3.84 4.36 -2.94
N GLY A 72 5.16 4.41 -2.82
CA GLY A 72 5.95 5.36 -3.58
C GLY A 72 5.58 6.81 -3.37
N LEU A 73 4.52 7.07 -2.60
CA LEU A 73 4.10 8.43 -2.31
C LEU A 73 5.28 9.09 -1.56
N VAL A 74 6.21 8.22 -1.20
CA VAL A 74 7.44 8.58 -0.53
C VAL A 74 8.47 7.71 -1.25
N ALA A 75 9.50 8.33 -1.81
CA ALA A 75 10.50 7.58 -2.54
C ALA A 75 11.92 8.08 -2.35
N TYR A 76 12.84 7.14 -2.15
CA TYR A 76 14.24 7.46 -2.03
C TYR A 76 14.89 6.82 -3.24
N LYS A 77 15.85 7.51 -3.84
CA LYS A 77 16.56 7.00 -5.00
C LYS A 77 18.05 7.19 -4.74
N ASP A 78 18.81 6.10 -4.81
CA ASP A 78 20.24 6.16 -4.55
C ASP A 78 20.41 6.88 -3.21
N GLY A 79 19.86 6.28 -2.15
CA GLY A 79 19.94 6.86 -0.82
C GLY A 79 19.52 8.30 -0.69
N LYS A 80 19.01 8.89 -1.76
CA LYS A 80 18.60 10.30 -1.74
C LYS A 80 17.09 10.49 -1.88
N LEU A 81 16.50 11.24 -0.94
CA LEU A 81 15.06 11.49 -0.97
C LEU A 81 14.66 12.03 -2.33
N LEU A 82 13.73 11.35 -2.98
CA LEU A 82 13.25 11.73 -4.31
C LEU A 82 11.91 12.46 -4.27
N CYS A 83 10.87 11.80 -3.77
CA CYS A 83 9.56 12.42 -3.73
C CYS A 83 8.78 12.14 -2.43
N ARG A 84 7.79 12.99 -2.19
CA ARG A 84 6.93 12.87 -1.03
C ARG A 84 5.59 13.47 -1.40
N GLN A 85 4.81 12.69 -2.16
CA GLN A 85 3.50 13.13 -2.60
C GLN A 85 2.41 12.64 -1.67
N ASN A 86 1.34 13.42 -1.55
CA ASN A 86 0.22 13.07 -0.71
C ASN A 86 -1.06 13.29 -1.50
N ILE A 87 -2.17 12.77 -0.98
CA ILE A 87 -3.47 12.87 -1.62
C ILE A 87 -3.99 14.30 -1.74
N GLN A 88 -3.75 15.13 -0.73
CA GLN A 88 -4.24 16.51 -0.78
C GLN A 88 -3.63 17.29 -1.95
N SER A 89 -2.40 16.99 -2.31
CA SER A 89 -1.74 17.68 -3.41
C SER A 89 -2.28 17.26 -4.77
N HIS A 90 -2.81 16.04 -4.85
CA HIS A 90 -3.33 15.54 -6.11
C HIS A 90 -4.77 16.00 -6.39
N LEU A 91 -5.71 15.51 -5.59
CA LEU A 91 -7.12 15.85 -5.77
C LEU A 91 -7.41 17.32 -5.61
N GLY A 92 -6.67 17.98 -4.73
CA GLY A 92 -6.91 19.38 -4.48
C GLY A 92 -7.83 19.53 -3.28
N GLU A 93 -7.61 20.57 -2.48
CA GLU A 93 -8.38 20.84 -1.27
C GLU A 93 -9.90 20.91 -1.42
N ALA A 94 -10.38 21.41 -2.55
CA ALA A 94 -11.82 21.51 -2.77
C ALA A 94 -12.45 20.13 -2.85
N LEU A 95 -11.89 19.27 -3.69
CA LEU A 95 -12.41 17.91 -3.84
C LEU A 95 -12.29 17.15 -2.51
N ILE A 96 -11.15 17.33 -1.85
CA ILE A 96 -10.91 16.71 -0.56
C ILE A 96 -12.09 16.95 0.39
N GLN A 97 -12.44 18.22 0.57
CA GLN A 97 -13.53 18.59 1.46
C GLN A 97 -14.89 18.13 0.96
N ASP A 98 -15.08 18.08 -0.35
CA ASP A 98 -16.36 17.63 -0.89
C ASP A 98 -16.56 16.16 -0.50
N LEU A 99 -15.48 15.38 -0.62
CA LEU A 99 -15.52 13.96 -0.27
C LEU A 99 -15.65 13.80 1.24
N ILE A 100 -14.90 14.62 1.98
CA ILE A 100 -14.93 14.56 3.43
C ILE A 100 -16.32 14.89 3.95
N ASN A 101 -16.86 16.03 3.53
CA ASN A 101 -18.18 16.46 3.96
C ASN A 101 -19.26 15.44 3.63
N TYR A 102 -19.19 14.87 2.43
CA TYR A 102 -20.18 13.87 2.04
C TYR A 102 -20.16 12.69 3.01
N CYS A 103 -18.99 12.10 3.22
CA CYS A 103 -18.90 10.97 4.14
C CYS A 103 -19.40 11.32 5.53
N LEU A 104 -19.08 12.52 6.01
CA LEU A 104 -19.52 12.97 7.34
C LEU A 104 -21.04 12.91 7.50
N SER A 105 -21.74 13.52 6.56
CA SER A 105 -23.20 13.57 6.59
C SER A 105 -23.83 12.16 6.49
N TYR A 106 -23.30 11.33 5.60
CA TYR A 106 -23.82 9.98 5.41
C TYR A 106 -23.80 9.21 6.73
N ILE A 107 -22.63 9.17 7.35
CA ILE A 107 -22.44 8.47 8.62
C ILE A 107 -23.46 8.87 9.70
N ALA A 108 -23.77 10.15 9.75
CA ALA A 108 -24.72 10.66 10.74
C ALA A 108 -26.09 10.00 10.60
N LYS A 109 -26.41 9.55 9.39
CA LYS A 109 -27.70 8.91 9.11
C LYS A 109 -27.71 7.38 9.21
N ILE A 110 -26.55 6.75 9.32
CA ILE A 110 -26.49 5.30 9.43
C ILE A 110 -26.86 4.85 10.84
N LYS A 111 -27.88 3.99 10.97
CA LYS A 111 -28.29 3.53 12.30
C LYS A 111 -27.47 2.34 12.76
N LEU A 112 -26.77 2.52 13.86
CA LEU A 112 -25.92 1.46 14.39
C LEU A 112 -26.12 1.26 15.88
N PRO A 113 -25.66 0.11 16.40
CA PRO A 113 -25.80 -0.17 17.83
C PRO A 113 -24.75 0.62 18.62
N LYS A 114 -23.71 1.07 17.92
CA LYS A 114 -22.64 1.84 18.57
C LYS A 114 -21.87 2.76 17.62
N LYS A 115 -21.32 3.83 18.19
CA LYS A 115 -20.50 4.79 17.45
C LYS A 115 -19.49 5.39 18.43
N ARG A 116 -18.26 5.57 17.95
CA ARG A 116 -17.20 6.11 18.80
C ARG A 116 -16.48 7.33 18.19
N GLY A 117 -15.30 7.12 17.63
CA GLY A 117 -14.57 8.23 17.03
C GLY A 117 -13.61 7.81 15.94
N THR A 118 -13.11 8.79 15.20
CA THR A 118 -12.21 8.55 14.07
C THR A 118 -13.03 7.86 12.97
N PHE A 119 -14.08 8.57 12.55
CA PHE A 119 -14.99 8.12 11.51
C PHE A 119 -14.36 8.35 10.14
N ILE A 120 -13.36 9.22 10.13
CA ILE A 120 -12.62 9.54 8.92
C ILE A 120 -11.17 9.71 9.33
N GLU A 121 -10.30 8.86 8.77
CA GLU A 121 -8.88 8.94 9.06
C GLU A 121 -8.20 9.40 7.77
N PHE A 122 -7.53 10.54 7.85
CA PHE A 122 -6.85 11.12 6.71
C PHE A 122 -5.43 10.54 6.61
N ARG A 123 -5.09 9.99 5.46
CA ARG A 123 -3.78 9.42 5.23
C ARG A 123 -3.16 10.09 4.01
N ASN A 124 -1.84 10.11 3.94
CA ASN A 124 -1.18 10.73 2.81
C ASN A 124 -1.64 10.15 1.48
N GLY A 125 -1.97 8.85 1.47
CA GLY A 125 -2.39 8.23 0.23
C GLY A 125 -3.86 7.84 0.10
N MSE A 126 -4.66 8.08 1.14
CA MSE A 126 -6.07 7.69 1.09
C MSE A 126 -6.87 8.17 2.28
O MSE A 126 -6.32 8.48 3.33
CB MSE A 126 -6.18 6.16 1.08
CG MSE A 126 -5.86 5.52 2.46
SE MSE A 126 -5.29 3.66 2.38
CE MSE A 126 -3.57 3.92 1.49
N LEU A 127 -8.19 8.22 2.08
CA LEU A 127 -9.11 8.58 3.16
C LEU A 127 -9.72 7.24 3.64
N ASN A 128 -9.62 6.96 4.93
CA ASN A 128 -10.20 5.73 5.46
C ASN A 128 -11.46 6.09 6.23
N VAL A 129 -12.59 5.60 5.75
CA VAL A 129 -13.89 5.87 6.35
C VAL A 129 -14.38 4.66 7.16
N SER A 130 -15.01 4.93 8.29
CA SER A 130 -15.53 3.86 9.16
C SER A 130 -16.83 4.34 9.80
N PRO A 131 -17.95 3.70 9.46
CA PRO A 131 -19.25 4.10 10.04
C PRO A 131 -19.34 4.05 11.56
N ILE A 132 -18.68 3.08 12.18
CA ILE A 132 -18.70 2.95 13.63
C ILE A 132 -17.64 3.85 14.28
N GLY A 133 -16.50 3.98 13.61
CA GLY A 133 -15.40 4.77 14.14
C GLY A 133 -14.27 3.81 14.47
N ARG A 134 -13.08 4.09 13.96
CA ARG A 134 -11.92 3.23 14.18
C ARG A 134 -11.47 3.08 15.62
N SER A 135 -11.99 3.89 16.54
CA SER A 135 -11.56 3.80 17.93
C SER A 135 -12.44 2.83 18.72
N CYS A 136 -13.42 2.23 18.06
CA CYS A 136 -14.31 1.28 18.72
C CYS A 136 -13.50 0.14 19.31
N SER A 137 -14.04 -0.53 20.31
CA SER A 137 -13.36 -1.65 20.95
C SER A 137 -13.47 -2.90 20.09
N GLN A 138 -12.70 -3.93 20.46
CA GLN A 138 -12.72 -5.18 19.73
C GLN A 138 -14.14 -5.76 19.71
N GLU A 139 -14.83 -5.65 20.84
CA GLU A 139 -16.19 -6.18 20.91
C GLU A 139 -17.13 -5.36 20.04
N GLU A 140 -16.90 -4.05 20.01
CA GLU A 140 -17.71 -3.15 19.21
C GLU A 140 -17.54 -3.50 17.74
N ARG A 141 -16.31 -3.80 17.37
CA ARG A 141 -16.00 -4.14 15.99
C ARG A 141 -16.69 -5.45 15.58
N ILE A 142 -16.88 -6.36 16.54
CA ILE A 142 -17.55 -7.63 16.26
C ILE A 142 -18.99 -7.37 15.83
N GLU A 143 -19.72 -6.67 16.68
CA GLU A 143 -21.12 -6.32 16.45
C GLU A 143 -21.34 -5.61 15.11
N PHE A 144 -20.56 -4.57 14.84
CA PHE A 144 -20.73 -3.86 13.58
C PHE A 144 -20.40 -4.81 12.44
N TYR A 145 -19.40 -5.65 12.65
CA TYR A 145 -19.01 -6.57 11.61
C TYR A 145 -20.14 -7.52 11.24
N GLU A 146 -20.85 -8.02 12.25
CA GLU A 146 -21.94 -8.94 11.96
C GLU A 146 -23.09 -8.19 11.30
N LEU A 147 -23.33 -6.96 11.74
CA LEU A 147 -24.39 -6.16 11.14
C LEU A 147 -24.05 -5.88 9.69
N ASP A 148 -22.79 -5.49 9.45
CA ASP A 148 -22.33 -5.17 8.11
C ASP A 148 -22.57 -6.33 7.14
N LYS A 149 -22.17 -7.53 7.54
CA LYS A 149 -22.38 -8.70 6.69
C LYS A 149 -23.86 -8.93 6.45
N LYS A 150 -24.69 -8.45 7.38
CA LYS A 150 -26.13 -8.63 7.28
C LYS A 150 -26.79 -7.53 6.45
N GLU A 151 -26.49 -6.28 6.77
CA GLU A 151 -27.08 -5.16 6.06
C GLU A 151 -26.32 -4.64 4.86
N ASN A 152 -25.04 -5.01 4.74
CA ASN A 152 -24.21 -4.56 3.62
C ASN A 152 -24.15 -3.03 3.58
N ILE A 153 -23.72 -2.45 4.70
CA ILE A 153 -23.61 -1.00 4.85
C ILE A 153 -22.44 -0.40 4.10
N ARG A 154 -21.26 -1.00 4.26
CA ARG A 154 -20.07 -0.50 3.60
C ARG A 154 -20.14 -0.55 2.08
N GLN A 155 -20.72 -1.62 1.52
CA GLN A 155 -20.82 -1.72 0.07
C GLN A 155 -21.81 -0.71 -0.51
N LYS A 156 -22.88 -0.46 0.21
CA LYS A 156 -23.90 0.49 -0.22
C LYS A 156 -23.35 1.93 -0.21
N PHE A 157 -22.49 2.22 0.75
CA PHE A 157 -21.90 3.55 0.85
C PHE A 157 -20.82 3.65 -0.24
N VAL A 158 -19.99 2.62 -0.35
CA VAL A 158 -18.93 2.62 -1.36
C VAL A 158 -19.53 2.64 -2.75
N ALA A 159 -20.83 2.38 -2.82
CA ALA A 159 -21.54 2.38 -4.09
C ALA A 159 -22.14 3.77 -4.33
N ASP A 160 -22.74 4.31 -3.27
CA ASP A 160 -23.36 5.62 -3.36
C ASP A 160 -22.34 6.71 -3.66
N LEU A 161 -21.14 6.55 -3.09
CA LEU A 161 -20.03 7.47 -3.28
C LEU A 161 -19.50 7.39 -4.69
N ARG A 162 -19.31 6.15 -5.14
CA ARG A 162 -18.80 5.87 -6.47
C ARG A 162 -19.62 6.66 -7.50
N LYS A 163 -20.91 6.81 -7.22
CA LYS A 163 -21.80 7.53 -8.12
C LYS A 163 -21.66 9.04 -7.92
N GLU A 164 -21.78 9.47 -6.67
CA GLU A 164 -21.69 10.88 -6.32
C GLU A 164 -20.43 11.53 -6.88
N PHE A 165 -19.35 10.75 -6.97
CA PHE A 165 -18.06 11.24 -7.43
C PHE A 165 -17.55 10.52 -8.66
N ALA A 166 -18.48 10.01 -9.46
CA ALA A 166 -18.12 9.30 -10.68
C ALA A 166 -17.30 10.23 -11.58
N GLY A 167 -16.10 9.80 -11.96
CA GLY A 167 -15.28 10.63 -12.83
C GLY A 167 -14.17 11.45 -12.18
N LYS A 168 -13.95 11.29 -10.88
CA LYS A 168 -12.90 12.06 -10.22
C LYS A 168 -11.60 11.27 -10.08
N GLY A 169 -11.49 10.19 -10.84
CA GLY A 169 -10.30 9.37 -10.81
C GLY A 169 -10.05 8.80 -9.44
N LEU A 170 -11.13 8.40 -8.78
CA LEU A 170 -11.06 7.84 -7.45
C LEU A 170 -11.40 6.36 -7.45
N THR A 171 -10.63 5.58 -6.70
CA THR A 171 -10.87 4.15 -6.58
C THR A 171 -11.26 3.89 -5.12
N PHE A 172 -12.22 2.99 -4.91
CA PHE A 172 -12.68 2.65 -3.59
C PHE A 172 -12.20 1.27 -3.19
N SER A 173 -12.30 0.94 -1.91
CA SER A 173 -11.86 -0.36 -1.46
C SER A 173 -12.34 -0.70 -0.06
N ILE A 174 -13.14 -1.76 0.02
CA ILE A 174 -13.67 -2.23 1.28
C ILE A 174 -12.77 -3.33 1.80
N GLY A 175 -12.28 -3.17 3.03
CA GLY A 175 -11.41 -4.18 3.61
C GLY A 175 -11.51 -4.21 5.12
N GLY A 176 -10.91 -5.24 5.72
CA GLY A 176 -10.94 -5.36 7.17
C GLY A 176 -12.34 -5.50 7.71
N GLN A 177 -12.54 -5.13 8.97
CA GLN A 177 -13.85 -5.30 9.61
C GLN A 177 -14.77 -4.08 9.78
N ILE A 178 -14.20 -2.88 9.82
CA ILE A 178 -15.04 -1.69 10.05
C ILE A 178 -14.82 -0.45 9.18
N SER A 179 -14.04 -0.55 8.11
CA SER A 179 -13.79 0.63 7.28
C SER A 179 -13.44 0.33 5.84
N PHE A 180 -13.56 1.35 5.00
CA PHE A 180 -13.21 1.25 3.60
C PHE A 180 -12.30 2.42 3.24
N ASP A 181 -11.66 2.35 2.07
CA ASP A 181 -10.76 3.42 1.64
C ASP A 181 -11.21 4.12 0.36
N VAL A 182 -10.73 5.35 0.22
CA VAL A 182 -11.03 6.20 -0.95
C VAL A 182 -9.68 6.82 -1.31
N PHE A 183 -9.20 6.52 -2.51
CA PHE A 183 -7.91 7.03 -2.96
C PHE A 183 -7.89 7.26 -4.47
N PRO A 184 -6.91 8.05 -4.96
CA PRO A 184 -6.79 8.33 -6.39
C PRO A 184 -6.43 7.08 -7.18
N ASP A 185 -6.89 7.02 -8.43
CA ASP A 185 -6.64 5.87 -9.30
C ASP A 185 -5.16 5.53 -9.42
N GLY A 186 -4.87 4.25 -9.23
CA GLY A 186 -3.51 3.78 -9.34
C GLY A 186 -2.59 4.10 -8.17
N TRP A 187 -3.13 4.70 -7.12
CA TRP A 187 -2.30 5.05 -5.98
C TRP A 187 -1.89 3.85 -5.11
N ASP A 188 -2.22 2.65 -5.59
CA ASP A 188 -1.82 1.43 -4.89
C ASP A 188 -0.32 1.36 -5.16
N LYS A 189 0.32 0.24 -4.85
CA LYS A 189 1.77 0.14 -5.08
C LYS A 189 2.20 0.53 -6.50
N ARG A 190 1.30 0.37 -7.48
CA ARG A 190 1.64 0.74 -8.85
C ARG A 190 2.25 2.13 -8.96
N TYR A 191 1.75 3.06 -8.15
CA TYR A 191 2.24 4.44 -8.14
C TYR A 191 3.77 4.44 -8.04
N CYS A 192 4.30 3.41 -7.37
CA CYS A 192 5.73 3.26 -7.16
C CYS A 192 6.52 2.94 -8.42
N LEU A 193 5.92 2.20 -9.35
CA LEU A 193 6.59 1.82 -10.59
C LEU A 193 7.11 3.02 -11.36
N ARG A 194 6.49 4.17 -11.15
CA ARG A 194 6.87 5.39 -11.85
C ARG A 194 8.24 5.92 -11.49
N HIS A 195 8.97 5.20 -10.64
CA HIS A 195 10.31 5.62 -10.25
C HIS A 195 11.33 4.67 -10.83
N VAL A 196 10.85 3.65 -11.53
CA VAL A 196 11.75 2.67 -12.09
C VAL A 196 11.71 2.49 -13.61
N GLU A 197 10.69 3.05 -14.25
CA GLU A 197 10.54 2.92 -15.69
C GLU A 197 11.26 4.01 -16.49
N ASN A 198 12.44 4.40 -16.07
CA ASN A 198 13.16 5.43 -16.79
C ASN A 198 14.67 5.36 -16.56
N ASP A 199 15.14 4.23 -16.02
CA ASP A 199 16.57 4.06 -15.78
C ASP A 199 17.16 2.99 -16.70
N GLY A 200 16.36 2.57 -17.67
CA GLY A 200 16.80 1.59 -18.64
C GLY A 200 16.70 0.11 -18.28
N TYR A 201 15.67 -0.28 -17.53
CA TYR A 201 15.52 -1.68 -17.16
C TYR A 201 14.71 -2.43 -18.21
N LYS A 202 15.08 -3.68 -18.45
CA LYS A 202 14.38 -4.50 -19.44
C LYS A 202 13.59 -5.59 -18.74
N THR A 203 13.71 -5.65 -17.41
CA THR A 203 12.99 -6.62 -16.59
C THR A 203 12.96 -6.13 -15.14
N ILE A 204 11.98 -5.30 -14.80
CA ILE A 204 11.88 -4.81 -13.44
C ILE A 204 11.10 -5.77 -12.58
N TYR A 205 11.78 -6.84 -12.18
CA TYR A 205 11.20 -7.87 -11.35
C TYR A 205 10.43 -7.30 -10.15
N PHE A 206 9.47 -8.07 -9.66
CA PHE A 206 8.69 -7.71 -8.48
C PHE A 206 8.49 -8.97 -7.70
N PHE A 207 8.76 -8.90 -6.40
CA PHE A 207 8.61 -10.05 -5.53
C PHE A 207 7.68 -9.64 -4.39
N GLY A 208 6.59 -10.40 -4.22
CA GLY A 208 5.65 -10.09 -3.16
C GLY A 208 4.42 -10.97 -3.19
N ASP A 209 3.29 -10.42 -2.72
CA ASP A 209 2.03 -11.15 -2.71
C ASP A 209 1.17 -10.70 -3.89
N LYS A 210 0.73 -11.67 -4.68
CA LYS A 210 -0.09 -11.38 -5.84
C LYS A 210 -1.57 -11.33 -5.47
N THR A 211 -1.86 -11.71 -4.22
CA THR A 211 -3.23 -11.72 -3.72
C THR A 211 -3.33 -11.03 -2.36
N MSE A 212 -4.15 -9.99 -2.28
CA MSE A 212 -4.35 -9.24 -1.04
C MSE A 212 -4.88 -10.14 0.08
O MSE A 212 -5.74 -9.75 0.86
CB MSE A 212 -5.35 -8.10 -1.27
CG MSE A 212 -4.87 -7.03 -2.23
SE MSE A 212 -6.26 -5.76 -2.63
CE MSE A 212 -6.38 -4.88 -0.92
N ASN A 216 -6.99 -10.53 -1.81
CA ASN A 216 -7.68 -10.43 -3.09
C ASN A 216 -6.70 -10.49 -4.26
N ASP A 217 -5.91 -9.43 -4.43
CA ASP A 217 -4.96 -9.36 -5.54
C ASP A 217 -4.27 -7.99 -5.59
N HIS A 218 -2.94 -7.99 -5.71
CA HIS A 218 -2.18 -6.75 -5.81
C HIS A 218 -1.94 -6.41 -7.27
N GLU A 219 -2.39 -5.23 -7.67
CA GLU A 219 -2.28 -4.77 -9.05
C GLU A 219 -0.87 -4.55 -9.55
N ILE A 220 0.01 -4.02 -8.71
CA ILE A 220 1.37 -3.78 -9.16
C ILE A 220 1.93 -5.14 -9.58
N PHE A 221 1.44 -6.20 -8.94
CA PHE A 221 1.91 -7.53 -9.27
C PHE A 221 1.59 -7.86 -10.72
N THR A 222 0.31 -7.81 -11.06
CA THR A 222 -0.14 -8.14 -12.42
C THR A 222 0.07 -7.02 -13.43
N ASP A 223 0.33 -5.81 -12.93
CA ASP A 223 0.54 -4.64 -13.77
C ASP A 223 1.48 -4.93 -14.93
N PRO A 224 1.26 -4.28 -16.08
CA PRO A 224 2.09 -4.49 -17.25
C PRO A 224 3.46 -3.84 -17.19
N ARG A 225 3.49 -2.60 -16.69
CA ARG A 225 4.74 -1.86 -16.57
C ARG A 225 5.90 -2.70 -16.10
N THR A 226 5.61 -3.74 -15.32
CA THR A 226 6.66 -4.57 -14.79
C THR A 226 6.36 -6.06 -14.71
N MSE A 227 7.32 -6.80 -14.17
CA MSE A 227 7.20 -8.23 -14.00
C MSE A 227 6.91 -8.57 -12.53
O MSE A 227 7.71 -8.25 -11.64
CB MSE A 227 8.49 -8.91 -14.47
CG MSE A 227 8.50 -9.18 -15.94
SE MSE A 227 6.92 -10.22 -16.40
CE MSE A 227 6.06 -8.93 -17.56
N GLY A 228 5.78 -9.24 -12.29
CA GLY A 228 5.40 -9.60 -10.94
C GLY A 228 5.57 -11.06 -10.56
N TYR A 229 6.38 -11.30 -9.53
CA TYR A 229 6.64 -12.65 -9.03
C TYR A 229 6.11 -12.78 -7.60
N SER A 230 5.55 -13.94 -7.26
CA SER A 230 5.00 -14.14 -5.91
C SER A 230 5.79 -15.12 -5.05
N VAL A 231 6.00 -14.74 -3.79
CA VAL A 231 6.71 -15.59 -2.84
C VAL A 231 5.88 -15.74 -1.57
N THR A 232 6.23 -16.72 -0.75
CA THR A 232 5.48 -16.97 0.48
C THR A 232 6.20 -16.50 1.76
N ALA A 233 7.50 -16.22 1.64
CA ALA A 233 8.30 -15.77 2.78
C ALA A 233 9.75 -15.52 2.31
N PRO A 234 10.63 -15.05 3.20
CA PRO A 234 12.02 -14.80 2.82
C PRO A 234 12.76 -16.02 2.26
N GLU A 235 12.47 -17.19 2.81
CA GLU A 235 13.12 -18.42 2.34
C GLU A 235 12.85 -18.59 0.85
N ASP A 236 11.61 -18.28 0.45
CA ASP A 236 11.20 -18.39 -0.95
C ASP A 236 11.88 -17.34 -1.80
N THR A 237 11.84 -16.09 -1.34
CA THR A 237 12.46 -15.00 -2.07
C THR A 237 13.90 -15.38 -2.45
N ARG A 238 14.58 -16.07 -1.54
CA ARG A 238 15.97 -16.48 -1.78
C ARG A 238 16.03 -17.58 -2.83
N ARG A 239 15.16 -18.56 -2.70
CA ARG A 239 15.13 -19.66 -3.65
C ARG A 239 14.93 -19.13 -5.06
N ILE A 240 13.93 -18.28 -5.24
CA ILE A 240 13.64 -17.72 -6.55
C ILE A 240 14.74 -16.76 -7.02
N CYS A 241 15.11 -15.81 -6.19
CA CYS A 241 16.16 -14.87 -6.58
C CYS A 241 17.45 -15.62 -6.88
N GLU A 242 17.59 -16.80 -6.28
CA GLU A 242 18.77 -17.63 -6.51
C GLU A 242 18.61 -18.33 -7.85
N LEU A 243 17.58 -19.16 -7.95
CA LEU A 243 17.31 -19.90 -9.19
C LEU A 243 17.23 -18.94 -10.37
N LEU A 244 16.74 -17.74 -10.13
CA LEU A 244 16.60 -16.75 -11.20
C LEU A 244 17.94 -16.16 -11.58
N PHE A 245 18.60 -15.51 -10.62
CA PHE A 245 19.88 -14.86 -10.86
C PHE A 245 21.09 -15.73 -10.53
N SER A 246 22.27 -15.11 -10.53
CA SER A 246 23.51 -15.82 -10.25
C SER A 246 23.71 -16.98 -11.22
C1 EDO B . -28.04 7.03 3.15
O1 EDO B . -28.51 8.37 2.96
C2 EDO B . -27.70 6.81 4.63
O2 EDO B . -28.61 5.86 5.19
N GLY C . 10.65 -3.53 -19.48
CA GLY C . 10.63 -2.73 -18.27
C GLY C . 9.76 -1.48 -18.39
O GLY C . 8.54 -1.57 -18.49
N GLY D . 3.43 -7.79 -14.35
CA GLY D . 3.46 -9.19 -13.97
C GLY D . 3.62 -10.10 -15.17
O GLY D . 3.08 -9.81 -16.23
N GLY E . -26.77 11.26 1.55
CA GLY E . -25.63 11.53 2.39
C GLY E . -24.96 12.86 2.07
O GLY E . -25.44 13.92 2.44
N PRO A 4 18.54 -8.28 -16.57
CA PRO A 4 19.29 -8.24 -17.85
C PRO A 4 20.11 -6.96 -17.96
N GLY A 5 21.24 -6.91 -17.25
CA GLY A 5 22.08 -5.72 -17.28
C GLY A 5 21.38 -4.53 -16.65
N PRO A 6 20.88 -3.59 -17.46
CA PRO A 6 20.18 -2.39 -16.97
C PRO A 6 18.82 -2.77 -16.41
N ALA A 7 18.56 -2.53 -15.13
CA ALA A 7 17.25 -2.89 -14.57
C ALA A 7 16.95 -2.44 -13.14
N LEU A 8 15.71 -2.64 -12.74
CA LEU A 8 15.20 -2.28 -11.42
C LEU A 8 14.39 -3.42 -10.80
N CYS A 9 14.87 -3.93 -9.67
CA CYS A 9 14.22 -5.03 -8.99
C CYS A 9 13.60 -4.58 -7.67
N LEU A 10 12.28 -4.74 -7.56
CA LEU A 10 11.55 -4.34 -6.36
C LEU A 10 11.07 -5.54 -5.58
N PHE A 11 11.12 -5.42 -4.25
CA PHE A 11 10.69 -6.49 -3.36
C PHE A 11 9.58 -6.01 -2.43
N ASP A 12 8.76 -6.95 -1.96
CA ASP A 12 7.70 -6.64 -1.01
C ASP A 12 8.44 -6.81 0.32
N VAL A 13 8.01 -6.11 1.37
CA VAL A 13 8.69 -6.19 2.65
C VAL A 13 8.31 -7.33 3.62
N ASP A 14 7.34 -7.08 4.50
CA ASP A 14 6.91 -8.07 5.50
C ASP A 14 6.58 -9.42 4.86
N GLY A 15 7.14 -10.48 5.42
CA GLY A 15 6.90 -11.81 4.89
C GLY A 15 7.74 -12.15 3.67
N THR A 16 8.08 -11.14 2.88
CA THR A 16 8.87 -11.33 1.66
C THR A 16 10.38 -11.31 1.91
N LEU A 17 10.84 -10.30 2.64
CA LEU A 17 12.25 -10.17 2.98
C LEU A 17 12.44 -10.46 4.47
N THR A 18 11.34 -10.48 5.21
CA THR A 18 11.38 -10.76 6.64
C THR A 18 10.26 -11.70 7.04
N ALA A 19 10.32 -12.17 8.28
CA ALA A 19 9.28 -13.03 8.82
C ALA A 19 8.18 -12.05 9.27
N PRO A 20 6.90 -12.46 9.21
CA PRO A 20 5.78 -11.60 9.62
C PRO A 20 6.00 -10.97 10.99
N ARG A 21 5.94 -9.64 11.02
CA ARG A 21 6.12 -8.85 12.23
C ARG A 21 7.53 -9.02 12.82
N GLN A 22 8.49 -9.36 11.98
CA GLN A 22 9.85 -9.55 12.44
C GLN A 22 10.80 -8.64 11.65
N LYS A 23 11.85 -8.17 12.34
CA LYS A 23 12.85 -7.31 11.72
C LYS A 23 13.59 -8.07 10.62
N ILE A 24 13.99 -7.36 9.56
CA ILE A 24 14.71 -8.01 8.46
C ILE A 24 15.93 -8.69 9.07
N THR A 25 16.23 -9.88 8.57
CA THR A 25 17.37 -10.67 9.06
C THR A 25 18.73 -10.19 8.55
N LYS A 26 19.72 -10.19 9.44
CA LYS A 26 21.09 -9.78 9.12
C LYS A 26 21.51 -10.50 7.84
N GLU A 27 21.15 -11.78 7.78
CA GLU A 27 21.44 -12.64 6.64
C GLU A 27 20.72 -12.13 5.39
N MSE A 28 19.42 -11.87 5.53
CA MSE A 28 18.64 -11.36 4.42
C MSE A 28 19.17 -10.01 3.93
O MSE A 28 19.17 -9.73 2.74
CB MSE A 28 17.17 -11.21 4.82
CG MSE A 28 16.37 -10.38 3.83
SE MSE A 28 16.39 -11.08 2.03
CE MSE A 28 14.76 -12.10 2.14
N ASP A 29 19.62 -9.20 4.88
CA ASP A 29 20.12 -7.87 4.53
C ASP A 29 21.34 -7.92 3.60
N ASP A 30 22.31 -8.76 3.93
CA ASP A 30 23.51 -8.88 3.10
C ASP A 30 23.10 -9.42 1.74
N PHE A 31 22.20 -10.40 1.76
CA PHE A 31 21.71 -10.99 0.51
C PHE A 31 21.43 -9.84 -0.47
N LEU A 32 20.49 -8.99 -0.08
CA LEU A 32 20.12 -7.85 -0.91
C LEU A 32 21.29 -6.97 -1.33
N GLN A 33 22.10 -6.51 -0.37
CA GLN A 33 23.23 -5.67 -0.72
C GLN A 33 24.12 -6.38 -1.72
N LYS A 34 24.34 -7.67 -1.52
CA LYS A 34 25.14 -8.45 -2.45
C LYS A 34 24.44 -8.45 -3.81
N LEU A 35 23.13 -8.66 -3.79
CA LEU A 35 22.34 -8.66 -5.03
C LEU A 35 22.45 -7.28 -5.66
N ARG A 36 22.55 -6.26 -4.82
CA ARG A 36 22.67 -4.92 -5.34
C ARG A 36 23.94 -4.77 -6.18
N GLN A 37 24.93 -5.62 -5.95
CA GLN A 37 26.14 -5.53 -6.76
C GLN A 37 25.82 -5.69 -8.23
N LYS A 38 24.79 -6.46 -8.55
CA LYS A 38 24.43 -6.68 -9.95
C LYS A 38 23.27 -5.85 -10.46
N ILE A 39 22.10 -6.04 -9.86
CA ILE A 39 20.92 -5.29 -10.27
C ILE A 39 20.50 -4.28 -9.20
N LYS A 40 19.78 -3.24 -9.65
CA LYS A 40 19.28 -2.20 -8.75
C LYS A 40 18.10 -2.73 -7.95
N ILE A 41 17.96 -2.28 -6.70
CA ILE A 41 16.86 -2.74 -5.85
C ILE A 41 16.07 -1.60 -5.18
N GLY A 42 14.79 -1.85 -4.92
CA GLY A 42 13.95 -0.86 -4.28
C GLY A 42 12.87 -1.50 -3.43
N VAL A 43 12.20 -0.72 -2.59
CA VAL A 43 11.12 -1.24 -1.76
C VAL A 43 9.91 -0.33 -1.77
N VAL A 44 8.74 -0.94 -1.69
CA VAL A 44 7.48 -0.21 -1.69
C VAL A 44 6.57 -0.74 -0.59
N GLY A 45 5.79 0.15 0.00
CA GLY A 45 4.89 -0.25 1.05
C GLY A 45 3.79 0.74 1.35
N GLY A 46 2.73 0.22 1.98
CA GLY A 46 1.60 1.04 2.34
C GLY A 46 1.85 1.82 3.63
N SER A 47 2.86 1.39 4.40
CA SER A 47 3.15 2.08 5.65
C SER A 47 4.02 3.29 5.41
N ASP A 48 4.27 4.05 6.47
CA ASP A 48 5.12 5.23 6.33
C ASP A 48 6.57 4.83 6.55
N PHE A 49 7.46 5.80 6.39
CA PHE A 49 8.91 5.62 6.52
C PHE A 49 9.40 4.93 7.78
N GLU A 50 8.96 5.40 8.95
CA GLU A 50 9.39 4.82 10.21
C GLU A 50 9.23 3.29 10.29
N LYS A 51 8.10 2.79 9.80
CA LYS A 51 7.84 1.35 9.84
C LYS A 51 8.88 0.59 9.02
N VAL A 52 9.11 1.02 7.79
CA VAL A 52 10.08 0.34 6.95
C VAL A 52 11.43 0.30 7.65
N GLN A 53 11.80 1.37 8.34
CA GLN A 53 13.06 1.41 9.07
C GLN A 53 13.07 0.33 10.14
N GLU A 54 11.99 0.24 10.90
CA GLU A 54 11.88 -0.77 11.94
C GLU A 54 12.11 -2.16 11.35
N GLN A 55 11.55 -2.39 10.17
CA GLN A 55 11.67 -3.68 9.52
C GLN A 55 12.98 -3.87 8.77
N LEU A 56 13.45 -2.84 8.06
CA LEU A 56 14.66 -2.96 7.27
C LEU A 56 15.91 -2.28 7.83
N GLY A 57 15.76 -1.13 8.48
CA GLY A 57 16.91 -0.44 9.04
C GLY A 57 16.83 1.07 8.92
N ASN A 58 16.98 1.75 10.04
CA ASN A 58 16.92 3.20 10.09
C ASN A 58 17.65 3.89 8.94
N ASP A 59 18.63 3.20 8.36
CA ASP A 59 19.40 3.75 7.24
C ASP A 59 18.95 3.20 5.88
N VAL A 60 17.67 2.82 5.80
CA VAL A 60 17.11 2.26 4.59
C VAL A 60 17.37 3.06 3.32
N VAL A 61 17.16 4.37 3.37
CA VAL A 61 17.38 5.20 2.19
C VAL A 61 18.75 5.00 1.56
N GLU A 62 19.73 4.58 2.34
CA GLU A 62 21.08 4.37 1.82
C GLU A 62 21.42 2.91 1.55
N LYS A 63 20.45 2.03 1.81
CA LYS A 63 20.62 0.60 1.59
C LYS A 63 19.88 0.19 0.30
N TYR A 64 18.98 1.05 -0.17
CA TYR A 64 18.23 0.79 -1.39
C TYR A 64 18.31 1.97 -2.37
N ASP A 65 18.15 1.68 -3.65
CA ASP A 65 18.23 2.71 -4.69
C ASP A 65 16.93 3.51 -4.71
N TYR A 66 15.86 2.88 -4.23
CA TYR A 66 14.56 3.52 -4.19
C TYR A 66 13.86 3.06 -2.93
N VAL A 67 13.08 3.94 -2.33
CA VAL A 67 12.31 3.63 -1.14
C VAL A 67 10.99 4.32 -1.39
N PHE A 68 9.91 3.54 -1.47
CA PHE A 68 8.60 4.10 -1.77
C PHE A 68 7.56 3.86 -0.69
N PRO A 69 7.77 4.43 0.50
CA PRO A 69 6.80 4.25 1.57
C PRO A 69 5.46 4.82 1.12
N GLU A 70 4.39 4.40 1.77
CA GLU A 70 3.06 4.89 1.44
C GLU A 70 2.78 4.83 -0.06
N ASN A 71 3.22 3.73 -0.68
CA ASN A 71 3.01 3.52 -2.11
C ASN A 71 3.71 4.55 -2.99
N GLY A 72 5.03 4.68 -2.81
CA GLY A 72 5.78 5.62 -3.60
C GLY A 72 5.39 7.07 -3.38
N LEU A 73 4.29 7.30 -2.66
CA LEU A 73 3.84 8.66 -2.38
C LEU A 73 5.00 9.37 -1.69
N VAL A 74 5.88 8.56 -1.11
CA VAL A 74 7.09 9.01 -0.47
C VAL A 74 8.17 8.33 -1.31
N ALA A 75 9.00 9.14 -1.96
CA ALA A 75 10.04 8.57 -2.80
C ALA A 75 11.42 9.09 -2.44
N TYR A 76 12.31 8.14 -2.17
CA TYR A 76 13.69 8.42 -1.83
C TYR A 76 14.56 7.73 -2.87
N LYS A 77 15.21 8.54 -3.69
CA LYS A 77 16.10 8.02 -4.72
C LYS A 77 17.47 8.58 -4.44
N ASP A 78 18.49 7.74 -4.61
CA ASP A 78 19.86 8.16 -4.39
C ASP A 78 20.04 8.72 -2.96
N GLY A 79 19.22 8.23 -2.04
CA GLY A 79 19.28 8.66 -0.66
C GLY A 79 18.57 9.97 -0.43
N LYS A 80 18.27 10.66 -1.51
CA LYS A 80 17.60 11.94 -1.45
C LYS A 80 16.10 11.78 -1.71
N LEU A 81 15.30 12.52 -0.95
CA LEU A 81 13.86 12.47 -1.11
C LEU A 81 13.53 12.92 -2.51
N LEU A 82 13.30 11.96 -3.40
CA LEU A 82 12.95 12.24 -4.78
C LEU A 82 11.66 13.05 -4.81
N CYS A 83 10.53 12.39 -4.58
CA CYS A 83 9.25 13.08 -4.58
C CYS A 83 8.38 12.70 -3.40
N ARG A 84 7.75 13.71 -2.79
CA ARG A 84 6.85 13.49 -1.67
C ARG A 84 5.48 13.92 -2.18
N GLN A 85 4.61 12.93 -2.37
CA GLN A 85 3.27 13.18 -2.88
C GLN A 85 2.23 12.80 -1.83
N ASN A 86 1.11 13.51 -1.82
CA ASN A 86 0.05 13.20 -0.88
C ASN A 86 -1.30 13.54 -1.50
N ILE A 87 -2.35 12.98 -0.91
CA ILE A 87 -3.71 13.16 -1.37
C ILE A 87 -4.09 14.61 -1.67
N GLN A 88 -4.17 15.45 -0.65
CA GLN A 88 -4.55 16.84 -0.85
C GLN A 88 -3.82 17.46 -2.04
N SER A 89 -2.60 17.00 -2.32
CA SER A 89 -1.84 17.52 -3.44
C SER A 89 -2.66 17.48 -4.72
N HIS A 90 -2.56 16.37 -5.44
CA HIS A 90 -3.28 16.20 -6.69
C HIS A 90 -4.79 16.47 -6.64
N LEU A 91 -5.47 15.92 -5.64
CA LEU A 91 -6.92 16.10 -5.52
C LEU A 91 -7.42 17.53 -5.46
N GLY A 92 -6.94 18.28 -4.48
CA GLY A 92 -7.38 19.65 -4.32
C GLY A 92 -8.26 19.74 -3.08
N GLU A 93 -8.18 20.86 -2.36
CA GLU A 93 -8.95 21.06 -1.13
C GLU A 93 -10.47 21.06 -1.25
N ALA A 94 -10.99 21.68 -2.31
CA ALA A 94 -12.44 21.74 -2.50
C ALA A 94 -13.12 20.37 -2.55
N LEU A 95 -12.62 19.47 -3.38
CA LEU A 95 -13.22 18.14 -3.48
C LEU A 95 -13.19 17.40 -2.14
N ILE A 96 -12.20 17.72 -1.32
CA ILE A 96 -12.06 17.08 -0.02
C ILE A 96 -13.31 17.26 0.85
N GLN A 97 -13.66 18.52 1.11
CA GLN A 97 -14.82 18.83 1.95
C GLN A 97 -16.11 18.25 1.38
N ASP A 98 -16.19 18.19 0.05
CA ASP A 98 -17.35 17.61 -0.58
C ASP A 98 -17.43 16.14 -0.14
N LEU A 99 -16.29 15.47 -0.09
CA LEU A 99 -16.24 14.06 0.34
C LEU A 99 -16.55 13.94 1.83
N ILE A 100 -15.92 14.83 2.61
CA ILE A 100 -16.07 14.85 4.06
C ILE A 100 -17.51 15.13 4.51
N ASN A 101 -18.03 16.28 4.10
CA ASN A 101 -19.40 16.64 4.46
C ASN A 101 -20.33 15.46 4.15
N TYR A 102 -20.34 14.98 2.90
CA TYR A 102 -21.21 13.85 2.52
C TYR A 102 -21.09 12.69 3.49
N CYS A 103 -19.88 12.21 3.70
CA CYS A 103 -19.66 11.08 4.60
C CYS A 103 -20.06 11.36 6.04
N LEU A 104 -19.65 12.51 6.58
CA LEU A 104 -20.00 12.84 7.96
C LEU A 104 -21.52 12.79 8.02
N SER A 105 -22.16 13.41 7.03
CA SER A 105 -23.61 13.43 6.93
C SER A 105 -24.16 12.01 6.77
N TYR A 106 -23.59 11.27 5.82
CA TYR A 106 -24.01 9.89 5.54
C TYR A 106 -23.91 9.11 6.85
N ILE A 107 -22.70 9.03 7.38
CA ILE A 107 -22.44 8.33 8.62
C ILE A 107 -23.46 8.81 9.65
N ALA A 108 -23.78 10.09 9.59
CA ALA A 108 -24.74 10.69 10.50
C ALA A 108 -26.11 10.08 10.26
N LYS A 109 -26.46 9.89 8.99
CA LYS A 109 -27.76 9.32 8.65
C LYS A 109 -27.92 7.84 9.00
N ILE A 110 -26.87 7.05 8.76
CA ILE A 110 -26.92 5.61 9.04
C ILE A 110 -27.35 5.34 10.47
N LYS A 111 -28.45 4.60 10.64
CA LYS A 111 -28.91 4.29 11.99
C LYS A 111 -28.33 2.98 12.52
N LEU A 112 -27.07 3.06 12.94
CA LEU A 112 -26.33 1.93 13.45
C LEU A 112 -26.57 1.77 14.95
N PRO A 113 -26.26 0.58 15.50
CA PRO A 113 -26.46 0.35 16.94
C PRO A 113 -25.50 1.15 17.81
N LYS A 114 -24.35 1.51 17.25
CA LYS A 114 -23.35 2.30 17.97
C LYS A 114 -22.45 3.12 17.04
N LYS A 115 -21.89 4.20 17.59
CA LYS A 115 -20.97 5.08 16.85
C LYS A 115 -19.98 5.62 17.87
N ARG A 116 -18.70 5.64 17.49
CA ARG A 116 -17.67 6.09 18.40
C ARG A 116 -16.85 7.29 17.88
N GLY A 117 -15.66 7.04 17.35
CA GLY A 117 -14.85 8.15 16.85
C GLY A 117 -13.93 7.78 15.72
N THR A 118 -13.27 8.79 15.16
CA THR A 118 -12.35 8.59 14.04
C THR A 118 -13.14 7.90 12.91
N PHE A 119 -14.19 8.59 12.48
CA PHE A 119 -15.06 8.12 11.40
C PHE A 119 -14.39 8.36 10.07
N ILE A 120 -13.38 9.23 10.08
CA ILE A 120 -12.61 9.54 8.90
C ILE A 120 -11.16 9.72 9.32
N GLU A 121 -10.29 8.88 8.76
CA GLU A 121 -8.87 8.95 9.06
C GLU A 121 -8.20 9.41 7.78
N PHE A 122 -7.50 10.53 7.87
CA PHE A 122 -6.80 11.11 6.73
C PHE A 122 -5.39 10.54 6.62
N ARG A 123 -5.07 10.02 5.45
CA ARG A 123 -3.75 9.44 5.19
C ARG A 123 -3.19 10.11 3.95
N ASN A 124 -1.87 10.16 3.84
CA ASN A 124 -1.24 10.78 2.68
C ASN A 124 -1.77 10.22 1.36
N GLY A 125 -2.20 8.96 1.38
CA GLY A 125 -2.69 8.35 0.16
C GLY A 125 -4.15 7.93 0.15
N MSE A 126 -4.93 8.29 1.17
CA MSE A 126 -6.33 7.89 1.19
C MSE A 126 -7.14 8.45 2.36
O MSE A 126 -6.60 9.00 3.32
CB MSE A 126 -6.44 6.36 1.25
CG MSE A 126 -6.26 5.77 2.66
SE MSE A 126 -5.54 3.96 2.68
CE MSE A 126 -3.64 4.40 2.80
N LEU A 127 -8.45 8.27 2.25
CA LEU A 127 -9.38 8.67 3.29
C LEU A 127 -10.00 7.37 3.80
N ASN A 128 -9.56 6.90 4.96
CA ASN A 128 -10.13 5.69 5.53
C ASN A 128 -11.40 6.08 6.25
N VAL A 129 -12.53 5.54 5.76
CA VAL A 129 -13.84 5.84 6.33
C VAL A 129 -14.35 4.63 7.13
N SER A 130 -15.03 4.91 8.24
CA SER A 130 -15.56 3.85 9.10
C SER A 130 -16.86 4.33 9.75
N PRO A 131 -17.99 3.69 9.42
CA PRO A 131 -19.28 4.10 9.99
C PRO A 131 -19.36 4.06 11.51
N ILE A 132 -18.73 3.06 12.13
CA ILE A 132 -18.73 2.94 13.58
C ILE A 132 -17.65 3.84 14.18
N GLY A 133 -16.53 3.94 13.49
CA GLY A 133 -15.40 4.74 13.96
C GLY A 133 -14.30 3.78 14.36
N ARG A 134 -13.10 3.99 13.82
CA ARG A 134 -11.96 3.13 14.11
C ARG A 134 -11.59 3.11 15.60
N SER A 135 -12.27 3.92 16.41
CA SER A 135 -11.97 3.96 17.82
C SER A 135 -12.55 2.77 18.59
N CYS A 136 -13.73 2.30 18.17
CA CYS A 136 -14.40 1.17 18.82
C CYS A 136 -13.44 0.07 19.24
N SER A 137 -13.79 -0.65 20.31
CA SER A 137 -12.95 -1.75 20.81
C SER A 137 -13.16 -3.03 20.00
N GLN A 138 -12.47 -4.08 20.42
CA GLN A 138 -12.55 -5.37 19.75
C GLN A 138 -13.99 -5.90 19.70
N GLU A 139 -14.68 -5.87 20.83
CA GLU A 139 -16.04 -6.38 20.90
C GLU A 139 -16.96 -5.57 19.98
N GLU A 140 -16.78 -4.26 20.01
CA GLU A 140 -17.60 -3.36 19.21
C GLU A 140 -17.33 -3.56 17.73
N ARG A 141 -16.06 -3.78 17.38
CA ARG A 141 -15.70 -4.00 16.00
C ARG A 141 -16.31 -5.31 15.48
N ILE A 142 -16.24 -6.37 16.30
CA ILE A 142 -16.80 -7.65 15.88
C ILE A 142 -18.30 -7.53 15.76
N GLU A 143 -18.90 -6.85 16.74
CA GLU A 143 -20.34 -6.62 16.74
C GLU A 143 -20.67 -5.97 15.41
N PHE A 144 -20.10 -4.80 15.16
CA PHE A 144 -20.36 -4.11 13.92
C PHE A 144 -20.06 -4.99 12.72
N TYR A 145 -19.00 -5.78 12.80
CA TYR A 145 -18.66 -6.63 11.68
C TYR A 145 -19.72 -7.67 11.35
N GLU A 146 -20.20 -8.38 12.38
CA GLU A 146 -21.21 -9.40 12.14
C GLU A 146 -22.43 -8.72 11.55
N LEU A 147 -22.65 -7.48 11.97
CA LEU A 147 -23.77 -6.69 11.48
C LEU A 147 -23.50 -6.28 10.02
N ASP A 148 -22.27 -5.89 9.73
CA ASP A 148 -21.93 -5.48 8.37
C ASP A 148 -22.11 -6.64 7.39
N LYS A 149 -22.16 -7.86 7.92
CA LYS A 149 -22.35 -9.03 7.05
C LYS A 149 -23.82 -9.12 6.63
N LYS A 150 -24.71 -8.86 7.58
CA LYS A 150 -26.14 -8.93 7.31
C LYS A 150 -26.59 -7.79 6.40
N GLU A 151 -26.18 -6.57 6.74
CA GLU A 151 -26.56 -5.40 5.96
C GLU A 151 -25.53 -4.89 4.97
N ASN A 152 -24.26 -5.21 5.17
CA ASN A 152 -23.22 -4.72 4.27
C ASN A 152 -23.25 -3.20 4.22
N ILE A 153 -23.26 -2.58 5.40
CA ILE A 153 -23.30 -1.13 5.54
C ILE A 153 -22.32 -0.44 4.60
N ARG A 154 -21.06 -0.87 4.69
CA ARG A 154 -19.98 -0.33 3.88
C ARG A 154 -20.21 -0.49 2.38
N GLN A 155 -20.78 -1.63 1.99
CA GLN A 155 -21.04 -1.91 0.58
C GLN A 155 -21.96 -0.87 -0.04
N LYS A 156 -23.03 -0.54 0.67
CA LYS A 156 -23.99 0.45 0.19
C LYS A 156 -23.40 1.85 0.31
N PHE A 157 -22.62 2.08 1.36
CA PHE A 157 -21.97 3.38 1.57
C PHE A 157 -21.18 3.66 0.29
N VAL A 158 -20.26 2.75 -0.04
CA VAL A 158 -19.41 2.88 -1.22
C VAL A 158 -20.19 3.10 -2.51
N ALA A 159 -21.13 2.22 -2.78
CA ALA A 159 -21.93 2.34 -4.00
C ALA A 159 -22.48 3.76 -4.11
N ASP A 160 -23.06 4.26 -3.02
CA ASP A 160 -23.62 5.58 -3.01
C ASP A 160 -22.57 6.63 -3.33
N LEU A 161 -21.38 6.44 -2.76
CA LEU A 161 -20.26 7.34 -2.99
C LEU A 161 -19.77 7.27 -4.42
N ARG A 162 -19.49 6.06 -4.87
CA ARG A 162 -18.99 5.80 -6.21
C ARG A 162 -19.85 6.54 -7.23
N LYS A 163 -21.16 6.59 -6.97
CA LYS A 163 -22.10 7.27 -7.85
C LYS A 163 -22.00 8.78 -7.66
N GLU A 164 -22.17 9.21 -6.41
CA GLU A 164 -22.13 10.62 -6.07
C GLU A 164 -20.87 11.32 -6.59
N PHE A 165 -19.78 10.57 -6.67
CA PHE A 165 -18.51 11.11 -7.13
C PHE A 165 -18.00 10.55 -8.45
N ALA A 166 -18.90 10.44 -9.42
CA ALA A 166 -18.54 9.94 -10.73
C ALA A 166 -17.68 11.00 -11.43
N GLY A 167 -16.81 10.57 -12.34
CA GLY A 167 -15.95 11.51 -13.04
C GLY A 167 -14.94 12.17 -12.12
N LYS A 168 -15.16 12.04 -10.82
CA LYS A 168 -14.28 12.63 -9.82
C LYS A 168 -12.93 11.94 -9.73
N GLY A 169 -12.75 10.87 -10.49
CA GLY A 169 -11.48 10.17 -10.48
C GLY A 169 -11.15 9.41 -9.21
N LEU A 170 -12.16 9.12 -8.41
CA LEU A 170 -11.94 8.38 -7.17
C LEU A 170 -12.05 6.88 -7.35
N THR A 171 -11.62 6.16 -6.33
CA THR A 171 -11.66 4.71 -6.30
C THR A 171 -12.01 4.36 -4.87
N PHE A 172 -13.13 3.68 -4.71
CA PHE A 172 -13.59 3.29 -3.39
C PHE A 172 -13.39 1.81 -3.21
N SER A 173 -12.61 1.45 -2.21
CA SER A 173 -12.32 0.06 -1.93
C SER A 173 -12.72 -0.33 -0.52
N ILE A 174 -13.55 -1.37 -0.41
CA ILE A 174 -13.99 -1.85 0.89
C ILE A 174 -12.92 -2.80 1.41
N GLY A 175 -13.26 -3.57 2.44
CA GLY A 175 -12.32 -4.51 3.02
C GLY A 175 -12.45 -4.47 4.52
N GLY A 176 -11.74 -5.37 5.20
CA GLY A 176 -11.78 -5.39 6.66
C GLY A 176 -13.17 -5.51 7.27
N GLN A 177 -13.26 -5.19 8.55
CA GLN A 177 -14.52 -5.31 9.29
C GLN A 177 -15.27 -4.02 9.58
N ILE A 178 -14.55 -2.89 9.67
CA ILE A 178 -15.18 -1.60 9.99
C ILE A 178 -14.99 -0.43 9.03
N SER A 179 -13.80 -0.31 8.47
CA SER A 179 -13.49 0.80 7.58
C SER A 179 -13.57 0.43 6.12
N PHE A 180 -12.76 1.16 5.35
CA PHE A 180 -12.59 1.01 3.91
C PHE A 180 -11.91 2.27 3.40
N ASP A 181 -10.97 2.11 2.48
CA ASP A 181 -10.21 3.25 1.96
C ASP A 181 -10.69 3.83 0.63
N VAL A 182 -10.46 5.14 0.49
CA VAL A 182 -10.80 5.88 -0.71
C VAL A 182 -9.47 6.42 -1.19
N PHE A 183 -9.34 6.63 -2.50
CA PHE A 183 -8.09 7.13 -3.04
C PHE A 183 -8.24 7.38 -4.52
N PRO A 184 -7.75 8.53 -5.00
CA PRO A 184 -7.86 8.80 -6.45
C PRO A 184 -7.43 7.56 -7.18
N ASP A 185 -7.98 7.34 -8.37
CA ASP A 185 -7.62 6.16 -9.15
C ASP A 185 -6.11 6.00 -9.22
N GLY A 186 -5.67 4.75 -9.36
CA GLY A 186 -4.25 4.46 -9.46
C GLY A 186 -3.43 4.89 -8.26
N TRP A 187 -4.10 5.30 -7.18
CA TRP A 187 -3.38 5.70 -6.00
C TRP A 187 -3.11 4.50 -5.13
N ASP A 188 -2.55 3.46 -5.77
CA ASP A 188 -2.18 2.21 -5.13
C ASP A 188 -0.68 2.01 -5.44
N LYS A 189 -0.05 1.00 -4.84
CA LYS A 189 1.38 0.76 -5.04
C LYS A 189 1.90 1.12 -6.45
N ARG A 190 1.12 0.80 -7.48
CA ARG A 190 1.54 1.12 -8.84
C ARG A 190 1.98 2.58 -8.93
N TYR A 191 1.55 3.38 -7.97
CA TYR A 191 1.93 4.80 -7.98
C TYR A 191 3.45 4.97 -8.06
N CYS A 192 4.18 4.14 -7.33
CA CYS A 192 5.64 4.27 -7.31
C CYS A 192 6.30 4.14 -8.68
N LEU A 193 5.60 3.51 -9.62
CA LEU A 193 6.14 3.31 -10.95
C LEU A 193 6.52 4.62 -11.64
N ARG A 194 5.76 5.67 -11.38
CA ARG A 194 6.03 6.97 -11.97
C ARG A 194 7.43 7.46 -11.58
N HIS A 195 7.83 7.16 -10.35
CA HIS A 195 9.15 7.59 -9.89
C HIS A 195 10.28 6.79 -10.53
N VAL A 196 9.94 5.76 -11.29
CA VAL A 196 10.98 4.96 -11.90
C VAL A 196 10.92 4.82 -13.42
N GLU A 197 9.73 4.85 -14.00
CA GLU A 197 9.62 4.68 -15.45
C GLU A 197 10.51 5.59 -16.29
N ASN A 198 10.60 6.86 -15.93
CA ASN A 198 11.45 7.79 -16.69
C ASN A 198 12.89 7.29 -16.70
N ASP A 199 13.28 6.58 -15.65
CA ASP A 199 14.64 6.04 -15.55
C ASP A 199 14.96 5.15 -16.73
N GLY A 200 16.19 4.63 -16.79
CA GLY A 200 16.57 3.79 -17.91
C GLY A 200 16.81 2.33 -17.60
N TYR A 201 15.83 1.69 -16.97
CA TYR A 201 15.91 0.28 -16.60
C TYR A 201 15.34 -0.64 -17.69
N LYS A 202 16.06 -1.71 -18.00
CA LYS A 202 15.59 -2.64 -19.02
C LYS A 202 14.39 -3.40 -18.51
N THR A 203 14.58 -4.19 -17.45
CA THR A 203 13.49 -4.99 -16.90
C THR A 203 13.19 -4.69 -15.43
N ILE A 204 11.99 -5.05 -14.99
CA ILE A 204 11.59 -4.83 -13.61
C ILE A 204 10.90 -6.05 -13.03
N TYR A 205 11.54 -6.63 -12.02
CA TYR A 205 11.00 -7.80 -11.35
C TYR A 205 10.30 -7.37 -10.08
N PHE A 206 9.32 -8.16 -9.65
CA PHE A 206 8.59 -7.88 -8.41
C PHE A 206 8.44 -9.16 -7.64
N PHE A 207 8.72 -9.09 -6.36
CA PHE A 207 8.62 -10.24 -5.47
C PHE A 207 7.72 -9.81 -4.31
N GLY A 208 6.57 -10.46 -4.17
CA GLY A 208 5.65 -10.12 -3.10
C GLY A 208 4.39 -10.95 -3.09
N ASP A 209 3.31 -10.37 -2.57
CA ASP A 209 2.02 -11.06 -2.51
C ASP A 209 1.38 -10.94 -3.89
N LYS A 210 0.95 -12.06 -4.45
CA LYS A 210 0.32 -12.06 -5.76
C LYS A 210 -1.13 -11.58 -5.70
N THR A 211 -1.78 -11.83 -4.57
CA THR A 211 -3.17 -11.43 -4.40
C THR A 211 -3.46 -10.98 -2.97
N MSE A 212 -4.48 -10.14 -2.81
CA MSE A 212 -4.88 -9.62 -1.50
C MSE A 212 -5.66 -10.69 -0.72
O MSE A 212 -6.14 -10.44 0.39
CB MSE A 212 -5.75 -8.38 -1.68
CG MSE A 212 -5.03 -7.21 -2.32
SE MSE A 212 -6.22 -5.75 -2.71
CE MSE A 212 -6.50 -5.09 -0.92
N ASN A 216 -8.08 -10.69 -3.78
CA ASN A 216 -8.65 -9.93 -4.88
C ASN A 216 -7.66 -9.81 -6.03
N ASP A 217 -6.62 -8.99 -5.82
CA ASP A 217 -5.60 -8.79 -6.86
C ASP A 217 -4.59 -7.68 -6.51
N HIS A 218 -3.30 -8.01 -6.62
CA HIS A 218 -2.23 -7.03 -6.37
C HIS A 218 -1.79 -6.52 -7.74
N GLU A 219 -2.24 -5.32 -8.07
CA GLU A 219 -1.95 -4.68 -9.36
C GLU A 219 -0.49 -4.72 -9.76
N ILE A 220 0.40 -4.31 -8.85
CA ILE A 220 1.82 -4.29 -9.18
C ILE A 220 2.26 -5.64 -9.70
N PHE A 221 1.76 -6.70 -9.08
CA PHE A 221 2.11 -8.05 -9.50
C PHE A 221 1.60 -8.29 -10.92
N THR A 222 0.35 -7.90 -11.16
CA THR A 222 -0.26 -8.11 -12.47
C THR A 222 -0.22 -6.87 -13.36
N ASP A 223 0.92 -6.19 -13.36
CA ASP A 223 1.09 -4.98 -14.16
C ASP A 223 1.91 -5.30 -15.40
N PRO A 224 1.53 -4.73 -16.55
CA PRO A 224 2.24 -4.96 -17.81
C PRO A 224 3.65 -4.39 -17.91
N ARG A 225 4.23 -4.03 -16.76
CA ARG A 225 5.59 -3.47 -16.76
C ARG A 225 6.49 -4.28 -15.84
N THR A 226 5.91 -5.18 -15.08
CA THR A 226 6.68 -5.99 -14.15
C THR A 226 6.68 -7.47 -14.51
N MSE A 227 7.69 -8.18 -14.01
CA MSE A 227 7.81 -9.62 -14.20
C MSE A 227 7.58 -10.12 -12.77
O MSE A 227 8.52 -10.26 -11.99
CB MSE A 227 9.21 -9.98 -14.69
CG MSE A 227 9.63 -9.26 -15.98
SE MSE A 227 8.93 -10.04 -17.62
CE MSE A 227 10.34 -11.31 -17.94
N GLY A 228 6.31 -10.34 -12.45
CA GLY A 228 5.91 -10.78 -11.12
C GLY A 228 6.32 -12.16 -10.66
N TYR A 229 6.65 -12.24 -9.37
CA TYR A 229 7.04 -13.48 -8.74
C TYR A 229 6.59 -13.45 -7.29
N SER A 230 5.48 -14.13 -7.00
CA SER A 230 4.94 -14.16 -5.64
C SER A 230 5.66 -15.19 -4.78
N VAL A 231 6.11 -14.76 -3.61
CA VAL A 231 6.81 -15.67 -2.70
C VAL A 231 6.01 -15.93 -1.43
N THR A 232 6.37 -16.99 -0.71
CA THR A 232 5.65 -17.34 0.51
C THR A 232 6.38 -16.99 1.81
N ALA A 233 7.59 -16.44 1.69
CA ALA A 233 8.43 -16.07 2.83
C ALA A 233 9.84 -15.72 2.34
N PRO A 234 10.71 -15.23 3.24
CA PRO A 234 12.07 -14.87 2.82
C PRO A 234 12.85 -16.05 2.24
N GLU A 235 12.56 -17.25 2.73
CA GLU A 235 13.22 -18.46 2.25
C GLU A 235 13.03 -18.56 0.73
N ASP A 236 11.86 -18.12 0.27
CA ASP A 236 11.51 -18.14 -1.15
C ASP A 236 12.05 -16.93 -1.91
N THR A 237 11.83 -15.74 -1.37
CA THR A 237 12.32 -14.53 -2.04
C THR A 237 13.77 -14.74 -2.48
N ARG A 238 14.60 -15.24 -1.57
CA ARG A 238 16.01 -15.49 -1.88
C ARG A 238 16.17 -16.66 -2.84
N ARG A 239 15.40 -17.72 -2.62
CA ARG A 239 15.44 -18.92 -3.46
C ARG A 239 15.18 -18.61 -4.93
N ILE A 240 14.16 -17.80 -5.20
CA ILE A 240 13.83 -17.45 -6.58
C ILE A 240 14.86 -16.46 -7.14
N CYS A 241 15.39 -15.60 -6.28
CA CYS A 241 16.40 -14.67 -6.74
C CYS A 241 17.65 -15.40 -7.19
N GLU A 242 17.97 -16.48 -6.49
CA GLU A 242 19.13 -17.30 -6.83
C GLU A 242 18.88 -17.95 -8.19
N LEU A 243 17.60 -18.09 -8.52
CA LEU A 243 17.18 -18.70 -9.77
C LEU A 243 17.20 -17.67 -10.89
N LEU A 244 16.56 -16.54 -10.67
CA LEU A 244 16.49 -15.48 -11.66
C LEU A 244 17.82 -14.74 -11.82
N PHE A 245 18.67 -14.83 -10.80
CA PHE A 245 19.95 -14.14 -10.83
C PHE A 245 21.06 -15.06 -10.36
N SER A 246 22.29 -14.77 -10.78
CA SER A 246 23.44 -15.58 -10.39
C SER A 246 23.20 -17.06 -10.64
C1 EDO B . -28.04 7.02 3.14
O1 EDO B . -28.51 8.36 2.96
C2 EDO B . -27.69 6.80 4.61
O2 EDO B . -28.61 5.86 5.18
N GLY C . 10.74 -3.41 -19.32
CA GLY C . 10.50 -2.69 -18.08
C GLY C . 9.73 -1.39 -18.28
O GLY C . 8.55 -1.32 -17.98
N GLY D . 3.48 -7.91 -14.06
CA GLY D . 3.86 -9.30 -13.91
C GLY D . 3.61 -10.09 -15.17
O GLY D . 2.87 -9.63 -16.05
N GLY E . -26.87 11.25 1.52
CA GLY E . -25.89 11.57 2.54
C GLY E . -25.23 12.93 2.34
O GLY E . -25.77 13.96 2.75
N PRO A 4 17.51 -9.95 -19.15
CA PRO A 4 17.94 -8.94 -20.14
C PRO A 4 18.00 -7.52 -19.59
N GLY A 5 19.03 -6.78 -20.01
CA GLY A 5 19.22 -5.41 -19.57
C GLY A 5 19.55 -5.27 -18.09
N PRO A 6 19.92 -4.07 -17.62
CA PRO A 6 20.24 -3.83 -16.21
C PRO A 6 19.00 -4.06 -15.33
N ALA A 7 18.64 -5.32 -15.15
CA ALA A 7 17.47 -5.71 -14.37
C ALA A 7 17.38 -5.09 -12.99
N LEU A 8 16.18 -5.19 -12.42
CA LEU A 8 15.90 -4.66 -11.09
C LEU A 8 14.95 -5.60 -10.36
N CYS A 9 15.21 -5.80 -9.08
CA CYS A 9 14.36 -6.63 -8.27
C CYS A 9 13.68 -5.72 -7.27
N LEU A 10 12.35 -5.62 -7.34
CA LEU A 10 11.61 -4.79 -6.40
C LEU A 10 10.88 -5.71 -5.46
N PHE A 11 10.92 -5.41 -4.17
CA PHE A 11 10.28 -6.26 -3.20
C PHE A 11 9.29 -5.52 -2.30
N ASP A 12 8.18 -6.16 -1.97
CA ASP A 12 7.23 -5.56 -1.04
C ASP A 12 7.95 -5.77 0.29
N VAL A 13 7.86 -4.81 1.22
CA VAL A 13 8.59 -4.98 2.48
C VAL A 13 8.11 -6.09 3.42
N ASP A 14 7.09 -5.84 4.22
CA ASP A 14 6.61 -6.86 5.15
C ASP A 14 6.01 -8.03 4.38
N GLY A 15 6.55 -9.23 4.59
CA GLY A 15 6.06 -10.40 3.88
C GLY A 15 7.11 -11.00 2.97
N THR A 16 7.55 -10.21 1.98
CA THR A 16 8.56 -10.67 1.04
C THR A 16 9.95 -10.69 1.64
N LEU A 17 10.28 -9.63 2.37
CA LEU A 17 11.59 -9.52 3.01
C LEU A 17 11.59 -9.92 4.48
N THR A 18 10.67 -9.32 5.24
CA THR A 18 10.59 -9.60 6.66
C THR A 18 9.70 -10.79 7.03
N ALA A 19 9.96 -11.31 8.22
CA ALA A 19 9.19 -12.42 8.78
C ALA A 19 7.92 -11.69 9.22
N PRO A 20 6.77 -12.37 9.18
CA PRO A 20 5.52 -11.72 9.60
C PRO A 20 5.61 -11.15 11.00
N ARG A 21 6.09 -9.92 11.08
CA ARG A 21 6.26 -9.16 12.33
C ARG A 21 7.67 -9.21 12.92
N GLN A 22 8.66 -9.55 12.09
CA GLN A 22 10.04 -9.61 12.55
C GLN A 22 10.96 -8.80 11.63
N LYS A 23 12.17 -8.53 12.09
CA LYS A 23 13.15 -7.75 11.31
C LYS A 23 13.96 -8.68 10.41
N ILE A 24 14.47 -8.14 9.30
CA ILE A 24 15.27 -8.94 8.38
C ILE A 24 16.50 -9.49 9.10
N THR A 25 16.94 -10.68 8.68
CA THR A 25 18.10 -11.33 9.27
C THR A 25 19.39 -10.89 8.58
N LYS A 26 20.53 -11.16 9.23
CA LYS A 26 21.82 -10.83 8.65
C LYS A 26 21.90 -11.73 7.44
N GLU A 27 21.34 -12.93 7.60
CA GLU A 27 21.30 -13.94 6.55
C GLU A 27 20.64 -13.33 5.29
N MSE A 28 19.41 -12.85 5.44
CA MSE A 28 18.69 -12.26 4.32
C MSE A 28 19.39 -10.98 3.84
O MSE A 28 19.72 -10.83 2.66
CB MSE A 28 17.25 -11.93 4.74
CG MSE A 28 16.38 -11.36 3.61
SE MSE A 28 16.12 -12.57 2.15
CE MSE A 28 14.70 -11.65 1.23
N ASP A 29 19.63 -10.05 4.77
CA ASP A 29 20.28 -8.80 4.42
C ASP A 29 21.59 -9.03 3.67
N ASP A 30 22.39 -9.98 4.14
CA ASP A 30 23.66 -10.32 3.48
C ASP A 30 23.33 -10.75 2.04
N PHE A 31 22.49 -11.78 1.91
CA PHE A 31 22.11 -12.29 0.60
C PHE A 31 21.73 -11.16 -0.35
N LEU A 32 20.92 -10.24 0.13
CA LEU A 32 20.48 -9.12 -0.68
C LEU A 32 21.63 -8.21 -1.10
N GLN A 33 22.44 -7.77 -0.15
CA GLN A 33 23.56 -6.90 -0.48
C GLN A 33 24.47 -7.57 -1.50
N LYS A 34 24.53 -8.89 -1.43
CA LYS A 34 25.33 -9.66 -2.35
C LYS A 34 24.68 -9.61 -3.73
N LEU A 35 23.35 -9.60 -3.75
CA LEU A 35 22.58 -9.54 -5.01
C LEU A 35 22.70 -8.15 -5.62
N ARG A 36 22.61 -7.12 -4.78
CA ARG A 36 22.69 -5.74 -5.24
C ARG A 36 23.96 -5.47 -6.07
N GLN A 37 24.93 -6.38 -5.98
CA GLN A 37 26.18 -6.20 -6.72
C GLN A 37 25.95 -6.23 -8.23
N LYS A 38 25.28 -7.27 -8.73
CA LYS A 38 25.04 -7.38 -10.17
C LYS A 38 23.69 -6.90 -10.63
N ILE A 39 22.70 -6.91 -9.74
CA ILE A 39 21.36 -6.46 -10.10
C ILE A 39 20.91 -5.42 -9.09
N LYS A 40 20.24 -4.38 -9.57
CA LYS A 40 19.74 -3.31 -8.72
C LYS A 40 18.56 -3.82 -7.89
N ILE A 41 18.38 -3.25 -6.70
CA ILE A 41 17.28 -3.67 -5.85
C ILE A 41 16.52 -2.51 -5.26
N GLY A 42 15.26 -2.75 -4.93
CA GLY A 42 14.42 -1.70 -4.35
C GLY A 42 13.33 -2.32 -3.50
N VAL A 43 12.69 -1.51 -2.65
CA VAL A 43 11.61 -2.00 -1.80
C VAL A 43 10.43 -1.05 -1.82
N VAL A 44 9.23 -1.62 -1.73
CA VAL A 44 7.99 -0.85 -1.69
C VAL A 44 7.08 -1.52 -0.66
N GLY A 45 6.21 -0.71 -0.06
CA GLY A 45 5.28 -1.21 0.93
C GLY A 45 4.29 -0.14 1.29
N GLY A 46 3.16 -0.53 1.88
CA GLY A 46 2.15 0.44 2.26
C GLY A 46 2.51 1.20 3.53
N SER A 47 3.44 0.66 4.31
CA SER A 47 3.85 1.28 5.56
C SER A 47 4.73 2.50 5.39
N ASP A 48 5.07 3.14 6.51
CA ASP A 48 5.92 4.31 6.49
C ASP A 48 7.39 3.99 6.68
N PHE A 49 8.21 5.01 6.49
CA PHE A 49 9.67 4.96 6.59
C PHE A 49 10.18 4.31 7.88
N GLU A 50 9.68 4.78 9.02
CA GLU A 50 10.07 4.26 10.32
C GLU A 50 9.79 2.76 10.38
N LYS A 51 8.57 2.37 10.00
CA LYS A 51 8.20 0.96 10.00
C LYS A 51 9.18 0.20 9.12
N VAL A 52 9.41 0.69 7.91
CA VAL A 52 10.34 0.03 7.00
C VAL A 52 11.70 0.00 7.68
N GLN A 53 12.06 1.11 8.32
CA GLN A 53 13.33 1.18 9.05
C GLN A 53 13.38 0.09 10.11
N GLU A 54 12.29 -0.06 10.85
CA GLU A 54 12.21 -1.06 11.90
C GLU A 54 12.36 -2.47 11.32
N GLN A 55 11.82 -2.67 10.11
CA GLN A 55 11.89 -3.98 9.48
C GLN A 55 13.20 -4.22 8.75
N LEU A 56 13.67 -3.22 8.01
CA LEU A 56 14.90 -3.36 7.23
C LEU A 56 16.13 -2.64 7.81
N GLY A 57 15.95 -1.44 8.35
CA GLY A 57 17.05 -0.68 8.91
C GLY A 57 16.80 0.81 8.95
N ASN A 58 17.53 1.52 9.80
CA ASN A 58 17.36 2.96 9.92
C ASN A 58 17.98 3.70 8.75
N ASP A 59 18.96 3.08 8.12
CA ASP A 59 19.65 3.66 6.97
C ASP A 59 19.17 3.02 5.66
N VAL A 60 17.92 2.55 5.66
CA VAL A 60 17.35 1.89 4.49
C VAL A 60 17.70 2.52 3.14
N VAL A 61 17.78 3.85 3.09
CA VAL A 61 18.11 4.51 1.84
C VAL A 61 19.51 4.20 1.34
N GLU A 62 20.34 3.61 2.20
CA GLU A 62 21.71 3.26 1.83
C GLU A 62 21.80 1.79 1.40
N LYS A 63 20.90 0.96 1.94
CA LYS A 63 20.87 -0.47 1.64
C LYS A 63 20.17 -0.82 0.33
N TYR A 64 19.23 0.01 -0.09
CA TYR A 64 18.49 -0.25 -1.33
C TYR A 64 18.62 0.92 -2.28
N ASP A 65 18.64 0.61 -3.58
CA ASP A 65 18.75 1.66 -4.58
C ASP A 65 17.46 2.48 -4.61
N TYR A 66 16.35 1.84 -4.27
CA TYR A 66 15.06 2.52 -4.23
C TYR A 66 14.31 2.07 -2.99
N VAL A 67 13.64 3.02 -2.34
CA VAL A 67 12.86 2.73 -1.13
C VAL A 67 11.56 3.48 -1.34
N PHE A 68 10.44 2.75 -1.32
CA PHE A 68 9.16 3.38 -1.56
C PHE A 68 8.13 3.16 -0.47
N PRO A 69 8.15 4.03 0.56
CA PRO A 69 7.18 3.93 1.66
C PRO A 69 5.85 4.45 1.10
N GLU A 70 4.75 4.04 1.73
CA GLU A 70 3.44 4.46 1.28
C GLU A 70 3.28 4.27 -0.22
N ASN A 71 3.53 3.03 -0.66
CA ASN A 71 3.40 2.64 -2.06
C ASN A 71 4.19 3.48 -3.05
N GLY A 72 5.07 4.34 -2.55
CA GLY A 72 5.88 5.17 -3.41
C GLY A 72 5.55 6.66 -3.41
N LEU A 73 4.46 7.05 -2.73
CA LEU A 73 4.09 8.46 -2.66
C LEU A 73 5.29 9.15 -2.00
N VAL A 74 6.06 8.34 -1.30
CA VAL A 74 7.28 8.74 -0.64
C VAL A 74 8.34 7.88 -1.32
N ALA A 75 9.41 8.50 -1.78
CA ALA A 75 10.45 7.74 -2.46
C ALA A 75 11.84 8.26 -2.16
N TYR A 76 12.81 7.38 -2.34
CA TYR A 76 14.21 7.68 -2.15
C TYR A 76 14.88 7.01 -3.35
N LYS A 77 15.84 7.70 -3.95
CA LYS A 77 16.56 7.17 -5.10
C LYS A 77 18.05 7.14 -4.81
N ASP A 78 18.62 5.94 -4.90
CA ASP A 78 20.03 5.71 -4.64
C ASP A 78 20.29 5.92 -3.14
N GLY A 79 19.73 6.99 -2.59
CA GLY A 79 19.88 7.30 -1.18
C GLY A 79 19.28 8.62 -0.74
N LYS A 80 18.77 9.39 -1.70
CA LYS A 80 18.17 10.70 -1.40
C LYS A 80 16.66 10.75 -1.65
N LEU A 81 15.97 11.68 -1.00
CA LEU A 81 14.54 11.85 -1.18
C LEU A 81 14.26 11.98 -2.67
N LEU A 82 13.36 11.17 -3.19
CA LEU A 82 13.02 11.23 -4.61
C LEU A 82 11.56 11.61 -4.87
N CYS A 83 10.68 11.37 -3.90
CA CYS A 83 9.27 11.69 -4.07
C CYS A 83 8.56 12.02 -2.75
N ARG A 84 7.70 13.02 -2.82
CA ARG A 84 6.92 13.48 -1.67
C ARG A 84 5.59 13.96 -2.22
N GLN A 85 4.58 13.10 -2.15
CA GLN A 85 3.25 13.43 -2.64
C GLN A 85 2.15 12.95 -1.70
N ASN A 86 1.05 13.69 -1.66
CA ASN A 86 -0.08 13.32 -0.83
C ASN A 86 -1.38 13.53 -1.61
N ILE A 87 -2.47 13.01 -1.06
CA ILE A 87 -3.79 13.08 -1.71
C ILE A 87 -4.38 14.47 -1.88
N GLN A 88 -4.10 15.37 -0.94
CA GLN A 88 -4.65 16.72 -1.04
C GLN A 88 -4.06 17.53 -2.19
N SER A 89 -2.81 17.28 -2.52
CA SER A 89 -2.17 18.01 -3.62
C SER A 89 -2.64 17.48 -4.96
N HIS A 90 -3.00 16.20 -5.00
CA HIS A 90 -3.47 15.60 -6.24
C HIS A 90 -4.91 15.98 -6.56
N LEU A 91 -5.82 15.73 -5.61
CA LEU A 91 -7.24 16.02 -5.80
C LEU A 91 -7.61 17.47 -5.60
N GLY A 92 -6.79 18.19 -4.84
CA GLY A 92 -7.09 19.58 -4.56
C GLY A 92 -7.94 19.66 -3.30
N GLU A 93 -7.79 20.76 -2.56
CA GLU A 93 -8.52 20.97 -1.30
C GLU A 93 -10.04 20.95 -1.41
N ALA A 94 -10.59 21.52 -2.48
CA ALA A 94 -12.03 21.57 -2.66
C ALA A 94 -12.64 20.17 -2.74
N LEU A 95 -12.08 19.32 -3.61
CA LEU A 95 -12.59 17.96 -3.75
C LEU A 95 -12.48 17.22 -2.41
N ILE A 96 -11.43 17.53 -1.66
CA ILE A 96 -11.20 16.92 -0.35
C ILE A 96 -12.41 17.13 0.56
N GLN A 97 -12.69 18.38 0.87
CA GLN A 97 -13.80 18.72 1.75
C GLN A 97 -15.12 18.24 1.19
N ASP A 98 -15.24 18.18 -0.14
CA ASP A 98 -16.47 17.69 -0.75
C ASP A 98 -16.66 16.22 -0.40
N LEU A 99 -15.59 15.44 -0.53
CA LEU A 99 -15.62 14.01 -0.21
C LEU A 99 -15.80 13.83 1.28
N ILE A 100 -15.11 14.67 2.06
CA ILE A 100 -15.19 14.60 3.50
C ILE A 100 -16.58 14.95 4.00
N ASN A 101 -17.11 16.09 3.55
CA ASN A 101 -18.44 16.53 3.98
C ASN A 101 -19.49 15.44 3.70
N TYR A 102 -19.44 14.85 2.52
CA TYR A 102 -20.40 13.80 2.16
C TYR A 102 -20.30 12.63 3.15
N CYS A 103 -19.11 12.07 3.30
CA CYS A 103 -18.95 10.95 4.22
C CYS A 103 -19.44 11.30 5.62
N LEU A 104 -19.11 12.51 6.08
CA LEU A 104 -19.54 12.96 7.40
C LEU A 104 -21.06 12.95 7.54
N SER A 105 -21.73 13.64 6.63
CA SER A 105 -23.18 13.72 6.62
C SER A 105 -23.85 12.36 6.40
N TYR A 106 -23.21 11.52 5.60
CA TYR A 106 -23.74 10.19 5.30
C TYR A 106 -23.73 9.35 6.57
N ILE A 107 -22.59 9.38 7.27
CA ILE A 107 -22.44 8.61 8.51
C ILE A 107 -23.41 9.05 9.59
N ALA A 108 -23.63 10.35 9.71
CA ALA A 108 -24.53 10.89 10.71
C ALA A 108 -25.96 10.38 10.54
N LYS A 109 -26.38 10.22 9.29
CA LYS A 109 -27.72 9.74 8.99
C LYS A 109 -27.92 8.24 9.13
N ILE A 110 -26.89 7.45 8.82
CA ILE A 110 -27.00 5.98 8.92
C ILE A 110 -27.53 5.55 10.29
N LYS A 111 -28.41 4.57 10.30
CA LYS A 111 -28.95 4.08 11.57
C LYS A 111 -28.11 2.88 12.01
N LEU A 112 -27.32 3.07 13.07
CA LEU A 112 -26.47 2.01 13.58
C LEU A 112 -26.65 1.83 15.08
N PRO A 113 -26.30 0.65 15.60
CA PRO A 113 -26.45 0.39 17.04
C PRO A 113 -25.49 1.20 17.90
N LYS A 114 -24.34 1.55 17.34
CA LYS A 114 -23.35 2.36 18.06
C LYS A 114 -22.45 3.17 17.12
N LYS A 115 -21.85 4.22 17.68
CA LYS A 115 -20.93 5.09 16.95
C LYS A 115 -19.91 5.62 17.95
N ARG A 116 -18.65 5.64 17.53
CA ARG A 116 -17.58 6.09 18.41
C ARG A 116 -16.79 7.27 17.85
N GLY A 117 -15.53 7.06 17.49
CA GLY A 117 -14.74 8.16 16.97
C GLY A 117 -13.73 7.78 15.91
N THR A 118 -13.24 8.78 15.18
CA THR A 118 -12.28 8.57 14.11
C THR A 118 -12.98 7.82 12.98
N PHE A 119 -13.99 8.48 12.41
CA PHE A 119 -14.76 7.96 11.29
C PHE A 119 -13.90 8.08 10.04
N ILE A 120 -13.31 9.25 9.86
CA ILE A 120 -12.45 9.51 8.73
C ILE A 120 -11.01 9.61 9.22
N GLU A 121 -10.14 8.77 8.67
CA GLU A 121 -8.73 8.81 9.03
C GLU A 121 -8.00 9.25 7.77
N PHE A 122 -7.55 10.50 7.78
CA PHE A 122 -6.85 11.10 6.67
C PHE A 122 -5.43 10.53 6.57
N ARG A 123 -5.07 10.03 5.41
CA ARG A 123 -3.76 9.46 5.18
C ARG A 123 -3.19 10.12 3.92
N ASN A 124 -1.88 10.15 3.79
CA ASN A 124 -1.26 10.76 2.63
C ASN A 124 -1.81 10.17 1.33
N GLY A 125 -2.17 8.89 1.36
CA GLY A 125 -2.68 8.26 0.16
C GLY A 125 -4.16 7.94 0.09
N MSE A 126 -4.92 8.19 1.15
CA MSE A 126 -6.35 7.85 1.14
C MSE A 126 -7.13 8.38 2.32
O MSE A 126 -6.57 8.83 3.33
CB MSE A 126 -6.51 6.34 1.15
CG MSE A 126 -6.21 5.72 2.52
SE MSE A 126 -5.54 3.90 2.45
CE MSE A 126 -3.74 4.26 1.79
N LEU A 127 -8.45 8.30 2.20
CA LEU A 127 -9.37 8.69 3.26
C LEU A 127 -10.01 7.39 3.76
N ASN A 128 -9.57 6.88 4.90
CA ASN A 128 -10.17 5.65 5.44
C ASN A 128 -11.43 6.07 6.18
N VAL A 129 -12.57 5.55 5.73
CA VAL A 129 -13.87 5.86 6.30
C VAL A 129 -14.45 4.65 7.07
N SER A 130 -14.95 4.91 8.27
CA SER A 130 -15.53 3.85 9.11
C SER A 130 -16.83 4.34 9.75
N PRO A 131 -17.96 3.72 9.42
CA PRO A 131 -19.25 4.13 10.00
C PRO A 131 -19.35 4.07 11.51
N ILE A 132 -18.69 3.09 12.12
CA ILE A 132 -18.71 2.97 13.58
C ILE A 132 -17.67 3.88 14.21
N GLY A 133 -16.51 4.01 13.54
CA GLY A 133 -15.43 4.83 14.06
C GLY A 133 -14.28 3.91 14.45
N ARG A 134 -13.07 4.25 14.02
CA ARG A 134 -11.91 3.43 14.33
C ARG A 134 -11.65 3.24 15.83
N SER A 135 -12.23 4.10 16.66
CA SER A 135 -12.04 3.95 18.09
C SER A 135 -13.25 3.18 18.64
N CYS A 136 -13.45 2.00 18.06
CA CYS A 136 -14.54 1.07 18.39
C CYS A 136 -14.08 -0.05 19.33
N SER A 137 -14.98 -0.98 19.61
CA SER A 137 -14.66 -2.11 20.49
C SER A 137 -14.85 -3.46 19.83
N GLN A 138 -14.25 -4.49 20.44
CA GLN A 138 -14.32 -5.86 19.98
C GLN A 138 -15.74 -6.11 19.49
N GLU A 139 -16.66 -6.01 20.44
CA GLU A 139 -18.07 -6.24 20.21
C GLU A 139 -18.69 -5.23 19.25
N GLU A 140 -18.32 -3.96 19.42
CA GLU A 140 -18.84 -2.90 18.57
C GLU A 140 -18.56 -3.25 17.12
N ARG A 141 -17.29 -3.50 16.83
CA ARG A 141 -16.84 -3.85 15.50
C ARG A 141 -17.56 -5.11 14.98
N ILE A 142 -17.43 -6.22 15.70
CA ILE A 142 -18.11 -7.45 15.29
C ILE A 142 -19.59 -7.18 15.05
N GLU A 143 -20.23 -6.50 16.00
CA GLU A 143 -21.65 -6.18 15.87
C GLU A 143 -21.92 -5.36 14.61
N PHE A 144 -21.13 -4.30 14.38
CA PHE A 144 -21.34 -3.46 13.21
C PHE A 144 -21.45 -4.29 11.95
N TYR A 145 -20.55 -5.25 11.81
CA TYR A 145 -20.51 -6.11 10.65
C TYR A 145 -21.76 -6.97 10.44
N GLU A 146 -22.10 -7.83 11.40
CA GLU A 146 -23.29 -8.68 11.25
C GLU A 146 -24.45 -7.83 10.76
N LEU A 147 -24.38 -6.53 11.04
CA LEU A 147 -25.41 -5.62 10.60
C LEU A 147 -25.17 -5.30 9.14
N ASP A 148 -23.92 -4.93 8.87
CA ASP A 148 -23.46 -4.59 7.54
C ASP A 148 -23.66 -5.79 6.61
N LYS A 149 -23.84 -6.96 7.21
CA LYS A 149 -24.05 -8.18 6.44
C LYS A 149 -25.49 -8.21 5.93
N LYS A 150 -26.40 -7.72 6.76
CA LYS A 150 -27.83 -7.71 6.43
C LYS A 150 -28.16 -6.82 5.24
N GLU A 151 -28.20 -5.51 5.46
CA GLU A 151 -28.52 -4.56 4.40
C GLU A 151 -27.31 -4.08 3.62
N ASN A 152 -26.13 -4.50 4.05
CA ASN A 152 -24.89 -4.12 3.39
C ASN A 152 -24.69 -2.61 3.46
N ILE A 153 -24.49 -2.12 4.67
CA ILE A 153 -24.29 -0.69 4.95
C ILE A 153 -23.33 -0.04 3.96
N ARG A 154 -22.07 -0.47 4.02
CA ARG A 154 -21.00 0.05 3.17
C ARG A 154 -21.28 0.01 1.68
N GLN A 155 -21.67 -1.16 1.18
CA GLN A 155 -21.93 -1.33 -0.25
C GLN A 155 -22.70 -0.17 -0.85
N LYS A 156 -23.78 0.23 -0.20
CA LYS A 156 -24.58 1.35 -0.68
C LYS A 156 -23.82 2.65 -0.43
N PHE A 157 -23.20 2.77 0.75
CA PHE A 157 -22.42 3.96 1.08
C PHE A 157 -21.55 4.19 -0.15
N VAL A 158 -20.61 3.27 -0.36
CA VAL A 158 -19.69 3.32 -1.49
C VAL A 158 -20.43 3.47 -2.80
N ALA A 159 -21.57 2.80 -2.92
CA ALA A 159 -22.35 2.88 -4.15
C ALA A 159 -22.74 4.34 -4.37
N ASP A 160 -23.23 4.98 -3.32
CA ASP A 160 -23.62 6.37 -3.44
C ASP A 160 -22.40 7.20 -3.75
N LEU A 161 -21.29 6.91 -3.07
CA LEU A 161 -20.03 7.62 -3.27
C LEU A 161 -19.54 7.53 -4.71
N ARG A 162 -19.56 6.30 -5.22
CA ARG A 162 -19.12 6.05 -6.59
C ARG A 162 -20.04 6.82 -7.53
N LYS A 163 -21.29 6.99 -7.12
CA LYS A 163 -22.27 7.72 -7.92
C LYS A 163 -22.21 9.22 -7.66
N GLU A 164 -22.59 9.62 -6.45
CA GLU A 164 -22.59 11.03 -6.03
C GLU A 164 -21.32 11.73 -6.50
N PHE A 165 -20.22 10.98 -6.53
CA PHE A 165 -18.93 11.52 -6.94
C PHE A 165 -18.40 10.95 -8.24
N ALA A 166 -19.28 10.80 -9.23
CA ALA A 166 -18.88 10.28 -10.52
C ALA A 166 -17.96 11.31 -11.21
N GLY A 167 -17.12 10.83 -12.12
CA GLY A 167 -16.21 11.71 -12.83
C GLY A 167 -15.11 12.29 -11.95
N LYS A 168 -15.26 12.14 -10.64
CA LYS A 168 -14.30 12.67 -9.68
C LYS A 168 -12.96 11.93 -9.67
N GLY A 169 -12.89 10.80 -10.37
CA GLY A 169 -11.63 10.06 -10.43
C GLY A 169 -11.20 9.39 -9.14
N LEU A 170 -12.09 8.63 -8.53
CA LEU A 170 -11.76 7.95 -7.28
C LEU A 170 -11.86 6.43 -7.39
N THR A 171 -11.65 5.77 -6.25
CA THR A 171 -11.68 4.32 -6.18
C THR A 171 -11.90 3.94 -4.73
N PHE A 172 -12.34 2.71 -4.49
CA PHE A 172 -12.59 2.24 -3.13
C PHE A 172 -11.95 0.88 -2.83
N SER A 173 -11.73 0.62 -1.55
CA SER A 173 -11.14 -0.64 -1.11
C SER A 173 -11.68 -1.00 0.27
N ILE A 174 -12.09 -2.25 0.43
CA ILE A 174 -12.64 -2.73 1.68
C ILE A 174 -11.63 -3.65 2.37
N GLY A 175 -10.82 -3.08 3.24
CA GLY A 175 -9.82 -3.87 3.94
C GLY A 175 -10.38 -4.82 4.95
N GLY A 176 -11.68 -4.72 5.24
CA GLY A 176 -12.26 -5.61 6.22
C GLY A 176 -13.74 -5.49 6.45
N GLN A 177 -14.10 -5.25 7.70
CA GLN A 177 -15.50 -5.18 8.09
C GLN A 177 -16.08 -3.78 8.29
N ILE A 178 -15.32 -2.91 8.95
CA ILE A 178 -15.74 -1.54 9.28
C ILE A 178 -15.42 -0.38 8.33
N SER A 179 -14.15 -0.25 7.95
CA SER A 179 -13.76 0.85 7.08
C SER A 179 -13.52 0.50 5.64
N PHE A 180 -13.64 1.51 4.79
CA PHE A 180 -13.38 1.37 3.36
C PHE A 180 -12.48 2.54 2.96
N ASP A 181 -11.65 2.36 1.94
CA ASP A 181 -10.74 3.41 1.51
C ASP A 181 -11.15 4.12 0.22
N VAL A 182 -10.83 5.40 0.16
CA VAL A 182 -11.11 6.25 -1.00
C VAL A 182 -9.75 6.84 -1.36
N PHE A 183 -9.30 6.59 -2.59
CA PHE A 183 -8.01 7.08 -3.04
C PHE A 183 -7.95 7.30 -4.55
N PRO A 184 -6.93 8.03 -5.03
CA PRO A 184 -6.77 8.31 -6.46
C PRO A 184 -6.40 7.05 -7.24
N ASP A 185 -6.83 7.01 -8.51
CA ASP A 185 -6.56 5.85 -9.36
C ASP A 185 -5.08 5.51 -9.48
N GLY A 186 -4.79 4.23 -9.30
CA GLY A 186 -3.42 3.74 -9.40
C GLY A 186 -2.56 3.97 -8.17
N TRP A 187 -3.12 4.58 -7.13
CA TRP A 187 -2.34 4.84 -5.93
C TRP A 187 -2.13 3.62 -5.04
N ASP A 188 -1.82 2.48 -5.67
CA ASP A 188 -1.54 1.25 -4.94
C ASP A 188 -0.03 1.05 -5.15
N LYS A 189 0.49 -0.14 -4.91
CA LYS A 189 1.94 -0.34 -5.08
C LYS A 189 2.44 0.01 -6.49
N ARG A 190 1.58 -0.08 -7.50
CA ARG A 190 2.00 0.25 -8.87
C ARG A 190 2.55 1.67 -8.98
N TYR A 191 2.20 2.50 -8.00
CA TYR A 191 2.62 3.90 -7.95
C TYR A 191 4.13 4.11 -8.01
N CYS A 192 4.88 3.32 -7.26
CA CYS A 192 6.34 3.46 -7.22
C CYS A 192 7.00 3.35 -8.60
N LEU A 193 6.39 2.56 -9.49
CA LEU A 193 6.92 2.34 -10.82
C LEU A 193 7.24 3.65 -11.56
N ARG A 194 6.44 4.67 -11.31
CA ARG A 194 6.65 5.95 -11.95
C ARG A 194 7.93 6.63 -11.50
N HIS A 195 8.74 5.91 -10.71
CA HIS A 195 10.01 6.45 -10.22
C HIS A 195 11.22 5.72 -10.79
N VAL A 196 11.01 4.49 -11.28
CA VAL A 196 12.13 3.71 -11.80
C VAL A 196 11.99 3.32 -13.27
N GLU A 197 10.81 3.49 -13.82
CA GLU A 197 10.51 3.11 -15.20
C GLU A 197 11.33 3.80 -16.30
N ASN A 198 11.89 4.97 -15.98
CA ASN A 198 12.66 5.71 -16.96
C ASN A 198 14.17 5.58 -16.77
N ASP A 199 14.60 4.58 -16.01
CA ASP A 199 16.03 4.38 -15.77
C ASP A 199 16.64 3.35 -16.71
N GLY A 200 15.89 2.95 -17.72
CA GLY A 200 16.37 2.00 -18.72
C GLY A 200 16.34 0.52 -18.37
N TYR A 201 15.49 0.10 -17.45
CA TYR A 201 15.45 -1.31 -17.10
C TYR A 201 14.78 -2.14 -18.18
N LYS A 202 15.46 -3.17 -18.64
CA LYS A 202 14.89 -4.03 -19.67
C LYS A 202 13.92 -4.97 -18.98
N THR A 203 14.24 -5.32 -17.74
CA THR A 203 13.40 -6.21 -16.94
C THR A 203 13.22 -5.65 -15.53
N ILE A 204 11.99 -5.66 -15.05
CA ILE A 204 11.70 -5.19 -13.71
C ILE A 204 10.96 -6.27 -12.95
N TYR A 205 11.67 -6.95 -12.06
CA TYR A 205 11.11 -8.01 -11.26
C TYR A 205 10.37 -7.43 -10.06
N PHE A 206 9.34 -8.15 -9.62
CA PHE A 206 8.58 -7.75 -8.43
C PHE A 206 8.38 -9.00 -7.61
N PHE A 207 8.65 -8.89 -6.33
CA PHE A 207 8.50 -10.00 -5.41
C PHE A 207 7.59 -9.54 -4.29
N GLY A 208 6.47 -10.22 -4.12
CA GLY A 208 5.54 -9.83 -3.06
C GLY A 208 4.30 -10.70 -3.00
N ASP A 209 3.21 -10.12 -2.50
CA ASP A 209 1.94 -10.82 -2.40
C ASP A 209 1.25 -10.68 -3.76
N LYS A 210 0.90 -11.80 -4.37
CA LYS A 210 0.25 -11.80 -5.67
C LYS A 210 -1.20 -11.34 -5.53
N THR A 211 -1.81 -11.67 -4.40
CA THR A 211 -3.20 -11.30 -4.14
C THR A 211 -3.44 -11.08 -2.64
N MSE A 212 -4.34 -10.16 -2.31
CA MSE A 212 -4.65 -9.88 -0.91
C MSE A 212 -5.60 -10.94 -0.34
O MSE A 212 -6.25 -10.71 0.70
CB MSE A 212 -5.30 -8.49 -0.77
CG MSE A 212 -4.37 -7.33 -1.10
SE MSE A 212 -3.92 -7.17 -2.96
CE MSE A 212 -5.34 -5.98 -3.53
N ASN A 216 -7.47 -12.82 -4.51
CA ASN A 216 -7.75 -11.51 -5.11
C ASN A 216 -6.76 -11.21 -6.25
N ASP A 217 -6.12 -10.05 -6.22
CA ASP A 217 -5.18 -9.68 -7.27
C ASP A 217 -4.47 -8.34 -7.01
N HIS A 218 -3.17 -8.38 -6.74
CA HIS A 218 -2.42 -7.16 -6.48
C HIS A 218 -1.92 -6.56 -7.80
N GLU A 219 -2.38 -5.35 -8.08
CA GLU A 219 -2.06 -4.63 -9.30
C GLU A 219 -0.60 -4.63 -9.73
N ILE A 220 0.30 -4.17 -8.87
CA ILE A 220 1.70 -4.12 -9.26
C ILE A 220 2.17 -5.50 -9.67
N PHE A 221 1.66 -6.53 -9.01
CA PHE A 221 2.07 -7.88 -9.36
C PHE A 221 1.66 -8.21 -10.78
N THR A 222 0.43 -7.87 -11.14
CA THR A 222 -0.08 -8.17 -12.47
C THR A 222 0.10 -7.05 -13.48
N ASP A 223 0.50 -5.88 -13.00
CA ASP A 223 0.72 -4.72 -13.85
C ASP A 223 1.56 -5.12 -15.07
N PRO A 224 1.20 -4.60 -16.25
CA PRO A 224 1.91 -4.90 -17.50
C PRO A 224 3.34 -4.37 -17.65
N ARG A 225 3.98 -4.01 -16.54
CA ARG A 225 5.34 -3.50 -16.61
C ARG A 225 6.31 -4.29 -15.75
N THR A 226 5.80 -5.28 -15.04
CA THR A 226 6.64 -6.07 -14.16
C THR A 226 6.69 -7.55 -14.53
N MSE A 227 7.70 -8.24 -14.00
CA MSE A 227 7.86 -9.68 -14.19
C MSE A 227 7.65 -10.18 -12.76
O MSE A 227 8.58 -10.22 -11.97
CB MSE A 227 9.26 -10.00 -14.70
CG MSE A 227 9.64 -9.29 -16.01
SE MSE A 227 8.94 -10.14 -17.62
CE MSE A 227 10.39 -11.35 -17.94
N GLY A 228 6.40 -10.52 -12.45
CA GLY A 228 6.04 -10.95 -11.12
C GLY A 228 6.40 -12.34 -10.65
N TYR A 229 6.72 -12.43 -9.36
CA TYR A 229 7.07 -13.67 -8.71
C TYR A 229 6.58 -13.59 -7.27
N SER A 230 5.45 -14.24 -6.99
CA SER A 230 4.89 -14.21 -5.64
C SER A 230 5.60 -15.22 -4.74
N VAL A 231 6.11 -14.74 -3.61
CA VAL A 231 6.80 -15.62 -2.68
C VAL A 231 5.99 -15.80 -1.40
N THR A 232 6.27 -16.89 -0.67
CA THR A 232 5.53 -17.18 0.54
C THR A 232 6.24 -16.78 1.83
N ALA A 233 7.47 -16.27 1.70
CA ALA A 233 8.29 -15.84 2.84
C ALA A 233 9.71 -15.54 2.34
N PRO A 234 10.60 -15.06 3.25
CA PRO A 234 11.97 -14.76 2.83
C PRO A 234 12.76 -15.94 2.27
N GLU A 235 12.48 -17.14 2.78
CA GLU A 235 13.15 -18.34 2.31
C GLU A 235 12.89 -18.52 0.81
N ASP A 236 11.67 -18.19 0.39
CA ASP A 236 11.28 -18.31 -1.01
C ASP A 236 11.92 -17.21 -1.85
N THR A 237 11.86 -15.98 -1.37
CA THR A 237 12.45 -14.86 -2.08
C THR A 237 13.89 -15.21 -2.49
N ARG A 238 14.60 -15.92 -1.61
CA ARG A 238 15.98 -16.30 -1.88
C ARG A 238 16.07 -17.49 -2.83
N ARG A 239 15.20 -18.47 -2.65
CA ARG A 239 15.20 -19.64 -3.52
C ARG A 239 15.01 -19.20 -4.97
N ILE A 240 14.00 -18.37 -5.20
CA ILE A 240 13.73 -17.89 -6.55
C ILE A 240 14.86 -16.98 -7.05
N CYS A 241 15.36 -16.11 -6.20
CA CYS A 241 16.46 -15.23 -6.60
C CYS A 241 17.69 -16.05 -6.96
N GLU A 242 17.91 -17.13 -6.22
CA GLU A 242 19.06 -17.99 -6.47
C GLU A 242 18.87 -18.74 -7.79
N LEU A 243 17.62 -18.88 -8.20
CA LEU A 243 17.28 -19.57 -9.44
C LEU A 243 17.34 -18.61 -10.63
N LEU A 244 16.80 -17.42 -10.46
CA LEU A 244 16.78 -16.43 -11.52
C LEU A 244 18.17 -15.84 -11.75
N PHE A 245 18.88 -15.62 -10.65
CA PHE A 245 20.20 -15.04 -10.70
C PHE A 245 21.25 -16.04 -10.23
N SER A 246 22.52 -15.64 -10.25
CA SER A 246 23.60 -16.52 -9.83
C SER A 246 23.38 -17.94 -10.38
C1 EDO B . -28.10 7.08 3.19
O1 EDO B . -28.56 8.40 2.87
C2 EDO B . -27.93 6.95 4.70
O2 EDO B . -28.69 5.84 5.18
N GLY C . 10.65 -3.55 -19.49
CA GLY C . 10.69 -2.75 -18.27
C GLY C . 9.75 -1.56 -18.29
O GLY C . 8.58 -1.67 -17.92
N GLY D . 3.60 -7.78 -14.37
CA GLY D . 3.66 -9.16 -13.94
C GLY D . 3.63 -10.13 -15.10
O GLY D . 2.99 -9.84 -16.11
N GLY E . -26.78 11.26 1.54
CA GLY E . -25.63 11.53 2.40
C GLY E . -24.97 12.86 2.10
O GLY E . -25.47 13.93 2.46
N PRO A 4 17.81 -10.10 -19.17
CA PRO A 4 18.14 -9.27 -20.35
C PRO A 4 18.35 -7.80 -19.99
N GLY A 5 19.42 -7.21 -20.52
CA GLY A 5 19.75 -5.81 -20.27
C GLY A 5 19.77 -5.47 -18.80
N PRO A 6 19.93 -4.17 -18.45
CA PRO A 6 19.95 -3.77 -17.03
C PRO A 6 18.64 -4.18 -16.37
N ALA A 7 18.70 -4.73 -15.16
CA ALA A 7 17.50 -5.16 -14.47
C ALA A 7 17.38 -4.68 -13.03
N LEU A 8 16.16 -4.78 -12.50
CA LEU A 8 15.86 -4.37 -11.13
C LEU A 8 14.94 -5.40 -10.48
N CYS A 9 15.24 -5.77 -9.25
CA CYS A 9 14.42 -6.70 -8.52
C CYS A 9 13.76 -5.93 -7.38
N LEU A 10 12.46 -5.68 -7.48
CA LEU A 10 11.75 -4.95 -6.42
C LEU A 10 11.06 -5.93 -5.50
N PHE A 11 11.04 -5.61 -4.21
CA PHE A 11 10.43 -6.49 -3.22
C PHE A 11 9.43 -5.77 -2.33
N ASP A 12 8.37 -6.48 -1.93
CA ASP A 12 7.41 -5.91 -1.00
C ASP A 12 8.13 -6.03 0.35
N VAL A 13 7.67 -5.34 1.39
CA VAL A 13 8.39 -5.43 2.67
C VAL A 13 8.03 -6.62 3.58
N ASP A 14 7.03 -6.46 4.44
CA ASP A 14 6.65 -7.52 5.37
C ASP A 14 6.24 -8.79 4.62
N GLY A 15 6.77 -9.94 5.07
CA GLY A 15 6.46 -11.20 4.42
C GLY A 15 7.45 -11.52 3.31
N THR A 16 7.65 -10.57 2.40
CA THR A 16 8.56 -10.72 1.28
C THR A 16 10.01 -10.78 1.74
N LEU A 17 10.42 -9.76 2.49
CA LEU A 17 11.78 -9.69 3.02
C LEU A 17 11.84 -10.00 4.50
N THR A 18 10.81 -9.61 5.23
CA THR A 18 10.78 -9.86 6.66
C THR A 18 9.86 -11.00 7.07
N ALA A 19 9.94 -11.32 8.35
CA ALA A 19 9.13 -12.36 8.95
C ALA A 19 7.83 -11.60 9.22
N PRO A 20 6.67 -12.24 9.02
CA PRO A 20 5.38 -11.56 9.25
C PRO A 20 5.37 -10.84 10.59
N ARG A 21 5.59 -9.52 10.52
CA ARG A 21 5.62 -8.66 11.71
C ARG A 21 6.92 -8.77 12.49
N GLN A 22 8.04 -8.54 11.82
CA GLN A 22 9.37 -8.62 12.43
C GLN A 22 10.42 -7.91 11.59
N LYS A 23 11.46 -7.35 12.22
CA LYS A 23 12.52 -6.67 11.47
C LYS A 23 13.29 -7.63 10.57
N ILE A 24 13.87 -7.10 9.50
CA ILE A 24 14.64 -7.89 8.54
C ILE A 24 15.80 -8.61 9.21
N THR A 25 16.19 -9.75 8.64
CA THR A 25 17.27 -10.58 9.17
C THR A 25 18.68 -10.22 8.63
N LYS A 26 19.70 -10.50 9.43
CA LYS A 26 21.08 -10.23 9.05
C LYS A 26 21.41 -11.07 7.82
N GLU A 27 21.03 -12.35 7.88
CA GLU A 27 21.25 -13.28 6.79
C GLU A 27 20.59 -12.76 5.50
N MSE A 28 19.35 -12.32 5.61
CA MSE A 28 18.65 -11.80 4.46
C MSE A 28 19.33 -10.54 3.93
O MSE A 28 19.63 -10.45 2.74
CB MSE A 28 17.19 -11.47 4.81
CG MSE A 28 16.44 -10.85 3.64
SE MSE A 28 16.71 -11.81 1.99
CE MSE A 28 15.14 -12.90 2.06
N ASP A 29 19.58 -9.59 4.81
CA ASP A 29 20.22 -8.34 4.42
C ASP A 29 21.52 -8.65 3.67
N ASP A 30 22.23 -9.67 4.12
CA ASP A 30 23.47 -10.11 3.50
C ASP A 30 23.19 -10.56 2.07
N PHE A 31 22.38 -11.63 1.92
CA PHE A 31 22.06 -12.15 0.60
C PHE A 31 21.70 -11.03 -0.38
N LEU A 32 20.89 -10.09 0.08
CA LEU A 32 20.46 -8.98 -0.75
C LEU A 32 21.62 -8.06 -1.17
N GLN A 33 22.52 -7.75 -0.23
CA GLN A 33 23.64 -6.89 -0.56
C GLN A 33 24.52 -7.60 -1.57
N LYS A 34 24.58 -8.91 -1.46
CA LYS A 34 25.37 -9.72 -2.38
C LYS A 34 24.70 -9.68 -3.75
N LEU A 35 23.36 -9.71 -3.75
CA LEU A 35 22.58 -9.66 -5.00
C LEU A 35 22.70 -8.28 -5.64
N ARG A 36 22.62 -7.24 -4.82
CA ARG A 36 22.72 -5.86 -5.29
C ARG A 36 24.02 -5.59 -6.06
N GLN A 37 25.04 -6.43 -5.82
CA GLN A 37 26.31 -6.23 -6.51
C GLN A 37 26.11 -6.09 -8.01
N LYS A 38 25.34 -7.00 -8.60
CA LYS A 38 25.11 -6.93 -10.05
C LYS A 38 23.74 -6.37 -10.42
N ILE A 39 22.68 -7.07 -10.02
CA ILE A 39 21.33 -6.62 -10.32
C ILE A 39 20.89 -5.62 -9.26
N LYS A 40 20.23 -4.56 -9.70
CA LYS A 40 19.75 -3.52 -8.79
C LYS A 40 18.61 -4.09 -7.94
N ILE A 41 18.62 -3.77 -6.66
CA ILE A 41 17.59 -4.29 -5.79
C ILE A 41 16.82 -3.22 -5.03
N GLY A 42 15.50 -3.26 -5.18
CA GLY A 42 14.67 -2.30 -4.49
C GLY A 42 13.63 -2.98 -3.62
N VAL A 43 12.98 -2.20 -2.76
CA VAL A 43 11.95 -2.69 -1.87
C VAL A 43 10.78 -1.68 -1.86
N VAL A 44 9.56 -2.20 -1.81
CA VAL A 44 8.35 -1.39 -1.76
C VAL A 44 7.41 -2.03 -0.74
N GLY A 45 6.51 -1.23 -0.18
CA GLY A 45 5.56 -1.74 0.80
C GLY A 45 4.65 -0.64 1.30
N GLY A 46 3.59 -1.03 2.01
CA GLY A 46 2.64 -0.06 2.53
C GLY A 46 3.08 0.63 3.80
N SER A 47 4.18 0.17 4.37
CA SER A 47 4.69 0.74 5.61
C SER A 47 4.98 2.22 5.40
N ASP A 48 4.79 3.02 6.45
CA ASP A 48 5.10 4.44 6.36
C ASP A 48 6.61 4.47 6.57
N PHE A 49 7.24 5.62 6.40
CA PHE A 49 8.69 5.70 6.55
C PHE A 49 9.25 5.10 7.82
N GLU A 50 8.78 5.57 8.98
CA GLU A 50 9.29 5.07 10.24
C GLU A 50 9.03 3.57 10.39
N LYS A 51 7.99 3.06 9.74
CA LYS A 51 7.66 1.66 9.84
C LYS A 51 8.61 0.79 9.02
N VAL A 52 9.12 1.33 7.92
CA VAL A 52 10.03 0.56 7.08
C VAL A 52 11.40 0.42 7.74
N GLN A 53 11.86 1.50 8.36
CA GLN A 53 13.14 1.46 9.05
C GLN A 53 13.17 0.36 10.10
N GLU A 54 12.08 0.26 10.87
CA GLU A 54 11.98 -0.76 11.89
C GLU A 54 12.18 -2.14 11.29
N GLN A 55 11.59 -2.36 10.11
CA GLN A 55 11.70 -3.65 9.46
C GLN A 55 13.00 -3.87 8.72
N LEU A 56 13.49 -2.87 7.99
CA LEU A 56 14.72 -3.04 7.23
C LEU A 56 15.94 -2.31 7.78
N GLY A 57 15.89 -1.91 9.04
CA GLY A 57 17.01 -1.20 9.62
C GLY A 57 16.95 0.29 9.33
N ASN A 58 17.54 1.09 10.20
CA ASN A 58 17.53 2.54 10.04
C ASN A 58 18.33 3.04 8.85
N ASP A 59 19.26 2.21 8.36
CA ASP A 59 20.08 2.58 7.22
C ASP A 59 19.48 2.06 5.92
N VAL A 60 18.16 1.84 5.93
CA VAL A 60 17.46 1.31 4.75
C VAL A 60 17.86 1.96 3.42
N VAL A 61 17.88 3.30 3.35
CA VAL A 61 18.23 3.98 2.11
C VAL A 61 19.65 3.71 1.60
N GLU A 62 20.44 2.99 2.39
CA GLU A 62 21.81 2.67 1.98
C GLU A 62 21.92 1.22 1.51
N LYS A 63 20.99 0.38 1.96
CA LYS A 63 21.00 -1.04 1.60
C LYS A 63 20.27 -1.37 0.29
N TYR A 64 19.36 -0.51 -0.12
CA TYR A 64 18.62 -0.75 -1.35
C TYR A 64 18.78 0.42 -2.29
N ASP A 65 18.78 0.13 -3.58
CA ASP A 65 18.93 1.20 -4.56
C ASP A 65 17.67 2.07 -4.61
N TYR A 66 16.53 1.46 -4.31
CA TYR A 66 15.27 2.17 -4.28
C TYR A 66 14.53 1.73 -3.02
N VAL A 67 13.85 2.66 -2.37
CA VAL A 67 13.09 2.35 -1.16
C VAL A 67 11.73 2.97 -1.38
N PHE A 68 10.69 2.14 -1.44
CA PHE A 68 9.35 2.63 -1.71
C PHE A 68 8.25 2.42 -0.69
N PRO A 69 8.34 3.10 0.47
CA PRO A 69 7.31 2.97 1.50
C PRO A 69 6.09 3.76 1.07
N GLU A 70 4.96 3.52 1.73
CA GLU A 70 3.72 4.20 1.40
C GLU A 70 3.40 4.08 -0.09
N ASN A 71 3.60 2.88 -0.64
CA ASN A 71 3.32 2.59 -2.04
C ASN A 71 4.17 3.46 -2.97
N GLY A 72 5.39 3.75 -2.55
CA GLY A 72 6.26 4.57 -3.36
C GLY A 72 5.87 6.03 -3.39
N LEU A 73 4.91 6.41 -2.54
CA LEU A 73 4.48 7.80 -2.43
C LEU A 73 5.67 8.51 -1.79
N VAL A 74 6.48 7.70 -1.12
CA VAL A 74 7.72 8.12 -0.51
C VAL A 74 8.74 7.24 -1.22
N ALA A 75 9.70 7.88 -1.86
CA ALA A 75 10.71 7.15 -2.59
C ALA A 75 12.12 7.68 -2.37
N TYR A 76 13.07 6.75 -2.35
CA TYR A 76 14.48 7.07 -2.20
C TYR A 76 15.23 6.29 -3.27
N LYS A 77 16.34 6.86 -3.71
CA LYS A 77 17.20 6.25 -4.72
C LYS A 77 18.64 6.62 -4.42
N ASP A 78 19.49 5.61 -4.29
CA ASP A 78 20.90 5.82 -3.99
C ASP A 78 21.02 6.48 -2.62
N GLY A 79 19.97 6.37 -1.82
CA GLY A 79 19.97 6.95 -0.48
C GLY A 79 19.53 8.40 -0.35
N LYS A 80 18.91 8.94 -1.39
CA LYS A 80 18.46 10.33 -1.37
C LYS A 80 16.94 10.47 -1.54
N LEU A 81 16.33 11.37 -0.77
CA LEU A 81 14.90 11.60 -0.86
C LEU A 81 14.57 12.04 -2.28
N LEU A 82 13.63 11.36 -2.90
CA LEU A 82 13.21 11.68 -4.26
C LEU A 82 11.88 12.42 -4.28
N CYS A 83 10.83 11.81 -3.75
CA CYS A 83 9.52 12.44 -3.73
C CYS A 83 8.74 12.19 -2.45
N ARG A 84 7.75 13.04 -2.22
CA ARG A 84 6.87 12.96 -1.07
C ARG A 84 5.54 13.56 -1.46
N GLN A 85 4.72 12.76 -2.14
CA GLN A 85 3.42 13.21 -2.59
C GLN A 85 2.31 12.73 -1.66
N ASN A 86 1.25 13.51 -1.56
CA ASN A 86 0.11 13.17 -0.73
C ASN A 86 -1.15 13.38 -1.53
N ILE A 87 -2.28 12.92 -0.98
CA ILE A 87 -3.58 13.01 -1.63
C ILE A 87 -4.15 14.43 -1.75
N GLN A 88 -3.94 15.26 -0.73
CA GLN A 88 -4.46 16.62 -0.75
C GLN A 88 -3.98 17.45 -1.95
N SER A 89 -2.76 17.19 -2.41
CA SER A 89 -2.24 17.94 -3.54
C SER A 89 -2.75 17.42 -4.87
N HIS A 90 -3.41 16.26 -4.83
CA HIS A 90 -3.93 15.67 -6.06
C HIS A 90 -5.35 16.10 -6.40
N LEU A 91 -6.27 15.89 -5.46
CA LEU A 91 -7.68 16.20 -5.65
C LEU A 91 -8.10 17.65 -5.53
N GLY A 92 -7.35 18.43 -4.76
CA GLY A 92 -7.71 19.82 -4.56
C GLY A 92 -8.51 19.89 -3.28
N GLU A 93 -8.55 21.06 -2.64
CA GLU A 93 -9.28 21.23 -1.38
C GLU A 93 -10.79 21.13 -1.46
N ALA A 94 -11.39 21.70 -2.48
CA ALA A 94 -12.85 21.66 -2.61
C ALA A 94 -13.37 20.23 -2.64
N LEU A 95 -12.86 19.40 -3.55
CA LEU A 95 -13.31 18.01 -3.64
C LEU A 95 -13.17 17.31 -2.29
N ILE A 96 -11.98 17.43 -1.70
CA ILE A 96 -11.72 16.85 -0.39
C ILE A 96 -12.87 17.13 0.58
N GLN A 97 -13.32 18.37 0.60
CA GLN A 97 -14.39 18.78 1.51
C GLN A 97 -15.75 18.22 1.09
N ASP A 98 -16.00 18.16 -0.21
CA ASP A 98 -17.25 17.60 -0.68
C ASP A 98 -17.30 16.12 -0.26
N LEU A 99 -16.15 15.45 -0.33
CA LEU A 99 -16.04 14.04 0.06
C LEU A 99 -16.25 13.88 1.56
N ILE A 100 -15.55 14.71 2.33
CA ILE A 100 -15.66 14.68 3.78
C ILE A 100 -17.06 15.03 4.26
N ASN A 101 -17.57 16.18 3.84
CA ASN A 101 -18.91 16.58 4.24
C ASN A 101 -19.92 15.46 3.93
N TYR A 102 -19.87 14.91 2.71
CA TYR A 102 -20.77 13.83 2.33
C TYR A 102 -20.71 12.67 3.32
N CYS A 103 -19.51 12.13 3.53
CA CYS A 103 -19.34 11.01 4.45
C CYS A 103 -19.80 11.33 5.87
N LEU A 104 -19.41 12.49 6.41
CA LEU A 104 -19.81 12.87 7.76
C LEU A 104 -21.34 12.81 7.87
N SER A 105 -22.00 13.43 6.91
CA SER A 105 -23.46 13.46 6.87
C SER A 105 -24.05 12.04 6.80
N TYR A 106 -23.53 11.23 5.87
CA TYR A 106 -23.98 9.86 5.67
C TYR A 106 -23.92 9.09 6.99
N ILE A 107 -22.72 9.04 7.56
CA ILE A 107 -22.51 8.34 8.83
C ILE A 107 -23.55 8.73 9.87
N ALA A 108 -23.89 10.01 9.90
CA ALA A 108 -24.87 10.50 10.85
C ALA A 108 -26.21 9.79 10.63
N LYS A 109 -26.44 9.33 9.41
CA LYS A 109 -27.68 8.63 9.06
C LYS A 109 -27.65 7.12 9.31
N ILE A 110 -26.48 6.52 9.29
CA ILE A 110 -26.36 5.08 9.51
C ILE A 110 -26.69 4.72 10.97
N LYS A 111 -27.72 3.90 11.18
CA LYS A 111 -28.10 3.52 12.54
C LYS A 111 -27.38 2.26 13.01
N LEU A 112 -26.61 2.40 14.07
CA LEU A 112 -25.84 1.29 14.60
C LEU A 112 -26.01 1.17 16.10
N PRO A 113 -25.55 0.04 16.68
CA PRO A 113 -25.65 -0.15 18.12
C PRO A 113 -24.53 0.60 18.82
N LYS A 114 -23.49 0.95 18.08
CA LYS A 114 -22.36 1.69 18.66
C LYS A 114 -21.67 2.65 17.70
N LYS A 115 -21.20 3.77 18.26
CA LYS A 115 -20.46 4.80 17.52
C LYS A 115 -19.49 5.44 18.52
N ARG A 116 -18.24 5.65 18.10
CA ARG A 116 -17.24 6.22 18.98
C ARG A 116 -16.42 7.39 18.40
N GLY A 117 -15.45 7.10 17.54
CA GLY A 117 -14.65 8.17 16.97
C GLY A 117 -13.75 7.77 15.84
N THR A 118 -13.12 8.77 15.21
CA THR A 118 -12.24 8.54 14.08
C THR A 118 -13.06 7.86 12.97
N PHE A 119 -14.11 8.57 12.55
CA PHE A 119 -15.02 8.13 11.50
C PHE A 119 -14.37 8.36 10.13
N ILE A 120 -13.37 9.23 10.13
CA ILE A 120 -12.62 9.54 8.93
C ILE A 120 -11.16 9.72 9.33
N GLU A 121 -10.31 8.88 8.77
CA GLU A 121 -8.88 8.95 9.05
C GLU A 121 -8.20 9.40 7.77
N PHE A 122 -7.50 10.52 7.85
CA PHE A 122 -6.81 11.09 6.70
C PHE A 122 -5.39 10.52 6.60
N ARG A 123 -5.06 9.98 5.44
CA ARG A 123 -3.74 9.41 5.21
C ARG A 123 -3.12 10.08 4.00
N ASN A 124 -1.79 10.09 3.93
CA ASN A 124 -1.12 10.72 2.80
C ASN A 124 -1.62 10.20 1.45
N GLY A 125 -1.89 8.91 1.36
CA GLY A 125 -2.35 8.33 0.11
C GLY A 125 -3.79 7.85 0.04
N MSE A 126 -4.57 8.04 1.11
CA MSE A 126 -5.95 7.59 1.11
C MSE A 126 -6.78 8.10 2.28
O MSE A 126 -6.25 8.42 3.35
CB MSE A 126 -6.00 6.06 1.17
CG MSE A 126 -5.66 5.45 2.55
SE MSE A 126 -5.16 3.58 2.51
CE MSE A 126 -3.48 3.77 1.55
N LEU A 127 -8.09 8.15 2.06
CA LEU A 127 -9.04 8.53 3.09
C LEU A 127 -9.67 7.23 3.60
N ASN A 128 -9.55 6.94 4.88
CA ASN A 128 -10.15 5.72 5.42
C ASN A 128 -11.42 6.13 6.16
N VAL A 129 -12.55 5.58 5.71
CA VAL A 129 -13.85 5.88 6.28
C VAL A 129 -14.39 4.69 7.08
N SER A 130 -15.05 4.98 8.20
CA SER A 130 -15.61 3.94 9.05
C SER A 130 -16.91 4.44 9.69
N PRO A 131 -18.06 3.91 9.22
CA PRO A 131 -19.35 4.32 9.77
C PRO A 131 -19.48 4.24 11.28
N ILE A 132 -18.77 3.29 11.89
CA ILE A 132 -18.80 3.12 13.34
C ILE A 132 -17.72 3.94 14.04
N GLY A 133 -16.55 4.04 13.41
CA GLY A 133 -15.43 4.77 14.01
C GLY A 133 -14.33 3.77 14.37
N ARG A 134 -13.13 4.03 13.86
CA ARG A 134 -12.00 3.14 14.11
C ARG A 134 -11.51 3.06 15.55
N SER A 135 -12.01 3.92 16.43
CA SER A 135 -11.57 3.90 17.81
C SER A 135 -12.10 2.69 18.59
N CYS A 136 -13.05 1.96 18.00
CA CYS A 136 -13.65 0.80 18.68
C CYS A 136 -12.72 -0.27 19.19
N SER A 137 -13.18 -0.94 20.24
CA SER A 137 -12.44 -2.03 20.85
C SER A 137 -12.73 -3.30 20.06
N GLN A 138 -12.09 -4.39 20.45
CA GLN A 138 -12.25 -5.66 19.76
C GLN A 138 -13.73 -6.09 19.69
N GLU A 139 -14.42 -6.03 20.82
CA GLU A 139 -15.82 -6.44 20.87
C GLU A 139 -16.72 -5.60 19.97
N GLU A 140 -16.60 -4.29 20.10
CA GLU A 140 -17.41 -3.36 19.32
C GLU A 140 -17.26 -3.59 17.83
N ARG A 141 -16.04 -3.85 17.39
CA ARG A 141 -15.79 -4.09 15.99
C ARG A 141 -16.45 -5.41 15.54
N ILE A 142 -16.53 -6.38 16.44
CA ILE A 142 -17.17 -7.66 16.12
C ILE A 142 -18.65 -7.44 15.87
N GLU A 143 -19.29 -6.77 16.82
CA GLU A 143 -20.71 -6.44 16.73
C GLU A 143 -20.99 -5.77 15.40
N PHE A 144 -20.28 -4.67 15.13
CA PHE A 144 -20.50 -3.98 13.87
C PHE A 144 -20.20 -4.90 12.70
N TYR A 145 -19.14 -5.69 12.84
CA TYR A 145 -18.78 -6.58 11.76
C TYR A 145 -19.85 -7.62 11.46
N GLU A 146 -20.50 -8.13 12.49
CA GLU A 146 -21.53 -9.14 12.26
C GLU A 146 -22.73 -8.48 11.59
N LEU A 147 -22.94 -7.20 11.91
CA LEU A 147 -24.04 -6.46 11.30
C LEU A 147 -23.65 -6.17 9.86
N ASP A 148 -22.43 -5.69 9.67
CA ASP A 148 -21.94 -5.36 8.34
C ASP A 148 -21.95 -6.60 7.45
N LYS A 149 -21.77 -7.77 8.04
CA LYS A 149 -21.78 -9.01 7.27
C LYS A 149 -23.21 -9.28 6.81
N LYS A 150 -24.16 -8.97 7.68
CA LYS A 150 -25.57 -9.19 7.39
C LYS A 150 -26.13 -8.06 6.53
N GLU A 151 -25.78 -6.83 6.88
CA GLU A 151 -26.27 -5.65 6.16
C GLU A 151 -25.37 -5.13 5.04
N ASN A 152 -24.10 -5.55 5.03
CA ASN A 152 -23.16 -5.11 4.00
C ASN A 152 -23.12 -3.57 3.93
N ILE A 153 -23.04 -2.97 5.11
CA ILE A 153 -23.01 -1.51 5.25
C ILE A 153 -21.94 -0.84 4.40
N ARG A 154 -20.74 -1.41 4.43
CA ARG A 154 -19.61 -0.86 3.70
C ARG A 154 -19.81 -0.81 2.19
N GLN A 155 -20.27 -1.89 1.57
CA GLN A 155 -20.49 -1.86 0.12
C GLN A 155 -21.61 -0.87 -0.21
N LYS A 156 -22.59 -0.78 0.68
CA LYS A 156 -23.72 0.14 0.51
C LYS A 156 -23.25 1.59 0.60
N PHE A 157 -22.34 1.85 1.53
CA PHE A 157 -21.79 3.20 1.71
C PHE A 157 -21.05 3.50 0.41
N VAL A 158 -20.17 2.58 0.01
CA VAL A 158 -19.39 2.75 -1.23
C VAL A 158 -20.26 2.99 -2.44
N ALA A 159 -21.31 2.18 -2.60
CA ALA A 159 -22.19 2.36 -3.73
C ALA A 159 -22.72 3.79 -3.67
N ASP A 160 -23.12 4.20 -2.47
CA ASP A 160 -23.64 5.53 -2.25
C ASP A 160 -22.61 6.54 -2.73
N LEU A 161 -21.37 6.36 -2.29
CA LEU A 161 -20.28 7.24 -2.69
C LEU A 161 -20.08 7.18 -4.19
N ARG A 162 -19.91 5.96 -4.69
CA ARG A 162 -19.69 5.75 -6.12
C ARG A 162 -20.75 6.51 -6.92
N LYS A 163 -22.00 6.30 -6.56
CA LYS A 163 -23.11 6.97 -7.22
C LYS A 163 -23.11 8.44 -6.80
N GLU A 164 -21.91 9.02 -6.65
CA GLU A 164 -21.80 10.42 -6.25
C GLU A 164 -20.55 11.12 -6.79
N PHE A 165 -19.44 10.39 -6.82
CA PHE A 165 -18.17 10.95 -7.26
C PHE A 165 -17.61 10.37 -8.56
N ALA A 166 -18.50 10.04 -9.48
CA ALA A 166 -18.09 9.49 -10.76
C ALA A 166 -17.35 10.58 -11.53
N GLY A 167 -16.27 10.22 -12.21
CA GLY A 167 -15.52 11.20 -12.98
C GLY A 167 -14.36 11.90 -12.29
N LYS A 168 -14.10 11.58 -11.03
CA LYS A 168 -13.02 12.23 -10.30
C LYS A 168 -11.74 11.39 -10.20
N GLY A 169 -11.79 10.18 -10.73
CA GLY A 169 -10.64 9.30 -10.70
C GLY A 169 -10.32 8.76 -9.33
N LEU A 170 -11.36 8.26 -8.65
CA LEU A 170 -11.21 7.70 -7.32
C LEU A 170 -11.50 6.20 -7.35
N THR A 171 -10.91 5.48 -6.40
CA THR A 171 -11.08 4.05 -6.29
C THR A 171 -11.36 3.72 -4.81
N PHE A 172 -12.10 2.64 -4.59
CA PHE A 172 -12.44 2.22 -3.24
C PHE A 172 -11.84 0.86 -2.89
N SER A 173 -11.64 0.62 -1.60
CA SER A 173 -11.08 -0.64 -1.13
C SER A 173 -11.67 -0.99 0.24
N ILE A 174 -12.06 -2.24 0.41
CA ILE A 174 -12.65 -2.70 1.66
C ILE A 174 -11.71 -3.64 2.39
N GLY A 175 -11.03 -3.10 3.40
CA GLY A 175 -10.10 -3.91 4.17
C GLY A 175 -10.46 -3.98 5.64
N GLY A 176 -9.65 -4.71 6.41
CA GLY A 176 -9.89 -4.84 7.83
C GLY A 176 -11.25 -5.43 8.13
N GLN A 177 -11.96 -4.81 9.08
CA GLN A 177 -13.28 -5.27 9.52
C GLN A 177 -14.33 -4.19 9.69
N ILE A 178 -13.90 -2.93 9.88
CA ILE A 178 -14.85 -1.85 10.11
C ILE A 178 -14.69 -0.56 9.29
N SER A 179 -14.09 -0.64 8.11
CA SER A 179 -13.91 0.57 7.31
C SER A 179 -13.49 0.31 5.87
N PHE A 180 -13.66 1.33 5.04
CA PHE A 180 -13.25 1.24 3.64
C PHE A 180 -12.33 2.41 3.30
N ASP A 181 -11.88 2.46 2.05
CA ASP A 181 -10.99 3.53 1.62
C ASP A 181 -11.42 4.22 0.33
N VAL A 182 -10.92 5.45 0.16
CA VAL A 182 -11.19 6.28 -1.01
C VAL A 182 -9.82 6.87 -1.37
N PHE A 183 -9.35 6.60 -2.58
CA PHE A 183 -8.05 7.10 -3.01
C PHE A 183 -7.98 7.32 -4.52
N PRO A 184 -6.95 8.04 -4.99
CA PRO A 184 -6.79 8.31 -6.43
C PRO A 184 -6.42 7.05 -7.20
N ASP A 185 -6.87 7.00 -8.45
CA ASP A 185 -6.61 5.84 -9.31
C ASP A 185 -5.13 5.51 -9.44
N GLY A 186 -4.83 4.23 -9.24
CA GLY A 186 -3.46 3.76 -9.35
C GLY A 186 -2.58 4.02 -8.15
N TRP A 187 -3.13 4.62 -7.09
CA TRP A 187 -2.33 4.91 -5.92
C TRP A 187 -2.04 3.70 -5.02
N ASP A 188 -1.94 2.52 -5.64
CA ASP A 188 -1.61 1.30 -4.92
C ASP A 188 -0.10 1.18 -5.16
N LYS A 189 0.49 0.01 -4.93
CA LYS A 189 1.94 -0.13 -5.13
C LYS A 189 2.40 0.27 -6.54
N ARG A 190 1.54 0.11 -7.54
CA ARG A 190 1.91 0.48 -8.91
C ARG A 190 2.47 1.89 -9.01
N TYR A 191 2.04 2.77 -8.09
CA TYR A 191 2.47 4.17 -8.07
C TYR A 191 4.00 4.35 -8.09
N CYS A 192 4.72 3.45 -7.43
CA CYS A 192 6.17 3.55 -7.37
C CYS A 192 6.89 3.28 -8.71
N LEU A 193 6.27 2.45 -9.55
CA LEU A 193 6.84 2.08 -10.83
C LEU A 193 7.30 3.28 -11.66
N ARG A 194 6.68 4.43 -11.39
CA ARG A 194 7.03 5.65 -12.11
C ARG A 194 8.45 6.09 -11.80
N HIS A 195 8.98 5.61 -10.68
CA HIS A 195 10.34 5.97 -10.28
C HIS A 195 11.36 4.97 -10.83
N VAL A 196 10.89 3.97 -11.55
CA VAL A 196 11.81 2.96 -12.06
C VAL A 196 11.77 2.69 -13.57
N GLU A 197 10.75 3.18 -14.26
CA GLU A 197 10.61 2.94 -15.70
C GLU A 197 11.37 3.92 -16.59
N ASN A 198 12.20 4.76 -16.02
CA ASN A 198 12.93 5.72 -16.82
C ASN A 198 14.43 5.72 -16.52
N ASP A 199 14.90 4.74 -15.77
CA ASP A 199 16.32 4.66 -15.44
C ASP A 199 17.05 3.58 -16.24
N GLY A 200 16.44 3.17 -17.35
CA GLY A 200 17.06 2.16 -18.20
C GLY A 200 16.46 0.77 -18.19
N TYR A 201 16.60 0.07 -17.07
CA TYR A 201 16.12 -1.29 -16.88
C TYR A 201 15.23 -1.84 -18.00
N LYS A 202 15.63 -2.97 -18.55
CA LYS A 202 14.88 -3.62 -19.62
C LYS A 202 13.82 -4.49 -18.97
N THR A 203 14.11 -4.93 -17.75
CA THR A 203 13.17 -5.76 -17.00
C THR A 203 13.05 -5.29 -15.56
N ILE A 204 11.82 -5.24 -15.06
CA ILE A 204 11.58 -4.82 -13.70
C ILE A 204 10.81 -5.89 -12.97
N TYR A 205 11.51 -6.61 -12.10
CA TYR A 205 10.92 -7.69 -11.34
C TYR A 205 10.27 -7.16 -10.07
N PHE A 206 9.13 -7.77 -9.70
CA PHE A 206 8.43 -7.41 -8.47
C PHE A 206 8.22 -8.70 -7.72
N PHE A 207 8.79 -8.78 -6.53
CA PHE A 207 8.66 -9.98 -5.70
C PHE A 207 7.67 -9.70 -4.58
N GLY A 208 6.66 -10.57 -4.47
CA GLY A 208 5.65 -10.41 -3.45
C GLY A 208 4.56 -11.45 -3.61
N ASP A 209 3.31 -11.01 -3.52
CA ASP A 209 2.16 -11.90 -3.66
C ASP A 209 1.17 -11.30 -4.66
N LYS A 210 0.66 -12.11 -5.57
CA LYS A 210 -0.28 -11.64 -6.56
C LYS A 210 -1.67 -11.45 -5.96
N THR A 211 -1.80 -11.76 -4.67
CA THR A 211 -3.06 -11.64 -3.96
C THR A 211 -2.93 -10.75 -2.74
N MSE A 212 -4.02 -10.09 -2.36
CA MSE A 212 -4.05 -9.20 -1.21
C MSE A 212 -4.55 -9.92 0.05
O MSE A 212 -5.52 -9.49 0.68
CB MSE A 212 -4.94 -7.99 -1.50
CG MSE A 212 -4.51 -7.16 -2.69
SE MSE A 212 -5.77 -5.77 -3.14
CE MSE A 212 -5.16 -4.40 -1.91
N ASN A 216 -6.84 -10.28 -1.73
CA ASN A 216 -7.57 -10.34 -3.00
C ASN A 216 -6.63 -10.43 -4.20
N ASP A 217 -5.85 -9.38 -4.43
CA ASP A 217 -4.93 -9.34 -5.56
C ASP A 217 -4.24 -7.98 -5.69
N HIS A 218 -2.90 -7.97 -5.65
CA HIS A 218 -2.16 -6.73 -5.78
C HIS A 218 -1.92 -6.41 -7.25
N GLU A 219 -2.34 -5.23 -7.66
CA GLU A 219 -2.23 -4.80 -9.05
C GLU A 219 -0.82 -4.59 -9.56
N ILE A 220 0.09 -4.16 -8.69
CA ILE A 220 1.45 -3.95 -9.15
C ILE A 220 1.99 -5.29 -9.58
N PHE A 221 1.54 -6.35 -8.92
CA PHE A 221 2.00 -7.69 -9.26
C PHE A 221 1.60 -8.04 -10.69
N THR A 222 0.31 -7.92 -10.98
CA THR A 222 -0.20 -8.25 -12.31
C THR A 222 0.05 -7.17 -13.35
N ASP A 223 0.25 -5.93 -12.89
CA ASP A 223 0.51 -4.80 -13.77
C ASP A 223 1.46 -5.19 -14.91
N PRO A 224 1.09 -4.87 -16.15
CA PRO A 224 1.86 -5.18 -17.36
C PRO A 224 3.09 -4.33 -17.62
N ARG A 225 3.54 -3.59 -16.62
CA ARG A 225 4.72 -2.75 -16.75
C ARG A 225 5.84 -3.42 -15.98
N THR A 226 5.47 -4.48 -15.28
CA THR A 226 6.39 -5.22 -14.45
C THR A 226 6.32 -6.72 -14.65
N MSE A 227 7.30 -7.41 -14.06
CA MSE A 227 7.38 -8.85 -14.06
C MSE A 227 7.21 -9.23 -12.59
O MSE A 227 8.14 -9.11 -11.79
CB MSE A 227 8.75 -9.29 -14.58
CG MSE A 227 8.91 -9.18 -16.09
SE MSE A 227 7.71 -10.37 -17.04
CE MSE A 227 6.41 -9.05 -17.60
N GLY A 228 6.01 -9.68 -12.24
CA GLY A 228 5.73 -10.06 -10.85
C GLY A 228 5.82 -11.52 -10.52
N TYR A 229 6.59 -11.83 -9.47
CA TYR A 229 6.77 -13.19 -8.99
C TYR A 229 6.19 -13.33 -7.59
N SER A 230 5.61 -14.48 -7.26
CA SER A 230 5.02 -14.65 -5.93
C SER A 230 5.95 -15.41 -4.98
N VAL A 231 6.06 -14.90 -3.75
CA VAL A 231 6.91 -15.53 -2.75
C VAL A 231 6.08 -15.85 -1.51
N THR A 232 6.47 -16.91 -0.78
CA THR A 232 5.74 -17.32 0.41
C THR A 232 6.46 -17.01 1.72
N ALA A 233 7.67 -16.48 1.63
CA ALA A 233 8.50 -16.14 2.79
C ALA A 233 9.93 -15.80 2.32
N PRO A 234 10.78 -15.29 3.22
CA PRO A 234 12.16 -14.95 2.82
C PRO A 234 12.91 -16.14 2.24
N GLU A 235 12.61 -17.33 2.74
CA GLU A 235 13.26 -18.54 2.25
C GLU A 235 13.05 -18.64 0.74
N ASP A 236 11.87 -18.22 0.29
CA ASP A 236 11.51 -18.25 -1.13
C ASP A 236 12.04 -17.04 -1.89
N THR A 237 11.86 -15.86 -1.34
CA THR A 237 12.35 -14.66 -2.01
C THR A 237 13.80 -14.89 -2.46
N ARG A 238 14.60 -15.49 -1.58
CA ARG A 238 15.99 -15.76 -1.90
C ARG A 238 16.11 -16.90 -2.88
N ARG A 239 15.35 -17.96 -2.67
CA ARG A 239 15.35 -19.13 -3.54
C ARG A 239 15.11 -18.74 -4.99
N ILE A 240 14.08 -17.94 -5.23
CA ILE A 240 13.75 -17.50 -6.58
C ILE A 240 14.78 -16.50 -7.08
N CYS A 241 15.23 -15.61 -6.21
CA CYS A 241 16.23 -14.64 -6.62
C CYS A 241 17.51 -15.35 -7.03
N GLU A 242 17.82 -16.45 -6.36
CA GLU A 242 18.99 -17.25 -6.68
C GLU A 242 18.77 -17.86 -8.06
N LEU A 243 17.60 -18.45 -8.22
CA LEU A 243 17.18 -19.08 -9.45
C LEU A 243 17.41 -18.20 -10.67
N LEU A 244 16.93 -16.96 -10.60
CA LEU A 244 17.07 -16.02 -11.70
C LEU A 244 18.52 -15.87 -12.18
N PHE A 245 19.47 -16.30 -11.35
CA PHE A 245 20.88 -16.19 -11.71
C PHE A 245 21.59 -17.50 -11.40
N SER A 246 21.64 -18.36 -12.42
CA SER A 246 22.27 -19.66 -12.31
C SER A 246 21.49 -20.54 -11.34
C1 EDO B . -28.27 7.02 3.14
O1 EDO B . -28.56 8.41 2.97
C2 EDO B . -27.80 6.77 4.58
O2 EDO B . -28.67 5.82 5.21
N GLY C . 10.52 -3.53 -19.47
CA GLY C . 10.65 -2.70 -18.28
C GLY C . 9.69 -1.52 -18.27
O GLY C . 8.48 -1.70 -18.11
N GLY D . 3.39 -7.82 -14.13
CA GLY D . 3.73 -9.21 -13.88
C GLY D . 3.63 -10.07 -15.12
O GLY D . 2.90 -9.71 -16.05
N GLY E . -26.81 11.26 1.53
CA GLY E . -25.71 11.55 2.44
C GLY E . -25.03 12.88 2.16
O GLY E . -25.54 13.95 2.52
N PRO A 4 15.15 -9.81 -18.36
CA PRO A 4 16.59 -9.86 -18.03
C PRO A 4 17.28 -8.54 -18.36
N GLY A 5 18.57 -8.62 -18.66
CA GLY A 5 19.35 -7.44 -19.00
C GLY A 5 19.32 -6.34 -17.95
N PRO A 6 20.06 -5.24 -18.17
CA PRO A 6 20.13 -4.09 -17.26
C PRO A 6 18.77 -3.85 -16.62
N ALA A 7 18.59 -4.29 -15.37
CA ALA A 7 17.28 -4.15 -14.74
C ALA A 7 17.25 -3.87 -13.22
N LEU A 8 16.03 -3.78 -12.71
CA LEU A 8 15.77 -3.51 -11.29
C LEU A 8 15.00 -4.66 -10.66
N CYS A 9 15.22 -4.85 -9.36
CA CYS A 9 14.55 -5.90 -8.62
C CYS A 9 13.78 -5.20 -7.50
N LEU A 10 12.47 -5.39 -7.46
CA LEU A 10 11.65 -4.74 -6.41
C LEU A 10 10.96 -5.73 -5.52
N PHE A 11 10.93 -5.44 -4.23
CA PHE A 11 10.31 -6.35 -3.27
C PHE A 11 9.33 -5.64 -2.35
N ASP A 12 8.23 -6.31 -2.01
CA ASP A 12 7.28 -5.74 -1.05
C ASP A 12 8.01 -5.93 0.28
N VAL A 13 7.85 -5.02 1.23
CA VAL A 13 8.57 -5.19 2.49
C VAL A 13 8.12 -6.28 3.46
N ASP A 14 7.08 -6.03 4.26
CA ASP A 14 6.63 -7.04 5.22
C ASP A 14 6.08 -8.26 4.47
N GLY A 15 6.62 -9.43 4.78
CA GLY A 15 6.17 -10.65 4.13
C GLY A 15 7.21 -11.23 3.18
N THR A 16 7.66 -10.41 2.24
CA THR A 16 8.65 -10.82 1.26
C THR A 16 10.08 -10.71 1.75
N LEU A 17 10.37 -9.61 2.46
CA LEU A 17 11.71 -9.39 2.99
C LEU A 17 11.86 -9.65 4.48
N THR A 18 10.76 -9.95 5.14
CA THR A 18 10.79 -10.23 6.57
C THR A 18 9.74 -11.25 6.98
N ALA A 19 10.08 -12.03 7.99
CA ALA A 19 9.16 -12.99 8.55
C ALA A 19 8.15 -12.08 9.25
N PRO A 20 6.89 -12.51 9.37
CA PRO A 20 5.88 -11.67 10.02
C PRO A 20 6.40 -11.02 11.29
N ARG A 21 6.14 -9.72 11.39
CA ARG A 21 6.54 -8.89 12.52
C ARG A 21 7.97 -9.07 13.01
N GLN A 22 8.87 -9.49 12.13
CA GLN A 22 10.26 -9.65 12.51
C GLN A 22 11.16 -8.82 11.58
N LYS A 23 12.32 -8.42 12.08
CA LYS A 23 13.26 -7.63 11.29
C LYS A 23 14.01 -8.58 10.38
N ILE A 24 14.54 -8.08 9.26
CA ILE A 24 15.28 -8.96 8.36
C ILE A 24 16.47 -9.52 9.12
N THR A 25 16.71 -10.81 8.95
CA THR A 25 17.82 -11.48 9.61
C THR A 25 19.14 -11.19 8.88
N LYS A 26 20.26 -11.38 9.57
CA LYS A 26 21.57 -11.13 8.98
C LYS A 26 21.63 -11.98 7.72
N GLU A 27 21.01 -13.14 7.80
CA GLU A 27 20.94 -14.10 6.72
C GLU A 27 20.43 -13.48 5.40
N MSE A 28 19.22 -12.92 5.42
CA MSE A 28 18.68 -12.31 4.21
C MSE A 28 19.40 -11.04 3.80
O MSE A 28 19.21 -10.53 2.69
CB MSE A 28 17.18 -12.03 4.33
CG MSE A 28 16.52 -11.81 2.98
SE MSE A 28 17.09 -13.12 1.70
CE MSE A 28 15.48 -13.15 0.59
N ASP A 29 20.24 -10.52 4.68
CA ASP A 29 20.99 -9.32 4.35
C ASP A 29 22.22 -9.67 3.53
N ASP A 30 23.19 -10.39 4.12
CA ASP A 30 24.37 -10.76 3.33
C ASP A 30 23.81 -11.37 2.03
N PHE A 31 22.64 -11.99 2.13
CA PHE A 31 22.02 -12.60 0.97
C PHE A 31 21.73 -11.50 -0.04
N LEU A 32 20.94 -10.53 0.37
CA LEU A 32 20.60 -9.44 -0.53
C LEU A 32 21.83 -8.71 -1.03
N GLN A 33 22.55 -8.02 -0.14
CA GLN A 33 23.73 -7.27 -0.57
C GLN A 33 24.56 -8.10 -1.54
N LYS A 34 24.55 -9.40 -1.37
CA LYS A 34 25.28 -10.26 -2.26
C LYS A 34 24.58 -10.24 -3.64
N LEU A 35 23.30 -10.62 -3.68
CA LEU A 35 22.53 -10.64 -4.93
C LEU A 35 22.65 -9.34 -5.72
N ARG A 36 22.60 -8.23 -4.99
CA ARG A 36 22.67 -6.91 -5.60
C ARG A 36 23.91 -6.78 -6.49
N GLN A 37 24.99 -7.46 -6.12
CA GLN A 37 26.21 -7.41 -6.90
C GLN A 37 25.88 -7.45 -8.39
N LYS A 38 24.85 -8.22 -8.74
CA LYS A 38 24.47 -8.37 -10.13
C LYS A 38 23.46 -7.34 -10.65
N ILE A 39 22.59 -6.85 -9.79
CA ILE A 39 21.58 -5.88 -10.21
C ILE A 39 21.07 -5.03 -9.04
N LYS A 40 20.61 -3.81 -9.34
CA LYS A 40 20.10 -2.90 -8.32
C LYS A 40 18.87 -3.52 -7.62
N ILE A 41 18.58 -3.06 -6.41
CA ILE A 41 17.44 -3.59 -5.67
C ILE A 41 16.66 -2.56 -4.91
N GLY A 42 15.34 -2.58 -5.11
CA GLY A 42 14.47 -1.64 -4.41
C GLY A 42 13.45 -2.38 -3.57
N VAL A 43 12.79 -1.65 -2.67
CA VAL A 43 11.75 -2.22 -1.82
C VAL A 43 10.54 -1.29 -1.83
N VAL A 44 9.36 -1.88 -1.76
CA VAL A 44 8.12 -1.13 -1.70
C VAL A 44 7.22 -1.82 -0.66
N GLY A 45 6.35 -1.03 -0.06
CA GLY A 45 5.43 -1.55 0.95
C GLY A 45 4.48 -0.45 1.31
N GLY A 46 3.33 -0.80 1.88
CA GLY A 46 2.34 0.19 2.25
C GLY A 46 2.67 0.97 3.52
N SER A 47 3.59 0.46 4.31
CA SER A 47 3.98 1.09 5.58
C SER A 47 4.56 2.48 5.37
N ASP A 48 4.39 3.35 6.37
CA ASP A 48 4.92 4.71 6.28
C ASP A 48 6.43 4.63 6.57
N PHE A 49 7.11 5.77 6.46
CA PHE A 49 8.55 5.84 6.68
C PHE A 49 9.01 5.34 8.04
N GLU A 50 8.38 5.85 9.11
CA GLU A 50 8.76 5.43 10.45
C GLU A 50 8.67 3.91 10.46
N LYS A 51 7.65 3.38 9.80
CA LYS A 51 7.42 1.96 9.78
C LYS A 51 8.46 1.18 8.98
N VAL A 52 8.75 1.65 7.77
CA VAL A 52 9.73 0.95 6.94
C VAL A 52 11.08 0.85 7.63
N GLN A 53 11.47 1.91 8.35
CA GLN A 53 12.72 1.90 9.06
C GLN A 53 12.70 0.82 10.12
N GLU A 54 11.67 0.83 10.95
CA GLU A 54 11.54 -0.19 11.99
C GLU A 54 11.79 -1.56 11.40
N GLN A 55 11.19 -1.81 10.24
CA GLN A 55 11.32 -3.09 9.59
C GLN A 55 12.63 -3.30 8.86
N LEU A 56 13.06 -2.29 8.12
CA LEU A 56 14.29 -2.41 7.34
C LEU A 56 15.50 -1.70 7.92
N GLY A 57 15.35 -1.18 9.14
CA GLY A 57 16.46 -0.46 9.77
C GLY A 57 16.39 1.02 9.49
N ASN A 58 16.71 1.82 10.51
CA ASN A 58 16.67 3.27 10.39
C ASN A 58 17.50 3.75 9.20
N ASP A 59 18.46 2.95 8.78
CA ASP A 59 19.31 3.30 7.65
C ASP A 59 18.63 3.06 6.29
N VAL A 60 17.51 2.35 6.33
CA VAL A 60 16.75 2.01 5.13
C VAL A 60 17.20 2.67 3.82
N VAL A 61 17.01 3.99 3.70
CA VAL A 61 17.34 4.73 2.49
C VAL A 61 18.76 4.68 1.93
N GLU A 62 19.68 3.99 2.61
CA GLU A 62 21.03 3.91 2.07
C GLU A 62 21.33 2.47 1.66
N LYS A 63 20.42 1.58 2.01
CA LYS A 63 20.53 0.16 1.68
C LYS A 63 19.89 -0.13 0.32
N TYR A 64 18.93 0.69 -0.08
CA TYR A 64 18.24 0.49 -1.36
C TYR A 64 18.35 1.69 -2.30
N ASP A 65 18.46 1.40 -3.59
CA ASP A 65 18.56 2.42 -4.60
C ASP A 65 17.22 3.14 -4.68
N TYR A 66 16.16 2.47 -4.24
CA TYR A 66 14.83 3.05 -4.22
C TYR A 66 14.13 2.52 -2.98
N VAL A 67 13.37 3.39 -2.33
CA VAL A 67 12.62 3.05 -1.13
C VAL A 67 11.33 3.83 -1.31
N PHE A 68 10.20 3.13 -1.39
CA PHE A 68 8.94 3.78 -1.62
C PHE A 68 7.89 3.55 -0.55
N PRO A 69 7.96 4.35 0.52
CA PRO A 69 7.00 4.23 1.63
C PRO A 69 5.66 4.70 1.09
N GLU A 70 4.59 4.33 1.78
CA GLU A 70 3.24 4.72 1.37
C GLU A 70 3.03 4.55 -0.12
N ASN A 71 3.41 3.38 -0.63
CA ASN A 71 3.22 3.04 -2.03
C ASN A 71 4.06 3.82 -3.03
N GLY A 72 4.83 4.79 -2.54
CA GLY A 72 5.67 5.57 -3.41
C GLY A 72 5.35 7.05 -3.44
N LEU A 73 4.28 7.46 -2.74
CA LEU A 73 3.91 8.88 -2.69
C LEU A 73 5.11 9.60 -2.08
N VAL A 74 5.90 8.83 -1.33
CA VAL A 74 7.11 9.30 -0.73
C VAL A 74 8.12 8.37 -1.39
N ALA A 75 9.27 8.89 -1.79
CA ALA A 75 10.25 8.06 -2.46
C ALA A 75 11.68 8.53 -2.23
N TYR A 76 12.58 7.57 -2.22
CA TYR A 76 14.00 7.84 -2.08
C TYR A 76 14.67 7.12 -3.23
N LYS A 77 15.69 7.75 -3.79
CA LYS A 77 16.46 7.20 -4.90
C LYS A 77 17.91 7.47 -4.58
N ASP A 78 18.74 6.43 -4.66
CA ASP A 78 20.15 6.59 -4.37
C ASP A 78 20.33 7.41 -3.09
N GLY A 79 19.64 6.99 -2.04
CA GLY A 79 19.73 7.69 -0.75
C GLY A 79 19.11 9.07 -0.73
N LYS A 80 18.54 9.51 -1.84
CA LYS A 80 17.94 10.84 -1.89
C LYS A 80 16.41 10.82 -1.79
N LEU A 81 15.90 11.66 -0.91
CA LEU A 81 14.47 11.80 -0.69
C LEU A 81 13.88 12.68 -1.78
N LEU A 82 12.78 12.22 -2.35
CA LEU A 82 12.10 12.95 -3.42
C LEU A 82 10.88 13.72 -2.94
N CYS A 83 10.16 14.31 -3.88
CA CYS A 83 8.99 15.11 -3.56
C CYS A 83 7.83 14.33 -2.96
N ARG A 84 7.47 14.68 -1.74
CA ARG A 84 6.39 14.01 -1.05
C ARG A 84 5.09 14.29 -1.76
N GLN A 85 4.41 13.21 -2.12
CA GLN A 85 3.14 13.28 -2.81
C GLN A 85 2.04 12.87 -1.83
N ASN A 86 1.00 13.71 -1.71
CA ASN A 86 -0.09 13.36 -0.84
C ASN A 86 -1.40 13.56 -1.59
N ILE A 87 -2.48 13.00 -1.04
CA ILE A 87 -3.80 13.05 -1.67
C ILE A 87 -4.38 14.45 -1.84
N GLN A 88 -4.03 15.37 -0.95
CA GLN A 88 -4.56 16.73 -1.06
C GLN A 88 -3.91 17.52 -2.20
N SER A 89 -2.63 17.28 -2.44
CA SER A 89 -1.95 18.00 -3.52
C SER A 89 -2.41 17.47 -4.86
N HIS A 90 -2.46 16.15 -5.00
CA HIS A 90 -2.88 15.55 -6.25
C HIS A 90 -4.34 15.85 -6.57
N LEU A 91 -5.23 15.59 -5.61
CA LEU A 91 -6.66 15.81 -5.82
C LEU A 91 -7.10 17.25 -5.63
N GLY A 92 -6.37 17.99 -4.79
CA GLY A 92 -6.75 19.37 -4.55
C GLY A 92 -7.68 19.47 -3.35
N GLU A 93 -7.47 20.50 -2.54
CA GLU A 93 -8.25 20.75 -1.32
C GLU A 93 -9.78 20.79 -1.47
N ALA A 94 -10.28 21.39 -2.53
CA ALA A 94 -11.73 21.47 -2.73
C ALA A 94 -12.35 20.07 -2.83
N LEU A 95 -11.82 19.25 -3.74
CA LEU A 95 -12.34 17.89 -3.91
C LEU A 95 -12.19 17.13 -2.58
N ILE A 96 -11.00 17.22 -2.01
CA ILE A 96 -10.70 16.59 -0.73
C ILE A 96 -11.84 16.91 0.24
N GLN A 97 -12.18 18.19 0.34
CA GLN A 97 -13.24 18.61 1.23
C GLN A 97 -14.62 18.08 0.89
N ASP A 98 -15.03 18.20 -0.36
CA ASP A 98 -16.34 17.70 -0.77
C ASP A 98 -16.51 16.22 -0.43
N LEU A 99 -15.45 15.44 -0.61
CA LEU A 99 -15.47 14.01 -0.30
C LEU A 99 -15.68 13.84 1.20
N ILE A 100 -14.94 14.63 1.98
CA ILE A 100 -15.05 14.59 3.42
C ILE A 100 -16.45 15.05 3.79
N ASN A 101 -16.85 16.18 3.22
CA ASN A 101 -18.17 16.77 3.44
C ASN A 101 -19.24 15.69 3.30
N TYR A 102 -19.15 14.91 2.22
CA TYR A 102 -20.10 13.83 1.94
C TYR A 102 -20.02 12.69 2.95
N CYS A 103 -18.84 12.08 3.10
CA CYS A 103 -18.72 10.98 4.04
C CYS A 103 -19.23 11.35 5.42
N LEU A 104 -18.94 12.58 5.86
CA LEU A 104 -19.38 13.06 7.16
C LEU A 104 -20.90 12.98 7.33
N SER A 105 -21.63 13.54 6.38
CA SER A 105 -23.10 13.53 6.42
C SER A 105 -23.67 12.12 6.36
N TYR A 106 -23.18 11.31 5.42
CA TYR A 106 -23.67 9.94 5.25
C TYR A 106 -23.67 9.21 6.58
N ILE A 107 -22.51 9.18 7.23
CA ILE A 107 -22.35 8.50 8.50
C ILE A 107 -23.37 8.89 9.58
N ALA A 108 -23.70 10.18 9.63
CA ALA A 108 -24.65 10.67 10.61
C ALA A 108 -26.02 10.03 10.41
N LYS A 109 -26.26 9.51 9.21
CA LYS A 109 -27.55 8.87 8.89
C LYS A 109 -27.60 7.37 9.15
N ILE A 110 -26.46 6.68 9.06
CA ILE A 110 -26.42 5.24 9.29
C ILE A 110 -26.83 4.89 10.72
N LYS A 111 -27.85 4.05 10.86
CA LYS A 111 -28.30 3.65 12.19
C LYS A 111 -27.62 2.41 12.73
N LEU A 112 -26.85 2.59 13.79
CA LEU A 112 -26.11 1.51 14.41
C LEU A 112 -26.45 1.42 15.89
N PRO A 113 -26.05 0.31 16.54
CA PRO A 113 -26.36 0.23 17.98
C PRO A 113 -25.44 1.22 18.68
N LYS A 114 -24.25 1.40 18.11
CA LYS A 114 -23.28 2.34 18.67
C LYS A 114 -22.45 3.08 17.62
N LYS A 115 -21.91 4.22 18.04
CA LYS A 115 -21.06 5.07 17.21
C LYS A 115 -20.00 5.58 18.15
N ARG A 116 -18.77 5.66 17.68
CA ARG A 116 -17.67 6.11 18.50
C ARG A 116 -16.97 7.31 17.88
N GLY A 117 -15.87 7.09 17.18
CA GLY A 117 -15.18 8.21 16.58
C GLY A 117 -14.28 7.86 15.42
N THR A 118 -13.49 8.84 15.00
CA THR A 118 -12.56 8.65 13.90
C THR A 118 -13.27 7.94 12.74
N PHE A 119 -14.29 8.60 12.23
CA PHE A 119 -15.09 8.13 11.12
C PHE A 119 -14.31 8.34 9.83
N ILE A 120 -13.29 9.19 9.92
CA ILE A 120 -12.44 9.46 8.78
C ILE A 120 -11.00 9.62 9.26
N GLU A 121 -10.12 8.77 8.74
CA GLU A 121 -8.71 8.84 9.09
C GLU A 121 -8.01 9.26 7.80
N PHE A 122 -7.37 10.42 7.85
CA PHE A 122 -6.67 11.00 6.72
C PHE A 122 -5.25 10.45 6.56
N ARG A 123 -4.96 9.86 5.41
CA ARG A 123 -3.63 9.34 5.12
C ARG A 123 -3.12 10.11 3.91
N ASN A 124 -1.80 10.10 3.72
CA ASN A 124 -1.24 10.81 2.57
C ASN A 124 -1.76 10.22 1.27
N GLY A 125 -2.05 8.92 1.27
CA GLY A 125 -2.53 8.28 0.05
C GLY A 125 -4.01 7.92 -0.03
N MSE A 126 -4.78 8.20 1.01
CA MSE A 126 -6.20 7.84 0.98
C MSE A 126 -6.97 8.34 2.19
O MSE A 126 -6.38 8.62 3.24
CB MSE A 126 -6.35 6.32 0.98
CG MSE A 126 -6.20 5.72 2.40
SE MSE A 126 -5.51 3.91 2.42
CE MSE A 126 -3.70 4.26 1.82
N LEU A 127 -8.28 8.42 2.03
CA LEU A 127 -9.15 8.76 3.14
C LEU A 127 -9.64 7.39 3.61
N ASN A 128 -9.82 7.22 4.91
CA ASN A 128 -10.34 5.96 5.44
C ASN A 128 -11.68 6.39 5.98
N VAL A 129 -12.72 5.63 5.67
CA VAL A 129 -14.06 5.97 6.12
C VAL A 129 -14.70 4.81 6.87
N SER A 130 -15.17 5.09 8.08
CA SER A 130 -15.82 4.07 8.89
C SER A 130 -17.16 4.59 9.42
N PRO A 131 -18.28 4.16 8.81
CA PRO A 131 -19.61 4.59 9.23
C PRO A 131 -19.79 4.55 10.74
N ILE A 132 -19.11 3.62 11.38
CA ILE A 132 -19.16 3.48 12.84
C ILE A 132 -18.03 4.26 13.47
N GLY A 133 -16.95 4.43 12.70
CA GLY A 133 -15.77 5.12 13.19
C GLY A 133 -14.75 4.03 13.44
N ARG A 134 -13.46 4.32 13.29
CA ARG A 134 -12.41 3.32 13.50
C ARG A 134 -12.14 3.01 14.96
N SER A 135 -12.40 3.98 15.82
CA SER A 135 -12.16 3.81 17.25
C SER A 135 -12.54 2.44 17.81
N CYS A 136 -13.35 1.68 17.07
CA CYS A 136 -13.78 0.34 17.52
C CYS A 136 -12.74 -0.39 18.38
N SER A 137 -13.21 -1.12 19.38
CA SER A 137 -12.32 -1.90 20.25
C SER A 137 -12.62 -3.38 19.97
N GLN A 138 -11.57 -4.17 19.68
CA GLN A 138 -11.70 -5.59 19.37
C GLN A 138 -13.14 -6.08 19.38
N GLU A 139 -13.76 -5.99 20.57
CA GLU A 139 -15.14 -6.40 20.77
C GLU A 139 -16.09 -5.63 19.84
N GLU A 140 -16.11 -4.32 20.03
CA GLU A 140 -16.94 -3.42 19.24
C GLU A 140 -16.82 -3.67 17.75
N ARG A 141 -15.60 -3.94 17.29
CA ARG A 141 -15.35 -4.20 15.88
C ARG A 141 -16.16 -5.43 15.41
N ILE A 142 -16.22 -6.47 16.24
CA ILE A 142 -16.95 -7.68 15.88
C ILE A 142 -18.45 -7.47 15.85
N GLU A 143 -18.98 -6.84 16.89
CA GLU A 143 -20.40 -6.55 16.94
C GLU A 143 -20.73 -5.88 15.62
N PHE A 144 -20.08 -4.74 15.36
CA PHE A 144 -20.34 -4.03 14.13
C PHE A 144 -20.17 -4.88 12.90
N TYR A 145 -19.07 -5.63 12.82
CA TYR A 145 -18.83 -6.44 11.65
C TYR A 145 -19.92 -7.48 11.44
N GLU A 146 -20.49 -7.96 12.53
CA GLU A 146 -21.51 -8.98 12.42
C GLU A 146 -22.68 -8.40 11.63
N LEU A 147 -22.94 -7.11 11.84
CA LEU A 147 -24.00 -6.44 11.12
C LEU A 147 -23.51 -6.23 9.68
N ASP A 148 -22.32 -5.64 9.54
CA ASP A 148 -21.79 -5.40 8.21
C ASP A 148 -21.98 -6.63 7.31
N LYS A 149 -21.82 -7.82 7.87
CA LYS A 149 -22.01 -9.04 7.08
C LYS A 149 -23.47 -9.19 6.68
N LYS A 150 -24.37 -8.98 7.64
CA LYS A 150 -25.79 -9.10 7.39
C LYS A 150 -26.33 -7.93 6.56
N GLU A 151 -25.90 -6.73 6.93
CA GLU A 151 -26.35 -5.51 6.27
C GLU A 151 -25.52 -5.00 5.09
N ASN A 152 -24.22 -5.30 5.08
CA ASN A 152 -23.34 -4.84 3.99
C ASN A 152 -23.34 -3.32 3.85
N ILE A 153 -23.38 -2.63 4.98
CA ILE A 153 -23.39 -1.18 5.02
C ILE A 153 -22.24 -0.54 4.25
N ARG A 154 -21.06 -1.14 4.38
CA ARG A 154 -19.87 -0.63 3.71
C ARG A 154 -19.95 -0.70 2.19
N GLN A 155 -20.57 -1.74 1.64
CA GLN A 155 -20.67 -1.86 0.18
C GLN A 155 -21.57 -0.80 -0.43
N LYS A 156 -22.73 -0.57 0.18
CA LYS A 156 -23.68 0.42 -0.32
C LYS A 156 -23.19 1.85 -0.05
N PHE A 157 -22.55 2.07 1.08
CA PHE A 157 -22.01 3.41 1.40
C PHE A 157 -21.19 3.75 0.16
N VAL A 158 -20.30 2.83 -0.20
CA VAL A 158 -19.43 3.00 -1.36
C VAL A 158 -20.17 3.21 -2.67
N ALA A 159 -21.13 2.33 -2.95
CA ALA A 159 -21.89 2.45 -4.19
C ALA A 159 -22.39 3.89 -4.35
N ASP A 160 -22.89 4.44 -3.26
CA ASP A 160 -23.41 5.81 -3.28
C ASP A 160 -22.33 6.81 -3.66
N LEU A 161 -21.13 6.60 -3.12
CA LEU A 161 -19.99 7.47 -3.38
C LEU A 161 -19.60 7.45 -4.84
N ARG A 162 -19.72 6.26 -5.44
CA ARG A 162 -19.39 6.07 -6.85
C ARG A 162 -20.30 6.94 -7.73
N LYS A 163 -21.57 7.04 -7.35
CA LYS A 163 -22.52 7.85 -8.10
C LYS A 163 -22.29 9.33 -7.81
N GLU A 164 -22.37 9.69 -6.54
CA GLU A 164 -22.19 11.06 -6.10
C GLU A 164 -20.89 11.69 -6.63
N PHE A 165 -19.85 10.88 -6.72
CA PHE A 165 -18.55 11.36 -7.16
C PHE A 165 -18.04 10.75 -8.47
N ALA A 166 -18.97 10.50 -9.39
CA ALA A 166 -18.58 9.94 -10.67
C ALA A 166 -17.72 10.98 -11.40
N GLY A 167 -16.87 10.52 -12.31
CA GLY A 167 -16.01 11.44 -13.04
C GLY A 167 -14.94 12.11 -12.19
N LYS A 168 -15.01 11.90 -10.88
CA LYS A 168 -14.04 12.48 -9.96
C LYS A 168 -12.73 11.75 -9.83
N GLY A 169 -12.55 10.69 -10.61
CA GLY A 169 -11.30 9.93 -10.58
C GLY A 169 -10.92 9.34 -9.23
N LEU A 170 -11.73 8.42 -8.74
CA LEU A 170 -11.44 7.81 -7.47
C LEU A 170 -11.69 6.31 -7.47
N THR A 171 -10.89 5.59 -6.71
CA THR A 171 -11.04 4.16 -6.58
C THR A 171 -11.44 3.94 -5.13
N PHE A 172 -12.32 2.98 -4.89
CA PHE A 172 -12.78 2.67 -3.55
C PHE A 172 -12.32 1.28 -3.15
N SER A 173 -12.36 0.99 -1.85
CA SER A 173 -11.92 -0.30 -1.40
C SER A 173 -12.38 -0.67 -0.01
N ILE A 174 -13.20 -1.72 0.05
CA ILE A 174 -13.71 -2.20 1.32
C ILE A 174 -12.80 -3.33 1.79
N GLY A 175 -12.40 -3.28 3.05
CA GLY A 175 -11.54 -4.33 3.56
C GLY A 175 -11.48 -4.37 5.09
N GLY A 176 -10.87 -5.43 5.62
CA GLY A 176 -10.74 -5.56 7.06
C GLY A 176 -12.07 -5.59 7.77
N GLN A 177 -12.10 -5.20 9.04
CA GLN A 177 -13.33 -5.27 9.83
C GLN A 177 -14.37 -4.15 9.83
N ILE A 178 -13.96 -2.89 9.93
CA ILE A 178 -14.96 -1.81 10.01
C ILE A 178 -14.78 -0.51 9.22
N SER A 179 -14.26 -0.58 8.00
CA SER A 179 -14.06 0.65 7.22
C SER A 179 -13.61 0.40 5.79
N PHE A 180 -13.83 1.39 4.94
CA PHE A 180 -13.41 1.30 3.55
C PHE A 180 -12.44 2.44 3.24
N ASP A 181 -11.99 2.51 1.99
CA ASP A 181 -11.06 3.56 1.57
C ASP A 181 -11.46 4.25 0.28
N VAL A 182 -11.02 5.49 0.15
CA VAL A 182 -11.28 6.33 -1.02
C VAL A 182 -9.92 6.92 -1.36
N PHE A 183 -9.45 6.69 -2.59
CA PHE A 183 -8.15 7.18 -3.01
C PHE A 183 -8.08 7.44 -4.51
N PRO A 184 -6.98 8.04 -4.99
CA PRO A 184 -6.81 8.33 -6.41
C PRO A 184 -6.44 7.09 -7.19
N ASP A 185 -6.88 7.03 -8.45
CA ASP A 185 -6.61 5.88 -9.32
C ASP A 185 -5.15 5.54 -9.45
N GLY A 186 -4.85 4.25 -9.26
CA GLY A 186 -3.50 3.76 -9.37
C GLY A 186 -2.63 3.98 -8.15
N TRP A 187 -3.19 4.53 -7.07
CA TRP A 187 -2.38 4.77 -5.89
C TRP A 187 -2.14 3.55 -4.99
N ASP A 188 -1.96 2.39 -5.62
CA ASP A 188 -1.66 1.16 -4.90
C ASP A 188 -0.15 1.03 -5.11
N LYS A 189 0.44 -0.13 -4.85
CA LYS A 189 1.89 -0.27 -5.05
C LYS A 189 2.35 0.12 -6.46
N ARG A 190 1.40 0.32 -7.37
CA ARG A 190 1.74 0.73 -8.73
C ARG A 190 2.21 2.17 -8.83
N TYR A 191 1.71 3.04 -7.94
CA TYR A 191 2.09 4.45 -7.97
C TYR A 191 3.61 4.67 -8.06
N CYS A 192 4.37 3.88 -7.30
CA CYS A 192 5.82 4.04 -7.27
C CYS A 192 6.51 3.85 -8.63
N LEU A 193 5.74 3.41 -9.62
CA LEU A 193 6.29 3.15 -10.94
C LEU A 193 6.85 4.35 -11.72
N ARG A 194 6.19 5.49 -11.64
CA ARG A 194 6.70 6.65 -12.38
C ARG A 194 8.15 6.89 -12.02
N HIS A 195 8.43 6.91 -10.72
CA HIS A 195 9.78 7.17 -10.24
C HIS A 195 10.81 6.19 -10.81
N VAL A 196 10.36 5.11 -11.44
CA VAL A 196 11.33 4.14 -11.98
C VAL A 196 11.20 3.73 -13.45
N GLU A 197 10.00 3.81 -14.00
CA GLU A 197 9.80 3.38 -15.39
C GLU A 197 10.59 4.20 -16.41
N ASN A 198 10.54 5.52 -16.26
CA ASN A 198 11.23 6.41 -17.17
C ASN A 198 12.73 6.38 -16.91
N ASP A 199 13.17 5.39 -16.15
CA ASP A 199 14.58 5.23 -15.83
C ASP A 199 15.28 4.52 -16.97
N GLY A 200 16.06 3.48 -16.67
CA GLY A 200 16.74 2.79 -17.74
C GLY A 200 16.91 1.29 -17.60
N TYR A 201 15.92 0.60 -17.01
CA TYR A 201 16.01 -0.85 -16.84
C TYR A 201 15.24 -1.55 -17.95
N LYS A 202 15.75 -2.68 -18.42
CA LYS A 202 15.09 -3.45 -19.47
C LYS A 202 13.93 -4.19 -18.86
N THR A 203 14.12 -4.64 -17.61
CA THR A 203 13.07 -5.38 -16.92
C THR A 203 12.92 -4.91 -15.47
N ILE A 204 11.78 -5.23 -14.86
CA ILE A 204 11.53 -4.85 -13.49
C ILE A 204 10.80 -5.97 -12.79
N TYR A 205 11.54 -6.76 -12.04
CA TYR A 205 10.97 -7.87 -11.31
C TYR A 205 10.28 -7.34 -10.06
N PHE A 206 9.23 -8.05 -9.63
CA PHE A 206 8.51 -7.69 -8.42
C PHE A 206 8.36 -8.95 -7.63
N PHE A 207 8.64 -8.87 -6.34
CA PHE A 207 8.51 -10.01 -5.44
C PHE A 207 7.61 -9.57 -4.31
N GLY A 208 6.50 -10.29 -4.12
CA GLY A 208 5.57 -9.95 -3.07
C GLY A 208 4.35 -10.85 -3.04
N ASP A 209 3.27 -10.34 -2.47
CA ASP A 209 2.01 -11.09 -2.39
C ASP A 209 1.39 -11.01 -3.78
N LYS A 210 1.10 -12.15 -4.38
CA LYS A 210 0.50 -12.17 -5.69
C LYS A 210 -0.98 -11.80 -5.64
N THR A 211 -1.63 -12.15 -4.54
CA THR A 211 -3.05 -11.87 -4.38
C THR A 211 -3.35 -11.22 -3.02
N MSE A 212 -4.31 -10.30 -3.02
CA MSE A 212 -4.72 -9.59 -1.82
C MSE A 212 -5.65 -10.46 -0.97
O MSE A 212 -5.98 -10.13 0.17
CB MSE A 212 -5.42 -8.29 -2.20
CG MSE A 212 -4.55 -7.30 -2.96
SE MSE A 212 -5.56 -5.85 -3.74
CE MSE A 212 -6.21 -5.05 -2.11
N ASN A 216 -7.73 -11.41 -3.91
CA ASN A 216 -8.14 -10.65 -5.08
C ASN A 216 -7.05 -10.56 -6.16
N ASP A 217 -6.29 -9.46 -6.17
CA ASP A 217 -5.25 -9.28 -7.18
C ASP A 217 -4.34 -8.08 -6.91
N HIS A 218 -3.05 -8.33 -6.68
CA HIS A 218 -2.10 -7.24 -6.46
C HIS A 218 -1.73 -6.67 -7.81
N GLU A 219 -2.17 -5.45 -8.06
CA GLU A 219 -1.95 -4.77 -9.33
C GLU A 219 -0.52 -4.66 -9.80
N ILE A 220 0.42 -4.42 -8.89
CA ILE A 220 1.81 -4.29 -9.32
C ILE A 220 2.29 -5.64 -9.78
N PHE A 221 1.76 -6.69 -9.16
CA PHE A 221 2.15 -8.05 -9.52
C PHE A 221 1.72 -8.36 -10.95
N THR A 222 0.54 -7.87 -11.32
CA THR A 222 0.00 -8.15 -12.67
C THR A 222 0.24 -7.03 -13.67
N ASP A 223 0.61 -5.86 -13.17
CA ASP A 223 0.87 -4.71 -14.00
C ASP A 223 1.78 -5.09 -15.18
N PRO A 224 1.62 -4.41 -16.32
CA PRO A 224 2.41 -4.68 -17.53
C PRO A 224 3.92 -4.45 -17.50
N ARG A 225 4.38 -3.44 -16.77
CA ARG A 225 5.83 -3.16 -16.73
C ARG A 225 6.62 -4.13 -15.87
N THR A 226 5.92 -4.91 -15.05
CA THR A 226 6.62 -5.82 -14.15
C THR A 226 6.59 -7.30 -14.50
N MSE A 227 7.55 -8.03 -13.95
CA MSE A 227 7.65 -9.48 -14.07
C MSE A 227 7.61 -9.87 -12.60
O MSE A 227 8.63 -10.15 -11.97
CB MSE A 227 9.00 -9.90 -14.66
CG MSE A 227 8.88 -10.60 -16.02
SE MSE A 227 7.73 -12.12 -16.00
CE MSE A 227 6.02 -11.23 -16.15
N GLY A 228 6.39 -9.83 -12.05
CA GLY A 228 6.21 -10.15 -10.65
C GLY A 228 6.08 -11.63 -10.37
N TYR A 229 6.85 -12.08 -9.37
CA TYR A 229 6.86 -13.47 -8.94
C TYR A 229 6.18 -13.54 -7.57
N SER A 230 5.58 -14.68 -7.25
CA SER A 230 4.88 -14.82 -5.97
C SER A 230 5.75 -15.31 -4.81
N VAL A 231 5.73 -14.56 -3.70
CA VAL A 231 6.49 -14.91 -2.50
C VAL A 231 5.90 -14.34 -1.22
N THR A 232 5.67 -15.21 -0.24
CA THR A 232 5.07 -14.81 1.03
C THR A 232 6.01 -14.93 2.23
N ALA A 233 7.26 -15.28 1.96
CA ALA A 233 8.27 -15.42 3.00
C ALA A 233 9.63 -15.08 2.41
N PRO A 234 10.51 -14.46 3.22
CA PRO A 234 11.84 -14.08 2.75
C PRO A 234 12.67 -15.23 2.22
N GLU A 235 12.48 -16.43 2.75
CA GLU A 235 13.23 -17.61 2.32
C GLU A 235 12.74 -18.07 0.96
N ASP A 236 11.45 -17.84 0.70
CA ASP A 236 10.87 -18.20 -0.58
C ASP A 236 11.69 -17.42 -1.60
N THR A 237 11.79 -16.13 -1.33
CA THR A 237 12.54 -15.21 -2.20
C THR A 237 13.94 -15.72 -2.49
N ARG A 238 14.58 -16.32 -1.48
CA ARG A 238 15.94 -16.84 -1.66
C ARG A 238 15.91 -17.97 -2.65
N ARG A 239 15.00 -18.91 -2.42
CA ARG A 239 14.86 -20.06 -3.30
C ARG A 239 14.76 -19.58 -4.75
N ILE A 240 13.86 -18.64 -5.01
CA ILE A 240 13.69 -18.13 -6.38
C ILE A 240 14.86 -17.28 -6.86
N CYS A 241 15.33 -16.37 -6.01
CA CYS A 241 16.45 -15.51 -6.41
C CYS A 241 17.65 -16.31 -6.86
N GLU A 242 17.82 -17.50 -6.30
CA GLU A 242 18.94 -18.36 -6.66
C GLU A 242 18.84 -18.70 -8.16
N LEU A 243 17.60 -18.83 -8.64
CA LEU A 243 17.33 -19.15 -10.03
C LEU A 243 17.68 -18.00 -10.97
N LEU A 244 16.73 -17.09 -11.10
CA LEU A 244 16.85 -15.91 -11.93
C LEU A 244 18.26 -15.31 -12.00
N PHE A 245 19.02 -15.46 -10.91
CA PHE A 245 20.35 -14.88 -10.85
C PHE A 245 21.41 -15.84 -10.32
N SER A 246 22.55 -15.30 -9.91
CA SER A 246 23.65 -16.11 -9.39
C SER A 246 24.30 -16.97 -10.47
C1 EDO B . -27.84 6.97 3.09
O1 EDO B . -28.45 8.26 2.87
C2 EDO B . -27.61 6.77 4.59
O2 EDO B . -28.60 5.88 5.11
N GLY C . 10.64 -3.33 -19.45
CA GLY C . 10.61 -2.61 -18.20
C GLY C . 9.73 -1.37 -18.25
O GLY C . 8.51 -1.44 -18.12
N GLY D . 3.59 -7.83 -14.00
CA GLY D . 3.91 -9.25 -13.96
C GLY D . 3.30 -9.98 -15.13
O GLY D . 2.55 -9.38 -15.90
N GLY E . -26.73 11.25 1.55
CA GLY E . -25.61 11.55 2.42
C GLY E . -24.89 12.84 2.04
O GLY E . -25.37 13.93 2.36
N PRO A 4 18.34 -9.95 -19.07
CA PRO A 4 18.71 -9.07 -20.20
C PRO A 4 19.21 -7.70 -19.76
N GLY A 5 20.41 -7.33 -20.22
CA GLY A 5 21.00 -6.04 -19.88
C GLY A 5 20.74 -5.56 -18.46
N PRO A 6 20.39 -4.27 -18.27
CA PRO A 6 20.13 -3.72 -16.94
C PRO A 6 18.83 -4.30 -16.36
N ALA A 7 18.75 -4.36 -15.04
CA ALA A 7 17.55 -4.88 -14.38
C ALA A 7 17.38 -4.37 -12.96
N LEU A 8 16.12 -4.23 -12.53
CA LEU A 8 15.78 -3.77 -11.19
C LEU A 8 14.93 -4.82 -10.49
N CYS A 9 15.10 -4.93 -9.18
CA CYS A 9 14.32 -5.86 -8.37
C CYS A 9 13.57 -5.05 -7.34
N LEU A 10 12.27 -5.22 -7.30
CA LEU A 10 11.44 -4.53 -6.32
C LEU A 10 10.77 -5.56 -5.46
N PHE A 11 10.90 -5.40 -4.15
CA PHE A 11 10.30 -6.36 -3.23
C PHE A 11 9.29 -5.70 -2.30
N ASP A 12 8.25 -6.44 -1.94
CA ASP A 12 7.29 -5.93 -0.97
C ASP A 12 8.08 -6.09 0.35
N VAL A 13 7.80 -5.27 1.35
CA VAL A 13 8.57 -5.40 2.59
C VAL A 13 8.14 -6.51 3.57
N ASP A 14 7.09 -6.27 4.36
CA ASP A 14 6.64 -7.27 5.33
C ASP A 14 6.16 -8.54 4.63
N GLY A 15 6.67 -9.69 5.08
CA GLY A 15 6.28 -10.95 4.49
C GLY A 15 7.25 -11.46 3.43
N THR A 16 7.69 -10.55 2.57
CA THR A 16 8.62 -10.88 1.49
C THR A 16 10.06 -10.65 1.87
N LEU A 17 10.32 -9.53 2.54
CA LEU A 17 11.67 -9.21 2.99
C LEU A 17 11.91 -9.50 4.46
N THR A 18 10.84 -9.94 5.14
CA THR A 18 10.93 -10.28 6.56
C THR A 18 9.88 -11.30 6.96
N ALA A 19 10.18 -12.03 8.04
CA ALA A 19 9.24 -12.98 8.59
C ALA A 19 8.22 -12.06 9.27
N PRO A 20 6.96 -12.48 9.37
CA PRO A 20 5.94 -11.64 10.00
C PRO A 20 6.43 -10.99 11.29
N ARG A 21 6.14 -9.70 11.40
CA ARG A 21 6.51 -8.89 12.56
C ARG A 21 7.93 -9.07 13.07
N GLN A 22 8.86 -9.39 12.18
CA GLN A 22 10.24 -9.56 12.58
C GLN A 22 11.13 -8.71 11.67
N LYS A 23 12.18 -8.14 12.24
CA LYS A 23 13.10 -7.31 11.45
C LYS A 23 13.83 -8.21 10.46
N ILE A 24 14.34 -7.61 9.38
CA ILE A 24 15.06 -8.37 8.37
C ILE A 24 16.22 -9.12 9.01
N THR A 25 16.54 -10.29 8.46
CA THR A 25 17.61 -11.14 8.96
C THR A 25 19.01 -10.80 8.43
N LYS A 26 20.04 -11.01 9.26
CA LYS A 26 21.43 -10.76 8.89
C LYS A 26 21.66 -11.59 7.64
N GLU A 27 21.24 -12.85 7.72
CA GLU A 27 21.36 -13.79 6.62
C GLU A 27 20.65 -13.25 5.36
N MSE A 28 19.42 -12.77 5.51
CA MSE A 28 18.69 -12.21 4.38
C MSE A 28 19.50 -11.07 3.77
O MSE A 28 19.78 -11.04 2.57
CB MSE A 28 17.30 -11.72 4.81
CG MSE A 28 16.47 -11.15 3.65
SE MSE A 28 16.00 -12.43 2.29
CE MSE A 28 14.48 -11.55 1.53
N ASP A 29 19.89 -10.11 4.61
CA ASP A 29 20.67 -8.98 4.10
C ASP A 29 21.97 -9.44 3.46
N ASP A 30 22.79 -10.19 4.21
CA ASP A 30 24.04 -10.68 3.64
C ASP A 30 23.71 -11.31 2.27
N PHE A 31 22.51 -11.89 2.14
CA PHE A 31 22.09 -12.47 0.88
C PHE A 31 21.88 -11.37 -0.15
N LEU A 32 20.94 -10.48 0.13
CA LEU A 32 20.63 -9.40 -0.77
C LEU A 32 21.90 -8.67 -1.16
N GLN A 33 22.82 -8.49 -0.20
CA GLN A 33 24.06 -7.78 -0.48
C GLN A 33 24.72 -8.24 -1.76
N LYS A 34 24.96 -9.54 -1.91
CA LYS A 34 25.56 -10.02 -3.14
C LYS A 34 24.72 -9.55 -4.34
N LEU A 35 23.40 -9.78 -4.27
CA LEU A 35 22.49 -9.39 -5.34
C LEU A 35 22.65 -7.93 -5.75
N ARG A 36 22.59 -7.01 -4.79
CA ARG A 36 22.74 -5.60 -5.12
C ARG A 36 24.03 -5.34 -5.92
N GLN A 37 25.07 -6.13 -5.65
CA GLN A 37 26.32 -5.95 -6.38
C GLN A 37 26.05 -5.99 -7.87
N LYS A 38 25.17 -6.91 -8.29
CA LYS A 38 24.85 -7.03 -9.71
C LYS A 38 23.37 -6.93 -9.99
N ILE A 39 22.78 -5.77 -9.71
CA ILE A 39 21.36 -5.52 -9.92
C ILE A 39 20.89 -4.37 -9.04
N LYS A 40 20.01 -3.55 -9.59
CA LYS A 40 19.43 -2.43 -8.84
C LYS A 40 18.24 -2.94 -8.03
N ILE A 41 18.08 -2.45 -6.79
CA ILE A 41 16.97 -2.88 -5.94
C ILE A 41 16.16 -1.74 -5.31
N GLY A 42 14.89 -2.00 -5.04
CA GLY A 42 14.03 -1.01 -4.41
C GLY A 42 13.00 -1.65 -3.51
N VAL A 43 12.35 -0.87 -2.64
CA VAL A 43 11.32 -1.44 -1.76
C VAL A 43 10.04 -0.63 -1.77
N VAL A 44 8.92 -1.32 -1.70
CA VAL A 44 7.62 -0.67 -1.66
C VAL A 44 6.74 -1.36 -0.63
N GLY A 45 5.95 -0.55 0.06
CA GLY A 45 5.06 -1.06 1.08
C GLY A 45 4.05 0.01 1.38
N GLY A 46 2.92 -0.38 1.96
CA GLY A 46 1.89 0.59 2.29
C GLY A 46 2.25 1.41 3.52
N SER A 47 3.13 0.88 4.36
CA SER A 47 3.54 1.56 5.59
C SER A 47 4.24 2.88 5.35
N ASP A 48 4.22 3.74 6.37
CA ASP A 48 4.89 5.02 6.28
C ASP A 48 6.38 4.78 6.54
N PHE A 49 7.17 5.84 6.40
CA PHE A 49 8.61 5.78 6.58
C PHE A 49 9.08 5.19 7.90
N GLU A 50 8.50 5.65 9.01
CA GLU A 50 8.89 5.14 10.32
C GLU A 50 8.90 3.61 10.34
N LYS A 51 7.83 3.02 9.81
CA LYS A 51 7.69 1.58 9.80
C LYS A 51 8.78 0.91 8.98
N VAL A 52 8.89 1.29 7.72
CA VAL A 52 9.90 0.68 6.85
C VAL A 52 11.25 0.64 7.57
N GLN A 53 11.57 1.71 8.30
CA GLN A 53 12.82 1.75 9.04
C GLN A 53 12.80 0.68 10.12
N GLU A 54 11.74 0.67 10.92
CA GLU A 54 11.61 -0.33 11.97
C GLU A 54 11.84 -1.71 11.40
N GLN A 55 11.29 -1.94 10.21
CA GLN A 55 11.40 -3.23 9.55
C GLN A 55 12.73 -3.44 8.83
N LEU A 56 13.17 -2.45 8.09
CA LEU A 56 14.41 -2.58 7.32
C LEU A 56 15.60 -1.83 7.89
N GLY A 57 15.45 -1.28 9.10
CA GLY A 57 16.53 -0.54 9.72
C GLY A 57 16.43 0.96 9.46
N ASN A 58 16.77 1.74 10.48
CA ASN A 58 16.71 3.19 10.38
C ASN A 58 17.52 3.72 9.21
N ASP A 59 18.50 2.94 8.76
CA ASP A 59 19.34 3.32 7.63
C ASP A 59 18.64 3.11 6.28
N VAL A 60 17.47 2.46 6.33
CA VAL A 60 16.67 2.17 5.15
C VAL A 60 17.14 2.78 3.83
N VAL A 61 16.98 4.10 3.66
CA VAL A 61 17.34 4.79 2.42
C VAL A 61 18.79 4.75 1.95
N GLU A 62 19.67 4.06 2.67
CA GLU A 62 21.06 4.00 2.24
C GLU A 62 21.41 2.61 1.74
N LYS A 63 20.54 1.66 2.05
CA LYS A 63 20.70 0.27 1.68
C LYS A 63 19.98 -0.06 0.36
N TYR A 64 19.02 0.76 -0.03
CA TYR A 64 18.29 0.53 -1.27
C TYR A 64 18.37 1.69 -2.25
N ASP A 65 18.57 1.36 -3.52
CA ASP A 65 18.65 2.37 -4.57
C ASP A 65 17.27 3.01 -4.65
N TYR A 66 16.26 2.28 -4.22
CA TYR A 66 14.90 2.80 -4.23
C TYR A 66 14.18 2.36 -2.96
N VAL A 67 13.40 3.27 -2.39
CA VAL A 67 12.64 3.00 -1.16
C VAL A 67 11.38 3.82 -1.35
N PHE A 68 10.23 3.15 -1.39
CA PHE A 68 8.98 3.86 -1.62
C PHE A 68 7.92 3.60 -0.57
N PRO A 69 7.95 4.39 0.51
CA PRO A 69 6.98 4.24 1.60
C PRO A 69 5.64 4.72 1.08
N GLU A 70 4.57 4.34 1.78
CA GLU A 70 3.22 4.73 1.39
C GLU A 70 2.98 4.59 -0.11
N ASN A 71 3.34 3.43 -0.64
CA ASN A 71 3.13 3.14 -2.05
C ASN A 71 3.93 3.97 -3.02
N GLY A 72 4.62 4.99 -2.50
CA GLY A 72 5.44 5.82 -3.35
C GLY A 72 5.04 7.29 -3.35
N LEU A 73 4.06 7.66 -2.53
CA LEU A 73 3.65 9.06 -2.46
C LEU A 73 4.81 9.82 -1.83
N VAL A 74 5.63 9.06 -1.11
CA VAL A 74 6.84 9.57 -0.51
C VAL A 74 7.84 8.75 -1.30
N ALA A 75 8.93 9.37 -1.73
CA ALA A 75 9.91 8.62 -2.51
C ALA A 75 11.34 9.05 -2.26
N TYR A 76 12.22 8.06 -2.21
CA TYR A 76 13.64 8.27 -2.02
C TYR A 76 14.35 7.53 -3.15
N LYS A 77 15.28 8.24 -3.79
CA LYS A 77 16.06 7.70 -4.90
C LYS A 77 17.40 8.44 -4.88
N ASP A 78 18.46 7.68 -4.65
CA ASP A 78 19.82 8.21 -4.56
C ASP A 78 20.08 8.74 -3.14
N GLY A 79 19.14 8.43 -2.24
CA GLY A 79 19.27 8.86 -0.85
C GLY A 79 18.50 10.10 -0.48
N LYS A 80 18.08 10.85 -1.49
CA LYS A 80 17.36 12.10 -1.27
C LYS A 80 15.88 11.95 -1.57
N LEU A 81 15.07 12.73 -0.87
CA LEU A 81 13.63 12.69 -1.07
C LEU A 81 13.28 13.15 -2.47
N LEU A 82 12.79 12.21 -3.26
CA LEU A 82 12.39 12.47 -4.65
C LEU A 82 11.03 13.13 -4.67
N CYS A 83 10.03 12.52 -4.04
CA CYS A 83 8.69 13.09 -4.02
C CYS A 83 7.94 12.94 -2.70
N ARG A 84 7.03 13.87 -2.48
CA ARG A 84 6.17 13.89 -1.30
C ARG A 84 4.84 14.45 -1.80
N GLN A 85 3.98 13.55 -2.24
CA GLN A 85 2.68 13.91 -2.77
C GLN A 85 1.56 13.46 -1.83
N ASN A 86 0.49 14.24 -1.75
CA ASN A 86 -0.63 13.85 -0.92
C ASN A 86 -1.96 14.03 -1.66
N ILE A 87 -3.02 13.54 -1.05
CA ILE A 87 -4.34 13.56 -1.65
C ILE A 87 -5.04 14.93 -1.83
N GLN A 88 -4.83 15.85 -0.88
CA GLN A 88 -5.46 17.17 -1.02
C GLN A 88 -4.80 17.94 -2.17
N SER A 89 -3.52 17.70 -2.40
CA SER A 89 -2.83 18.39 -3.48
C SER A 89 -3.27 17.81 -4.82
N HIS A 90 -3.40 16.50 -4.88
CA HIS A 90 -3.81 15.85 -6.12
C HIS A 90 -5.24 16.16 -6.52
N LEU A 91 -6.14 16.11 -5.54
CA LEU A 91 -7.56 16.34 -5.77
C LEU A 91 -8.05 17.76 -5.58
N GLY A 92 -7.19 18.64 -5.06
CA GLY A 92 -7.60 19.99 -4.82
C GLY A 92 -8.30 19.99 -3.47
N GLU A 93 -8.47 21.15 -2.85
CA GLU A 93 -9.10 21.26 -1.53
C GLU A 93 -10.61 21.20 -1.52
N ALA A 94 -11.25 21.56 -2.63
CA ALA A 94 -12.71 21.53 -2.67
C ALA A 94 -13.19 20.08 -2.75
N LEU A 95 -12.63 19.29 -3.66
CA LEU A 95 -13.02 17.89 -3.80
C LEU A 95 -12.78 17.17 -2.46
N ILE A 96 -11.53 17.18 -2.03
CA ILE A 96 -11.13 16.58 -0.75
C ILE A 96 -12.20 16.89 0.30
N GLN A 97 -12.54 18.17 0.43
CA GLN A 97 -13.54 18.59 1.39
C GLN A 97 -14.94 18.11 1.02
N ASP A 98 -15.28 18.17 -0.25
CA ASP A 98 -16.59 17.69 -0.70
C ASP A 98 -16.72 16.20 -0.35
N LEU A 99 -15.64 15.45 -0.51
CA LEU A 99 -15.63 14.02 -0.20
C LEU A 99 -15.77 13.83 1.31
N ILE A 100 -15.00 14.60 2.06
CA ILE A 100 -15.03 14.53 3.51
C ILE A 100 -16.42 14.93 3.99
N ASN A 101 -16.90 16.07 3.51
CA ASN A 101 -18.21 16.57 3.89
C ASN A 101 -19.29 15.53 3.59
N TYR A 102 -19.21 14.92 2.42
CA TYR A 102 -20.20 13.92 2.04
C TYR A 102 -20.12 12.72 3.00
N CYS A 103 -18.94 12.14 3.18
CA CYS A 103 -18.84 11.00 4.08
C CYS A 103 -19.32 11.34 5.47
N LEU A 104 -19.00 12.55 5.95
CA LEU A 104 -19.44 12.98 7.28
C LEU A 104 -20.95 12.91 7.46
N SER A 105 -21.68 13.53 6.54
CA SER A 105 -23.14 13.55 6.59
C SER A 105 -23.75 12.14 6.51
N TYR A 106 -23.23 11.31 5.61
CA TYR A 106 -23.74 9.95 5.43
C TYR A 106 -23.72 9.18 6.75
N ILE A 107 -22.57 9.23 7.42
CA ILE A 107 -22.40 8.53 8.69
C ILE A 107 -23.44 8.90 9.75
N ALA A 108 -23.68 10.19 9.93
CA ALA A 108 -24.65 10.64 10.92
C ALA A 108 -26.00 10.00 10.62
N LYS A 109 -26.20 9.63 9.36
CA LYS A 109 -27.44 9.00 8.89
C LYS A 109 -27.53 7.52 9.24
N ILE A 110 -26.46 6.76 9.00
CA ILE A 110 -26.44 5.32 9.27
C ILE A 110 -26.88 4.98 10.68
N LYS A 111 -27.88 4.11 10.81
CA LYS A 111 -28.36 3.73 12.13
C LYS A 111 -27.67 2.49 12.68
N LEU A 112 -26.88 2.69 13.73
CA LEU A 112 -26.13 1.60 14.35
C LEU A 112 -26.44 1.49 15.83
N PRO A 113 -26.05 0.37 16.45
CA PRO A 113 -26.33 0.25 17.88
C PRO A 113 -25.40 1.23 18.60
N LYS A 114 -24.23 1.45 18.00
CA LYS A 114 -23.24 2.38 18.57
C LYS A 114 -22.41 3.12 17.52
N LYS A 115 -21.87 4.27 17.93
CA LYS A 115 -21.01 5.10 17.09
C LYS A 115 -19.93 5.61 18.05
N ARG A 116 -18.69 5.67 17.57
CA ARG A 116 -17.60 6.08 18.43
C ARG A 116 -16.80 7.28 17.89
N GLY A 117 -15.59 7.04 17.40
CA GLY A 117 -14.79 8.14 16.89
C GLY A 117 -13.91 7.79 15.73
N THR A 118 -13.43 8.82 15.04
CA THR A 118 -12.58 8.65 13.86
C THR A 118 -13.40 8.02 12.73
N PHE A 119 -14.51 8.67 12.44
CA PHE A 119 -15.42 8.25 11.38
C PHE A 119 -14.77 8.53 10.05
N ILE A 120 -13.82 9.46 10.09
CA ILE A 120 -13.05 9.83 8.92
C ILE A 120 -11.58 9.93 9.34
N GLU A 121 -10.76 9.12 8.69
CA GLU A 121 -9.33 9.08 8.94
C GLU A 121 -8.70 9.66 7.68
N PHE A 122 -7.64 10.45 7.84
CA PHE A 122 -6.97 11.08 6.71
C PHE A 122 -5.53 10.59 6.64
N ARG A 123 -5.18 9.94 5.53
CA ARG A 123 -3.84 9.44 5.30
C ARG A 123 -3.27 10.17 4.09
N ASN A 124 -1.96 10.25 4.00
CA ASN A 124 -1.33 10.94 2.89
C ASN A 124 -1.87 10.51 1.52
N GLY A 125 -2.04 9.19 1.33
CA GLY A 125 -2.53 8.71 0.06
C GLY A 125 -3.90 8.04 0.02
N MSE A 126 -4.72 8.31 1.02
CA MSE A 126 -6.06 7.72 1.07
C MSE A 126 -6.87 8.16 2.26
O MSE A 126 -6.33 8.39 3.36
CB MSE A 126 -5.96 6.17 1.12
CG MSE A 126 -5.73 5.57 2.52
SE MSE A 126 -5.21 3.68 2.49
CE MSE A 126 -3.46 3.89 1.68
N LEU A 127 -8.17 8.30 2.04
CA LEU A 127 -9.09 8.63 3.12
C LEU A 127 -9.57 7.24 3.57
N ASN A 128 -9.80 7.08 4.87
CA ASN A 128 -10.30 5.81 5.40
C ASN A 128 -11.56 6.14 6.18
N VAL A 129 -12.69 5.65 5.71
CA VAL A 129 -13.99 5.89 6.34
C VAL A 129 -14.49 4.67 7.10
N SER A 130 -15.00 4.89 8.31
CA SER A 130 -15.52 3.80 9.15
C SER A 130 -16.83 4.27 9.80
N PRO A 131 -17.96 3.65 9.45
CA PRO A 131 -19.24 4.06 10.03
C PRO A 131 -19.33 4.02 11.56
N ILE A 132 -18.70 3.02 12.17
CA ILE A 132 -18.72 2.91 13.62
C ILE A 132 -17.66 3.82 14.23
N GLY A 133 -16.53 3.97 13.54
CA GLY A 133 -15.43 4.77 14.03
C GLY A 133 -14.31 3.81 14.39
N ARG A 134 -13.12 4.05 13.85
CA ARG A 134 -11.97 3.17 14.11
C ARG A 134 -11.55 3.11 15.57
N SER A 135 -12.17 3.89 16.44
CA SER A 135 -11.79 3.87 17.85
C SER A 135 -12.47 2.74 18.61
N CYS A 136 -13.68 2.38 18.19
CA CYS A 136 -14.47 1.31 18.83
C CYS A 136 -13.64 0.07 19.16
N SER A 137 -13.97 -0.60 20.27
CA SER A 137 -13.26 -1.82 20.67
C SER A 137 -13.73 -2.97 19.79
N GLN A 138 -12.95 -4.05 19.77
CA GLN A 138 -13.29 -5.23 18.95
C GLN A 138 -14.71 -5.71 19.17
N GLU A 139 -15.19 -5.62 20.40
CA GLU A 139 -16.53 -6.07 20.71
C GLU A 139 -17.52 -5.27 19.89
N GLU A 140 -17.25 -3.97 19.78
CA GLU A 140 -18.11 -3.08 19.03
C GLU A 140 -17.99 -3.39 17.55
N ARG A 141 -16.75 -3.58 17.12
CA ARG A 141 -16.45 -3.88 15.74
C ARG A 141 -17.16 -5.16 15.25
N ILE A 142 -17.13 -6.21 16.05
CA ILE A 142 -17.80 -7.47 15.68
C ILE A 142 -19.29 -7.24 15.45
N GLU A 143 -19.93 -6.53 16.38
CA GLU A 143 -21.36 -6.24 16.27
C GLU A 143 -21.63 -5.47 14.98
N PHE A 144 -20.73 -4.54 14.64
CA PHE A 144 -20.91 -3.77 13.41
C PHE A 144 -20.76 -4.64 12.20
N TYR A 145 -19.68 -5.41 12.16
CA TYR A 145 -19.42 -6.27 11.02
C TYR A 145 -20.56 -7.25 10.80
N GLU A 146 -21.13 -7.77 11.87
CA GLU A 146 -22.24 -8.71 11.71
C GLU A 146 -23.39 -7.93 11.09
N LEU A 147 -23.66 -6.74 11.61
CA LEU A 147 -24.73 -5.91 11.09
C LEU A 147 -24.54 -5.57 9.62
N ASP A 148 -23.30 -5.22 9.27
CA ASP A 148 -22.95 -4.85 7.91
C ASP A 148 -23.16 -6.01 6.94
N LYS A 149 -22.70 -7.20 7.34
CA LYS A 149 -22.88 -8.38 6.50
C LYS A 149 -24.36 -8.56 6.24
N LYS A 150 -25.16 -8.25 7.25
CA LYS A 150 -26.61 -8.40 7.16
C LYS A 150 -27.28 -7.30 6.34
N GLU A 151 -26.89 -6.05 6.57
CA GLU A 151 -27.53 -4.95 5.86
C GLU A 151 -26.70 -4.28 4.78
N ASN A 152 -25.50 -4.81 4.52
CA ASN A 152 -24.61 -4.24 3.51
C ASN A 152 -24.56 -2.72 3.59
N ILE A 153 -24.31 -2.22 4.79
CA ILE A 153 -24.22 -0.80 5.06
C ILE A 153 -23.13 -0.16 4.22
N ARG A 154 -21.94 -0.76 4.22
CA ARG A 154 -20.80 -0.25 3.46
C ARG A 154 -20.92 -0.29 1.95
N GLN A 155 -21.23 -1.45 1.37
CA GLN A 155 -21.33 -1.56 -0.08
C GLN A 155 -22.22 -0.47 -0.68
N LYS A 156 -23.31 -0.16 0.02
CA LYS A 156 -24.22 0.87 -0.45
C LYS A 156 -23.62 2.26 -0.22
N PHE A 157 -23.01 2.47 0.95
CA PHE A 157 -22.38 3.76 1.24
C PHE A 157 -21.54 4.06 -0.01
N VAL A 158 -20.60 3.17 -0.29
CA VAL A 158 -19.70 3.27 -1.43
C VAL A 158 -20.41 3.47 -2.75
N ALA A 159 -21.46 2.69 -2.99
CA ALA A 159 -22.20 2.81 -4.24
C ALA A 159 -22.68 4.25 -4.42
N ASP A 160 -23.19 4.83 -3.34
CA ASP A 160 -23.68 6.20 -3.40
C ASP A 160 -22.52 7.13 -3.71
N LEU A 161 -21.40 6.90 -3.03
CA LEU A 161 -20.20 7.72 -3.18
C LEU A 161 -19.60 7.56 -4.57
N ARG A 162 -19.55 6.30 -5.02
CA ARG A 162 -19.00 5.98 -6.33
C ARG A 162 -19.75 6.75 -7.41
N LYS A 163 -21.02 7.05 -7.13
CA LYS A 163 -21.87 7.78 -8.07
C LYS A 163 -21.57 9.27 -8.05
N GLU A 164 -21.97 9.94 -6.97
CA GLU A 164 -21.77 11.37 -6.80
C GLU A 164 -20.37 11.86 -7.15
N PHE A 165 -19.41 10.92 -7.19
CA PHE A 165 -18.02 11.26 -7.47
C PHE A 165 -17.49 10.60 -8.73
N ALA A 166 -18.41 10.12 -9.56
CA ALA A 166 -18.03 9.49 -10.81
C ALA A 166 -17.30 10.56 -11.61
N GLY A 167 -16.19 10.19 -12.25
CA GLY A 167 -15.45 11.16 -13.04
C GLY A 167 -14.33 11.90 -12.31
N LYS A 168 -14.20 11.68 -11.00
CA LYS A 168 -13.16 12.36 -10.23
C LYS A 168 -11.86 11.58 -10.13
N GLY A 169 -11.80 10.44 -10.81
CA GLY A 169 -10.60 9.63 -10.81
C GLY A 169 -10.33 9.00 -9.46
N LEU A 170 -11.40 8.65 -8.77
CA LEU A 170 -11.30 8.05 -7.46
C LEU A 170 -11.62 6.56 -7.48
N THR A 171 -11.00 5.84 -6.57
CA THR A 171 -11.23 4.42 -6.43
C THR A 171 -11.80 4.25 -5.03
N PHE A 172 -12.88 3.49 -4.93
CA PHE A 172 -13.53 3.24 -3.66
C PHE A 172 -13.35 1.77 -3.36
N SER A 173 -12.56 1.49 -2.34
CA SER A 173 -12.28 0.11 -1.98
C SER A 173 -12.70 -0.27 -0.57
N ILE A 174 -13.55 -1.29 -0.47
CA ILE A 174 -14.00 -1.76 0.82
C ILE A 174 -12.97 -2.78 1.30
N GLY A 175 -13.02 -3.12 2.57
CA GLY A 175 -12.08 -4.08 3.11
C GLY A 175 -12.34 -4.29 4.58
N GLY A 176 -11.84 -5.39 5.12
CA GLY A 176 -12.04 -5.66 6.54
C GLY A 176 -13.46 -5.60 7.03
N GLN A 177 -13.61 -5.37 8.34
CA GLN A 177 -14.91 -5.36 8.98
C GLN A 177 -15.55 -4.02 9.33
N ILE A 178 -14.75 -2.95 9.42
CA ILE A 178 -15.29 -1.65 9.83
C ILE A 178 -15.12 -0.40 8.93
N SER A 179 -14.33 -0.49 7.87
CA SER A 179 -14.11 0.69 7.03
C SER A 179 -13.94 0.39 5.56
N PHE A 180 -13.65 1.45 4.81
CA PHE A 180 -13.37 1.38 3.39
C PHE A 180 -12.49 2.56 2.97
N ASP A 181 -11.52 2.29 2.09
CA ASP A 181 -10.60 3.34 1.63
C ASP A 181 -11.09 4.05 0.37
N VAL A 182 -10.72 5.33 0.27
CA VAL A 182 -11.06 6.18 -0.86
C VAL A 182 -9.73 6.81 -1.25
N PHE A 183 -9.27 6.55 -2.47
CA PHE A 183 -8.00 7.07 -2.93
C PHE A 183 -8.02 7.34 -4.43
N PRO A 184 -7.08 8.16 -4.92
CA PRO A 184 -7.02 8.46 -6.35
C PRO A 184 -6.69 7.20 -7.13
N ASP A 185 -7.28 7.05 -8.31
CA ASP A 185 -7.03 5.88 -9.14
C ASP A 185 -5.55 5.63 -9.32
N GLY A 186 -5.14 4.38 -9.15
CA GLY A 186 -3.76 4.01 -9.32
C GLY A 186 -2.85 4.29 -8.13
N TRP A 187 -3.41 4.75 -7.02
CA TRP A 187 -2.57 5.04 -5.87
C TRP A 187 -2.22 3.82 -5.01
N ASP A 188 -2.00 2.69 -5.68
CA ASP A 188 -1.59 1.45 -5.04
C ASP A 188 -0.11 1.32 -5.44
N LYS A 189 0.59 0.31 -4.93
CA LYS A 189 2.02 0.14 -5.25
C LYS A 189 2.42 0.56 -6.68
N ARG A 190 1.57 0.26 -7.67
CA ARG A 190 1.90 0.65 -9.05
C ARG A 190 2.46 2.07 -9.13
N TYR A 191 1.99 2.94 -8.24
CA TYR A 191 2.42 4.34 -8.19
C TYR A 191 3.94 4.50 -8.15
N CYS A 192 4.63 3.57 -7.51
CA CYS A 192 6.08 3.65 -7.39
C CYS A 192 6.84 3.39 -8.70
N LEU A 193 6.21 2.69 -9.63
CA LEU A 193 6.84 2.33 -10.89
C LEU A 193 7.26 3.54 -11.72
N ARG A 194 6.63 4.67 -11.46
CA ARG A 194 6.95 5.89 -12.19
C ARG A 194 8.38 6.31 -11.90
N HIS A 195 8.81 6.14 -10.65
CA HIS A 195 10.14 6.53 -10.25
C HIS A 195 11.22 5.59 -10.83
N VAL A 196 10.80 4.50 -11.45
CA VAL A 196 11.77 3.55 -11.98
C VAL A 196 11.80 3.32 -13.50
N GLU A 197 10.63 3.33 -14.13
CA GLU A 197 10.51 3.08 -15.56
C GLU A 197 11.28 3.99 -16.51
N ASN A 198 12.14 4.84 -15.97
CA ASN A 198 12.89 5.75 -16.82
C ASN A 198 14.40 5.67 -16.56
N ASP A 199 14.86 4.58 -15.93
CA ASP A 199 16.28 4.42 -15.65
C ASP A 199 16.94 3.37 -16.54
N GLY A 200 16.20 2.95 -17.57
CA GLY A 200 16.72 1.98 -18.53
C GLY A 200 16.67 0.51 -18.19
N TYR A 201 15.77 0.08 -17.30
CA TYR A 201 15.71 -1.33 -16.96
C TYR A 201 15.05 -2.14 -18.07
N LYS A 202 15.72 -3.18 -18.52
CA LYS A 202 15.21 -4.04 -19.57
C LYS A 202 14.16 -4.93 -18.96
N THR A 203 14.37 -5.28 -17.70
CA THR A 203 13.42 -6.14 -16.99
C THR A 203 13.20 -5.63 -15.57
N ILE A 204 11.94 -5.53 -15.15
CA ILE A 204 11.64 -5.08 -13.80
C ILE A 204 10.94 -6.20 -13.06
N TYR A 205 11.63 -6.72 -12.07
CA TYR A 205 11.10 -7.81 -11.27
C TYR A 205 10.35 -7.27 -10.05
N PHE A 206 9.37 -8.04 -9.61
CA PHE A 206 8.60 -7.70 -8.40
C PHE A 206 8.40 -9.00 -7.66
N PHE A 207 8.62 -8.95 -6.35
CA PHE A 207 8.47 -10.11 -5.51
C PHE A 207 7.48 -9.78 -4.40
N GLY A 208 6.57 -10.70 -4.14
CA GLY A 208 5.56 -10.52 -3.11
C GLY A 208 4.45 -11.55 -3.23
N ASP A 209 3.32 -11.31 -2.57
CA ASP A 209 2.18 -12.22 -2.64
C ASP A 209 1.14 -11.66 -3.61
N LYS A 210 1.20 -12.13 -4.86
CA LYS A 210 0.30 -11.69 -5.92
C LYS A 210 -1.16 -11.52 -5.49
N THR A 211 -1.55 -12.22 -4.42
CA THR A 211 -2.91 -12.14 -3.91
C THR A 211 -2.95 -11.30 -2.63
N MSE A 212 -4.16 -10.95 -2.20
CA MSE A 212 -4.37 -10.15 -1.01
C MSE A 212 -5.50 -10.73 -0.16
O MSE A 212 -5.92 -10.15 0.85
CB MSE A 212 -4.69 -8.71 -1.41
CG MSE A 212 -3.64 -8.08 -2.31
SE MSE A 212 -4.24 -6.47 -3.19
CE MSE A 212 -3.73 -5.18 -1.84
N ASN A 216 -8.39 -9.56 -3.54
CA ASN A 216 -7.54 -10.75 -3.50
C ASN A 216 -6.64 -10.80 -4.74
N ASP A 217 -5.78 -9.80 -4.88
CA ASP A 217 -4.86 -9.70 -6.03
C ASP A 217 -4.16 -8.33 -6.04
N HIS A 218 -2.83 -8.33 -6.08
CA HIS A 218 -2.09 -7.07 -6.10
C HIS A 218 -1.75 -6.68 -7.54
N GLU A 219 -2.11 -5.47 -7.89
CA GLU A 219 -1.93 -4.93 -9.23
C GLU A 219 -0.50 -4.81 -9.75
N ILE A 220 0.44 -4.46 -8.87
CA ILE A 220 1.81 -4.31 -9.33
C ILE A 220 2.32 -5.64 -9.84
N PHE A 221 1.80 -6.71 -9.26
CA PHE A 221 2.20 -8.06 -9.66
C PHE A 221 1.75 -8.37 -11.08
N THR A 222 0.64 -7.76 -11.50
CA THR A 222 0.08 -8.02 -12.84
C THR A 222 0.41 -6.96 -13.86
N ASP A 223 0.70 -5.75 -13.39
CA ASP A 223 1.02 -4.63 -14.25
C ASP A 223 1.96 -5.09 -15.37
N PRO A 224 1.84 -4.47 -16.56
CA PRO A 224 2.66 -4.82 -17.73
C PRO A 224 4.15 -4.50 -17.63
N ARG A 225 4.50 -3.53 -16.78
CA ARG A 225 5.91 -3.13 -16.63
C ARG A 225 6.75 -4.13 -15.84
N THR A 226 6.11 -5.01 -15.09
CA THR A 226 6.84 -5.94 -14.24
C THR A 226 6.82 -7.42 -14.56
N MSE A 227 7.81 -8.14 -14.03
CA MSE A 227 7.89 -9.58 -14.15
C MSE A 227 7.57 -10.01 -12.73
O MSE A 227 8.23 -9.57 -11.78
CB MSE A 227 9.28 -10.06 -14.55
CG MSE A 227 9.26 -10.92 -15.80
SE MSE A 227 7.51 -11.69 -16.08
CE MSE A 227 6.63 -10.24 -17.00
N GLY A 228 6.57 -10.87 -12.58
CA GLY A 228 6.16 -11.28 -11.26
C GLY A 228 6.53 -12.66 -10.75
N TYR A 229 6.83 -12.71 -9.46
CA TYR A 229 7.19 -13.93 -8.78
C TYR A 229 6.61 -13.82 -7.37
N SER A 230 5.56 -14.59 -7.10
CA SER A 230 4.93 -14.52 -5.79
C SER A 230 5.67 -15.37 -4.76
N VAL A 231 5.99 -14.76 -3.62
CA VAL A 231 6.69 -15.47 -2.57
C VAL A 231 5.98 -15.34 -1.22
N THR A 232 5.89 -16.47 -0.51
CA THR A 232 5.21 -16.54 0.77
C THR A 232 6.01 -15.91 1.92
N ALA A 233 7.33 -16.09 1.88
CA ALA A 233 8.21 -15.55 2.93
C ALA A 233 9.56 -15.15 2.34
N PRO A 234 10.41 -14.49 3.14
CA PRO A 234 11.73 -14.06 2.67
C PRO A 234 12.64 -15.15 2.15
N GLU A 235 12.44 -16.38 2.61
CA GLU A 235 13.27 -17.52 2.21
C GLU A 235 12.91 -18.05 0.82
N ASP A 236 11.65 -17.84 0.44
CA ASP A 236 11.17 -18.27 -0.87
C ASP A 236 11.78 -17.25 -1.83
N THR A 237 11.83 -16.02 -1.36
CA THR A 237 12.40 -14.92 -2.13
C THR A 237 13.83 -15.23 -2.53
N ARG A 238 14.58 -15.86 -1.63
CA ARG A 238 15.97 -16.20 -1.89
C ARG A 238 16.09 -17.38 -2.83
N ARG A 239 15.23 -18.37 -2.66
CA ARG A 239 15.25 -19.55 -3.52
C ARG A 239 15.05 -19.13 -4.98
N ILE A 240 14.04 -18.29 -5.22
CA ILE A 240 13.77 -17.83 -6.58
C ILE A 240 14.84 -16.86 -7.07
N CYS A 241 15.33 -15.99 -6.21
CA CYS A 241 16.38 -15.07 -6.62
C CYS A 241 17.59 -15.84 -7.14
N GLU A 242 17.76 -17.05 -6.63
CA GLU A 242 18.87 -17.90 -7.06
C GLU A 242 18.59 -18.48 -8.45
N LEU A 243 17.33 -18.86 -8.68
CA LEU A 243 16.91 -19.43 -9.95
C LEU A 243 16.45 -18.34 -10.90
N LEU A 244 17.11 -17.17 -10.83
CA LEU A 244 16.73 -16.05 -11.67
C LEU A 244 17.90 -15.10 -11.95
N PHE A 245 18.92 -15.13 -11.09
CA PHE A 245 20.05 -14.23 -11.28
C PHE A 245 21.41 -14.91 -11.14
N SER A 246 22.29 -14.30 -10.35
CA SER A 246 23.63 -14.84 -10.10
C SER A 246 24.46 -15.02 -11.38
C1 EDO B . -28.12 7.01 3.11
O1 EDO B . -28.54 8.36 2.89
C2 EDO B . -27.78 6.81 4.59
O2 EDO B . -28.66 5.85 5.16
N GLY C . 10.86 -3.39 -19.49
CA GLY C . 10.68 -2.72 -18.22
C GLY C . 9.76 -1.51 -18.30
O GLY C . 8.56 -1.62 -18.06
N GLY D . 3.63 -7.85 -14.03
CA GLY D . 4.01 -9.25 -13.96
C GLY D . 3.52 -10.01 -15.17
O GLY D . 2.68 -9.50 -15.91
N GLY E . -26.73 11.25 1.55
CA GLY E . -25.60 11.55 2.41
C GLY E . -24.89 12.84 2.04
O GLY E . -25.37 13.93 2.36
N PRO A 4 18.41 -9.99 -19.05
CA PRO A 4 18.75 -9.12 -20.21
C PRO A 4 19.21 -7.73 -19.78
N GLY A 5 20.36 -7.29 -20.32
CA GLY A 5 20.91 -5.97 -20.01
C GLY A 5 20.67 -5.47 -18.59
N PRO A 6 20.34 -4.18 -18.42
CA PRO A 6 20.10 -3.61 -17.09
C PRO A 6 18.83 -4.19 -16.47
N ALA A 7 18.70 -4.10 -15.14
CA ALA A 7 17.52 -4.63 -14.48
C ALA A 7 17.34 -4.13 -13.05
N LEU A 8 16.09 -4.18 -12.58
CA LEU A 8 15.75 -3.74 -11.23
C LEU A 8 14.86 -4.76 -10.54
N CYS A 9 15.18 -5.06 -9.28
CA CYS A 9 14.38 -5.99 -8.49
C CYS A 9 13.65 -5.17 -7.44
N LEU A 10 12.33 -5.32 -7.39
CA LEU A 10 11.54 -4.60 -6.40
C LEU A 10 10.89 -5.62 -5.50
N PHE A 11 11.13 -5.51 -4.20
CA PHE A 11 10.58 -6.47 -3.25
C PHE A 11 9.53 -5.86 -2.36
N ASP A 12 8.56 -6.67 -1.95
CA ASP A 12 7.55 -6.22 -1.00
C ASP A 12 8.26 -6.49 0.34
N VAL A 13 7.90 -5.79 1.40
CA VAL A 13 8.59 -5.99 2.68
C VAL A 13 8.21 -7.15 3.63
N ASP A 14 7.23 -6.92 4.50
CA ASP A 14 6.80 -7.92 5.47
C ASP A 14 6.48 -9.28 4.84
N GLY A 15 7.07 -10.34 5.38
CA GLY A 15 6.85 -11.68 4.86
C GLY A 15 7.70 -12.05 3.65
N THR A 16 8.06 -11.04 2.85
CA THR A 16 8.87 -11.24 1.64
C THR A 16 10.37 -11.26 1.89
N LEU A 17 10.85 -10.27 2.63
CA LEU A 17 12.27 -10.17 2.98
C LEU A 17 12.46 -10.52 4.45
N THR A 18 11.36 -10.54 5.20
CA THR A 18 11.40 -10.86 6.62
C THR A 18 10.23 -11.75 7.00
N ALA A 19 10.33 -12.33 8.20
CA ALA A 19 9.25 -13.14 8.73
C ALA A 19 8.27 -12.10 9.30
N PRO A 20 6.96 -12.38 9.29
CA PRO A 20 5.98 -11.42 9.81
C PRO A 20 6.41 -10.85 11.15
N ARG A 21 6.18 -9.55 11.30
CA ARG A 21 6.51 -8.81 12.52
C ARG A 21 7.92 -9.03 13.05
N GLN A 22 8.87 -9.22 12.15
CA GLN A 22 10.25 -9.43 12.57
C GLN A 22 11.21 -8.68 11.63
N LYS A 23 12.35 -8.27 12.17
CA LYS A 23 13.35 -7.55 11.40
C LYS A 23 14.03 -8.52 10.42
N ILE A 24 14.57 -8.00 9.33
CA ILE A 24 15.23 -8.88 8.35
C ILE A 24 16.39 -9.66 8.94
N THR A 25 16.65 -10.84 8.38
CA THR A 25 17.74 -11.70 8.80
C THR A 25 19.09 -11.17 8.34
N LYS A 26 20.13 -11.41 9.12
CA LYS A 26 21.46 -10.96 8.73
C LYS A 26 21.78 -11.65 7.42
N GLU A 27 21.63 -12.97 7.42
CA GLU A 27 21.86 -13.76 6.23
C GLU A 27 21.07 -13.17 5.06
N MSE A 28 19.81 -12.79 5.32
CA MSE A 28 18.94 -12.21 4.30
C MSE A 28 19.43 -10.82 3.90
O MSE A 28 19.48 -10.50 2.71
CB MSE A 28 17.50 -12.14 4.81
CG MSE A 28 16.49 -11.55 3.82
SE MSE A 28 16.35 -12.57 2.16
CE MSE A 28 14.74 -11.78 1.44
N ASP A 29 19.78 -9.99 4.87
CA ASP A 29 20.23 -8.65 4.53
C ASP A 29 21.53 -8.66 3.73
N ASP A 30 22.45 -9.57 4.06
CA ASP A 30 23.70 -9.68 3.34
C ASP A 30 23.32 -10.13 1.92
N PHE A 31 22.28 -10.96 1.87
CA PHE A 31 21.79 -11.48 0.60
C PHE A 31 21.53 -10.37 -0.41
N LEU A 32 20.69 -9.43 -0.03
CA LEU A 32 20.31 -8.31 -0.89
C LEU A 32 21.45 -7.35 -1.23
N GLN A 33 22.29 -6.99 -0.25
CA GLN A 33 23.40 -6.09 -0.54
C GLN A 33 24.29 -6.69 -1.61
N LYS A 34 24.43 -8.02 -1.56
CA LYS A 34 25.22 -8.75 -2.55
C LYS A 34 24.52 -8.66 -3.91
N LEU A 35 23.22 -8.96 -3.94
CA LEU A 35 22.44 -8.90 -5.18
C LEU A 35 22.57 -7.50 -5.75
N ARG A 36 22.68 -6.51 -4.87
CA ARG A 36 22.82 -5.14 -5.30
C ARG A 36 24.07 -4.95 -6.17
N GLN A 37 25.13 -5.71 -5.91
CA GLN A 37 26.34 -5.59 -6.74
C GLN A 37 25.98 -5.57 -8.22
N LYS A 38 25.27 -6.60 -8.67
CA LYS A 38 24.90 -6.73 -10.07
C LYS A 38 23.67 -5.95 -10.54
N ILE A 39 22.52 -6.19 -9.91
CA ILE A 39 21.30 -5.51 -10.31
C ILE A 39 20.79 -4.56 -9.23
N LYS A 40 20.27 -3.41 -9.66
CA LYS A 40 19.71 -2.43 -8.73
C LYS A 40 18.58 -3.14 -7.98
N ILE A 41 18.65 -3.16 -6.66
CA ILE A 41 17.61 -3.82 -5.88
C ILE A 41 16.79 -2.88 -5.01
N GLY A 42 15.49 -2.88 -5.23
CA GLY A 42 14.61 -2.03 -4.44
C GLY A 42 13.62 -2.82 -3.60
N VAL A 43 12.93 -2.11 -2.72
CA VAL A 43 11.90 -2.66 -1.84
C VAL A 43 10.73 -1.66 -1.85
N VAL A 44 9.51 -2.19 -1.79
CA VAL A 44 8.31 -1.37 -1.73
C VAL A 44 7.36 -2.01 -0.70
N GLY A 45 6.50 -1.19 -0.12
CA GLY A 45 5.55 -1.67 0.86
C GLY A 45 4.60 -0.56 1.24
N GLY A 46 3.46 -0.94 1.83
CA GLY A 46 2.45 0.02 2.23
C GLY A 46 2.76 0.79 3.51
N SER A 47 3.75 0.31 4.26
CA SER A 47 4.13 0.95 5.51
C SER A 47 4.71 2.34 5.25
N ASP A 48 4.57 3.25 6.21
CA ASP A 48 5.12 4.59 6.02
C ASP A 48 6.60 4.57 6.38
N PHE A 49 7.29 5.68 6.13
CA PHE A 49 8.72 5.78 6.38
C PHE A 49 9.11 5.42 7.80
N GLU A 50 8.50 6.07 8.79
CA GLU A 50 8.85 5.75 10.17
C GLU A 50 8.76 4.24 10.30
N LYS A 51 7.68 3.67 9.77
CA LYS A 51 7.44 2.24 9.83
C LYS A 51 8.39 1.38 9.02
N VAL A 52 8.81 1.87 7.85
CA VAL A 52 9.71 1.10 7.02
C VAL A 52 11.06 0.93 7.69
N GLN A 53 11.50 1.97 8.39
CA GLN A 53 12.77 1.94 9.09
C GLN A 53 12.73 0.84 10.13
N GLU A 54 11.69 0.84 10.96
CA GLU A 54 11.53 -0.18 11.98
C GLU A 54 11.84 -1.55 11.37
N GLN A 55 11.22 -1.81 10.22
CA GLN A 55 11.38 -3.08 9.54
C GLN A 55 12.69 -3.26 8.80
N LEU A 56 13.12 -2.23 8.07
CA LEU A 56 14.33 -2.37 7.28
C LEU A 56 15.60 -1.67 7.77
N GLY A 57 15.51 -0.93 8.87
CA GLY A 57 16.68 -0.25 9.39
C GLY A 57 16.66 1.24 9.14
N ASN A 58 16.82 2.00 10.23
CA ASN A 58 16.80 3.45 10.18
C ASN A 58 17.56 4.04 8.99
N ASP A 59 18.52 3.29 8.44
CA ASP A 59 19.31 3.78 7.31
C ASP A 59 18.86 3.19 5.96
N VAL A 60 17.66 2.62 5.94
CA VAL A 60 17.12 1.98 4.74
C VAL A 60 17.54 2.59 3.41
N VAL A 61 17.54 3.92 3.31
CA VAL A 61 17.91 4.57 2.05
C VAL A 61 19.33 4.37 1.57
N GLU A 62 20.17 3.69 2.36
CA GLU A 62 21.56 3.46 1.95
C GLU A 62 21.73 2.01 1.51
N LYS A 63 20.81 1.16 1.95
CA LYS A 63 20.85 -0.28 1.65
C LYS A 63 20.17 -0.65 0.31
N TYR A 64 19.14 0.09 -0.06
CA TYR A 64 18.45 -0.20 -1.30
C TYR A 64 18.57 0.96 -2.28
N ASP A 65 18.72 0.63 -3.56
CA ASP A 65 18.85 1.65 -4.57
C ASP A 65 17.54 2.43 -4.63
N TYR A 66 16.44 1.76 -4.31
CA TYR A 66 15.14 2.40 -4.29
C TYR A 66 14.41 1.93 -3.04
N VAL A 67 13.73 2.85 -2.37
CA VAL A 67 12.98 2.52 -1.15
C VAL A 67 11.66 3.26 -1.32
N PHE A 68 10.56 2.52 -1.27
CA PHE A 68 9.27 3.14 -1.47
C PHE A 68 8.23 2.93 -0.39
N PRO A 69 8.24 3.80 0.64
CA PRO A 69 7.27 3.72 1.74
C PRO A 69 5.97 4.25 1.14
N GLU A 70 4.84 3.88 1.74
CA GLU A 70 3.56 4.33 1.24
C GLU A 70 3.47 4.06 -0.27
N ASN A 71 3.74 2.81 -0.63
CA ASN A 71 3.69 2.33 -2.01
C ASN A 71 4.38 3.26 -3.00
N GLY A 72 5.45 3.91 -2.55
CA GLY A 72 6.17 4.82 -3.41
C GLY A 72 5.71 6.26 -3.43
N LEU A 73 4.71 6.62 -2.62
CA LEU A 73 4.24 8.00 -2.56
C LEU A 73 5.43 8.78 -1.97
N VAL A 74 6.18 8.07 -1.15
CA VAL A 74 7.39 8.57 -0.54
C VAL A 74 8.44 7.75 -1.29
N ALA A 75 9.41 8.42 -1.88
CA ALA A 75 10.42 7.73 -2.64
C ALA A 75 11.84 8.21 -2.38
N TYR A 76 12.75 7.27 -2.32
CA TYR A 76 14.15 7.56 -2.13
C TYR A 76 14.89 6.69 -3.13
N LYS A 77 16.06 7.17 -3.54
CA LYS A 77 16.93 6.47 -4.46
C LYS A 77 18.30 7.12 -4.32
N ASP A 78 19.33 6.31 -4.32
CA ASP A 78 20.69 6.83 -4.16
C ASP A 78 20.85 7.45 -2.79
N GLY A 79 19.77 7.45 -2.02
CA GLY A 79 19.81 8.01 -0.68
C GLY A 79 19.10 9.35 -0.60
N LYS A 80 18.66 9.84 -1.76
CA LYS A 80 17.96 11.12 -1.81
C LYS A 80 16.47 10.92 -1.57
N LEU A 81 15.83 11.96 -1.05
CA LEU A 81 14.40 11.94 -0.78
C LEU A 81 13.65 12.20 -2.07
N LEU A 82 14.03 11.45 -3.10
CA LEU A 82 13.45 11.54 -4.44
C LEU A 82 12.19 12.42 -4.56
N CYS A 83 11.04 11.83 -4.25
CA CYS A 83 9.79 12.56 -4.37
C CYS A 83 8.82 12.33 -3.21
N ARG A 84 7.97 13.33 -2.97
CA ARG A 84 6.94 13.25 -1.95
C ARG A 84 5.63 13.61 -2.62
N GLN A 85 4.56 12.95 -2.20
CA GLN A 85 3.25 13.20 -2.76
C GLN A 85 2.17 12.76 -1.76
N ASN A 86 1.11 13.56 -1.67
CA ASN A 86 0.01 13.23 -0.78
C ASN A 86 -1.29 13.45 -1.53
N ILE A 87 -2.38 12.91 -0.99
CA ILE A 87 -3.69 13.00 -1.62
C ILE A 87 -4.24 14.42 -1.76
N GLN A 88 -3.97 15.27 -0.78
CA GLN A 88 -4.47 16.64 -0.84
C GLN A 88 -3.88 17.42 -2.03
N SER A 89 -2.64 17.10 -2.38
CA SER A 89 -2.00 17.78 -3.50
C SER A 89 -2.53 17.29 -4.84
N HIS A 90 -3.13 16.11 -4.84
CA HIS A 90 -3.65 15.56 -6.09
C HIS A 90 -5.06 16.04 -6.43
N LEU A 91 -6.02 15.64 -5.61
CA LEU A 91 -7.43 15.97 -5.81
C LEU A 91 -7.76 17.43 -5.62
N GLY A 92 -6.88 18.16 -4.95
CA GLY A 92 -7.14 19.56 -4.70
C GLY A 92 -7.95 19.64 -3.41
N GLU A 93 -7.83 20.77 -2.71
CA GLU A 93 -8.53 20.98 -1.43
C GLU A 93 -10.06 21.00 -1.48
N ALA A 94 -10.64 21.45 -2.57
CA ALA A 94 -12.10 21.50 -2.67
C ALA A 94 -12.73 20.12 -2.73
N LEU A 95 -12.29 19.28 -3.67
CA LEU A 95 -12.83 17.93 -3.79
C LEU A 95 -12.72 17.24 -2.43
N ILE A 96 -11.54 17.31 -1.84
CA ILE A 96 -11.28 16.75 -0.52
C ILE A 96 -12.45 17.10 0.40
N GLN A 97 -12.79 18.38 0.42
CA GLN A 97 -13.87 18.88 1.26
C GLN A 97 -15.22 18.24 0.97
N ASP A 98 -15.67 18.33 -0.27
CA ASP A 98 -16.93 17.73 -0.65
C ASP A 98 -16.97 16.23 -0.29
N LEU A 99 -15.85 15.54 -0.51
CA LEU A 99 -15.74 14.11 -0.20
C LEU A 99 -15.90 13.90 1.30
N ILE A 100 -15.11 14.66 2.08
CA ILE A 100 -15.16 14.53 3.53
C ILE A 100 -16.54 14.90 4.04
N ASN A 101 -17.06 16.05 3.63
CA ASN A 101 -18.38 16.49 4.07
C ASN A 101 -19.41 15.43 3.70
N TYR A 102 -19.28 14.87 2.50
CA TYR A 102 -20.20 13.83 2.05
C TYR A 102 -20.15 12.66 3.03
N CYS A 103 -18.96 12.09 3.21
CA CYS A 103 -18.84 10.96 4.14
C CYS A 103 -19.35 11.31 5.52
N LEU A 104 -19.02 12.53 6.00
CA LEU A 104 -19.46 12.97 7.32
C LEU A 104 -20.97 12.90 7.47
N SER A 105 -21.69 13.49 6.52
CA SER A 105 -23.15 13.50 6.54
C SER A 105 -23.74 12.09 6.47
N TYR A 106 -23.21 11.27 5.56
CA TYR A 106 -23.71 9.90 5.39
C TYR A 106 -23.71 9.18 6.73
N ILE A 107 -22.56 9.14 7.36
CA ILE A 107 -22.40 8.48 8.66
C ILE A 107 -23.41 8.94 9.69
N ALA A 108 -23.65 10.24 9.73
CA ALA A 108 -24.59 10.81 10.67
C ALA A 108 -25.99 10.22 10.46
N LYS A 109 -26.27 9.84 9.21
CA LYS A 109 -27.58 9.27 8.87
C LYS A 109 -27.65 7.75 8.95
N ILE A 110 -26.52 7.07 9.06
CA ILE A 110 -26.53 5.60 9.15
C ILE A 110 -27.05 5.21 10.52
N LYS A 111 -27.84 4.15 10.57
CA LYS A 111 -28.41 3.72 11.85
C LYS A 111 -27.64 2.56 12.49
N LEU A 112 -27.05 2.83 13.64
CA LEU A 112 -26.26 1.82 14.35
C LEU A 112 -26.63 1.70 15.82
N PRO A 113 -26.28 0.57 16.44
CA PRO A 113 -26.59 0.42 17.86
C PRO A 113 -25.65 1.34 18.62
N LYS A 114 -24.45 1.51 18.06
CA LYS A 114 -23.44 2.39 18.65
C LYS A 114 -22.65 3.15 17.57
N LYS A 115 -22.08 4.27 17.97
CA LYS A 115 -21.28 5.10 17.09
C LYS A 115 -20.21 5.68 17.98
N ARG A 116 -18.97 5.59 17.54
CA ARG A 116 -17.85 6.07 18.33
C ARG A 116 -17.18 7.28 17.67
N GLY A 117 -16.05 7.07 17.01
CA GLY A 117 -15.40 8.20 16.38
C GLY A 117 -14.43 7.86 15.28
N THR A 118 -13.67 8.87 14.88
CA THR A 118 -12.67 8.70 13.83
C THR A 118 -13.33 7.97 12.66
N PHE A 119 -14.36 8.60 12.15
CA PHE A 119 -15.14 8.12 11.01
C PHE A 119 -14.34 8.34 9.74
N ILE A 120 -13.34 9.22 9.85
CA ILE A 120 -12.47 9.50 8.73
C ILE A 120 -11.04 9.65 9.22
N GLU A 121 -10.15 8.80 8.69
CA GLU A 121 -8.74 8.86 9.05
C GLU A 121 -8.04 9.28 7.77
N PHE A 122 -7.53 10.51 7.79
CA PHE A 122 -6.82 11.10 6.66
C PHE A 122 -5.41 10.53 6.57
N ARG A 123 -5.04 10.02 5.40
CA ARG A 123 -3.73 9.46 5.17
C ARG A 123 -3.16 10.10 3.92
N ASN A 124 -1.83 10.09 3.78
CA ASN A 124 -1.23 10.69 2.60
C ASN A 124 -1.76 10.07 1.32
N GLY A 125 -2.01 8.76 1.33
CA GLY A 125 -2.50 8.10 0.14
C GLY A 125 -3.99 7.85 0.02
N MSE A 126 -4.75 8.05 1.09
CA MSE A 126 -6.19 7.75 1.04
C MSE A 126 -6.96 8.25 2.23
O MSE A 126 -6.38 8.57 3.28
CB MSE A 126 -6.38 6.23 1.03
CG MSE A 126 -6.18 5.59 2.42
SE MSE A 126 -5.43 3.78 2.40
CE MSE A 126 -3.71 4.13 1.51
N LEU A 127 -8.28 8.31 2.09
CA LEU A 127 -9.18 8.67 3.19
C LEU A 127 -9.76 7.33 3.67
N ASN A 128 -9.48 6.95 4.90
CA ASN A 128 -10.04 5.70 5.43
C ASN A 128 -11.33 6.14 6.12
N VAL A 129 -12.45 5.60 5.62
CA VAL A 129 -13.77 5.95 6.13
C VAL A 129 -14.36 4.81 6.97
N SER A 130 -15.25 5.17 7.88
CA SER A 130 -15.91 4.17 8.71
C SER A 130 -17.20 4.69 9.30
N PRO A 131 -18.35 4.23 8.75
CA PRO A 131 -19.68 4.63 9.21
C PRO A 131 -19.83 4.57 10.72
N ILE A 132 -19.18 3.58 11.33
CA ILE A 132 -19.21 3.40 12.77
C ILE A 132 -18.09 4.23 13.39
N GLY A 133 -17.02 4.40 12.63
CA GLY A 133 -15.85 5.12 13.10
C GLY A 133 -14.81 4.04 13.36
N ARG A 134 -13.53 4.34 13.18
CA ARG A 134 -12.46 3.37 13.41
C ARG A 134 -12.22 3.01 14.85
N SER A 135 -12.43 3.99 15.73
CA SER A 135 -12.23 3.80 17.16
C SER A 135 -12.58 2.43 17.75
N CYS A 136 -13.29 1.60 17.00
CA CYS A 136 -13.67 0.25 17.47
C CYS A 136 -12.59 -0.39 18.36
N SER A 137 -13.02 -1.13 19.38
CA SER A 137 -12.09 -1.79 20.28
C SER A 137 -12.01 -3.31 20.09
N GLN A 138 -12.98 -4.02 20.62
CA GLN A 138 -12.96 -5.47 20.51
C GLN A 138 -14.36 -5.95 20.18
N GLU A 139 -15.18 -6.10 21.21
CA GLU A 139 -16.54 -6.56 21.02
C GLU A 139 -17.30 -5.58 20.14
N GLU A 140 -16.77 -4.37 20.08
CA GLU A 140 -17.38 -3.30 19.30
C GLU A 140 -17.28 -3.57 17.81
N ARG A 141 -16.07 -3.83 17.35
CA ARG A 141 -15.84 -4.09 15.95
C ARG A 141 -16.51 -5.41 15.48
N ILE A 142 -16.56 -6.39 16.37
CA ILE A 142 -17.19 -7.67 16.02
C ILE A 142 -18.67 -7.49 15.75
N GLU A 143 -19.35 -6.81 16.68
CA GLU A 143 -20.76 -6.51 16.57
C GLU A 143 -21.02 -5.75 15.27
N PHE A 144 -20.25 -4.68 15.06
CA PHE A 144 -20.44 -3.89 13.86
C PHE A 144 -20.41 -4.75 12.60
N TYR A 145 -19.30 -5.48 12.43
CA TYR A 145 -19.14 -6.30 11.26
C TYR A 145 -20.27 -7.30 11.08
N GLU A 146 -20.80 -7.79 12.19
CA GLU A 146 -21.89 -8.75 12.11
C GLU A 146 -23.01 -8.09 11.32
N LEU A 147 -23.35 -6.86 11.69
CA LEU A 147 -24.39 -6.14 10.98
C LEU A 147 -23.91 -5.96 9.55
N ASP A 148 -22.70 -5.46 9.39
CA ASP A 148 -22.14 -5.24 8.06
C ASP A 148 -22.34 -6.47 7.18
N LYS A 149 -22.06 -7.65 7.71
CA LYS A 149 -22.24 -8.87 6.94
C LYS A 149 -23.71 -9.07 6.60
N LYS A 150 -24.59 -8.61 7.49
CA LYS A 150 -26.02 -8.76 7.30
C LYS A 150 -26.62 -7.70 6.37
N GLU A 151 -26.29 -6.43 6.62
CA GLU A 151 -26.85 -5.35 5.82
C GLU A 151 -25.94 -4.73 4.76
N ASN A 152 -24.67 -5.14 4.72
CA ASN A 152 -23.74 -4.57 3.76
C ASN A 152 -23.80 -3.05 3.70
N ILE A 153 -23.60 -2.43 4.86
CA ILE A 153 -23.63 -0.98 5.00
C ILE A 153 -22.52 -0.34 4.19
N ARG A 154 -21.33 -0.93 4.26
CA ARG A 154 -20.17 -0.42 3.55
C ARG A 154 -20.30 -0.49 2.04
N GLN A 155 -20.69 -1.64 1.49
CA GLN A 155 -20.82 -1.75 0.04
C GLN A 155 -21.76 -0.71 -0.56
N LYS A 156 -22.87 -0.44 0.13
CA LYS A 156 -23.83 0.54 -0.35
C LYS A 156 -23.33 1.96 -0.07
N PHE A 157 -22.70 2.17 1.09
CA PHE A 157 -22.15 3.49 1.41
C PHE A 157 -21.33 3.84 0.16
N VAL A 158 -20.40 2.94 -0.17
CA VAL A 158 -19.52 3.09 -1.32
C VAL A 158 -20.25 3.28 -2.64
N ALA A 159 -21.20 2.41 -2.92
CA ALA A 159 -21.95 2.53 -4.18
C ALA A 159 -22.48 3.94 -4.32
N ASP A 160 -23.02 4.48 -3.23
CA ASP A 160 -23.56 5.83 -3.25
C ASP A 160 -22.47 6.83 -3.56
N LEU A 161 -21.29 6.60 -2.98
CA LEU A 161 -20.12 7.46 -3.18
C LEU A 161 -19.61 7.37 -4.60
N ARG A 162 -19.39 6.13 -5.05
CA ARG A 162 -18.88 5.86 -6.38
C ARG A 162 -19.71 6.63 -7.40
N LYS A 163 -21.02 6.73 -7.14
CA LYS A 163 -21.92 7.44 -8.03
C LYS A 163 -21.75 8.95 -7.85
N GLU A 164 -21.82 9.39 -6.59
CA GLU A 164 -21.69 10.80 -6.27
C GLU A 164 -20.43 11.43 -6.85
N PHE A 165 -19.37 10.64 -6.89
CA PHE A 165 -18.07 11.10 -7.37
C PHE A 165 -17.58 10.48 -8.66
N ALA A 166 -18.51 10.08 -9.50
CA ALA A 166 -18.16 9.49 -10.78
C ALA A 166 -17.40 10.57 -11.55
N GLY A 167 -16.33 10.20 -12.24
CA GLY A 167 -15.57 11.17 -13.00
C GLY A 167 -14.44 11.89 -12.28
N LYS A 168 -14.33 11.72 -10.97
CA LYS A 168 -13.28 12.38 -10.20
C LYS A 168 -11.98 11.59 -10.12
N GLY A 169 -12.02 10.34 -10.59
CA GLY A 169 -10.84 9.50 -10.60
C GLY A 169 -10.45 8.96 -9.24
N LEU A 170 -11.47 8.58 -8.46
CA LEU A 170 -11.25 8.04 -7.13
C LEU A 170 -11.65 6.58 -7.11
N THR A 171 -10.68 5.68 -7.04
CA THR A 171 -11.01 4.26 -6.97
C THR A 171 -11.66 4.12 -5.59
N PHE A 172 -12.00 2.91 -5.19
CA PHE A 172 -12.62 2.68 -3.88
C PHE A 172 -12.20 1.31 -3.36
N SER A 173 -12.45 1.04 -2.09
CA SER A 173 -12.05 -0.26 -1.57
C SER A 173 -12.53 -0.57 -0.16
N ILE A 174 -13.28 -1.66 -0.06
CA ILE A 174 -13.79 -2.11 1.23
C ILE A 174 -12.87 -3.23 1.71
N GLY A 175 -12.44 -3.15 2.97
CA GLY A 175 -11.57 -4.19 3.50
C GLY A 175 -11.59 -4.26 5.02
N GLY A 176 -10.93 -5.28 5.56
CA GLY A 176 -10.88 -5.44 7.01
C GLY A 176 -12.24 -5.54 7.66
N GLN A 177 -12.33 -5.17 8.94
CA GLN A 177 -13.60 -5.30 9.67
C GLN A 177 -14.55 -4.13 9.82
N ILE A 178 -14.05 -2.89 9.89
CA ILE A 178 -14.94 -1.75 10.09
C ILE A 178 -14.75 -0.48 9.26
N SER A 179 -14.14 -0.57 8.09
CA SER A 179 -13.93 0.63 7.30
C SER A 179 -13.54 0.37 5.86
N PHE A 180 -13.74 1.38 5.02
CA PHE A 180 -13.35 1.28 3.62
C PHE A 180 -12.41 2.43 3.27
N ASP A 181 -11.97 2.49 2.02
CA ASP A 181 -11.05 3.55 1.59
C ASP A 181 -11.48 4.24 0.30
N VAL A 182 -10.99 5.47 0.15
CA VAL A 182 -11.25 6.31 -1.02
C VAL A 182 -9.89 6.90 -1.35
N PHE A 183 -9.40 6.63 -2.56
CA PHE A 183 -8.09 7.12 -2.98
C PHE A 183 -8.01 7.39 -4.47
N PRO A 184 -6.91 8.02 -4.93
CA PRO A 184 -6.74 8.32 -6.35
C PRO A 184 -6.37 7.08 -7.17
N ASP A 185 -6.79 7.09 -8.43
CA ASP A 185 -6.53 5.98 -9.34
C ASP A 185 -5.06 5.67 -9.54
N GLY A 186 -4.74 4.38 -9.40
CA GLY A 186 -3.38 3.93 -9.55
C GLY A 186 -2.60 4.02 -8.26
N TRP A 187 -3.13 4.77 -7.29
CA TRP A 187 -2.46 4.93 -6.02
C TRP A 187 -2.50 3.64 -5.20
N ASP A 188 -1.64 2.70 -5.61
CA ASP A 188 -1.49 1.42 -4.98
C ASP A 188 -0.03 1.07 -5.28
N LYS A 189 0.42 -0.12 -4.91
CA LYS A 189 1.84 -0.49 -5.16
C LYS A 189 2.39 -0.07 -6.53
N ARG A 190 1.59 -0.18 -7.59
CA ARG A 190 2.05 0.20 -8.93
C ARG A 190 2.61 1.63 -9.02
N TYR A 191 2.27 2.46 -8.04
CA TYR A 191 2.70 3.86 -7.99
C TYR A 191 4.22 4.08 -8.03
N CYS A 192 4.97 3.23 -7.33
CA CYS A 192 6.44 3.34 -7.28
C CYS A 192 7.13 3.03 -8.62
N LEU A 193 6.35 2.80 -9.67
CA LEU A 193 6.94 2.46 -10.96
C LEU A 193 7.33 3.70 -11.75
N ARG A 194 6.60 4.78 -11.54
CA ARG A 194 6.88 6.02 -12.23
C ARG A 194 8.30 6.46 -11.94
N HIS A 195 8.70 6.34 -10.68
CA HIS A 195 10.03 6.75 -10.26
C HIS A 195 11.13 5.83 -10.82
N VAL A 196 10.74 4.69 -11.41
CA VAL A 196 11.75 3.77 -11.93
C VAL A 196 11.70 3.48 -13.44
N GLU A 197 10.49 3.39 -13.98
CA GLU A 197 10.26 3.06 -15.38
C GLU A 197 11.09 3.81 -16.42
N ASN A 198 11.47 5.05 -16.11
CA ASN A 198 12.24 5.86 -17.04
C ASN A 198 13.71 5.92 -16.66
N ASP A 199 14.14 5.05 -15.75
CA ASP A 199 15.53 5.05 -15.33
C ASP A 199 16.37 4.05 -16.10
N GLY A 200 15.81 3.57 -17.22
CA GLY A 200 16.52 2.65 -18.09
C GLY A 200 16.76 1.20 -17.70
N TYR A 201 15.73 0.48 -17.27
CA TYR A 201 15.92 -0.92 -16.91
C TYR A 201 15.33 -1.83 -17.99
N LYS A 202 16.14 -2.77 -18.46
CA LYS A 202 15.72 -3.71 -19.48
C LYS A 202 14.59 -4.53 -18.89
N THR A 203 14.66 -4.77 -17.59
CA THR A 203 13.62 -5.55 -16.92
C THR A 203 13.34 -5.11 -15.48
N ILE A 204 12.12 -5.38 -15.02
CA ILE A 204 11.73 -5.04 -13.66
C ILE A 204 10.98 -6.18 -13.01
N TYR A 205 11.58 -6.75 -11.98
CA TYR A 205 10.99 -7.86 -11.26
C TYR A 205 10.28 -7.33 -10.02
N PHE A 206 9.25 -8.05 -9.60
CA PHE A 206 8.51 -7.70 -8.39
C PHE A 206 8.33 -8.99 -7.63
N PHE A 207 8.57 -8.94 -6.33
CA PHE A 207 8.45 -10.12 -5.49
C PHE A 207 7.45 -9.80 -4.37
N GLY A 208 6.54 -10.73 -4.12
CA GLY A 208 5.54 -10.56 -3.08
C GLY A 208 4.43 -11.58 -3.22
N ASP A 209 3.34 -11.39 -2.47
CA ASP A 209 2.18 -12.29 -2.55
C ASP A 209 1.12 -11.69 -3.48
N LYS A 210 1.18 -12.08 -4.75
CA LYS A 210 0.26 -11.62 -5.78
C LYS A 210 -1.18 -11.45 -5.35
N THR A 211 -1.60 -12.22 -4.33
CA THR A 211 -2.96 -12.16 -3.83
C THR A 211 -3.02 -11.33 -2.54
N MSE A 212 -4.22 -10.90 -2.19
CA MSE A 212 -4.44 -10.08 -0.99
C MSE A 212 -5.62 -10.62 -0.19
O MSE A 212 -5.94 -10.13 0.90
CB MSE A 212 -4.70 -8.64 -1.41
CG MSE A 212 -3.64 -8.08 -2.35
SE MSE A 212 -4.13 -6.43 -3.20
CE MSE A 212 -3.29 -5.18 -1.98
N ASN A 216 -7.86 -11.88 -4.19
CA ASN A 216 -8.18 -10.99 -5.29
C ASN A 216 -7.00 -10.76 -6.26
N ASP A 217 -6.57 -9.51 -6.39
CA ASP A 217 -5.48 -9.19 -7.32
C ASP A 217 -4.58 -8.02 -6.88
N HIS A 218 -3.28 -8.19 -7.00
CA HIS A 218 -2.33 -7.13 -6.64
C HIS A 218 -1.86 -6.51 -7.95
N GLU A 219 -2.37 -5.30 -8.21
CA GLU A 219 -2.08 -4.56 -9.42
C GLU A 219 -0.63 -4.46 -9.87
N ILE A 220 0.30 -4.34 -8.92
CA ILE A 220 1.69 -4.21 -9.33
C ILE A 220 2.22 -5.56 -9.82
N PHE A 221 1.67 -6.62 -9.27
CA PHE A 221 2.09 -7.96 -9.68
C PHE A 221 1.69 -8.25 -11.12
N THR A 222 0.71 -7.54 -11.64
CA THR A 222 0.22 -7.78 -13.01
C THR A 222 0.72 -6.83 -14.07
N ASP A 223 0.88 -5.56 -13.72
CA ASP A 223 1.35 -4.54 -14.64
C ASP A 223 2.33 -5.18 -15.62
N PRO A 224 2.07 -5.09 -16.93
CA PRO A 224 2.96 -5.70 -17.93
C PRO A 224 4.41 -5.27 -17.80
N ARG A 225 4.65 -4.23 -16.99
CA ARG A 225 6.00 -3.71 -16.79
C ARG A 225 6.86 -4.58 -15.88
N THR A 226 6.24 -5.52 -15.17
CA THR A 226 6.99 -6.36 -14.23
C THR A 226 7.01 -7.87 -14.53
N MSE A 227 8.06 -8.55 -14.07
CA MSE A 227 8.14 -10.01 -14.18
C MSE A 227 7.75 -10.39 -12.76
O MSE A 227 8.57 -10.31 -11.84
CB MSE A 227 9.58 -10.50 -14.46
CG MSE A 227 9.88 -10.86 -15.91
SE MSE A 227 8.68 -12.22 -16.59
CE MSE A 227 7.16 -11.09 -16.95
N GLY A 228 6.48 -10.75 -12.58
CA GLY A 228 5.98 -11.09 -11.27
C GLY A 228 6.34 -12.46 -10.71
N TYR A 229 6.68 -12.47 -9.43
CA TYR A 229 7.03 -13.70 -8.75
C TYR A 229 6.41 -13.71 -7.35
N SER A 230 5.44 -14.61 -7.14
CA SER A 230 4.77 -14.71 -5.85
C SER A 230 5.69 -15.42 -4.86
N VAL A 231 5.96 -14.77 -3.73
CA VAL A 231 6.86 -15.36 -2.73
C VAL A 231 6.08 -15.84 -1.51
N THR A 232 6.59 -16.89 -0.87
CA THR A 232 5.94 -17.45 0.31
C THR A 232 6.71 -17.13 1.59
N ALA A 233 8.04 -17.15 1.51
CA ALA A 233 8.91 -16.86 2.66
C ALA A 233 10.30 -16.38 2.20
N PRO A 234 11.03 -15.64 3.06
CA PRO A 234 12.36 -15.14 2.69
C PRO A 234 13.25 -16.26 2.16
N GLU A 235 13.07 -17.45 2.71
CA GLU A 235 13.85 -18.61 2.28
C GLU A 235 13.44 -18.90 0.84
N ASP A 236 12.14 -18.75 0.56
CA ASP A 236 11.62 -18.99 -0.79
C ASP A 236 12.06 -17.89 -1.73
N THR A 237 11.98 -16.65 -1.24
CA THR A 237 12.39 -15.49 -2.02
C THR A 237 13.83 -15.63 -2.47
N ARG A 238 14.67 -16.18 -1.60
CA ARG A 238 16.07 -16.38 -1.94
C ARG A 238 16.19 -17.56 -2.88
N ARG A 239 15.26 -18.50 -2.74
CA ARG A 239 15.26 -19.67 -3.61
C ARG A 239 15.12 -19.22 -5.07
N ILE A 240 14.12 -18.39 -5.32
CA ILE A 240 13.88 -17.90 -6.67
C ILE A 240 14.96 -16.92 -7.13
N CYS A 241 15.56 -16.19 -6.19
CA CYS A 241 16.60 -15.25 -6.56
C CYS A 241 17.83 -15.99 -7.09
N GLU A 242 18.24 -17.04 -6.38
CA GLU A 242 19.39 -17.83 -6.79
C GLU A 242 19.08 -18.47 -8.14
N LEU A 243 17.83 -18.36 -8.53
CA LEU A 243 17.34 -18.93 -9.78
C LEU A 243 17.32 -17.90 -10.91
N LEU A 244 16.80 -16.72 -10.63
CA LEU A 244 16.72 -15.67 -11.63
C LEU A 244 18.02 -14.91 -11.88
N PHE A 245 18.96 -14.99 -10.94
CA PHE A 245 20.20 -14.24 -11.08
C PHE A 245 21.45 -15.02 -10.64
N SER A 246 22.59 -14.36 -10.68
CA SER A 246 23.91 -14.92 -10.27
C SER A 246 24.84 -15.25 -11.44
C1 EDO B . -27.95 7.00 3.12
O1 EDO B . -28.49 8.30 2.89
C2 EDO B . -27.67 6.80 4.61
O2 EDO B . -28.61 5.88 5.16
N GLY C . 10.84 -3.42 -19.50
CA GLY C . 10.68 -2.72 -18.22
C GLY C . 9.76 -1.52 -18.30
O GLY C . 8.56 -1.63 -18.06
N GLY D . 3.50 -7.82 -14.35
CA GLY D . 3.85 -9.17 -13.96
C GLY D . 3.62 -10.15 -15.09
O GLY D . 2.83 -9.88 -15.99
N GLY E . -26.71 11.25 1.56
CA GLY E . -25.56 11.55 2.40
C GLY E . -24.87 12.85 2.03
O GLY E . -25.37 13.93 2.36
N PRO A 4 17.93 -10.03 -19.20
CA PRO A 4 18.25 -9.18 -20.36
C PRO A 4 18.50 -7.71 -19.98
N GLY A 5 19.58 -7.14 -20.51
CA GLY A 5 19.93 -5.75 -20.24
C GLY A 5 19.93 -5.41 -18.77
N PRO A 6 20.03 -4.11 -18.41
CA PRO A 6 20.03 -3.71 -17.00
C PRO A 6 18.70 -4.12 -16.37
N ALA A 7 18.73 -4.65 -15.16
CA ALA A 7 17.52 -5.08 -14.49
C ALA A 7 17.39 -4.64 -13.04
N LEU A 8 16.17 -4.77 -12.52
CA LEU A 8 15.86 -4.40 -11.14
C LEU A 8 14.96 -5.46 -10.51
N CYS A 9 15.28 -5.88 -9.30
CA CYS A 9 14.45 -6.84 -8.61
C CYS A 9 13.80 -6.12 -7.45
N LEU A 10 12.52 -5.76 -7.57
CA LEU A 10 11.83 -5.07 -6.49
C LEU A 10 11.16 -6.03 -5.54
N PHE A 11 11.19 -5.69 -4.26
CA PHE A 11 10.59 -6.55 -3.24
C PHE A 11 9.58 -5.82 -2.38
N ASP A 12 8.48 -6.48 -2.06
CA ASP A 12 7.49 -5.89 -1.17
C ASP A 12 8.12 -6.14 0.21
N VAL A 13 7.93 -5.25 1.16
CA VAL A 13 8.57 -5.42 2.47
C VAL A 13 8.12 -6.52 3.44
N ASP A 14 7.12 -6.24 4.27
CA ASP A 14 6.66 -7.24 5.25
C ASP A 14 6.15 -8.50 4.57
N GLY A 15 6.67 -9.66 4.98
CA GLY A 15 6.26 -10.91 4.39
C GLY A 15 7.25 -11.45 3.38
N THR A 16 7.72 -10.57 2.50
CA THR A 16 8.66 -10.95 1.44
C THR A 16 10.11 -10.74 1.85
N LEU A 17 10.37 -9.63 2.54
CA LEU A 17 11.72 -9.33 3.01
C LEU A 17 11.92 -9.59 4.49
N THR A 18 10.84 -9.98 5.16
CA THR A 18 10.90 -10.28 6.59
C THR A 18 9.83 -11.28 7.00
N ALA A 19 10.05 -11.92 8.13
CA ALA A 19 9.08 -12.85 8.71
C ALA A 19 7.97 -11.88 9.14
N PRO A 20 6.70 -12.32 9.11
CA PRO A 20 5.59 -11.44 9.51
C PRO A 20 5.94 -10.65 10.75
N ARG A 21 5.84 -9.33 10.65
CA ARG A 21 6.15 -8.42 11.73
C ARG A 21 7.64 -8.32 12.09
N GLN A 22 8.32 -9.47 12.19
CA GLN A 22 9.73 -9.47 12.54
C GLN A 22 10.57 -8.49 11.71
N LYS A 23 11.57 -7.90 12.37
CA LYS A 23 12.48 -6.96 11.73
C LYS A 23 13.30 -7.73 10.70
N ILE A 24 13.69 -7.09 9.59
CA ILE A 24 14.49 -7.78 8.59
C ILE A 24 15.71 -8.36 9.27
N THR A 25 16.10 -9.56 8.83
CA THR A 25 17.24 -10.27 9.42
C THR A 25 18.60 -9.88 8.82
N LYS A 26 19.65 -10.06 9.62
CA LYS A 26 21.01 -9.75 9.18
C LYS A 26 21.32 -10.62 7.96
N GLU A 27 20.79 -11.83 7.99
CA GLU A 27 20.95 -12.81 6.92
C GLU A 27 20.42 -12.33 5.57
N MSE A 28 19.10 -12.23 5.43
CA MSE A 28 18.52 -11.78 4.19
C MSE A 28 19.13 -10.45 3.77
O MSE A 28 19.26 -10.17 2.57
CB MSE A 28 16.99 -11.63 4.33
CG MSE A 28 16.29 -11.51 2.97
SE MSE A 28 16.85 -12.94 1.81
CE MSE A 28 15.34 -12.95 0.59
N ASP A 29 19.51 -9.63 4.74
CA ASP A 29 20.11 -8.34 4.42
C ASP A 29 21.44 -8.58 3.69
N ASP A 30 22.14 -9.64 4.09
CA ASP A 30 23.41 -10.04 3.49
C ASP A 30 23.13 -10.51 2.06
N PHE A 31 22.37 -11.58 1.92
CA PHE A 31 22.04 -12.12 0.59
C PHE A 31 21.67 -11.01 -0.39
N LEU A 32 20.87 -10.05 0.08
CA LEU A 32 20.45 -8.94 -0.76
C LEU A 32 21.57 -7.99 -1.14
N GLN A 33 22.47 -7.69 -0.20
CA GLN A 33 23.58 -6.80 -0.52
C GLN A 33 24.49 -7.47 -1.53
N LYS A 34 24.54 -8.79 -1.46
CA LYS A 34 25.34 -9.58 -2.37
C LYS A 34 24.68 -9.54 -3.77
N LEU A 35 23.35 -9.45 -3.78
CA LEU A 35 22.59 -9.39 -5.03
C LEU A 35 22.68 -7.99 -5.65
N ARG A 36 22.56 -6.98 -4.79
CA ARG A 36 22.62 -5.59 -5.25
C ARG A 36 23.85 -5.27 -6.11
N GLN A 37 24.82 -6.18 -6.16
CA GLN A 37 26.00 -5.93 -6.97
C GLN A 37 25.67 -5.90 -8.46
N LYS A 38 25.25 -7.04 -9.00
CA LYS A 38 24.94 -7.16 -10.41
C LYS A 38 23.52 -6.76 -10.79
N ILE A 39 22.62 -6.77 -9.82
CA ILE A 39 21.25 -6.39 -10.09
C ILE A 39 20.81 -5.35 -9.05
N LYS A 40 20.16 -4.30 -9.53
CA LYS A 40 19.68 -3.22 -8.67
C LYS A 40 18.51 -3.71 -7.82
N ILE A 41 18.26 -3.05 -6.69
CA ILE A 41 17.14 -3.45 -5.84
C ILE A 41 16.37 -2.27 -5.26
N GLY A 42 15.13 -2.56 -4.83
CA GLY A 42 14.29 -1.53 -4.24
C GLY A 42 13.18 -2.14 -3.41
N VAL A 43 12.53 -1.33 -2.58
CA VAL A 43 11.42 -1.82 -1.75
C VAL A 43 10.24 -0.86 -1.83
N VAL A 44 9.03 -1.40 -1.68
CA VAL A 44 7.81 -0.61 -1.68
C VAL A 44 6.86 -1.14 -0.61
N GLY A 45 6.08 -0.25 -0.01
CA GLY A 45 5.15 -0.66 1.02
C GLY A 45 4.06 0.35 1.31
N GLY A 46 2.99 -0.11 1.98
CA GLY A 46 1.89 0.77 2.30
C GLY A 46 2.06 1.73 3.48
N SER A 47 2.74 1.29 4.54
CA SER A 47 2.92 2.16 5.71
C SER A 47 3.75 3.38 5.38
N ASP A 48 4.06 4.17 6.41
CA ASP A 48 4.91 5.33 6.18
C ASP A 48 6.37 4.97 6.47
N PHE A 49 7.26 5.91 6.17
CA PHE A 49 8.69 5.76 6.36
C PHE A 49 9.02 5.39 7.79
N GLU A 50 8.37 6.06 8.74
CA GLU A 50 8.61 5.79 10.15
C GLU A 50 8.64 4.27 10.27
N LYS A 51 7.60 3.62 9.73
CA LYS A 51 7.45 2.18 9.79
C LYS A 51 8.45 1.35 8.99
N VAL A 52 8.86 1.87 7.85
CA VAL A 52 9.81 1.14 7.00
C VAL A 52 11.16 0.90 7.67
N GLN A 53 11.70 1.93 8.32
CA GLN A 53 12.97 1.80 9.01
C GLN A 53 12.90 0.72 10.08
N GLU A 54 11.84 0.76 10.88
CA GLU A 54 11.66 -0.22 11.93
C GLU A 54 11.85 -1.63 11.37
N GLN A 55 11.29 -1.86 10.19
CA GLN A 55 11.36 -3.16 9.55
C GLN A 55 12.68 -3.44 8.84
N LEU A 56 13.18 -2.46 8.10
CA LEU A 56 14.40 -2.68 7.33
C LEU A 56 15.68 -2.05 7.89
N GLY A 57 15.65 -1.65 9.15
CA GLY A 57 16.83 -1.05 9.75
C GLY A 57 16.99 0.40 9.32
N ASN A 58 17.29 1.25 10.29
CA ASN A 58 17.45 2.69 10.07
C ASN A 58 18.30 3.11 8.87
N ASP A 59 19.19 2.24 8.41
CA ASP A 59 20.02 2.58 7.27
C ASP A 59 19.42 2.08 5.95
N VAL A 60 18.10 1.90 5.92
CA VAL A 60 17.41 1.40 4.73
C VAL A 60 17.84 2.01 3.40
N VAL A 61 17.86 3.33 3.27
CA VAL A 61 18.25 3.95 1.99
C VAL A 61 19.65 3.60 1.50
N GLU A 62 20.52 3.16 2.39
CA GLU A 62 21.88 2.80 2.00
C GLU A 62 21.94 1.34 1.53
N LYS A 63 20.97 0.54 1.97
CA LYS A 63 20.92 -0.88 1.62
C LYS A 63 20.19 -1.20 0.30
N TYR A 64 19.31 -0.31 -0.11
CA TYR A 64 18.56 -0.55 -1.34
C TYR A 64 18.73 0.60 -2.30
N ASP A 65 18.73 0.31 -3.59
CA ASP A 65 18.89 1.37 -4.57
C ASP A 65 17.62 2.23 -4.63
N TYR A 66 16.49 1.62 -4.30
CA TYR A 66 15.21 2.33 -4.29
C TYR A 66 14.49 1.90 -3.01
N VAL A 67 13.75 2.83 -2.41
CA VAL A 67 13.00 2.56 -1.19
C VAL A 67 11.69 3.27 -1.39
N PHE A 68 10.58 2.52 -1.31
CA PHE A 68 9.27 3.09 -1.57
C PHE A 68 8.22 2.88 -0.48
N PRO A 69 8.26 3.71 0.58
CA PRO A 69 7.26 3.59 1.65
C PRO A 69 5.98 4.22 1.12
N GLU A 70 4.84 3.89 1.72
CA GLU A 70 3.57 4.43 1.27
C GLU A 70 3.36 4.24 -0.23
N ASN A 71 3.58 3.01 -0.69
CA ASN A 71 3.41 2.62 -2.07
C ASN A 71 4.21 3.47 -3.03
N GLY A 72 5.31 4.01 -2.55
CA GLY A 72 6.16 4.85 -3.39
C GLY A 72 5.75 6.30 -3.43
N LEU A 73 4.74 6.68 -2.63
CA LEU A 73 4.31 8.08 -2.59
C LEU A 73 5.49 8.83 -1.97
N VAL A 74 6.28 8.07 -1.21
CA VAL A 74 7.50 8.53 -0.60
C VAL A 74 8.53 7.64 -1.31
N ALA A 75 9.57 8.24 -1.85
CA ALA A 75 10.56 7.46 -2.56
C ALA A 75 11.99 7.94 -2.39
N TYR A 76 12.88 6.99 -2.14
CA TYR A 76 14.29 7.30 -2.04
C TYR A 76 14.93 6.51 -3.16
N LYS A 77 16.08 7.00 -3.62
CA LYS A 77 16.85 6.36 -4.67
C LYS A 77 18.27 6.90 -4.52
N ASP A 78 19.18 6.01 -4.16
CA ASP A 78 20.58 6.35 -3.94
C ASP A 78 20.76 7.13 -2.65
N GLY A 79 19.69 7.20 -1.85
CA GLY A 79 19.75 7.90 -0.58
C GLY A 79 19.12 9.27 -0.51
N LYS A 80 18.69 9.79 -1.65
CA LYS A 80 18.09 11.13 -1.67
C LYS A 80 16.60 11.11 -1.93
N LEU A 81 15.86 11.91 -1.15
CA LEU A 81 14.43 12.04 -1.29
C LEU A 81 14.11 12.29 -2.75
N LEU A 82 12.89 11.97 -3.16
CA LEU A 82 12.48 12.18 -4.54
C LEU A 82 11.15 12.90 -4.56
N CYS A 83 10.12 12.29 -3.98
CA CYS A 83 8.80 12.90 -3.95
C CYS A 83 8.05 12.75 -2.62
N ARG A 84 7.14 13.69 -2.39
CA ARG A 84 6.28 13.69 -1.22
C ARG A 84 4.94 14.16 -1.72
N GLN A 85 4.21 13.23 -2.32
CA GLN A 85 2.90 13.51 -2.87
C GLN A 85 1.82 13.11 -1.87
N ASN A 86 0.71 13.84 -1.86
CA ASN A 86 -0.39 13.51 -0.97
C ASN A 86 -1.74 13.82 -1.61
N ILE A 87 -2.77 13.14 -1.11
CA ILE A 87 -4.12 13.26 -1.62
C ILE A 87 -4.65 14.68 -1.82
N GLN A 88 -4.35 15.59 -0.91
CA GLN A 88 -4.84 16.95 -1.07
C GLN A 88 -4.09 17.66 -2.21
N SER A 89 -2.82 17.35 -2.38
CA SER A 89 -2.05 17.98 -3.46
C SER A 89 -2.49 17.45 -4.82
N HIS A 90 -2.51 16.13 -4.96
CA HIS A 90 -2.92 15.53 -6.21
C HIS A 90 -4.37 15.85 -6.56
N LEU A 91 -5.28 15.60 -5.62
CA LEU A 91 -6.70 15.83 -5.85
C LEU A 91 -7.11 17.28 -5.70
N GLY A 92 -6.45 18.00 -4.81
CA GLY A 92 -6.83 19.39 -4.59
C GLY A 92 -7.73 19.49 -3.39
N GLU A 93 -7.53 20.55 -2.60
CA GLU A 93 -8.29 20.81 -1.37
C GLU A 93 -9.81 20.83 -1.50
N ALA A 94 -10.33 21.43 -2.56
CA ALA A 94 -11.78 21.49 -2.75
C ALA A 94 -12.39 20.10 -2.88
N LEU A 95 -11.77 19.24 -3.69
CA LEU A 95 -12.28 17.88 -3.87
C LEU A 95 -12.16 17.13 -2.54
N ILE A 96 -11.03 17.32 -1.87
CA ILE A 96 -10.79 16.71 -0.57
C ILE A 96 -11.99 16.97 0.34
N GLN A 97 -12.33 18.24 0.48
CA GLN A 97 -13.44 18.63 1.34
C GLN A 97 -14.79 18.13 0.86
N ASP A 98 -15.01 18.08 -0.44
CA ASP A 98 -16.29 17.59 -0.95
C ASP A 98 -16.48 16.13 -0.52
N LEU A 99 -15.41 15.33 -0.63
CA LEU A 99 -15.46 13.92 -0.24
C LEU A 99 -15.70 13.80 1.26
N ILE A 100 -14.98 14.61 2.04
CA ILE A 100 -15.11 14.60 3.48
C ILE A 100 -16.52 15.08 3.81
N ASN A 101 -16.90 16.22 3.26
CA ASN A 101 -18.22 16.81 3.47
C ASN A 101 -19.29 15.72 3.30
N TYR A 102 -19.19 14.99 2.19
CA TYR A 102 -20.12 13.91 1.87
C TYR A 102 -20.08 12.77 2.89
N CYS A 103 -18.91 12.15 3.08
CA CYS A 103 -18.81 11.05 4.02
C CYS A 103 -19.33 11.40 5.41
N LEU A 104 -19.03 12.62 5.87
CA LEU A 104 -19.47 13.07 7.20
C LEU A 104 -20.99 12.97 7.36
N SER A 105 -21.74 13.53 6.42
CA SER A 105 -23.19 13.51 6.46
C SER A 105 -23.75 12.08 6.45
N TYR A 106 -23.38 11.31 5.43
CA TYR A 106 -23.85 9.93 5.28
C TYR A 106 -23.82 9.21 6.63
N ILE A 107 -22.64 9.18 7.25
CA ILE A 107 -22.45 8.51 8.52
C ILE A 107 -23.44 8.97 9.59
N ALA A 108 -23.68 10.28 9.65
CA ALA A 108 -24.59 10.83 10.63
C ALA A 108 -26.00 10.25 10.48
N LYS A 109 -26.37 9.89 9.26
CA LYS A 109 -27.68 9.32 8.97
C LYS A 109 -27.80 7.81 9.14
N ILE A 110 -26.70 7.08 9.03
CA ILE A 110 -26.73 5.62 9.17
C ILE A 110 -27.21 5.23 10.56
N LYS A 111 -27.87 4.08 10.68
CA LYS A 111 -28.35 3.63 11.99
C LYS A 111 -27.57 2.45 12.53
N LEU A 112 -26.96 2.64 13.70
CA LEU A 112 -26.16 1.60 14.32
C LEU A 112 -26.47 1.49 15.80
N PRO A 113 -26.09 0.37 16.43
CA PRO A 113 -26.38 0.25 17.86
C PRO A 113 -25.44 1.22 18.59
N LYS A 114 -24.26 1.44 17.99
CA LYS A 114 -23.28 2.36 18.57
C LYS A 114 -22.45 3.11 17.52
N LYS A 115 -21.93 4.26 17.93
CA LYS A 115 -21.08 5.10 17.09
C LYS A 115 -20.00 5.60 18.04
N ARG A 116 -18.77 5.67 17.55
CA ARG A 116 -17.68 6.09 18.39
C ARG A 116 -16.93 7.31 17.82
N GLY A 117 -15.74 7.10 17.29
CA GLY A 117 -14.99 8.22 16.75
C GLY A 117 -14.03 7.85 15.64
N THR A 118 -13.42 8.87 15.03
CA THR A 118 -12.49 8.65 13.95
C THR A 118 -13.21 7.93 12.81
N PHE A 119 -14.23 8.60 12.30
CA PHE A 119 -15.07 8.12 11.20
C PHE A 119 -14.31 8.34 9.90
N ILE A 120 -13.33 9.22 9.95
CA ILE A 120 -12.50 9.51 8.79
C ILE A 120 -11.07 9.65 9.26
N GLU A 121 -10.19 8.80 8.72
CA GLU A 121 -8.78 8.86 9.05
C GLU A 121 -8.09 9.29 7.77
N PHE A 122 -7.58 10.53 7.79
CA PHE A 122 -6.89 11.12 6.65
C PHE A 122 -5.47 10.57 6.59
N ARG A 123 -5.11 9.99 5.45
CA ARG A 123 -3.77 9.44 5.25
C ARG A 123 -3.15 10.12 4.03
N ASN A 124 -1.82 10.15 3.97
CA ASN A 124 -1.15 10.79 2.85
C ASN A 124 -1.69 10.34 1.49
N GLY A 125 -1.82 9.02 1.29
CA GLY A 125 -2.29 8.52 0.01
C GLY A 125 -3.69 7.91 -0.02
N MSE A 126 -4.45 8.08 1.05
CA MSE A 126 -5.80 7.52 1.08
C MSE A 126 -6.65 8.00 2.26
O MSE A 126 -6.13 8.23 3.37
CB MSE A 126 -5.76 5.97 1.15
CG MSE A 126 -5.49 5.35 2.56
SE MSE A 126 -5.02 3.45 2.62
CE MSE A 126 -3.42 3.57 1.54
N LEU A 127 -7.95 8.15 2.00
CA LEU A 127 -8.89 8.51 3.04
C LEU A 127 -9.47 7.18 3.54
N ASN A 128 -9.65 7.04 4.85
CA ASN A 128 -10.23 5.82 5.39
C ASN A 128 -11.47 6.17 6.18
N VAL A 129 -12.61 5.63 5.74
CA VAL A 129 -13.91 5.88 6.36
C VAL A 129 -14.36 4.66 7.15
N SER A 130 -15.07 4.90 8.25
CA SER A 130 -15.57 3.82 9.11
C SER A 130 -16.87 4.29 9.78
N PRO A 131 -18.00 3.67 9.42
CA PRO A 131 -19.28 4.07 10.01
C PRO A 131 -19.37 4.02 11.54
N ILE A 132 -18.72 3.03 12.14
CA ILE A 132 -18.73 2.92 13.60
C ILE A 132 -17.65 3.83 14.18
N GLY A 133 -16.55 3.96 13.45
CA GLY A 133 -15.43 4.76 13.91
C GLY A 133 -14.32 3.80 14.31
N ARG A 134 -13.12 4.00 13.77
CA ARG A 134 -11.99 3.14 14.07
C ARG A 134 -11.62 3.12 15.55
N SER A 135 -12.32 3.93 16.35
CA SER A 135 -12.04 3.99 17.77
C SER A 135 -12.59 2.76 18.52
N CYS A 136 -13.85 2.42 18.26
CA CYS A 136 -14.51 1.28 18.91
C CYS A 136 -13.60 0.07 19.15
N SER A 137 -13.81 -0.63 20.26
CA SER A 137 -13.02 -1.81 20.58
C SER A 137 -13.51 -3.01 19.73
N GLN A 138 -12.67 -4.04 19.62
CA GLN A 138 -13.01 -5.23 18.84
C GLN A 138 -14.43 -5.70 19.15
N GLU A 139 -14.79 -5.57 20.42
CA GLU A 139 -16.09 -5.99 20.88
C GLU A 139 -17.20 -5.34 20.08
N GLU A 140 -17.03 -4.07 19.81
CA GLU A 140 -18.04 -3.32 19.06
C GLU A 140 -17.83 -3.51 17.57
N ARG A 141 -16.58 -3.72 17.21
CA ARG A 141 -16.22 -3.93 15.82
C ARG A 141 -16.88 -5.22 15.30
N ILE A 142 -16.88 -6.27 16.12
CA ILE A 142 -17.50 -7.54 15.73
C ILE A 142 -19.01 -7.37 15.56
N GLU A 143 -19.62 -6.67 16.52
CA GLU A 143 -21.05 -6.39 16.48
C GLU A 143 -21.34 -5.62 15.20
N PHE A 144 -20.48 -4.65 14.90
CA PHE A 144 -20.67 -3.86 13.69
C PHE A 144 -20.54 -4.74 12.47
N TYR A 145 -19.50 -5.58 12.46
CA TYR A 145 -19.27 -6.44 11.32
C TYR A 145 -20.42 -7.37 11.00
N GLU A 146 -21.03 -7.97 12.03
CA GLU A 146 -22.14 -8.88 11.78
C GLU A 146 -23.30 -8.06 11.21
N LEU A 147 -23.53 -6.87 11.77
CA LEU A 147 -24.60 -6.02 11.27
C LEU A 147 -24.39 -5.69 9.81
N ASP A 148 -23.12 -5.47 9.45
CA ASP A 148 -22.75 -5.11 8.09
C ASP A 148 -22.89 -6.29 7.13
N LYS A 149 -22.50 -7.47 7.58
CA LYS A 149 -22.62 -8.65 6.73
C LYS A 149 -24.08 -8.84 6.38
N LYS A 150 -24.97 -8.47 7.30
CA LYS A 150 -26.40 -8.62 7.08
C LYS A 150 -26.98 -7.54 6.19
N GLU A 151 -26.59 -6.29 6.43
CA GLU A 151 -27.13 -5.19 5.64
C GLU A 151 -26.20 -4.55 4.62
N ASN A 152 -24.97 -5.02 4.54
CA ASN A 152 -24.00 -4.45 3.60
C ASN A 152 -24.08 -2.92 3.60
N ILE A 153 -23.93 -2.37 4.79
CA ILE A 153 -23.96 -0.93 5.01
C ILE A 153 -22.84 -0.26 4.22
N ARG A 154 -21.66 -0.86 4.24
CA ARG A 154 -20.50 -0.33 3.54
C ARG A 154 -20.64 -0.38 2.01
N GLN A 155 -20.83 -1.56 1.44
CA GLN A 155 -20.97 -1.66 -0.02
C GLN A 155 -22.04 -0.67 -0.48
N LYS A 156 -22.97 -0.39 0.42
CA LYS A 156 -24.04 0.56 0.13
C LYS A 156 -23.42 1.96 0.07
N PHE A 157 -22.64 2.30 1.08
CA PHE A 157 -21.99 3.62 1.13
C PHE A 157 -21.08 3.76 -0.10
N VAL A 158 -20.19 2.79 -0.31
CA VAL A 158 -19.26 2.83 -1.44
C VAL A 158 -19.96 3.05 -2.77
N ALA A 159 -20.94 2.22 -3.07
CA ALA A 159 -21.68 2.37 -4.33
C ALA A 159 -22.24 3.79 -4.42
N ASP A 160 -22.75 4.28 -3.29
CA ASP A 160 -23.33 5.61 -3.25
C ASP A 160 -22.30 6.69 -3.57
N LEU A 161 -21.10 6.50 -3.04
CA LEU A 161 -19.99 7.42 -3.26
C LEU A 161 -19.60 7.44 -4.72
N ARG A 162 -19.67 6.27 -5.34
CA ARG A 162 -19.33 6.11 -6.75
C ARG A 162 -20.23 6.97 -7.63
N LYS A 163 -21.52 6.99 -7.30
CA LYS A 163 -22.46 7.79 -8.08
C LYS A 163 -22.19 9.26 -7.86
N GLU A 164 -22.06 9.63 -6.58
CA GLU A 164 -21.82 11.01 -6.21
C GLU A 164 -20.52 11.57 -6.81
N PHE A 165 -19.49 10.74 -6.85
CA PHE A 165 -18.18 11.15 -7.33
C PHE A 165 -17.72 10.51 -8.63
N ALA A 166 -18.66 10.23 -9.51
CA ALA A 166 -18.31 9.65 -10.79
C ALA A 166 -17.50 10.72 -11.53
N GLY A 167 -16.51 10.30 -12.31
CA GLY A 167 -15.69 11.26 -13.04
C GLY A 167 -14.62 11.96 -12.22
N LYS A 168 -14.67 11.81 -10.90
CA LYS A 168 -13.71 12.45 -10.02
C LYS A 168 -12.36 11.74 -9.97
N GLY A 169 -12.33 10.49 -10.41
CA GLY A 169 -11.09 9.73 -10.43
C GLY A 169 -10.66 9.12 -9.11
N LEU A 170 -11.63 8.74 -8.31
CA LEU A 170 -11.36 8.13 -7.02
C LEU A 170 -11.88 6.69 -6.98
N THR A 171 -10.98 5.72 -7.03
CA THR A 171 -11.37 4.33 -6.96
C THR A 171 -11.90 4.12 -5.55
N PHE A 172 -12.09 2.86 -5.15
CA PHE A 172 -12.57 2.56 -3.82
C PHE A 172 -12.07 1.21 -3.33
N SER A 173 -12.32 0.90 -2.07
CA SER A 173 -11.85 -0.37 -1.53
C SER A 173 -12.37 -0.68 -0.14
N ILE A 174 -13.18 -1.73 -0.05
CA ILE A 174 -13.73 -2.15 1.21
C ILE A 174 -12.86 -3.29 1.73
N GLY A 175 -12.36 -3.16 2.95
CA GLY A 175 -11.53 -4.21 3.52
C GLY A 175 -11.61 -4.28 5.03
N GLY A 176 -11.05 -5.33 5.61
CA GLY A 176 -11.06 -5.48 7.06
C GLY A 176 -12.46 -5.54 7.64
N GLN A 177 -12.59 -5.17 8.90
CA GLN A 177 -13.88 -5.25 9.59
C GLN A 177 -14.74 -4.02 9.76
N ILE A 178 -14.15 -2.82 9.78
CA ILE A 178 -14.93 -1.61 10.02
C ILE A 178 -14.78 -0.41 9.07
N SER A 179 -13.81 -0.43 8.17
CA SER A 179 -13.60 0.70 7.28
C SER A 179 -13.50 0.35 5.82
N PHE A 180 -13.13 1.36 5.03
CA PHE A 180 -12.92 1.23 3.61
C PHE A 180 -12.13 2.42 3.09
N ASP A 181 -11.07 2.13 2.33
CA ASP A 181 -10.19 3.17 1.79
C ASP A 181 -10.66 3.82 0.50
N VAL A 182 -10.48 5.13 0.45
CA VAL A 182 -10.80 5.93 -0.73
C VAL A 182 -9.43 6.49 -1.07
N PHE A 183 -9.08 6.50 -2.35
CA PHE A 183 -7.78 7.01 -2.72
C PHE A 183 -7.69 7.38 -4.18
N PRO A 184 -6.78 8.30 -4.51
CA PRO A 184 -6.63 8.71 -5.90
C PRO A 184 -6.53 7.47 -6.79
N ASP A 185 -7.32 7.46 -7.86
CA ASP A 185 -7.27 6.35 -8.80
C ASP A 185 -5.82 5.98 -9.05
N GLY A 186 -5.52 4.69 -8.97
CA GLY A 186 -4.18 4.22 -9.22
C GLY A 186 -3.10 4.59 -8.20
N TRP A 187 -3.41 4.50 -6.91
CA TRP A 187 -2.41 4.82 -5.90
C TRP A 187 -1.99 3.65 -5.03
N ASP A 188 -2.14 2.43 -5.56
CA ASP A 188 -1.71 1.24 -4.84
C ASP A 188 -0.19 1.22 -5.04
N LYS A 189 0.44 0.06 -5.03
CA LYS A 189 1.90 0.01 -5.20
C LYS A 189 2.41 0.33 -6.62
N ARG A 190 1.54 0.19 -7.63
CA ARG A 190 1.96 0.51 -8.99
C ARG A 190 2.53 1.92 -9.10
N TYR A 191 2.10 2.80 -8.19
CA TYR A 191 2.52 4.21 -8.15
C TYR A 191 4.05 4.39 -8.13
N CYS A 192 4.76 3.52 -7.44
CA CYS A 192 6.21 3.64 -7.34
C CYS A 192 6.93 3.40 -8.67
N LEU A 193 6.20 2.95 -9.68
CA LEU A 193 6.79 2.64 -10.97
C LEU A 193 7.23 3.87 -11.78
N ARG A 194 6.55 4.99 -11.57
CA ARG A 194 6.89 6.20 -12.29
C ARG A 194 8.33 6.57 -11.98
N HIS A 195 8.70 6.48 -10.71
CA HIS A 195 10.04 6.83 -10.27
C HIS A 195 11.12 5.89 -10.82
N VAL A 196 10.73 4.77 -11.41
CA VAL A 196 11.73 3.83 -11.92
C VAL A 196 11.76 3.58 -13.44
N GLU A 197 10.60 3.60 -14.08
CA GLU A 197 10.50 3.30 -15.51
C GLU A 197 11.28 4.20 -16.47
N ASN A 198 12.15 5.06 -15.94
CA ASN A 198 12.91 5.92 -16.81
C ASN A 198 14.41 5.82 -16.52
N ASP A 199 14.84 4.69 -15.95
CA ASP A 199 16.25 4.49 -15.64
C ASP A 199 16.91 3.43 -16.51
N GLY A 200 16.21 2.99 -17.55
CA GLY A 200 16.73 2.01 -18.48
C GLY A 200 16.70 0.53 -18.17
N TYR A 201 15.72 0.07 -17.39
CA TYR A 201 15.67 -1.36 -17.08
C TYR A 201 14.93 -2.14 -18.15
N LYS A 202 15.56 -3.21 -18.64
CA LYS A 202 14.94 -4.04 -19.67
C LYS A 202 13.95 -4.96 -18.98
N THR A 203 14.27 -5.31 -17.74
CA THR A 203 13.39 -6.19 -16.96
C THR A 203 13.20 -5.63 -15.54
N ILE A 204 11.96 -5.61 -15.08
CA ILE A 204 11.67 -5.14 -13.74
C ILE A 204 10.94 -6.24 -12.99
N TYR A 205 11.66 -6.86 -12.06
CA TYR A 205 11.12 -7.93 -11.25
C TYR A 205 10.37 -7.37 -10.05
N PHE A 206 9.36 -8.10 -9.61
CA PHE A 206 8.58 -7.73 -8.43
C PHE A 206 8.37 -8.99 -7.64
N PHE A 207 8.63 -8.90 -6.34
CA PHE A 207 8.46 -10.02 -5.44
C PHE A 207 7.56 -9.53 -4.31
N GLY A 208 6.44 -10.20 -4.10
CA GLY A 208 5.54 -9.79 -3.04
C GLY A 208 4.29 -10.64 -2.91
N ASP A 209 3.20 -9.99 -2.48
CA ASP A 209 1.92 -10.66 -2.30
C ASP A 209 1.07 -10.36 -3.53
N LYS A 210 0.82 -11.38 -4.35
CA LYS A 210 0.03 -11.22 -5.56
C LYS A 210 -1.46 -11.22 -5.24
N THR A 211 -1.81 -11.62 -4.03
CA THR A 211 -3.19 -11.67 -3.58
C THR A 211 -3.36 -10.99 -2.22
N MSE A 212 -4.16 -9.93 -2.19
CA MSE A 212 -4.42 -9.19 -0.95
C MSE A 212 -4.98 -10.09 0.15
O MSE A 212 -5.80 -9.66 0.97
CB MSE A 212 -5.41 -8.05 -1.23
CG MSE A 212 -4.89 -6.98 -2.16
SE MSE A 212 -6.28 -5.75 -2.67
CE MSE A 212 -6.61 -4.93 -0.95
N ASN A 216 -6.95 -10.54 -1.82
CA ASN A 216 -7.65 -10.46 -3.09
C ASN A 216 -6.68 -10.52 -4.27
N ASP A 217 -5.86 -9.48 -4.43
CA ASP A 217 -4.91 -9.42 -5.54
C ASP A 217 -4.21 -8.06 -5.62
N HIS A 218 -2.88 -8.06 -5.73
CA HIS A 218 -2.12 -6.82 -5.83
C HIS A 218 -1.85 -6.51 -7.30
N GLU A 219 -2.24 -5.31 -7.70
CA GLU A 219 -2.11 -4.87 -9.09
C GLU A 219 -0.68 -4.67 -9.59
N ILE A 220 0.21 -4.21 -8.73
CA ILE A 220 1.58 -3.99 -9.19
C ILE A 220 2.09 -5.33 -9.71
N PHE A 221 1.66 -6.40 -9.06
CA PHE A 221 2.09 -7.73 -9.49
C PHE A 221 1.67 -8.01 -10.93
N THR A 222 0.41 -7.78 -11.23
CA THR A 222 -0.12 -8.06 -12.58
C THR A 222 0.22 -7.01 -13.61
N ASP A 223 0.53 -5.80 -13.17
CA ASP A 223 0.88 -4.70 -14.05
C ASP A 223 1.76 -5.22 -15.19
N PRO A 224 1.53 -4.72 -16.41
CA PRO A 224 2.28 -5.13 -17.60
C PRO A 224 3.76 -4.76 -17.67
N ARG A 225 4.28 -4.11 -16.63
CA ARG A 225 5.68 -3.70 -16.64
C ARG A 225 6.60 -4.55 -15.77
N THR A 226 6.05 -5.55 -15.10
CA THR A 226 6.87 -6.37 -14.21
C THR A 226 6.93 -7.87 -14.52
N MSE A 227 7.95 -8.55 -14.00
CA MSE A 227 8.07 -10.00 -14.12
C MSE A 227 7.70 -10.40 -12.69
O MSE A 227 8.57 -10.62 -11.86
CB MSE A 227 9.49 -10.47 -14.43
CG MSE A 227 9.75 -10.82 -15.88
SE MSE A 227 8.49 -12.10 -16.57
CE MSE A 227 7.03 -10.89 -16.95
N GLY A 228 6.40 -10.45 -12.43
CA GLY A 228 5.92 -10.77 -11.10
C GLY A 228 6.17 -12.19 -10.64
N TYR A 229 6.76 -12.32 -9.46
CA TYR A 229 7.03 -13.63 -8.89
C TYR A 229 6.38 -13.67 -7.51
N SER A 230 5.61 -14.73 -7.26
CA SER A 230 4.93 -14.86 -5.98
C SER A 230 5.81 -15.58 -4.95
N VAL A 231 5.90 -15.00 -3.76
CA VAL A 231 6.69 -15.59 -2.68
C VAL A 231 5.99 -15.49 -1.33
N THR A 232 5.97 -16.60 -0.61
CA THR A 232 5.30 -16.69 0.70
C THR A 232 6.05 -16.01 1.85
N ALA A 233 7.36 -16.18 1.88
CA ALA A 233 8.19 -15.59 2.93
C ALA A 233 9.57 -15.19 2.38
N PRO A 234 10.40 -14.54 3.20
CA PRO A 234 11.73 -14.12 2.74
C PRO A 234 12.61 -15.24 2.20
N GLU A 235 12.41 -16.45 2.69
CA GLU A 235 13.20 -17.61 2.26
C GLU A 235 12.80 -18.08 0.88
N ASP A 236 11.53 -17.91 0.54
CA ASP A 236 11.04 -18.28 -0.78
C ASP A 236 11.74 -17.33 -1.73
N THR A 237 11.79 -16.07 -1.33
CA THR A 237 12.43 -15.04 -2.12
C THR A 237 13.86 -15.45 -2.46
N ARG A 238 14.51 -16.18 -1.56
CA ARG A 238 15.88 -16.62 -1.76
C ARG A 238 16.03 -17.74 -2.76
N ARG A 239 15.31 -18.83 -2.53
CA ARG A 239 15.39 -19.97 -3.43
C ARG A 239 15.12 -19.56 -4.87
N ILE A 240 13.92 -19.05 -5.12
CA ILE A 240 13.58 -18.62 -6.48
C ILE A 240 14.67 -17.69 -6.95
N CYS A 241 15.19 -16.91 -6.01
CA CYS A 241 16.21 -15.95 -6.35
C CYS A 241 17.56 -16.57 -6.69
N GLU A 242 17.86 -17.70 -6.08
CA GLU A 242 19.12 -18.38 -6.33
C GLU A 242 18.93 -19.09 -7.66
N LEU A 243 17.75 -18.90 -8.23
CA LEU A 243 17.35 -19.50 -9.50
C LEU A 243 17.53 -18.54 -10.68
N LEU A 244 16.85 -17.40 -10.61
CA LEU A 244 16.91 -16.39 -11.66
C LEU A 244 18.33 -15.96 -12.00
N PHE A 245 19.27 -16.28 -11.12
CA PHE A 245 20.66 -15.90 -11.32
C PHE A 245 21.54 -17.09 -11.02
N SER A 246 21.56 -18.05 -11.95
CA SER A 246 22.35 -19.27 -11.80
C SER A 246 21.99 -19.97 -10.50
C1 EDO B . -27.87 7.09 3.15
O1 EDO B . -28.51 8.35 2.95
C2 EDO B . -27.65 6.85 4.65
O2 EDO B . -28.59 5.89 5.13
N GLY C . 10.65 -3.58 -19.52
CA GLY C . 10.68 -2.81 -18.30
C GLY C . 9.75 -1.60 -18.33
O GLY C . 8.55 -1.73 -18.11
N GLY D . 3.76 -7.87 -14.41
CA GLY D . 3.79 -9.25 -13.98
C GLY D . 3.60 -10.21 -15.15
O GLY D . 2.88 -9.88 -16.10
N GLY E . -26.71 11.25 1.56
CA GLY E . -25.56 11.55 2.40
C GLY E . -24.87 12.85 2.03
O GLY E . -25.37 13.93 2.36
#